data_9DL2
#
_entry.id   9DL2
#
_cell.length_a   100.396
_cell.length_b   101.723
_cell.length_c   126.293
_cell.angle_alpha   90.00
_cell.angle_beta   106.23
_cell.angle_gamma   90.00
#
_symmetry.space_group_name_H-M   'P 1 21 1'
#
loop_
_entity.id
_entity.type
_entity.pdbx_description
1 polymer 'Bifunctional protein PutA'
2 non-polymer 'FLAVIN-ADENINE DINUCLEOTIDE'
3 non-polymer DI(HYDROXYETHYL)ETHER
4 non-polymer '2,3-dihydro-1,4-benzodioxine-5-carboxylic acid'
5 non-polymer 'FORMIC ACID'
6 non-polymer NICOTINAMIDE-ADENINE-DINUCLEOTIDE
7 non-polymer 'SULFATE ION'
8 non-polymer 'MAGNESIUM ION'
9 non-polymer 'TRIETHYLENE GLYCOL'
10 non-polymer 'TETRAETHYLENE GLYCOL'
11 water water
#
_entity_poly.entity_id   1
_entity_poly.type   'polypeptide(L)'
_entity_poly.pdbx_seq_one_letter_code
;SMMSPNPLQKPAIDAAPAPFADFAPPVRPQSTLRRAITAAYRRPETECLPPLVEAATQSKEIRDAAASTARKLIEALRGK
HSGSGVEGLVQEYSLSSQEGVALMCLAEALLRIPDTATRDALIRDKIADGNWKSHLGGSRSLFVNAATWGLVVTGKLTST
VNDRSLAAALTRLISRCGEPVIRRGVDMAMRMMGEQFVTGETIREALKRSKELEEKGFSYSYDMLGEAATTAADAERYYR
DYESAIHAIGKASAGRGIYEGPGISIKLSALHPRYSRAQAARVMGELLPRVKALALLAKNYDIGLNIDAEEADRLELSLD
LLEVLCLDGDLSGWNGMGFVVQAYGKRCPFVLDFIIDLARRSGRRIMVRLVKGAYWDAEIKRAQLDGLADFPVFTRKIHT
DVSYIACAAKLLAATDVVFPQFATHNAQTLAAIYHMAGKDFHVGKYEFQCLHGMGEPLYEEVVGRGKLDRPCRIYAPVGT
HETLLAYLVRRLLENGANSSFVHRINDPKVSIDELIADPVEVVRAMPVVGAKHDRIALPAELFGDARTNSAGLDLSNEET
LASLTEALRESAAMKWTALPQLATGPAAGETRTVLNPGDHRDVVGSVTETSEEDARRAVRLAADAAPDWAAVPPSERAAC
LDRAAELMQARMPTLLGLIIREAGKSALNAIAEVREAIDFLRYYAEQTRRTLGPGHGPLGPIVCISPWNFPLAIFTGQIA
AALVAGNPVLAKPAEETPLIAAEGVRILREAGIPASALQLLPGDGRVGAALVAAAETAGVMFTGSTEVARLIQAQLADRL
SPAGRPIPLIAETGGQNAMIVDSSALAEQVVGDVITSAFDSAGQRCSALRVLCLQEDVADRILTMLKGALHELHIGRTDR
LSVDVGPVITSEAKDNIEKHIERMRGLGRKVEQIGLASETGVGTFVPPTIIELEKLSDLQREVFGPVLHVIRYRRDDLDR
LVDDVNATGYGLTFGLHTRLDETIAHVTSRIKAGNLYINRNIIGAVVGVQPFGGRGLSGTGPKAGGPLYLGRLVTTAPVP
PQHSSVHTDPVLLDFAKWLDGKGARAEAEAARNAGSSSALGLDLELPGPVGERNLYTLHARGRILLVPATESGLYHQLAA
ALATGNSVAIDAASGLQASLKNLPQTVGLRVSWSKDWAADGPFAGALVEGDAERIRAVNKAIAALPGPLLLVQAASSGEI
ARNPDAYCLNWLVEEVSASINTAAAGGNASLMAIG
;
_entity_poly.pdbx_strand_id   A,B
#
loop_
_chem_comp.id
_chem_comp.type
_chem_comp.name
_chem_comp.formula
53E non-polymer '2,3-dihydro-1,4-benzodioxine-5-carboxylic acid' 'C9 H8 O4'
FAD non-polymer 'FLAVIN-ADENINE DINUCLEOTIDE' 'C27 H33 N9 O15 P2'
FMT non-polymer 'FORMIC ACID' 'C H2 O2'
MG non-polymer 'MAGNESIUM ION' 'Mg 2'
NAD non-polymer NICOTINAMIDE-ADENINE-DINUCLEOTIDE 'C21 H27 N7 O14 P2'
PEG non-polymer DI(HYDROXYETHYL)ETHER 'C4 H10 O3'
PG4 non-polymer 'TETRAETHYLENE GLYCOL' 'C8 H18 O5'
PGE non-polymer 'TRIETHYLENE GLYCOL' 'C6 H14 O4'
SO4 non-polymer 'SULFATE ION' 'O4 S -2'
#
# COMPACT_ATOMS: atom_id res chain seq x y z
N ALA A 16 13.44 -57.33 14.54
CA ALA A 16 13.19 -56.10 13.82
C ALA A 16 11.72 -55.72 13.88
N PRO A 17 11.42 -54.57 14.47
CA PRO A 17 10.02 -54.16 14.63
C PRO A 17 9.33 -54.03 13.27
N ALA A 18 8.09 -54.50 13.21
CA ALA A 18 7.33 -54.44 11.97
C ALA A 18 7.06 -52.98 11.62
N PRO A 19 7.15 -52.62 10.33
CA PRO A 19 6.96 -51.22 9.95
C PRO A 19 5.59 -50.71 10.35
N PHE A 20 5.58 -49.55 11.00
CA PHE A 20 4.37 -48.81 11.40
C PHE A 20 3.53 -49.57 12.42
N ALA A 21 4.05 -50.62 13.04
CA ALA A 21 3.31 -51.35 14.05
C ALA A 21 3.01 -50.49 15.28
N ASP A 22 3.80 -49.44 15.51
CA ASP A 22 3.64 -48.56 16.66
C ASP A 22 3.64 -47.11 16.21
N PHE A 23 2.98 -46.84 15.08
CA PHE A 23 3.08 -45.53 14.46
C PHE A 23 2.51 -44.45 15.37
N ALA A 24 1.25 -44.61 15.78
CA ALA A 24 0.61 -43.55 16.56
C ALA A 24 -0.55 -44.10 17.39
N PRO A 25 -0.31 -45.10 18.23
CA PRO A 25 -1.41 -45.65 19.03
C PRO A 25 -1.97 -44.60 19.97
N PRO A 26 -3.29 -44.50 20.08
CA PRO A 26 -3.89 -43.52 20.99
C PRO A 26 -3.55 -43.83 22.45
N VAL A 27 -3.64 -42.78 23.27
CA VAL A 27 -3.43 -42.94 24.72
C VAL A 27 -4.34 -44.02 25.29
N ARG A 28 -5.58 -44.06 24.83
CA ARG A 28 -6.58 -45.01 25.31
C ARG A 28 -7.54 -45.29 24.17
N PRO A 29 -8.27 -46.41 24.22
CA PRO A 29 -9.32 -46.62 23.21
C PRO A 29 -10.33 -45.49 23.27
N GLN A 30 -10.74 -45.05 22.09
CA GLN A 30 -11.61 -43.89 21.99
C GLN A 30 -13.05 -44.29 22.29
N SER A 31 -13.60 -43.75 23.37
CA SER A 31 -15.00 -44.00 23.74
C SER A 31 -15.93 -43.39 22.70
N THR A 32 -17.20 -43.79 22.76
CA THR A 32 -18.21 -43.18 21.89
C THR A 32 -18.20 -41.66 22.05
N LEU A 33 -18.11 -41.17 23.28
CA LEU A 33 -18.10 -39.73 23.50
C LEU A 33 -16.83 -39.08 22.94
N ARG A 34 -15.67 -39.73 23.10
CA ARG A 34 -14.45 -39.19 22.52
C ARG A 34 -14.52 -39.19 21.00
N ARG A 35 -15.09 -40.24 20.41
CA ARG A 35 -15.19 -40.29 18.95
C ARG A 35 -16.10 -39.20 18.41
N ALA A 36 -17.15 -38.82 19.15
CA ALA A 36 -18.02 -37.74 18.70
C ALA A 36 -17.30 -36.41 18.70
N ILE A 37 -16.38 -36.23 19.64
CA ILE A 37 -15.53 -35.03 19.63
C ILE A 37 -14.69 -35.00 18.36
N THR A 38 -13.95 -36.08 18.10
CA THR A 38 -13.05 -36.10 16.95
C THR A 38 -13.84 -35.91 15.66
N ALA A 39 -15.04 -36.48 15.59
CA ALA A 39 -15.86 -36.39 14.39
C ALA A 39 -16.21 -34.95 14.04
N ALA A 40 -16.25 -34.07 15.04
CA ALA A 40 -16.64 -32.68 14.85
C ALA A 40 -15.47 -31.76 14.58
N TYR A 41 -14.24 -32.29 14.59
CA TYR A 41 -13.03 -31.46 14.57
C TYR A 41 -13.10 -30.37 13.51
N ARG A 42 -13.38 -30.75 12.26
CA ARG A 42 -13.43 -29.77 11.18
C ARG A 42 -14.76 -29.82 10.45
N ARG A 43 -15.83 -30.07 11.20
CA ARG A 43 -17.16 -30.19 10.60
C ARG A 43 -17.52 -28.90 9.89
N PRO A 44 -18.14 -28.97 8.70
CA PRO A 44 -18.54 -27.76 8.00
C PRO A 44 -19.36 -26.84 8.90
N GLU A 45 -19.09 -25.54 8.78
CA GLU A 45 -19.74 -24.55 9.65
C GLU A 45 -21.25 -24.58 9.49
N THR A 46 -21.74 -24.84 8.27
CA THR A 46 -23.19 -24.92 8.05
C THR A 46 -23.82 -26.10 8.79
N GLU A 47 -23.06 -27.15 9.09
CA GLU A 47 -23.59 -28.28 9.85
C GLU A 47 -23.53 -28.05 11.34
N CYS A 48 -22.55 -27.26 11.81
CA CYS A 48 -22.41 -27.03 13.24
C CYS A 48 -23.52 -26.14 13.80
N LEU A 49 -23.92 -25.12 13.04
CA LEU A 49 -24.72 -24.05 13.63
C LEU A 49 -26.17 -24.43 13.97
N PRO A 50 -26.91 -25.16 13.13
CA PRO A 50 -28.34 -25.38 13.41
C PRO A 50 -28.58 -25.98 14.79
N PRO A 51 -27.87 -27.05 15.20
CA PRO A 51 -28.13 -27.57 16.55
C PRO A 51 -27.76 -26.58 17.65
N LEU A 52 -26.77 -25.72 17.41
CA LEU A 52 -26.43 -24.70 18.39
C LEU A 52 -27.52 -23.64 18.47
N VAL A 53 -28.04 -23.21 17.31
CA VAL A 53 -29.18 -22.30 17.29
C VAL A 53 -30.34 -22.88 18.11
N GLU A 54 -30.64 -24.17 17.90
CA GLU A 54 -31.76 -24.76 18.62
C GLU A 54 -31.50 -24.80 20.12
N ALA A 55 -30.27 -25.18 20.51
CA ALA A 55 -29.95 -25.29 21.93
C ALA A 55 -29.94 -23.93 22.60
N ALA A 56 -29.58 -22.88 21.88
CA ALA A 56 -29.49 -21.54 22.44
C ALA A 56 -30.81 -20.77 22.39
N THR A 57 -31.87 -21.38 21.90
CA THR A 57 -33.13 -20.66 21.76
C THR A 57 -33.78 -20.46 23.13
N GLN A 58 -34.34 -19.27 23.35
CA GLN A 58 -35.05 -18.97 24.57
C GLN A 58 -36.37 -18.30 24.23
N SER A 59 -37.27 -18.27 25.21
CA SER A 59 -38.59 -17.71 25.01
C SER A 59 -38.50 -16.23 24.66
N LYS A 60 -39.54 -15.74 23.98
CA LYS A 60 -39.60 -14.32 23.66
C LYS A 60 -39.51 -13.48 24.93
N GLU A 61 -40.18 -13.93 26.01
CA GLU A 61 -40.13 -13.21 27.27
C GLU A 61 -38.69 -13.13 27.81
N ILE A 62 -37.94 -14.22 27.72
CA ILE A 62 -36.58 -14.21 28.22
C ILE A 62 -35.69 -13.34 27.34
N ARG A 63 -35.87 -13.41 26.02
CA ARG A 63 -35.06 -12.60 25.13
C ARG A 63 -35.30 -11.12 25.37
N ASP A 64 -36.54 -10.73 25.66
CA ASP A 64 -36.81 -9.33 25.98
C ASP A 64 -36.20 -8.95 27.31
N ALA A 65 -36.33 -9.81 28.32
CA ALA A 65 -35.70 -9.54 29.61
C ALA A 65 -34.19 -9.45 29.49
N ALA A 66 -33.58 -10.34 28.69
CA ALA A 66 -32.13 -10.31 28.52
C ALA A 66 -31.68 -9.04 27.80
N ALA A 67 -32.41 -8.63 26.75
CA ALA A 67 -32.08 -7.39 26.07
C ALA A 67 -32.16 -6.21 27.02
N SER A 68 -33.17 -6.20 27.90
CA SER A 68 -33.30 -5.11 28.85
C SER A 68 -32.16 -5.12 29.86
N THR A 69 -31.76 -6.31 30.33
CA THR A 69 -30.63 -6.39 31.25
C THR A 69 -29.34 -5.95 30.56
N ALA A 70 -29.11 -6.42 29.34
CA ALA A 70 -27.90 -6.04 28.61
C ALA A 70 -27.86 -4.54 28.38
N ARG A 71 -29.01 -3.95 28.03
CA ARG A 71 -29.06 -2.50 27.85
C ARG A 71 -28.71 -1.78 29.14
N LYS A 72 -29.25 -2.25 30.27
CA LYS A 72 -28.95 -1.65 31.56
C LYS A 72 -27.46 -1.73 31.89
N LEU A 73 -26.85 -2.90 31.65
CA LEU A 73 -25.42 -3.06 31.88
C LEU A 73 -24.60 -2.15 30.97
N ILE A 74 -25.01 -2.04 29.71
CA ILE A 74 -24.24 -1.25 28.74
C ILE A 74 -24.39 0.23 29.03
N GLU A 75 -25.58 0.67 29.44
CA GLU A 75 -25.76 2.07 29.81
C GLU A 75 -24.90 2.42 31.01
N ALA A 76 -24.82 1.52 32.00
CA ALA A 76 -23.93 1.76 33.14
C ALA A 76 -22.47 1.79 32.69
N LEU A 77 -22.09 0.88 31.79
CA LEU A 77 -20.72 0.86 31.30
C LEU A 77 -20.36 2.15 30.58
N ARG A 78 -21.24 2.61 29.69
CA ARG A 78 -20.94 3.82 28.94
C ARG A 78 -21.11 5.07 29.79
N GLY A 79 -21.79 4.96 30.93
CA GLY A 79 -22.07 6.11 31.76
C GLY A 79 -20.97 6.44 32.76
N LYS A 80 -20.15 5.45 33.11
CA LYS A 80 -19.02 5.67 34.01
C LYS A 80 -17.68 5.67 33.28
N HIS A 81 -17.68 5.47 31.96
CA HIS A 81 -16.45 5.44 31.18
C HIS A 81 -15.73 6.79 31.21
N SER A 84 -9.02 7.09 29.08
CA SER A 84 -7.91 6.25 29.53
C SER A 84 -6.81 7.07 30.18
N GLY A 85 -5.97 6.40 30.97
CA GLY A 85 -4.78 7.07 31.48
C GLY A 85 -3.85 7.50 30.37
N VAL A 86 -3.57 6.59 29.43
CA VAL A 86 -2.75 6.93 28.27
C VAL A 86 -3.41 8.00 27.44
N GLU A 87 -4.74 7.95 27.32
CA GLU A 87 -5.45 8.92 26.50
C GLU A 87 -5.36 10.32 27.10
N GLY A 88 -5.46 10.41 28.43
CA GLY A 88 -5.30 11.70 29.07
C GLY A 88 -3.87 12.21 29.00
N LEU A 89 -2.91 11.30 28.99
CA LEU A 89 -1.51 11.69 28.82
C LEU A 89 -1.26 12.22 27.42
N VAL A 90 -1.71 11.48 26.41
CA VAL A 90 -1.65 11.95 25.02
C VAL A 90 -2.29 13.32 24.88
N GLN A 91 -3.44 13.52 25.53
CA GLN A 91 -4.14 14.80 25.42
C GLN A 91 -3.38 15.92 26.13
N GLU A 92 -2.88 15.65 27.34
CA GLU A 92 -2.24 16.71 28.12
C GLU A 92 -1.02 17.26 27.39
N TYR A 93 -0.25 16.39 26.73
CA TYR A 93 0.99 16.79 26.10
C TYR A 93 0.90 16.84 24.59
N SER A 94 -0.32 16.74 24.05
CA SER A 94 -0.55 16.85 22.60
C SER A 94 0.35 15.90 21.84
N LEU A 95 0.43 14.66 22.33
CA LEU A 95 1.28 13.66 21.71
C LEU A 95 0.63 13.13 20.45
N SER A 96 1.44 12.92 19.42
CA SER A 96 1.02 12.06 18.33
C SER A 96 0.96 10.61 18.79
N SER A 97 0.38 9.75 17.96
CA SER A 97 0.33 8.33 18.29
C SER A 97 1.73 7.76 18.44
N GLN A 98 2.61 8.08 17.48
CA GLN A 98 3.97 7.57 17.58
C GLN A 98 4.68 8.10 18.82
N GLU A 99 4.43 9.37 19.20
CA GLU A 99 5.03 9.87 20.43
C GLU A 99 4.49 9.13 21.65
N GLY A 100 3.18 8.88 21.69
CA GLY A 100 2.64 8.11 22.79
C GLY A 100 3.28 6.74 22.91
N VAL A 101 3.40 6.04 21.78
CA VAL A 101 4.06 4.74 21.79
C VAL A 101 5.51 4.86 22.25
N ALA A 102 6.25 5.82 21.66
CA ALA A 102 7.65 5.98 22.02
C ALA A 102 7.82 6.29 23.49
N LEU A 103 6.97 7.17 24.02
CA LEU A 103 6.99 7.49 25.44
C LEU A 103 6.80 6.24 26.29
N MET A 104 5.82 5.42 25.95
CA MET A 104 5.61 4.22 26.77
C MET A 104 6.78 3.26 26.64
N CYS A 105 7.41 3.18 25.46
CA CYS A 105 8.60 2.36 25.34
C CYS A 105 9.72 2.88 26.22
N LEU A 106 9.89 4.20 26.25
CA LEU A 106 10.88 4.79 27.13
C LEU A 106 10.56 4.51 28.59
N ALA A 107 9.29 4.66 28.96
CA ALA A 107 8.91 4.39 30.34
C ALA A 107 9.21 2.95 30.70
N GLU A 108 8.87 2.00 29.81
CA GLU A 108 9.20 0.60 30.02
C GLU A 108 10.69 0.41 30.28
N ALA A 109 11.53 1.04 29.45
CA ALA A 109 12.97 0.93 29.62
C ALA A 109 13.43 1.52 30.95
N LEU A 110 12.91 2.70 31.31
CA LEU A 110 13.28 3.31 32.59
C LEU A 110 12.87 2.44 33.77
N LEU A 111 11.80 1.67 33.62
CA LEU A 111 11.39 0.76 34.68
C LEU A 111 12.23 -0.51 34.72
N ARG A 112 13.07 -0.74 33.72
CA ARG A 112 14.07 -1.80 33.84
C ARG A 112 15.20 -1.41 34.78
N ILE A 113 15.31 -0.11 35.10
CA ILE A 113 16.21 0.36 36.15
C ILE A 113 15.56 0.07 37.50
N PRO A 114 16.13 -0.83 38.31
CA PRO A 114 15.40 -1.28 39.51
C PRO A 114 15.32 -0.23 40.60
N ASP A 115 16.39 0.51 40.86
CA ASP A 115 16.41 1.46 41.96
C ASP A 115 15.71 2.75 41.56
N THR A 116 14.77 3.19 42.39
CA THR A 116 13.95 4.35 42.04
C THR A 116 14.78 5.62 41.97
N ALA A 117 15.66 5.85 42.96
CA ALA A 117 16.44 7.08 42.98
C ALA A 117 17.39 7.16 41.78
N THR A 118 17.94 6.02 41.36
CA THR A 118 18.80 6.01 40.18
C THR A 118 18.00 6.40 38.94
N ARG A 119 16.83 5.77 38.75
CA ARG A 119 15.97 6.07 37.62
C ARG A 119 15.63 7.56 37.57
N ASP A 120 15.24 8.13 38.70
CA ASP A 120 14.84 9.53 38.74
C ASP A 120 16.01 10.46 38.45
N ALA A 121 17.21 10.08 38.87
CA ALA A 121 18.39 10.89 38.53
C ALA A 121 18.68 10.82 37.05
N LEU A 122 18.61 9.62 36.47
CA LEU A 122 18.83 9.50 35.03
C LEU A 122 17.82 10.33 34.26
N ILE A 123 16.55 10.31 34.69
CA ILE A 123 15.52 11.12 34.03
C ILE A 123 15.87 12.60 34.13
N ARG A 124 16.12 13.08 35.35
CA ARG A 124 16.32 14.52 35.55
C ARG A 124 17.59 15.02 34.88
N ASP A 125 18.69 14.27 35.01
CA ASP A 125 20.00 14.78 34.64
C ASP A 125 20.45 14.37 33.25
N LYS A 126 19.92 13.28 32.70
CA LYS A 126 20.42 12.76 31.42
C LYS A 126 19.34 12.67 30.36
N ILE A 127 18.20 12.05 30.64
CA ILE A 127 17.19 11.85 29.62
C ILE A 127 16.55 13.17 29.23
N ALA A 128 16.05 13.92 30.23
CA ALA A 128 15.23 15.08 29.97
C ALA A 128 16.02 16.19 29.27
N ASP A 129 17.28 16.37 29.65
CA ASP A 129 18.07 17.50 29.18
C ASP A 129 18.68 17.27 27.80
N GLY A 130 18.69 16.03 27.30
CA GLY A 130 19.26 15.80 25.99
C GLY A 130 19.10 14.40 25.44
N ASN A 131 20.22 13.77 25.12
CA ASN A 131 20.23 12.53 24.34
C ASN A 131 19.78 11.36 25.20
N TRP A 132 18.56 10.87 24.94
CA TRP A 132 18.11 9.63 25.57
C TRP A 132 18.86 8.42 25.02
N LYS A 133 19.30 8.49 23.77
CA LYS A 133 19.97 7.34 23.15
C LYS A 133 21.27 7.02 23.87
N SER A 134 22.03 8.06 24.25
CA SER A 134 23.32 7.87 24.90
C SER A 134 23.23 7.06 26.19
N HIS A 135 22.06 7.05 26.84
CA HIS A 135 21.94 6.43 28.16
C HIS A 135 21.06 5.18 28.17
N LEU A 136 20.20 4.98 27.18
CA LEU A 136 19.30 3.83 27.16
C LEU A 136 19.29 3.15 25.79
N SER A 139 22.29 -2.04 23.55
CA SER A 139 22.28 -3.46 23.21
C SER A 139 20.88 -3.94 22.84
N ARG A 140 19.87 -3.23 23.34
CA ARG A 140 18.47 -3.59 23.10
C ARG A 140 17.73 -2.32 22.73
N SER A 141 17.07 -2.33 21.57
CA SER A 141 16.24 -1.20 21.16
C SER A 141 15.26 -0.84 22.26
N LEU A 142 15.04 0.46 22.45
CA LEU A 142 13.99 0.88 23.36
C LEU A 142 12.64 0.36 22.93
N PHE A 143 12.48 0.06 21.65
CA PHE A 143 11.19 -0.11 21.04
C PHE A 143 10.88 -1.58 20.77
N VAL A 144 11.56 -2.50 21.46
CA VAL A 144 11.35 -3.94 21.25
CA VAL A 144 11.35 -3.92 21.19
C VAL A 144 9.88 -4.31 21.40
N ASN A 145 9.21 -3.70 22.38
CA ASN A 145 7.81 -4.03 22.62
C ASN A 145 6.86 -2.97 22.11
N ALA A 146 7.28 -2.18 21.11
CA ALA A 146 6.43 -1.09 20.64
C ALA A 146 5.17 -1.59 19.94
N ALA A 147 5.15 -2.82 19.41
CA ALA A 147 3.89 -3.33 18.86
C ALA A 147 2.84 -3.46 19.95
N THR A 148 3.26 -3.88 21.14
CA THR A 148 2.35 -3.95 22.27
C THR A 148 1.87 -2.57 22.68
N TRP A 149 2.80 -1.64 22.89
CA TRP A 149 2.40 -0.29 23.25
C TRP A 149 1.60 0.38 22.15
N GLY A 150 1.87 0.04 20.89
CA GLY A 150 1.02 0.53 19.81
C GLY A 150 -0.42 0.10 19.98
N LEU A 151 -0.64 -1.16 20.37
CA LEU A 151 -2.00 -1.63 20.63
CA LEU A 151 -2.00 -1.63 20.63
C LEU A 151 -2.62 -0.84 21.78
N VAL A 152 -1.85 -0.56 22.82
CA VAL A 152 -2.36 0.19 23.97
C VAL A 152 -2.73 1.61 23.57
N VAL A 153 -1.87 2.27 22.79
CA VAL A 153 -2.08 3.68 22.47
C VAL A 153 -3.12 3.84 21.36
N THR A 154 -3.02 3.04 20.30
CA THR A 154 -3.80 3.27 19.10
C THR A 154 -4.93 2.27 18.89
N GLY A 155 -4.94 1.15 19.61
CA GLY A 155 -5.88 0.08 19.33
C GLY A 155 -5.59 -0.73 18.09
N LYS A 156 -4.52 -0.40 17.37
CA LYS A 156 -4.16 -1.08 16.14
C LYS A 156 -2.89 -1.89 16.35
N LEU A 157 -2.82 -3.04 15.71
CA LEU A 157 -1.67 -3.92 15.81
C LEU A 157 -0.80 -3.75 14.58
N THR A 158 0.51 -3.59 14.80
CA THR A 158 1.51 -3.68 13.75
C THR A 158 2.48 -4.79 14.12
N SER A 159 2.83 -5.63 13.15
CA SER A 159 3.66 -6.80 13.46
C SER A 159 5.11 -6.41 13.73
N THR A 160 5.61 -5.40 13.03
CA THR A 160 6.97 -4.92 13.25
C THR A 160 6.92 -3.44 13.61
N VAL A 161 8.04 -2.96 14.14
CA VAL A 161 8.14 -1.67 14.79
C VAL A 161 8.89 -0.73 13.88
N ASN A 162 8.33 0.45 13.60
CA ASN A 162 9.11 1.44 12.86
C ASN A 162 9.95 2.18 13.88
N ASP A 163 11.14 1.61 14.16
CA ASP A 163 11.94 2.14 15.23
C ASP A 163 12.57 3.48 14.90
N ARG A 164 12.72 3.81 13.63
CA ARG A 164 13.25 5.13 13.30
CA ARG A 164 13.24 5.14 13.27
C ARG A 164 12.18 6.20 13.50
N SER A 165 10.92 5.87 13.19
CA SER A 165 9.83 6.79 13.48
C SER A 165 9.68 7.01 14.98
N LEU A 166 9.78 5.92 15.75
CA LEU A 166 9.67 6.02 17.21
C LEU A 166 10.84 6.81 17.79
N ALA A 167 12.04 6.60 17.27
CA ALA A 167 13.19 7.35 17.78
C ALA A 167 13.01 8.83 17.51
N ALA A 168 12.52 9.17 16.31
CA ALA A 168 12.29 10.57 15.99
C ALA A 168 11.22 11.16 16.90
N ALA A 169 10.15 10.40 17.13
CA ALA A 169 9.05 10.86 17.97
C ALA A 169 9.51 11.07 19.40
N LEU A 170 10.35 10.17 19.91
CA LEU A 170 10.81 10.28 21.28
C LEU A 170 11.71 11.50 21.45
N THR A 171 12.64 11.71 20.51
CA THR A 171 13.46 12.92 20.56
C THR A 171 12.57 14.16 20.52
N ARG A 172 11.58 14.14 19.63
CA ARG A 172 10.71 15.31 19.48
C ARG A 172 9.95 15.59 20.76
N LEU A 173 9.37 14.55 21.37
CA LEU A 173 8.52 14.79 22.53
C LEU A 173 9.36 15.20 23.73
N ILE A 174 10.56 14.63 23.87
CA ILE A 174 11.40 15.02 25.00
C ILE A 174 11.89 16.45 24.81
N SER A 175 12.32 16.81 23.60
CA SER A 175 12.81 18.17 23.38
C SER A 175 11.69 19.18 23.50
N ARG A 176 10.45 18.76 23.26
CA ARG A 176 9.32 19.67 23.36
C ARG A 176 8.80 19.79 24.78
N CYS A 177 8.69 18.67 25.49
CA CYS A 177 7.98 18.63 26.77
C CYS A 177 8.88 18.32 27.96
N GLY A 178 10.06 17.74 27.75
CA GLY A 178 11.02 17.59 28.84
C GLY A 178 10.64 16.61 29.92
N GLU A 179 11.25 16.82 31.09
CA GLU A 179 11.06 15.90 32.21
C GLU A 179 9.60 15.66 32.58
N PRO A 180 8.72 16.66 32.62
CA PRO A 180 7.34 16.37 33.05
C PRO A 180 6.66 15.27 32.25
N VAL A 181 6.87 15.21 30.93
CA VAL A 181 6.20 14.16 30.16
C VAL A 181 6.84 12.81 30.44
N ILE A 182 8.15 12.77 30.69
CA ILE A 182 8.81 11.50 31.00
C ILE A 182 8.31 10.98 32.33
N ARG A 183 8.21 11.86 33.32
CA ARG A 183 7.68 11.47 34.62
C ARG A 183 6.28 10.90 34.50
N ARG A 184 5.42 11.58 33.75
CA ARG A 184 4.05 11.10 33.59
C ARG A 184 4.01 9.77 32.84
N GLY A 185 4.87 9.60 31.84
CA GLY A 185 4.94 8.33 31.14
C GLY A 185 5.41 7.20 32.04
N VAL A 186 6.44 7.47 32.86
CA VAL A 186 6.94 6.44 33.78
C VAL A 186 5.86 6.05 34.78
N ASP A 187 5.16 7.03 35.34
CA ASP A 187 4.13 6.72 36.32
C ASP A 187 2.98 5.95 35.68
N MET A 188 2.64 6.29 34.43
CA MET A 188 1.60 5.57 33.71
C MET A 188 2.01 4.13 33.43
N ALA A 189 3.21 3.93 32.88
CA ALA A 189 3.66 2.58 32.57
C ALA A 189 3.82 1.75 33.84
N MET A 190 4.25 2.39 34.93
CA MET A 190 4.39 1.67 36.20
C MET A 190 3.03 1.17 36.68
N ARG A 191 2.01 2.02 36.61
CA ARG A 191 0.67 1.60 37.00
C ARG A 191 0.14 0.51 36.08
N MET A 192 0.33 0.67 34.78
CA MET A 192 -0.27 -0.29 33.84
C MET A 192 0.39 -1.65 33.97
N MET A 193 1.72 -1.69 34.03
CA MET A 193 2.41 -2.97 34.07
CA MET A 193 2.40 -2.97 34.07
C MET A 193 2.42 -3.59 35.46
N GLY A 194 2.16 -2.81 36.50
CA GLY A 194 2.20 -3.34 37.85
C GLY A 194 0.82 -3.63 38.43
N GLU A 195 -0.21 -2.94 37.93
CA GLU A 195 -1.54 -3.03 38.51
C GLU A 195 -2.66 -3.29 37.52
N GLN A 196 -2.45 -3.12 36.22
CA GLN A 196 -3.51 -3.25 35.23
C GLN A 196 -3.37 -4.49 34.37
N PHE A 197 -2.21 -4.68 33.74
CA PHE A 197 -1.99 -5.88 32.95
C PHE A 197 -1.76 -7.09 33.83
N VAL A 198 -1.36 -6.85 35.07
CA VAL A 198 -1.25 -7.90 36.07
C VAL A 198 -1.94 -7.42 37.32
N THR A 199 -2.43 -8.36 38.11
CA THR A 199 -2.92 -8.01 39.43
C THR A 199 -1.76 -7.69 40.35
N GLY A 200 -0.63 -8.35 40.13
CA GLY A 200 0.57 -8.03 40.89
C GLY A 200 1.78 -8.65 40.24
N GLU A 201 2.95 -8.15 40.63
CA GLU A 201 4.19 -8.67 40.09
C GLU A 201 4.50 -10.05 40.63
N THR A 202 4.11 -10.31 41.87
CA THR A 202 4.31 -11.60 42.52
C THR A 202 2.97 -12.06 43.09
N ILE A 203 2.89 -13.34 43.41
CA ILE A 203 1.63 -13.87 43.92
C ILE A 203 1.28 -13.24 45.25
N ARG A 204 2.28 -12.93 46.09
CA ARG A 204 2.01 -12.26 47.35
C ARG A 204 1.41 -10.88 47.13
N GLU A 205 1.99 -10.11 46.20
CA GLU A 205 1.42 -8.81 45.86
C GLU A 205 0.03 -8.95 45.29
N ALA A 206 -0.18 -9.93 44.41
CA ALA A 206 -1.49 -10.12 43.82
C ALA A 206 -2.54 -10.45 44.88
N LEU A 207 -2.17 -11.32 45.82
CA LEU A 207 -3.10 -11.68 46.90
C LEU A 207 -3.43 -10.49 47.76
N LYS A 208 -2.44 -9.63 48.04
CA LYS A 208 -2.70 -8.41 48.82
C LYS A 208 -3.73 -7.55 48.13
N ARG A 209 -3.62 -7.41 46.81
CA ARG A 209 -4.50 -6.53 46.05
C ARG A 209 -5.85 -7.15 45.75
N SER A 210 -6.07 -8.41 46.12
CA SER A 210 -7.33 -9.08 45.83
C SER A 210 -8.38 -8.88 46.91
N LYS A 211 -7.98 -8.46 48.11
CA LYS A 211 -8.90 -8.41 49.24
C LYS A 211 -10.05 -7.44 49.00
N GLU A 212 -9.76 -6.30 48.36
CA GLU A 212 -10.78 -5.27 48.17
C GLU A 212 -11.99 -5.82 47.42
N LEU A 213 -11.76 -6.48 46.28
CA LEU A 213 -12.88 -6.99 45.50
C LEU A 213 -13.42 -8.31 46.06
N GLU A 214 -12.60 -9.08 46.76
CA GLU A 214 -13.15 -10.25 47.44
C GLU A 214 -14.18 -9.84 48.48
N GLU A 215 -13.94 -8.72 49.16
CA GLU A 215 -14.90 -8.23 50.15
C GLU A 215 -16.21 -7.80 49.47
N LYS A 216 -16.17 -7.43 48.20
CA LYS A 216 -17.37 -7.06 47.46
C LYS A 216 -18.09 -8.25 46.84
N GLY A 217 -17.53 -9.46 46.94
CA GLY A 217 -18.16 -10.65 46.42
C GLY A 217 -17.47 -11.26 45.21
N PHE A 218 -16.37 -10.69 44.74
CA PHE A 218 -15.59 -11.33 43.68
C PHE A 218 -14.74 -12.45 44.26
N SER A 219 -14.30 -13.33 43.37
CA SER A 219 -13.28 -14.32 43.69
C SER A 219 -12.16 -14.19 42.66
N TYR A 220 -11.12 -15.01 42.82
CA TYR A 220 -9.94 -14.90 41.98
C TYR A 220 -9.46 -16.26 41.50
N SER A 221 -8.89 -16.27 40.30
CA SER A 221 -8.09 -17.37 39.79
C SER A 221 -6.81 -16.78 39.25
N TYR A 222 -5.67 -17.18 39.82
CA TYR A 222 -4.41 -16.53 39.45
C TYR A 222 -3.74 -17.24 38.29
N ASP A 223 -3.31 -16.44 37.32
CA ASP A 223 -2.64 -16.88 36.11
C ASP A 223 -1.17 -16.48 36.20
N MET A 224 -0.28 -17.46 36.41
CA MET A 224 1.13 -17.18 36.59
C MET A 224 1.86 -16.92 35.26
N LEU A 225 1.12 -16.83 34.17
CA LEU A 225 1.55 -16.32 32.87
C LEU A 225 2.59 -17.21 32.17
N GLY A 226 2.81 -18.42 32.66
CA GLY A 226 3.70 -19.33 31.98
C GLY A 226 3.00 -20.04 30.82
N GLU A 227 3.74 -20.28 29.75
CA GLU A 227 3.26 -21.10 28.65
C GLU A 227 4.41 -21.41 27.73
N ALA A 228 4.19 -22.44 26.90
CA ALA A 228 5.11 -22.80 25.82
C ALA A 228 6.53 -22.97 26.34
N ALA A 229 6.70 -23.88 27.29
CA ALA A 229 8.05 -24.24 27.71
C ALA A 229 8.85 -24.76 26.52
N THR A 230 10.09 -24.29 26.40
CA THR A 230 10.96 -24.71 25.31
C THR A 230 11.97 -25.77 25.74
N THR A 231 12.27 -25.84 27.03
CA THR A 231 13.29 -26.74 27.54
C THR A 231 12.77 -27.38 28.81
N ALA A 232 13.42 -28.47 29.21
CA ALA A 232 13.12 -29.09 30.49
C ALA A 232 13.28 -28.09 31.63
N ALA A 233 14.34 -27.28 31.58
CA ALA A 233 14.55 -26.31 32.65
C ALA A 233 13.43 -25.28 32.72
N ASP A 234 12.95 -24.81 31.55
CA ASP A 234 11.80 -23.91 31.52
C ASP A 234 10.59 -24.55 32.19
N ALA A 235 10.31 -25.80 31.81
CA ALA A 235 9.14 -26.49 32.36
C ALA A 235 9.28 -26.66 33.87
N GLU A 236 10.49 -26.96 34.35
CA GLU A 236 10.71 -27.08 35.79
C GLU A 236 10.53 -25.74 36.49
N ARG A 237 10.98 -24.65 35.86
CA ARG A 237 10.76 -23.32 36.43
C ARG A 237 9.28 -22.99 36.52
N TYR A 238 8.53 -23.26 35.47
CA TYR A 238 7.09 -23.01 35.52
C TYR A 238 6.42 -23.89 36.57
N TYR A 239 6.89 -25.13 36.72
CA TYR A 239 6.34 -26.01 37.75
C TYR A 239 6.56 -25.41 39.13
N ARG A 240 7.79 -25.02 39.45
CA ARG A 240 8.01 -24.53 40.81
CA ARG A 240 8.01 -24.52 40.80
C ARG A 240 7.31 -23.19 41.01
N ASP A 241 7.08 -22.43 39.95
CA ASP A 241 6.28 -21.20 40.06
CA ASP A 241 6.28 -21.20 40.06
C ASP A 241 4.82 -21.53 40.42
N TYR A 242 4.23 -22.52 39.74
CA TYR A 242 2.86 -22.92 40.08
C TYR A 242 2.79 -23.47 41.50
N GLU A 243 3.76 -24.32 41.86
CA GLU A 243 3.76 -24.93 43.19
C GLU A 243 3.84 -23.86 44.26
N SER A 244 4.75 -22.89 44.10
CA SER A 244 4.87 -21.83 45.10
C SER A 244 3.62 -20.95 45.13
N ALA A 245 2.99 -20.74 43.96
CA ALA A 245 1.74 -19.98 43.91
C ALA A 245 0.63 -20.73 44.62
N ILE A 246 0.52 -22.04 44.41
CA ILE A 246 -0.53 -22.79 45.08
C ILE A 246 -0.39 -22.67 46.59
N HIS A 247 0.84 -22.74 47.11
CA HIS A 247 1.01 -22.55 48.55
C HIS A 247 0.52 -21.18 48.99
N ALA A 248 0.93 -20.13 48.29
CA ALA A 248 0.52 -18.78 48.69
C ALA A 248 -0.99 -18.62 48.61
N ILE A 249 -1.59 -19.13 47.53
CA ILE A 249 -3.03 -19.02 47.34
C ILE A 249 -3.76 -19.86 48.38
N GLY A 250 -3.28 -21.06 48.65
CA GLY A 250 -3.94 -21.92 49.60
C GLY A 250 -3.83 -21.39 51.02
N LYS A 251 -2.68 -20.80 51.35
CA LYS A 251 -2.53 -20.16 52.65
C LYS A 251 -3.51 -19.02 52.81
N ALA A 252 -3.67 -18.22 51.75
CA ALA A 252 -4.57 -17.08 51.77
C ALA A 252 -6.02 -17.53 51.73
N SER A 253 -6.31 -18.58 50.98
CA SER A 253 -7.67 -19.10 50.95
C SER A 253 -8.17 -19.41 52.35
N ALA A 254 -7.31 -20.03 53.17
CA ALA A 254 -7.57 -20.24 54.59
C ALA A 254 -8.92 -20.94 54.80
N GLY A 255 -9.16 -21.98 54.02
CA GLY A 255 -10.35 -22.79 54.19
C GLY A 255 -11.62 -22.24 53.58
N ARG A 256 -11.54 -21.19 52.75
CA ARG A 256 -12.75 -20.67 52.13
C ARG A 256 -13.33 -21.61 51.09
N GLY A 257 -12.56 -22.58 50.62
CA GLY A 257 -13.10 -23.55 49.68
C GLY A 257 -12.97 -23.10 48.24
N ILE A 258 -13.43 -23.96 47.34
CA ILE A 258 -13.13 -23.74 45.93
C ILE A 258 -14.05 -22.73 45.25
N TYR A 259 -15.18 -22.38 45.85
CA TYR A 259 -16.10 -21.42 45.24
C TYR A 259 -15.90 -20.01 45.78
N GLU A 260 -15.87 -19.85 47.11
CA GLU A 260 -15.63 -18.53 47.67
C GLU A 260 -14.16 -18.14 47.59
N GLY A 261 -13.26 -19.11 47.71
CA GLY A 261 -11.86 -18.81 47.84
C GLY A 261 -11.16 -18.83 46.49
N PRO A 262 -9.93 -18.34 46.49
CA PRO A 262 -9.18 -18.21 45.24
C PRO A 262 -8.68 -19.55 44.73
N GLY A 263 -8.35 -19.56 43.45
CA GLY A 263 -7.73 -20.73 42.85
C GLY A 263 -6.61 -20.35 41.91
N ILE A 264 -6.09 -21.32 41.17
CA ILE A 264 -5.00 -21.09 40.24
C ILE A 264 -5.40 -21.63 38.87
N SER A 265 -4.81 -21.05 37.84
CA SER A 265 -4.98 -21.53 36.48
C SER A 265 -3.60 -21.89 35.95
N ILE A 266 -3.53 -23.01 35.23
CA ILE A 266 -2.25 -23.47 34.68
C ILE A 266 -2.42 -23.72 33.20
N LYS A 267 -1.31 -23.70 32.48
CA LYS A 267 -1.27 -24.07 31.08
C LYS A 267 -0.41 -25.30 30.93
N LEU A 268 -0.97 -26.34 30.32
CA LEU A 268 -0.20 -27.57 30.19
C LEU A 268 1.06 -27.36 29.37
N SER A 269 1.02 -26.42 28.41
CA SER A 269 2.22 -26.19 27.61
C SER A 269 3.37 -25.61 28.43
N ALA A 270 3.09 -25.06 29.61
CA ALA A 270 4.15 -24.58 30.47
C ALA A 270 4.89 -25.71 31.17
N LEU A 271 4.28 -26.88 31.26
CA LEU A 271 4.77 -27.92 32.15
C LEU A 271 5.52 -29.01 31.41
N HIS A 272 5.62 -28.93 30.08
CA HIS A 272 6.43 -29.89 29.36
C HIS A 272 6.85 -29.24 28.06
N PRO A 273 8.10 -29.39 27.64
CA PRO A 273 8.55 -28.76 26.38
C PRO A 273 8.05 -29.46 25.13
N ARG A 274 7.51 -30.67 25.24
CA ARG A 274 6.98 -31.38 24.08
C ARG A 274 5.53 -31.76 24.29
N TYR A 275 4.69 -30.78 24.60
CA TYR A 275 3.28 -31.02 24.84
C TYR A 275 2.59 -31.06 23.48
N SER A 276 2.43 -32.26 22.94
CA SER A 276 1.79 -32.41 21.64
C SER A 276 1.32 -33.84 21.49
N ARG A 277 0.33 -34.03 20.61
CA ARG A 277 -0.16 -35.37 20.31
C ARG A 277 0.96 -36.28 19.81
N ALA A 278 1.89 -35.74 19.01
CA ALA A 278 2.98 -36.58 18.51
C ALA A 278 3.82 -37.15 19.63
N GLN A 279 3.89 -36.44 20.76
CA GLN A 279 4.66 -36.86 21.91
C GLN A 279 3.75 -37.32 23.03
N ALA A 280 2.60 -37.93 22.69
CA ALA A 280 1.59 -38.24 23.71
C ALA A 280 2.14 -39.14 24.81
N ALA A 281 3.00 -40.10 24.45
CA ALA A 281 3.54 -40.99 25.48
C ALA A 281 4.39 -40.24 26.49
N ARG A 282 5.21 -39.29 26.01
CA ARG A 282 5.97 -38.48 26.96
C ARG A 282 5.06 -37.59 27.79
N VAL A 283 3.99 -37.08 27.16
CA VAL A 283 3.03 -36.25 27.88
C VAL A 283 2.40 -37.03 29.02
N MET A 284 1.93 -38.25 28.75
CA MET A 284 1.28 -39.01 29.82
C MET A 284 2.28 -39.50 30.84
N GLY A 285 3.51 -39.79 30.43
CA GLY A 285 4.49 -40.29 31.36
C GLY A 285 5.15 -39.20 32.18
N GLU A 286 5.25 -37.98 31.64
CA GLU A 286 6.10 -36.97 32.27
C GLU A 286 5.34 -35.72 32.65
N LEU A 287 4.38 -35.29 31.82
CA LEU A 287 3.60 -34.11 32.15
CA LEU A 287 3.60 -34.12 32.15
C LEU A 287 2.52 -34.45 33.17
N LEU A 288 1.78 -35.54 32.93
CA LEU A 288 0.70 -35.93 33.84
C LEU A 288 1.12 -35.99 35.31
N PRO A 289 2.23 -36.64 35.67
CA PRO A 289 2.60 -36.65 37.11
C PRO A 289 2.82 -35.28 37.69
N ARG A 290 3.30 -34.33 36.88
CA ARG A 290 3.49 -32.97 37.37
C ARG A 290 2.16 -32.31 37.65
N VAL A 291 1.19 -32.46 36.75
CA VAL A 291 -0.12 -31.90 37.03
C VAL A 291 -0.72 -32.57 38.26
N LYS A 292 -0.54 -33.88 38.38
CA LYS A 292 -1.07 -34.58 39.55
C LYS A 292 -0.47 -34.02 40.82
N ALA A 293 0.84 -33.78 40.84
CA ALA A 293 1.47 -33.25 42.05
C ALA A 293 0.93 -31.87 42.39
N LEU A 294 0.73 -31.01 41.38
CA LEU A 294 0.13 -29.71 41.66
C LEU A 294 -1.31 -29.87 42.14
N ALA A 295 -2.06 -30.78 41.52
CA ALA A 295 -3.45 -30.98 41.92
C ALA A 295 -3.55 -31.51 43.34
N LEU A 296 -2.61 -32.39 43.73
CA LEU A 296 -2.60 -32.89 45.11
C LEU A 296 -2.42 -31.76 46.10
N LEU A 297 -1.58 -30.79 45.77
CA LEU A 297 -1.40 -29.65 46.67
C LEU A 297 -2.64 -28.78 46.69
N ALA A 298 -3.24 -28.53 45.53
CA ALA A 298 -4.50 -27.79 45.48
C ALA A 298 -5.57 -28.50 46.29
N LYS A 299 -5.63 -29.84 46.20
CA LYS A 299 -6.58 -30.59 47.01
C LYS A 299 -6.35 -30.35 48.50
N ASN A 300 -5.09 -30.33 48.95
CA ASN A 300 -4.87 -30.21 50.38
C ASN A 300 -5.31 -28.84 50.90
N TYR A 301 -5.10 -27.79 50.11
CA TYR A 301 -5.58 -26.47 50.50
C TYR A 301 -7.04 -26.25 50.14
N ASP A 302 -7.64 -27.15 49.37
CA ASP A 302 -9.00 -27.04 48.86
C ASP A 302 -9.21 -25.74 48.07
N ILE A 303 -8.39 -25.57 47.04
CA ILE A 303 -8.54 -24.46 46.10
C ILE A 303 -8.79 -25.02 44.70
N GLY A 304 -9.29 -24.15 43.84
CA GLY A 304 -9.47 -24.54 42.45
C GLY A 304 -8.13 -24.63 41.73
N LEU A 305 -8.04 -25.58 40.80
CA LEU A 305 -6.92 -25.68 39.88
C LEU A 305 -7.51 -25.86 38.50
N ASN A 306 -7.38 -24.85 37.65
CA ASN A 306 -8.02 -24.83 36.35
C ASN A 306 -6.97 -25.10 35.27
N ILE A 307 -7.30 -25.98 34.33
CA ILE A 307 -6.46 -26.22 33.16
C ILE A 307 -6.94 -25.32 32.03
N ASP A 308 -6.12 -24.33 31.67
CA ASP A 308 -6.43 -23.41 30.59
C ASP A 308 -6.43 -24.16 29.25
N ALA A 309 -7.25 -23.67 28.32
CA ALA A 309 -7.32 -24.26 26.99
C ALA A 309 -6.41 -23.50 26.03
N GLU A 310 -5.72 -24.26 25.16
CA GLU A 310 -4.75 -23.63 24.28
C GLU A 310 -5.10 -23.92 22.83
N GLU A 311 -4.13 -24.32 22.02
CA GLU A 311 -4.40 -24.49 20.60
C GLU A 311 -5.31 -25.68 20.33
N ALA A 312 -5.99 -25.63 19.19
CA ALA A 312 -6.98 -26.67 18.88
C ALA A 312 -6.35 -28.05 18.81
N ASP A 313 -5.08 -28.14 18.41
CA ASP A 313 -4.48 -29.47 18.30
C ASP A 313 -4.03 -30.01 19.64
N ARG A 314 -4.29 -29.29 20.73
CA ARG A 314 -4.01 -29.79 22.07
C ARG A 314 -5.28 -30.14 22.84
N LEU A 315 -6.45 -29.85 22.30
CA LEU A 315 -7.70 -30.07 23.02
C LEU A 315 -7.86 -31.53 23.40
N GLU A 316 -7.87 -32.43 22.42
CA GLU A 316 -8.19 -33.81 22.75
C GLU A 316 -7.10 -34.45 23.58
N LEU A 317 -5.84 -34.09 23.34
CA LEU A 317 -4.76 -34.58 24.21
C LEU A 317 -5.00 -34.18 25.66
N SER A 318 -5.41 -32.93 25.90
CA SER A 318 -5.65 -32.49 27.27
C SER A 318 -6.77 -33.27 27.93
N LEU A 319 -7.72 -33.78 27.14
CA LEU A 319 -8.78 -34.60 27.71
C LEU A 319 -8.25 -35.89 28.28
N ASP A 320 -7.18 -36.44 27.69
CA ASP A 320 -6.60 -37.65 28.27
C ASP A 320 -6.00 -37.37 29.64
N LEU A 321 -5.42 -36.19 29.84
CA LEU A 321 -4.91 -35.83 31.15
CA LEU A 321 -4.92 -35.83 31.16
C LEU A 321 -6.06 -35.58 32.12
N LEU A 322 -7.10 -34.88 31.66
CA LEU A 322 -8.27 -34.64 32.52
C LEU A 322 -8.88 -35.95 32.97
N GLU A 323 -8.99 -36.92 32.06
CA GLU A 323 -9.59 -38.21 32.40
C GLU A 323 -8.79 -38.93 33.48
N VAL A 324 -7.47 -39.05 33.27
CA VAL A 324 -6.66 -39.77 34.26
C VAL A 324 -6.73 -39.08 35.61
N LEU A 325 -6.64 -37.75 35.62
CA LEU A 325 -6.66 -37.02 36.88
C LEU A 325 -7.99 -37.20 37.60
N CYS A 326 -9.10 -37.15 36.86
CA CYS A 326 -10.39 -37.26 37.53
C CYS A 326 -10.68 -38.67 38.01
N LEU A 327 -10.04 -39.68 37.42
CA LEU A 327 -10.20 -41.06 37.85
C LEU A 327 -9.16 -41.46 38.89
N ASP A 328 -8.24 -40.57 39.24
CA ASP A 328 -7.14 -40.92 40.14
C ASP A 328 -7.62 -40.80 41.57
N GLY A 329 -7.70 -41.93 42.27
CA GLY A 329 -8.21 -41.93 43.63
C GLY A 329 -7.43 -41.03 44.58
N ASP A 330 -6.15 -40.78 44.29
CA ASP A 330 -5.39 -39.91 45.19
C ASP A 330 -5.94 -38.50 45.24
N LEU A 331 -6.72 -38.11 44.23
CA LEU A 331 -7.29 -36.76 44.19
C LEU A 331 -8.74 -36.75 44.64
N SER A 332 -9.25 -37.88 45.12
CA SER A 332 -10.65 -37.94 45.51
C SER A 332 -10.91 -37.05 46.71
N GLY A 333 -12.16 -36.58 46.82
CA GLY A 333 -12.55 -35.72 47.91
C GLY A 333 -12.45 -34.25 47.57
N TRP A 334 -11.89 -33.91 46.43
CA TRP A 334 -11.65 -32.53 46.04
C TRP A 334 -12.35 -32.28 44.71
N ASN A 335 -13.13 -31.20 44.66
CA ASN A 335 -13.88 -30.81 43.48
C ASN A 335 -13.29 -29.61 42.78
N GLY A 336 -12.02 -29.29 43.06
CA GLY A 336 -11.40 -28.08 42.55
C GLY A 336 -10.80 -28.19 41.18
N MET A 337 -10.73 -29.39 40.60
CA MET A 337 -10.18 -29.52 39.25
CA MET A 337 -10.17 -29.51 39.24
C MET A 337 -11.08 -28.81 38.25
N GLY A 338 -10.48 -27.93 37.44
CA GLY A 338 -11.23 -27.14 36.49
C GLY A 338 -10.64 -27.30 35.10
N PHE A 339 -11.47 -27.00 34.10
CA PHE A 339 -11.08 -27.24 32.72
C PHE A 339 -11.80 -26.26 31.81
N VAL A 340 -11.06 -25.60 30.93
CA VAL A 340 -11.61 -24.64 30.00
C VAL A 340 -12.05 -25.34 28.72
N VAL A 341 -13.20 -24.91 28.19
CA VAL A 341 -13.64 -25.31 26.86
CA VAL A 341 -13.64 -25.31 26.86
C VAL A 341 -13.93 -24.05 26.06
N GLN A 342 -13.49 -24.04 24.81
CA GLN A 342 -13.54 -22.85 23.96
C GLN A 342 -14.74 -22.95 23.03
N ALA A 343 -15.70 -22.05 23.21
CA ALA A 343 -16.91 -22.03 22.41
C ALA A 343 -16.66 -21.65 20.96
N TYR A 344 -15.50 -21.07 20.63
CA TYR A 344 -15.27 -20.85 19.21
C TYR A 344 -14.89 -22.13 18.49
N GLY A 345 -14.74 -23.23 19.22
CA GLY A 345 -14.35 -24.49 18.62
C GLY A 345 -15.56 -25.34 18.28
N LYS A 346 -15.47 -26.00 17.12
CA LYS A 346 -16.57 -26.82 16.63
C LYS A 346 -16.83 -28.04 17.51
N ARG A 347 -15.85 -28.46 18.29
CA ARG A 347 -16.03 -29.64 19.14
C ARG A 347 -16.65 -29.31 20.49
N CYS A 348 -16.81 -28.03 20.82
CA CYS A 348 -17.17 -27.59 22.17
C CYS A 348 -18.35 -28.34 22.78
N PRO A 349 -19.52 -28.43 22.15
CA PRO A 349 -20.63 -29.15 22.82
C PRO A 349 -20.30 -30.61 23.05
N PHE A 350 -19.55 -31.23 22.16
CA PHE A 350 -19.19 -32.65 22.32
C PHE A 350 -18.13 -32.83 23.39
N VAL A 351 -17.22 -31.88 23.51
CA VAL A 351 -16.28 -31.87 24.62
C VAL A 351 -17.05 -31.76 25.94
N LEU A 352 -18.05 -30.88 25.99
CA LEU A 352 -18.86 -30.74 27.19
C LEU A 352 -19.60 -32.03 27.52
N ASP A 353 -20.19 -32.69 26.52
CA ASP A 353 -20.80 -33.99 26.79
C ASP A 353 -19.80 -34.94 27.42
N PHE A 354 -18.57 -34.97 26.89
CA PHE A 354 -17.55 -35.84 27.45
C PHE A 354 -17.23 -35.46 28.88
N ILE A 355 -17.07 -34.16 29.15
CA ILE A 355 -16.70 -33.71 30.50
C ILE A 355 -17.81 -33.98 31.49
N ILE A 356 -19.05 -33.69 31.12
CA ILE A 356 -20.17 -33.96 32.01
C ILE A 356 -20.24 -35.44 32.34
N ASP A 357 -20.02 -36.29 31.34
CA ASP A 357 -20.04 -37.71 31.60
C ASP A 357 -18.88 -38.12 32.49
N LEU A 358 -17.70 -37.54 32.26
CA LEU A 358 -16.56 -37.84 33.13
C LEU A 358 -16.83 -37.41 34.56
N ALA A 359 -17.47 -36.25 34.73
CA ALA A 359 -17.86 -35.81 36.07
C ALA A 359 -18.82 -36.81 36.72
N ARG A 360 -19.78 -37.34 35.95
CA ARG A 360 -20.67 -38.35 36.51
C ARG A 360 -19.92 -39.61 36.88
N ARG A 361 -19.05 -40.10 36.00
CA ARG A 361 -18.31 -41.33 36.28
C ARG A 361 -17.38 -41.18 37.48
N SER A 362 -16.66 -40.07 37.53
CA SER A 362 -15.67 -39.87 38.58
C SER A 362 -16.28 -39.38 39.88
N GLY A 363 -17.49 -38.85 39.82
CA GLY A 363 -18.07 -38.23 41.00
C GLY A 363 -17.46 -36.90 41.36
N ARG A 364 -16.64 -36.33 40.47
CA ARG A 364 -16.01 -35.03 40.69
C ARG A 364 -16.82 -33.96 40.01
N ARG A 365 -17.11 -32.89 40.74
CA ARG A 365 -17.88 -31.79 40.16
C ARG A 365 -16.90 -30.90 39.41
N ILE A 366 -16.65 -31.24 38.15
CA ILE A 366 -15.62 -30.54 37.40
C ILE A 366 -16.01 -29.09 37.21
N MET A 367 -15.07 -28.19 37.47
CA MET A 367 -15.30 -26.77 37.25
C MET A 367 -15.05 -26.50 35.78
N VAL A 368 -16.07 -26.09 35.05
CA VAL A 368 -15.92 -25.96 33.61
C VAL A 368 -15.97 -24.48 33.28
N ARG A 369 -14.84 -23.93 32.83
CA ARG A 369 -14.82 -22.54 32.40
C ARG A 369 -15.14 -22.48 30.92
N LEU A 370 -16.27 -21.88 30.58
CA LEU A 370 -16.64 -21.70 29.19
C LEU A 370 -16.11 -20.35 28.72
N VAL A 371 -15.28 -20.38 27.69
CA VAL A 371 -14.71 -19.18 27.11
C VAL A 371 -15.07 -19.19 25.64
N LYS A 372 -14.82 -18.07 24.98
CA LYS A 372 -14.98 -18.13 23.53
C LYS A 372 -13.71 -18.66 22.87
N GLY A 373 -12.55 -18.08 23.15
CA GLY A 373 -11.28 -18.65 22.68
C GLY A 373 -10.27 -17.60 22.31
N ALA A 374 -8.99 -17.83 22.61
CA ALA A 374 -7.98 -16.78 22.53
C ALA A 374 -7.06 -16.89 21.31
N TYR A 375 -7.17 -17.93 20.49
CA TYR A 375 -6.17 -18.22 19.46
C TYR A 375 -6.76 -18.17 18.05
N TRP A 376 -7.77 -17.33 17.85
CA TRP A 376 -8.57 -17.46 16.63
C TRP A 376 -7.73 -17.24 15.37
N ASP A 377 -7.01 -16.10 15.28
CA ASP A 377 -6.29 -15.87 14.04
CA ASP A 377 -6.18 -15.80 14.10
C ASP A 377 -5.22 -16.93 13.81
N ALA A 378 -4.60 -17.45 14.88
CA ALA A 378 -3.59 -18.47 14.71
C ALA A 378 -4.21 -19.77 14.20
N GLU A 379 -5.44 -20.06 14.61
CA GLU A 379 -6.07 -21.27 14.13
C GLU A 379 -6.40 -21.16 12.64
N ILE A 380 -6.79 -19.96 12.18
CA ILE A 380 -7.07 -19.77 10.77
C ILE A 380 -5.79 -19.99 9.96
N LYS A 381 -4.70 -19.36 10.40
CA LYS A 381 -3.44 -19.48 9.70
C LYS A 381 -2.97 -20.93 9.66
N ARG A 382 -3.05 -21.64 10.80
CA ARG A 382 -2.53 -23.00 10.87
C ARG A 382 -3.27 -23.92 9.91
N ALA A 383 -4.60 -23.84 9.89
CA ALA A 383 -5.37 -24.72 9.01
C ALA A 383 -5.06 -24.44 7.55
N GLN A 384 -4.85 -23.16 7.21
CA GLN A 384 -4.49 -22.82 5.84
C GLN A 384 -3.11 -23.35 5.49
N LEU A 385 -2.12 -23.13 6.36
CA LEU A 385 -0.78 -23.64 6.12
C LEU A 385 -0.78 -25.15 5.92
N ASP A 386 -1.56 -25.86 6.73
CA ASP A 386 -1.55 -27.32 6.71
C ASP A 386 -2.46 -27.89 5.65
N GLY A 387 -3.19 -27.05 4.91
CA GLY A 387 -4.03 -27.55 3.83
C GLY A 387 -5.13 -28.49 4.30
N LEU A 388 -5.75 -28.18 5.43
CA LEU A 388 -6.71 -29.11 5.99
C LEU A 388 -8.10 -28.80 5.48
N ALA A 389 -9.03 -29.73 5.75
CA ALA A 389 -10.33 -29.69 5.12
C ALA A 389 -11.11 -28.43 5.50
N ASP A 390 -10.95 -27.98 6.74
CA ASP A 390 -11.74 -26.86 7.25
C ASP A 390 -11.06 -26.37 8.51
N PHE A 391 -11.67 -25.37 9.14
CA PHE A 391 -11.10 -24.85 10.36
C PHE A 391 -11.66 -25.59 11.56
N PRO A 392 -10.90 -25.63 12.66
CA PRO A 392 -11.41 -26.20 13.91
C PRO A 392 -12.15 -25.20 14.78
N VAL A 393 -12.29 -23.97 14.27
CA VAL A 393 -13.00 -22.89 14.93
C VAL A 393 -13.96 -22.29 13.93
N PHE A 394 -14.95 -21.57 14.46
CA PHE A 394 -15.85 -20.83 13.59
C PHE A 394 -15.09 -19.68 12.92
N THR A 395 -15.67 -19.18 11.83
CA THR A 395 -15.07 -18.08 11.09
C THR A 395 -15.90 -16.81 11.15
N ARG A 396 -17.13 -16.87 11.64
CA ARG A 396 -17.92 -15.67 11.93
C ARG A 396 -18.04 -15.53 13.44
N LYS A 397 -17.78 -14.33 13.94
CA LYS A 397 -17.81 -14.10 15.38
C LYS A 397 -19.18 -14.44 15.95
N ILE A 398 -20.25 -14.17 15.19
CA ILE A 398 -21.58 -14.42 15.71
C ILE A 398 -21.81 -15.91 15.91
N HIS A 399 -21.11 -16.75 15.16
CA HIS A 399 -21.22 -18.20 15.35
C HIS A 399 -20.66 -18.62 16.70
N THR A 400 -19.50 -18.07 17.06
CA THR A 400 -18.96 -18.29 18.40
C THR A 400 -19.93 -17.83 19.47
N ASP A 401 -20.62 -16.71 19.26
CA ASP A 401 -21.56 -16.24 20.27
C ASP A 401 -22.71 -17.23 20.44
N VAL A 402 -23.26 -17.74 19.33
CA VAL A 402 -24.33 -18.72 19.42
C VAL A 402 -23.81 -20.00 20.05
N SER A 403 -22.63 -20.45 19.63
CA SER A 403 -22.03 -21.63 20.24
C SER A 403 -21.92 -21.47 21.74
N TYR A 404 -21.45 -20.30 22.19
CA TYR A 404 -21.30 -20.04 23.61
C TYR A 404 -22.63 -20.18 24.34
N ILE A 405 -23.68 -19.54 23.80
CA ILE A 405 -24.97 -19.58 24.48
C ILE A 405 -25.54 -20.99 24.48
N ALA A 406 -25.35 -21.72 23.37
CA ALA A 406 -25.83 -23.11 23.29
C ALA A 406 -25.11 -23.98 24.31
N CYS A 407 -23.80 -23.78 24.45
CA CYS A 407 -23.03 -24.57 25.41
C CYS A 407 -23.37 -24.18 26.84
N ALA A 408 -23.73 -22.92 27.08
CA ALA A 408 -24.19 -22.53 28.40
C ALA A 408 -25.49 -23.23 28.76
N ALA A 409 -26.38 -23.39 27.78
CA ALA A 409 -27.61 -24.13 28.04
C ALA A 409 -27.31 -25.55 28.45
N LYS A 410 -26.34 -26.19 27.80
CA LYS A 410 -25.95 -27.55 28.17
C LYS A 410 -25.38 -27.58 29.58
N LEU A 411 -24.49 -26.63 29.88
CA LEU A 411 -23.88 -26.59 31.21
C LEU A 411 -24.91 -26.32 32.30
N LEU A 412 -25.85 -25.40 32.05
CA LEU A 412 -26.84 -25.07 33.07
C LEU A 412 -27.80 -26.22 33.33
N ALA A 413 -27.92 -27.18 32.41
CA ALA A 413 -28.72 -28.37 32.68
C ALA A 413 -27.98 -29.40 33.52
N ALA A 414 -26.70 -29.18 33.82
CA ALA A 414 -25.90 -30.19 34.50
C ALA A 414 -25.18 -29.60 35.70
N THR A 415 -25.77 -28.59 36.36
CA THR A 415 -25.11 -27.97 37.50
C THR A 415 -25.02 -28.90 38.70
N ASP A 416 -25.78 -30.00 38.71
CA ASP A 416 -25.59 -30.98 39.79
C ASP A 416 -24.27 -31.71 39.66
N VAL A 417 -23.70 -31.81 38.47
CA VAL A 417 -22.50 -32.60 38.27
C VAL A 417 -21.30 -31.80 37.80
N VAL A 418 -21.48 -30.59 37.25
CA VAL A 418 -20.36 -29.71 36.95
C VAL A 418 -20.68 -28.33 37.52
N PHE A 419 -19.63 -27.52 37.64
CA PHE A 419 -19.75 -26.15 38.09
C PHE A 419 -19.45 -25.24 36.91
N PRO A 420 -20.47 -24.68 36.26
CA PRO A 420 -20.22 -23.83 35.09
C PRO A 420 -19.67 -22.47 35.48
N GLN A 421 -18.72 -22.01 34.70
CA GLN A 421 -18.03 -20.73 34.94
C GLN A 421 -18.04 -19.98 33.62
N PHE A 422 -18.85 -18.94 33.54
CA PHE A 422 -19.09 -18.28 32.27
C PHE A 422 -18.18 -17.08 32.16
N ALA A 423 -17.05 -17.29 31.49
CA ALA A 423 -16.04 -16.26 31.29
C ALA A 423 -16.43 -15.44 30.07
N THR A 424 -16.76 -14.17 30.27
CA THR A 424 -17.09 -13.32 29.13
C THR A 424 -17.13 -11.87 29.60
N HIS A 425 -16.72 -10.97 28.72
CA HIS A 425 -16.89 -9.55 28.92
C HIS A 425 -18.04 -8.98 28.13
N ASN A 426 -18.76 -9.82 27.41
CA ASN A 426 -19.85 -9.38 26.52
C ASN A 426 -21.14 -9.29 27.32
N ALA A 427 -21.65 -8.06 27.51
CA ALA A 427 -22.85 -7.87 28.32
C ALA A 427 -24.06 -8.59 27.74
N GLN A 428 -24.11 -8.76 26.41
CA GLN A 428 -25.22 -9.47 25.79
C GLN A 428 -25.16 -10.95 26.13
N THR A 429 -23.99 -11.56 25.96
CA THR A 429 -23.76 -12.94 26.37
C THR A 429 -24.12 -13.14 27.83
N LEU A 430 -23.60 -12.25 28.69
CA LEU A 430 -23.87 -12.33 30.13
C LEU A 430 -25.36 -12.32 30.42
N ALA A 431 -26.07 -11.32 29.88
CA ALA A 431 -27.48 -11.18 30.15
C ALA A 431 -28.27 -12.41 29.69
N ALA A 432 -27.92 -12.95 28.52
CA ALA A 432 -28.60 -14.13 28.01
C ALA A 432 -28.49 -15.29 28.98
N ILE A 433 -27.29 -15.49 29.55
CA ILE A 433 -27.07 -16.61 30.45
C ILE A 433 -27.67 -16.32 31.82
N TYR A 434 -27.58 -15.07 32.27
CA TYR A 434 -28.21 -14.69 33.54
C TYR A 434 -29.69 -15.05 33.54
N HIS A 435 -30.40 -14.73 32.47
CA HIS A 435 -31.82 -15.06 32.42
C HIS A 435 -32.04 -16.54 32.10
N MET A 436 -31.17 -17.14 31.30
CA MET A 436 -31.26 -18.58 31.06
C MET A 436 -31.16 -19.36 32.36
N ALA A 437 -30.30 -18.91 33.28
CA ALA A 437 -30.08 -19.64 34.52
C ALA A 437 -31.26 -19.55 35.47
N GLY A 438 -32.07 -18.50 35.34
CA GLY A 438 -33.28 -18.39 36.12
C GLY A 438 -33.03 -17.81 37.50
N LYS A 439 -34.13 -17.77 38.27
CA LYS A 439 -34.15 -17.01 39.52
C LYS A 439 -33.53 -17.78 40.68
N ASP A 440 -33.58 -19.10 40.65
CA ASP A 440 -33.01 -19.89 41.73
C ASP A 440 -31.49 -19.87 41.63
N PHE A 441 -30.83 -19.35 42.66
CA PHE A 441 -29.38 -19.31 42.66
C PHE A 441 -28.85 -19.56 44.06
N HIS A 442 -27.69 -20.19 44.11
CA HIS A 442 -26.90 -20.30 45.33
C HIS A 442 -25.44 -20.29 44.93
N VAL A 443 -24.60 -19.74 45.81
CA VAL A 443 -23.17 -19.78 45.54
C VAL A 443 -22.74 -21.24 45.42
N GLY A 444 -22.02 -21.55 44.35
CA GLY A 444 -21.68 -22.91 44.01
C GLY A 444 -22.48 -23.47 42.85
N LYS A 445 -23.58 -22.83 42.47
CA LYS A 445 -24.36 -23.35 41.35
C LYS A 445 -23.64 -23.09 40.03
N TYR A 446 -23.29 -21.82 39.79
CA TYR A 446 -22.45 -21.42 38.67
C TYR A 446 -21.84 -20.08 39.04
N GLU A 447 -20.93 -19.60 38.20
CA GLU A 447 -20.40 -18.26 38.40
C GLU A 447 -20.08 -17.66 37.04
N PHE A 448 -19.87 -16.35 37.03
CA PHE A 448 -19.27 -15.70 35.89
C PHE A 448 -17.77 -15.53 36.13
N GLN A 449 -17.05 -15.19 35.06
CA GLN A 449 -15.63 -14.89 35.19
C GLN A 449 -15.26 -13.76 34.26
N CYS A 450 -14.20 -13.04 34.63
CA CYS A 450 -13.74 -11.93 33.82
C CYS A 450 -12.24 -11.80 34.02
N LEU A 451 -11.64 -10.97 33.18
CA LEU A 451 -10.22 -10.70 33.26
C LEU A 451 -9.97 -9.50 34.14
N HIS A 452 -8.95 -9.61 35.00
CA HIS A 452 -8.49 -8.47 35.78
C HIS A 452 -8.23 -7.25 34.91
N GLY A 453 -8.63 -6.09 35.42
CA GLY A 453 -8.33 -4.84 34.75
C GLY A 453 -9.01 -4.70 33.41
N MET A 454 -10.07 -5.45 33.18
CA MET A 454 -10.82 -5.41 31.93
C MET A 454 -12.30 -5.64 32.21
N GLY A 455 -12.61 -6.67 32.98
CA GLY A 455 -14.00 -6.99 33.24
C GLY A 455 -14.63 -6.38 34.47
N GLU A 456 -13.87 -5.72 35.35
CA GLU A 456 -14.47 -5.20 36.58
C GLU A 456 -15.54 -4.14 36.33
N PRO A 457 -15.42 -3.23 35.37
CA PRO A 457 -16.54 -2.30 35.15
C PRO A 457 -17.84 -3.02 34.87
N LEU A 458 -17.81 -4.06 34.04
CA LEU A 458 -19.04 -4.80 33.77
C LEU A 458 -19.51 -5.54 35.02
N TYR A 459 -18.61 -6.28 35.66
CA TYR A 459 -19.09 -7.15 36.72
C TYR A 459 -19.35 -6.43 38.05
N GLU A 460 -18.88 -5.18 38.20
CA GLU A 460 -19.39 -4.41 39.32
C GLU A 460 -20.86 -4.03 39.14
N GLU A 461 -21.41 -4.21 37.95
CA GLU A 461 -22.84 -4.11 37.73
C GLU A 461 -23.56 -5.45 37.89
N VAL A 462 -22.82 -6.50 38.29
CA VAL A 462 -23.34 -7.86 38.38
C VAL A 462 -23.25 -8.41 39.80
N VAL A 463 -22.05 -8.31 40.40
CA VAL A 463 -21.83 -8.88 41.73
C VAL A 463 -22.55 -8.05 42.78
N GLY A 464 -23.07 -8.72 43.80
CA GLY A 464 -23.62 -8.02 44.94
C GLY A 464 -25.14 -8.01 44.94
N ARG A 465 -25.71 -7.96 46.15
CA ARG A 465 -27.15 -7.96 46.29
C ARG A 465 -27.80 -6.74 45.62
N GLY A 466 -27.08 -5.63 45.55
CA GLY A 466 -27.62 -4.44 44.90
C GLY A 466 -27.59 -4.48 43.39
N LYS A 467 -27.03 -5.54 42.80
CA LYS A 467 -26.94 -5.67 41.35
C LYS A 467 -27.70 -6.93 40.96
N LEU A 468 -27.06 -7.86 40.24
CA LEU A 468 -27.70 -9.12 39.85
C LEU A 468 -27.43 -10.24 40.84
N ASP A 469 -26.60 -10.00 41.84
CA ASP A 469 -26.30 -10.96 42.91
C ASP A 469 -25.82 -12.28 42.33
N ARG A 470 -24.89 -12.17 41.37
CA ARG A 470 -24.20 -13.32 40.85
C ARG A 470 -22.71 -13.12 41.02
N PRO A 471 -21.98 -14.16 41.40
CA PRO A 471 -20.55 -14.02 41.67
C PRO A 471 -19.74 -14.00 40.38
N CYS A 472 -18.56 -13.40 40.48
CA CYS A 472 -17.62 -13.32 39.37
C CYS A 472 -16.24 -13.65 39.87
N ARG A 473 -15.56 -14.55 39.17
CA ARG A 473 -14.17 -14.88 39.46
C ARG A 473 -13.27 -14.12 38.51
N ILE A 474 -12.32 -13.38 39.08
CA ILE A 474 -11.39 -12.57 38.30
C ILE A 474 -10.16 -13.41 37.96
N TYR A 475 -9.91 -13.58 36.66
CA TYR A 475 -8.70 -14.21 36.16
C TYR A 475 -7.58 -13.19 36.28
N ALA A 476 -6.63 -13.45 37.18
CA ALA A 476 -5.69 -12.43 37.63
C ALA A 476 -4.27 -12.78 37.18
N PRO A 477 -3.76 -12.14 36.15
CA PRO A 477 -2.38 -12.40 35.74
C PRO A 477 -1.41 -11.95 36.82
N VAL A 478 -0.33 -12.71 36.97
CA VAL A 478 0.67 -12.44 37.98
C VAL A 478 2.03 -12.60 37.32
N GLY A 479 2.86 -11.57 37.39
CA GLY A 479 4.17 -11.71 36.77
C GLY A 479 4.88 -10.39 36.66
N THR A 480 6.17 -10.51 36.35
CA THR A 480 7.02 -9.36 36.12
C THR A 480 6.70 -8.72 34.77
N HIS A 481 7.30 -7.56 34.55
CA HIS A 481 7.15 -6.87 33.26
C HIS A 481 7.54 -7.78 32.09
N GLU A 482 8.68 -8.46 32.21
CA GLU A 482 9.14 -9.35 31.15
C GLU A 482 8.10 -10.42 30.85
N THR A 483 7.56 -11.04 31.90
CA THR A 483 6.63 -12.14 31.71
C THR A 483 5.33 -11.67 31.08
N LEU A 484 4.82 -10.52 31.51
CA LEU A 484 3.52 -10.08 31.01
C LEU A 484 3.60 -9.64 29.56
N LEU A 485 4.69 -9.00 29.16
CA LEU A 485 4.82 -8.48 27.81
C LEU A 485 4.90 -9.59 26.77
N ALA A 486 5.32 -10.80 27.17
CA ALA A 486 5.64 -11.85 26.20
C ALA A 486 4.46 -12.19 25.31
N TYR A 487 3.26 -12.32 25.89
CA TYR A 487 2.09 -12.64 25.09
C TYR A 487 0.96 -11.66 25.37
N LEU A 488 1.31 -10.42 25.71
CA LEU A 488 0.29 -9.42 25.99
C LEU A 488 -0.51 -9.06 24.74
N VAL A 489 0.12 -9.16 23.57
CA VAL A 489 -0.59 -8.83 22.33
C VAL A 489 -1.80 -9.74 22.14
N ARG A 490 -1.62 -11.06 22.34
CA ARG A 490 -2.75 -11.97 22.20
C ARG A 490 -3.86 -11.62 23.17
N ARG A 491 -3.50 -11.23 24.39
CA ARG A 491 -4.48 -10.95 25.42
C ARG A 491 -5.24 -9.66 25.12
N LEU A 492 -4.56 -8.67 24.49
CA LEU A 492 -5.24 -7.44 24.12
C LEU A 492 -6.21 -7.64 22.96
N LEU A 493 -5.82 -8.47 21.98
CA LEU A 493 -6.69 -8.69 20.83
C LEU A 493 -8.02 -9.33 21.24
N GLU A 494 -8.02 -10.07 22.35
CA GLU A 494 -9.23 -10.76 22.78
C GLU A 494 -10.39 -9.79 22.94
N ASN A 495 -10.13 -8.61 23.52
CA ASN A 495 -11.14 -7.60 23.74
C ASN A 495 -10.89 -6.34 22.92
N GLY A 496 -9.99 -6.37 21.94
CA GLY A 496 -9.61 -5.17 21.23
C GLY A 496 -9.78 -5.16 19.72
N ALA A 497 -10.22 -6.27 19.13
CA ALA A 497 -10.48 -6.33 17.71
C ALA A 497 -11.81 -5.64 17.37
N ASN A 498 -11.98 -5.29 16.09
CA ASN A 498 -13.16 -4.52 15.69
C ASN A 498 -14.46 -5.24 16.02
N SER A 499 -14.44 -6.57 16.06
CA SER A 499 -15.62 -7.36 16.41
C SER A 499 -15.76 -7.58 17.91
N SER A 500 -14.75 -7.21 18.70
CA SER A 500 -14.78 -7.46 20.14
C SER A 500 -15.77 -6.54 20.84
N PHE A 501 -16.50 -7.10 21.81
CA PHE A 501 -17.45 -6.31 22.59
C PHE A 501 -16.78 -5.10 23.24
N VAL A 502 -15.63 -5.32 23.88
CA VAL A 502 -14.99 -4.24 24.63
C VAL A 502 -14.57 -3.13 23.69
N HIS A 503 -14.11 -3.47 22.49
CA HIS A 503 -13.83 -2.45 21.49
C HIS A 503 -15.10 -1.74 21.05
N ARG A 504 -16.20 -2.49 20.88
CA ARG A 504 -17.42 -1.88 20.37
C ARG A 504 -18.12 -1.03 21.41
N ILE A 505 -18.09 -1.43 22.68
CA ILE A 505 -18.73 -0.61 23.70
C ILE A 505 -18.06 0.77 23.77
N ASN A 506 -16.76 0.84 23.47
CA ASN A 506 -16.04 2.10 23.44
C ASN A 506 -16.23 2.86 22.12
N ASP A 507 -16.83 2.23 21.10
CA ASP A 507 -17.01 2.88 19.81
C ASP A 507 -18.30 3.68 19.83
N PRO A 508 -18.23 5.03 19.79
CA PRO A 508 -19.47 5.82 19.84
C PRO A 508 -20.36 5.61 18.63
N LYS A 509 -19.84 5.10 17.52
CA LYS A 509 -20.65 4.82 16.35
C LYS A 509 -21.40 3.49 16.45
N VAL A 510 -21.25 2.75 17.54
CA VAL A 510 -21.98 1.50 17.76
C VAL A 510 -23.07 1.78 18.79
N SER A 511 -24.33 1.58 18.40
CA SER A 511 -25.45 1.86 19.29
C SER A 511 -25.65 0.72 20.27
N ILE A 512 -26.40 1.02 21.34
CA ILE A 512 -26.72 0.00 22.34
C ILE A 512 -27.63 -1.06 21.74
N ASP A 513 -28.54 -0.66 20.87
CA ASP A 513 -29.37 -1.62 20.15
C ASP A 513 -28.51 -2.60 19.35
N GLU A 514 -27.42 -2.10 18.77
CA GLU A 514 -26.49 -2.99 18.08
C GLU A 514 -25.81 -3.94 19.07
N LEU A 515 -25.45 -3.42 20.25
CA LEU A 515 -24.72 -4.23 21.21
C LEU A 515 -25.61 -5.27 21.87
N ILE A 516 -26.92 -5.05 21.92
CA ILE A 516 -27.83 -6.00 22.55
C ILE A 516 -28.53 -6.87 21.51
N ALA A 517 -28.10 -6.79 20.25
CA ALA A 517 -28.62 -7.69 19.23
C ALA A 517 -28.40 -9.13 19.65
N ASP A 518 -29.43 -9.96 19.44
CA ASP A 518 -29.42 -11.36 19.81
C ASP A 518 -28.74 -12.20 18.74
N PRO A 519 -27.53 -12.68 18.98
CA PRO A 519 -26.85 -13.47 17.94
C PRO A 519 -27.62 -14.72 17.54
N VAL A 520 -28.38 -15.31 18.46
CA VAL A 520 -29.14 -16.53 18.13
C VAL A 520 -30.18 -16.23 17.07
N GLU A 521 -30.92 -15.14 17.24
CA GLU A 521 -31.94 -14.78 16.26
C GLU A 521 -31.35 -14.21 14.98
N VAL A 522 -30.19 -13.56 15.05
CA VAL A 522 -29.55 -13.06 13.84
C VAL A 522 -29.08 -14.23 12.98
N VAL A 523 -28.42 -15.22 13.59
CA VAL A 523 -27.99 -16.38 12.83
C VAL A 523 -29.21 -17.14 12.29
N ARG A 524 -30.25 -17.31 13.13
CA ARG A 524 -31.44 -18.05 12.70
C ARG A 524 -32.03 -17.46 11.43
N ALA A 525 -31.90 -16.16 11.23
CA ALA A 525 -32.55 -15.46 10.13
C ALA A 525 -31.65 -15.31 8.89
N MET A 526 -30.38 -15.68 8.97
CA MET A 526 -29.52 -15.52 7.81
C MET A 526 -29.95 -16.47 6.68
N PRO A 527 -29.65 -16.13 5.43
CA PRO A 527 -30.11 -16.99 4.32
C PRO A 527 -29.57 -18.40 4.40
N VAL A 528 -28.27 -18.54 4.65
CA VAL A 528 -27.64 -19.84 4.87
C VAL A 528 -27.15 -19.86 6.30
N VAL A 529 -27.80 -20.64 7.16
CA VAL A 529 -27.40 -20.69 8.56
C VAL A 529 -25.99 -21.30 8.64
N GLY A 530 -25.10 -20.60 9.33
CA GLY A 530 -23.77 -21.11 9.55
C GLY A 530 -22.79 -21.01 8.39
N ALA A 531 -23.07 -20.17 7.39
CA ALA A 531 -22.14 -20.02 6.28
C ALA A 531 -20.79 -19.50 6.76
N LYS A 532 -19.72 -20.02 6.14
CA LYS A 532 -18.36 -19.56 6.37
C LYS A 532 -18.26 -18.06 6.10
N HIS A 533 -17.36 -17.39 6.82
CA HIS A 533 -17.08 -16.00 6.52
C HIS A 533 -16.68 -15.84 5.06
N ASP A 534 -17.27 -14.84 4.39
CA ASP A 534 -16.99 -14.59 2.98
C ASP A 534 -15.51 -14.30 2.72
N ARG A 535 -14.84 -13.66 3.67
CA ARG A 535 -13.49 -13.17 3.44
C ARG A 535 -12.40 -14.10 3.99
N ILE A 536 -12.75 -15.31 4.40
CA ILE A 536 -11.76 -16.25 4.87
C ILE A 536 -11.78 -17.44 3.93
N ALA A 537 -10.64 -17.73 3.30
CA ALA A 537 -10.58 -18.83 2.36
C ALA A 537 -10.40 -20.14 3.09
N LEU A 538 -11.18 -21.15 2.69
CA LEU A 538 -10.84 -22.50 3.10
C LEU A 538 -9.44 -22.83 2.58
N PRO A 539 -8.70 -23.69 3.27
CA PRO A 539 -7.34 -23.98 2.81
C PRO A 539 -7.27 -24.44 1.36
N ALA A 540 -8.24 -25.23 0.89
CA ALA A 540 -8.25 -25.68 -0.49
C ALA A 540 -8.39 -24.52 -1.48
N GLU A 541 -8.89 -23.38 -1.04
CA GLU A 541 -9.20 -22.27 -1.94
C GLU A 541 -8.23 -21.11 -1.80
N LEU A 542 -7.06 -21.35 -1.20
CA LEU A 542 -6.08 -20.29 -0.96
C LEU A 542 -5.71 -19.56 -2.24
N PHE A 543 -5.69 -20.26 -3.38
CA PHE A 543 -5.28 -19.65 -4.62
C PHE A 543 -6.46 -19.34 -5.54
N GLY A 544 -7.68 -19.47 -5.03
CA GLY A 544 -8.83 -19.06 -5.81
C GLY A 544 -8.94 -19.83 -7.12
N ASP A 545 -9.19 -19.09 -8.20
CA ASP A 545 -9.43 -19.69 -9.50
C ASP A 545 -8.15 -20.16 -10.18
N ALA A 546 -6.98 -19.79 -9.66
CA ALA A 546 -5.72 -20.16 -10.31
C ALA A 546 -5.50 -21.66 -10.26
N ARG A 547 -5.67 -22.26 -9.09
CA ARG A 547 -5.46 -23.69 -8.95
C ARG A 547 -5.97 -24.12 -7.59
N THR A 548 -6.14 -25.42 -7.45
CA THR A 548 -6.61 -26.01 -6.20
C THR A 548 -5.41 -26.31 -5.32
N ASN A 549 -5.46 -25.82 -4.08
CA ASN A 549 -4.37 -26.09 -3.15
C ASN A 549 -4.32 -27.59 -2.85
N SER A 550 -3.11 -28.12 -2.67
CA SER A 550 -2.99 -29.48 -2.18
C SER A 550 -3.57 -29.58 -0.78
N ALA A 551 -4.03 -30.78 -0.42
CA ALA A 551 -4.57 -31.04 0.90
C ALA A 551 -3.57 -31.84 1.72
N GLY A 552 -3.45 -31.48 3.00
CA GLY A 552 -2.64 -32.22 3.93
C GLY A 552 -3.45 -33.20 4.74
N LEU A 553 -2.88 -33.62 5.88
CA LEU A 553 -3.52 -34.54 6.79
C LEU A 553 -3.29 -34.04 8.20
N ASP A 554 -4.31 -34.20 9.06
CA ASP A 554 -4.22 -33.68 10.43
C ASP A 554 -3.69 -34.79 11.32
N LEU A 555 -2.42 -34.71 11.69
CA LEU A 555 -1.83 -35.75 12.54
C LEU A 555 -2.18 -35.59 14.01
N SER A 556 -3.07 -34.66 14.32
CA SER A 556 -3.67 -34.59 15.64
C SER A 556 -5.05 -35.21 15.68
N ASN A 557 -5.55 -35.69 14.55
CA ASN A 557 -6.88 -36.25 14.46
C ASN A 557 -6.80 -37.77 14.59
N GLU A 558 -7.44 -38.32 15.63
CA GLU A 558 -7.32 -39.76 15.89
C GLU A 558 -7.89 -40.59 14.75
N GLU A 559 -8.94 -40.13 14.08
CA GLU A 559 -9.43 -40.86 12.92
C GLU A 559 -8.37 -40.89 11.82
N THR A 560 -7.75 -39.73 11.56
CA THR A 560 -6.69 -39.68 10.57
C THR A 560 -5.52 -40.58 10.96
N LEU A 561 -5.11 -40.54 12.23
CA LEU A 561 -4.00 -41.37 12.65
C LEU A 561 -4.33 -42.85 12.51
N ALA A 562 -5.58 -43.23 12.78
CA ALA A 562 -5.94 -44.64 12.71
C ALA A 562 -5.99 -45.12 11.26
N SER A 563 -6.57 -44.31 10.39
CA SER A 563 -6.59 -44.66 8.97
CA SER A 563 -6.59 -44.69 8.98
C SER A 563 -5.19 -44.65 8.38
N LEU A 564 -4.39 -43.65 8.75
CA LEU A 564 -3.02 -43.58 8.25
CA LEU A 564 -3.02 -43.57 8.26
C LEU A 564 -2.20 -44.77 8.73
N THR A 565 -2.39 -45.17 9.98
CA THR A 565 -1.68 -46.35 10.48
C THR A 565 -1.89 -47.54 9.55
N GLU A 566 -3.15 -47.76 9.15
CA GLU A 566 -3.45 -48.92 8.32
C GLU A 566 -2.89 -48.75 6.91
N ALA A 567 -3.01 -47.54 6.34
CA ALA A 567 -2.46 -47.31 5.02
C ALA A 567 -0.94 -47.43 5.02
N LEU A 568 -0.29 -46.93 6.07
CA LEU A 568 1.15 -47.03 6.15
C LEU A 568 1.59 -48.48 6.28
N ARG A 569 0.92 -49.26 7.14
CA ARG A 569 1.23 -50.68 7.24
C ARG A 569 1.05 -51.38 5.90
N GLU A 570 -0.05 -51.08 5.21
CA GLU A 570 -0.29 -51.69 3.90
C GLU A 570 0.80 -51.30 2.90
N SER A 571 1.28 -50.06 2.96
CA SER A 571 2.33 -49.64 2.04
C SER A 571 3.63 -50.42 2.28
N ALA A 572 3.89 -50.83 3.52
CA ALA A 572 5.10 -51.58 3.81
C ALA A 572 5.01 -53.02 3.36
N ALA A 573 3.81 -53.51 3.05
CA ALA A 573 3.61 -54.85 2.53
C ALA A 573 3.74 -54.91 1.01
N MET A 574 3.95 -53.78 0.36
CA MET A 574 3.96 -53.74 -1.10
C MET A 574 5.35 -54.04 -1.63
N LYS A 575 5.40 -54.70 -2.78
CA LYS A 575 6.65 -55.07 -3.42
C LYS A 575 7.09 -53.96 -4.37
N TRP A 576 7.52 -52.85 -3.76
CA TRP A 576 7.97 -51.69 -4.52
C TRP A 576 9.16 -52.03 -5.40
N THR A 577 9.10 -51.60 -6.65
CA THR A 577 10.23 -51.80 -7.56
C THR A 577 10.43 -50.55 -8.39
N ALA A 578 11.65 -50.42 -8.92
CA ALA A 578 11.98 -49.38 -9.87
C ALA A 578 12.79 -50.03 -10.98
N LEU A 579 12.39 -49.80 -12.21
CA LEU A 579 12.98 -50.44 -13.36
C LEU A 579 13.35 -49.37 -14.37
N PRO A 580 14.30 -49.65 -15.27
CA PRO A 580 14.50 -48.76 -16.42
C PRO A 580 13.29 -48.85 -17.33
N GLN A 581 12.47 -47.80 -17.33
CA GLN A 581 11.22 -47.79 -18.08
C GLN A 581 11.49 -47.02 -19.36
N LEU A 582 11.95 -47.73 -20.39
CA LEU A 582 12.21 -47.10 -21.67
C LEU A 582 10.90 -46.95 -22.44
N ALA A 583 10.96 -46.17 -23.53
CA ALA A 583 9.79 -45.99 -24.37
C ALA A 583 9.24 -47.32 -24.85
N THR A 584 10.13 -48.30 -25.04
CA THR A 584 9.78 -49.61 -25.58
C THR A 584 9.32 -50.60 -24.53
N GLY A 585 9.42 -50.25 -23.24
CA GLY A 585 9.06 -51.14 -22.17
C GLY A 585 10.15 -51.22 -21.11
N PRO A 586 9.91 -51.98 -20.05
CA PRO A 586 10.95 -52.15 -19.02
C PRO A 586 12.17 -52.82 -19.61
N ALA A 587 13.34 -52.43 -19.13
CA ALA A 587 14.60 -53.01 -19.60
C ALA A 587 15.25 -53.82 -18.49
N ALA A 588 16.07 -54.80 -18.89
CA ALA A 588 16.82 -55.58 -17.93
C ALA A 588 18.02 -54.81 -17.43
N GLY A 589 18.50 -55.19 -16.25
CA GLY A 589 19.68 -54.54 -15.70
C GLY A 589 20.06 -55.19 -14.39
N GLU A 590 21.07 -54.59 -13.75
CA GLU A 590 21.52 -55.05 -12.45
C GLU A 590 20.51 -54.66 -11.38
N THR A 591 20.02 -55.65 -10.62
CA THR A 591 18.98 -55.45 -9.63
C THR A 591 19.56 -55.56 -8.23
N ARG A 592 19.17 -54.62 -7.35
CA ARG A 592 19.59 -54.67 -5.96
C ARG A 592 18.44 -54.19 -5.08
N THR A 593 18.55 -54.48 -3.79
CA THR A 593 17.53 -54.05 -2.85
C THR A 593 17.72 -52.58 -2.47
N VAL A 594 16.62 -51.99 -2.03
CA VAL A 594 16.62 -50.64 -1.45
C VAL A 594 16.28 -50.79 0.03
N LEU A 595 17.15 -50.28 0.88
CA LEU A 595 17.01 -50.47 2.32
C LEU A 595 16.57 -49.19 3.00
N ASN A 596 15.80 -49.35 4.07
CA ASN A 596 15.37 -48.22 4.91
C ASN A 596 16.61 -47.63 5.57
N PRO A 597 16.90 -46.34 5.34
CA PRO A 597 18.10 -45.75 5.96
C PRO A 597 18.07 -45.76 7.47
N GLY A 598 16.89 -45.87 8.06
CA GLY A 598 16.80 -45.92 9.52
C GLY A 598 16.91 -47.30 10.11
N ASP A 599 16.98 -48.32 9.26
CA ASP A 599 17.05 -49.71 9.68
C ASP A 599 17.28 -50.56 8.45
N HIS A 600 18.54 -50.91 8.20
CA HIS A 600 18.91 -51.61 6.99
C HIS A 600 18.32 -53.01 6.91
N ARG A 601 17.80 -53.53 8.02
CA ARG A 601 17.09 -54.80 8.00
C ARG A 601 15.75 -54.69 7.28
N ASP A 602 15.22 -53.48 7.14
CA ASP A 602 13.92 -53.25 6.53
C ASP A 602 14.14 -53.04 5.05
N VAL A 603 13.81 -54.05 4.25
CA VAL A 603 13.95 -53.95 2.81
C VAL A 603 12.71 -53.28 2.26
N VAL A 604 12.89 -52.17 1.56
CA VAL A 604 11.74 -51.41 1.06
C VAL A 604 11.34 -51.85 -0.32
N GLY A 605 12.30 -52.22 -1.16
CA GLY A 605 11.98 -52.69 -2.48
C GLY A 605 13.24 -53.06 -3.24
N SER A 606 13.09 -53.12 -4.56
CA SER A 606 14.19 -53.53 -5.43
C SER A 606 14.27 -52.56 -6.59
N VAL A 607 15.48 -52.21 -6.99
CA VAL A 607 15.70 -51.34 -8.12
C VAL A 607 16.54 -52.07 -9.15
N THR A 608 16.09 -51.99 -10.40
CA THR A 608 16.88 -52.47 -11.53
C THR A 608 17.47 -51.22 -12.19
N GLU A 609 18.80 -51.17 -12.25
CA GLU A 609 19.48 -49.96 -12.68
C GLU A 609 19.80 -50.02 -14.16
N THR A 610 19.90 -48.85 -14.77
CA THR A 610 20.01 -48.71 -16.22
C THR A 610 21.45 -48.86 -16.65
N SER A 611 21.67 -49.65 -17.71
CA SER A 611 22.98 -49.69 -18.34
C SER A 611 23.24 -48.39 -19.09
N GLU A 612 24.53 -48.07 -19.26
CA GLU A 612 24.88 -46.88 -20.03
C GLU A 612 24.36 -46.99 -21.46
N GLU A 613 24.39 -48.20 -22.03
CA GLU A 613 23.84 -48.40 -23.36
C GLU A 613 22.37 -48.03 -23.40
N ASP A 614 21.59 -48.48 -22.41
CA ASP A 614 20.17 -48.20 -22.42
C ASP A 614 19.86 -46.74 -22.13
N ALA A 615 20.69 -46.07 -21.33
CA ALA A 615 20.50 -44.64 -21.13
C ALA A 615 20.65 -43.89 -22.44
N ARG A 616 21.68 -44.22 -23.23
CA ARG A 616 21.84 -43.59 -24.53
C ARG A 616 20.71 -43.97 -25.48
N ARG A 617 20.25 -45.23 -25.43
CA ARG A 617 19.10 -45.61 -26.24
C ARG A 617 17.86 -44.82 -25.84
N ALA A 618 17.69 -44.56 -24.54
CA ALA A 618 16.50 -43.84 -24.08
C ALA A 618 16.46 -42.42 -24.65
N VAL A 619 17.62 -41.75 -24.71
CA VAL A 619 17.65 -40.41 -25.30
C VAL A 619 17.24 -40.46 -26.76
N ARG A 620 17.76 -41.44 -27.51
CA ARG A 620 17.39 -41.55 -28.92
C ARG A 620 15.89 -41.81 -29.07
N LEU A 621 15.31 -42.63 -28.19
CA LEU A 621 13.87 -42.86 -28.24
C LEU A 621 13.09 -41.59 -27.89
N ALA A 622 13.59 -40.83 -26.91
CA ALA A 622 12.95 -39.55 -26.57
C ALA A 622 13.00 -38.59 -27.75
N ALA A 623 14.14 -38.56 -28.45
CA ALA A 623 14.26 -37.70 -29.62
C ALA A 623 13.27 -38.11 -30.70
N ASP A 624 13.12 -39.41 -30.94
CA ASP A 624 12.18 -39.89 -31.95
C ASP A 624 10.75 -39.51 -31.58
N ALA A 625 10.43 -39.54 -30.29
CA ALA A 625 9.09 -39.24 -29.79
C ALA A 625 8.85 -37.75 -29.59
N ALA A 626 9.86 -36.90 -29.74
CA ALA A 626 9.70 -35.49 -29.41
C ALA A 626 8.60 -34.81 -30.23
N PRO A 627 8.51 -34.99 -31.56
CA PRO A 627 7.41 -34.34 -32.30
C PRO A 627 6.04 -34.74 -31.80
N ASP A 628 5.82 -36.02 -31.49
CA ASP A 628 4.49 -36.46 -31.09
C ASP A 628 4.08 -35.83 -29.78
N TRP A 629 5.01 -35.66 -28.85
CA TRP A 629 4.66 -35.07 -27.57
C TRP A 629 4.50 -33.56 -27.69
N ALA A 630 5.36 -32.91 -28.47
CA ALA A 630 5.21 -31.47 -28.69
C ALA A 630 3.88 -31.15 -29.34
N ALA A 631 3.33 -32.10 -30.12
CA ALA A 631 2.08 -31.87 -30.83
C ALA A 631 0.86 -32.01 -29.94
N VAL A 632 1.00 -32.57 -28.74
CA VAL A 632 -0.09 -32.57 -27.78
C VAL A 632 -0.27 -31.14 -27.34
N PRO A 633 -1.45 -30.54 -27.50
CA PRO A 633 -1.61 -29.12 -27.19
C PRO A 633 -1.27 -28.84 -25.74
N PRO A 634 -0.74 -27.64 -25.45
CA PRO A 634 -0.33 -27.34 -24.07
C PRO A 634 -1.43 -27.57 -23.06
N SER A 635 -2.67 -27.20 -23.38
CA SER A 635 -3.77 -27.38 -22.45
C SER A 635 -3.97 -28.85 -22.09
N GLU A 636 -3.78 -29.75 -23.05
CA GLU A 636 -3.93 -31.17 -22.78
C GLU A 636 -2.73 -31.71 -21.99
N ARG A 637 -1.52 -31.22 -22.28
CA ARG A 637 -0.39 -31.58 -21.43
C ARG A 637 -0.63 -31.14 -20.00
N ALA A 638 -1.13 -29.92 -19.82
CA ALA A 638 -1.46 -29.43 -18.48
C ALA A 638 -2.52 -30.29 -17.83
N ALA A 639 -3.49 -30.78 -18.62
CA ALA A 639 -4.51 -31.66 -18.06
C ALA A 639 -3.91 -32.97 -17.55
N CYS A 640 -2.86 -33.47 -18.21
CA CYS A 640 -2.15 -34.62 -17.67
C CYS A 640 -1.57 -34.30 -16.30
N LEU A 641 -0.95 -33.13 -16.16
CA LEU A 641 -0.38 -32.76 -14.86
C LEU A 641 -1.47 -32.66 -13.81
N ASP A 642 -2.62 -32.06 -14.15
CA ASP A 642 -3.68 -31.95 -13.17
C ASP A 642 -4.22 -33.33 -12.79
N ARG A 643 -4.33 -34.24 -13.76
CA ARG A 643 -4.76 -35.60 -13.43
C ARG A 643 -3.74 -36.29 -12.53
N ALA A 644 -2.45 -36.08 -12.80
CA ALA A 644 -1.43 -36.67 -11.94
C ALA A 644 -1.52 -36.11 -10.53
N ALA A 645 -1.86 -34.83 -10.40
CA ALA A 645 -1.99 -34.25 -9.07
C ALA A 645 -3.14 -34.87 -8.31
N GLU A 646 -4.26 -35.10 -8.99
CA GLU A 646 -5.37 -35.79 -8.35
C GLU A 646 -4.97 -37.18 -7.91
N LEU A 647 -4.23 -37.90 -8.75
CA LEU A 647 -3.82 -39.25 -8.39
C LEU A 647 -2.89 -39.23 -7.19
N MET A 648 -1.97 -38.25 -7.14
CA MET A 648 -1.07 -38.18 -6.00
C MET A 648 -1.81 -37.83 -4.74
N GLN A 649 -2.79 -36.92 -4.83
CA GLN A 649 -3.59 -36.57 -3.67
C GLN A 649 -4.33 -37.79 -3.13
N ALA A 650 -4.95 -38.56 -4.01
CA ALA A 650 -5.69 -39.74 -3.58
C ALA A 650 -4.76 -40.80 -3.01
N ARG A 651 -3.56 -40.90 -3.54
CA ARG A 651 -2.60 -41.91 -3.13
C ARG A 651 -1.70 -41.44 -2.01
N MET A 652 -1.91 -40.23 -1.47
CA MET A 652 -0.97 -39.66 -0.51
C MET A 652 -0.63 -40.60 0.64
N PRO A 653 -1.58 -41.28 1.29
CA PRO A 653 -1.19 -42.13 2.43
C PRO A 653 -0.18 -43.21 2.04
N THR A 654 -0.40 -43.87 0.89
CA THR A 654 0.55 -44.87 0.43
C THR A 654 1.88 -44.24 0.07
N LEU A 655 1.86 -43.09 -0.64
CA LEU A 655 3.10 -42.39 -0.95
C LEU A 655 3.85 -42.00 0.33
N LEU A 656 3.13 -41.55 1.36
CA LEU A 656 3.79 -41.22 2.63
C LEU A 656 4.60 -42.40 3.13
N GLY A 657 3.97 -43.58 3.15
CA GLY A 657 4.65 -44.74 3.67
C GLY A 657 5.93 -45.04 2.92
N LEU A 658 5.91 -44.89 1.60
CA LEU A 658 7.11 -45.17 0.83
C LEU A 658 8.18 -44.14 1.12
N ILE A 659 7.82 -42.86 1.15
CA ILE A 659 8.79 -41.81 1.43
C ILE A 659 9.38 -41.99 2.83
N ILE A 660 8.54 -42.35 3.81
CA ILE A 660 9.02 -42.55 5.17
C ILE A 660 10.09 -43.63 5.20
N ARG A 661 9.84 -44.75 4.53
CA ARG A 661 10.73 -45.90 4.64
C ARG A 661 11.91 -45.80 3.68
N GLU A 662 11.70 -45.25 2.49
CA GLU A 662 12.80 -45.22 1.52
C GLU A 662 13.76 -44.06 1.79
N ALA A 663 13.22 -42.90 2.17
CA ALA A 663 14.02 -41.69 2.26
C ALA A 663 14.31 -41.27 3.68
N GLY A 664 13.81 -42.01 4.67
CA GLY A 664 14.10 -41.67 6.05
C GLY A 664 13.36 -40.45 6.57
N LYS A 665 12.20 -40.14 6.00
CA LYS A 665 11.45 -38.95 6.38
C LYS A 665 10.40 -39.25 7.42
N SER A 666 10.11 -38.25 8.24
CA SER A 666 8.99 -38.32 9.15
C SER A 666 7.67 -38.20 8.38
N ALA A 667 6.59 -38.63 9.02
CA ALA A 667 5.27 -38.52 8.40
C ALA A 667 4.93 -37.08 8.05
N LEU A 668 5.17 -36.16 8.99
CA LEU A 668 4.94 -34.73 8.75
C LEU A 668 5.66 -34.27 7.50
N ASN A 669 6.95 -34.61 7.39
CA ASN A 669 7.73 -34.18 6.23
C ASN A 669 7.30 -34.89 4.95
N ALA A 670 6.86 -36.15 5.05
CA ALA A 670 6.38 -36.85 3.87
C ALA A 670 5.09 -36.24 3.35
N ILE A 671 4.20 -35.82 4.26
CA ILE A 671 2.98 -35.14 3.84
C ILE A 671 3.33 -33.89 3.04
N ALA A 672 4.23 -33.07 3.58
CA ALA A 672 4.59 -31.84 2.91
C ALA A 672 5.27 -32.12 1.58
N GLU A 673 6.04 -33.20 1.51
CA GLU A 673 6.68 -33.60 0.26
CA GLU A 673 6.68 -33.56 0.25
C GLU A 673 5.64 -33.95 -0.81
N VAL A 674 4.65 -34.75 -0.45
CA VAL A 674 3.63 -35.10 -1.43
C VAL A 674 2.82 -33.88 -1.81
N ARG A 675 2.50 -33.02 -0.82
CA ARG A 675 1.81 -31.77 -1.13
C ARG A 675 2.60 -30.95 -2.13
N GLU A 676 3.92 -30.85 -1.94
CA GLU A 676 4.74 -30.07 -2.85
C GLU A 676 4.69 -30.64 -4.27
N ALA A 677 4.71 -31.96 -4.39
CA ALA A 677 4.63 -32.56 -5.72
C ALA A 677 3.29 -32.23 -6.36
N ILE A 678 2.21 -32.31 -5.60
CA ILE A 678 0.88 -31.97 -6.10
C ILE A 678 0.86 -30.51 -6.52
N ASP A 679 1.46 -29.64 -5.70
CA ASP A 679 1.47 -28.21 -6.00
C ASP A 679 2.29 -27.91 -7.25
N PHE A 680 3.46 -28.55 -7.41
CA PHE A 680 4.22 -28.41 -8.65
C PHE A 680 3.38 -28.75 -9.86
N LEU A 681 2.73 -29.92 -9.83
CA LEU A 681 1.93 -30.35 -10.96
C LEU A 681 0.86 -29.31 -11.28
N ARG A 682 0.13 -28.85 -10.27
CA ARG A 682 -0.97 -27.93 -10.52
C ARG A 682 -0.46 -26.54 -10.88
N TYR A 683 0.65 -26.12 -10.27
CA TYR A 683 1.22 -24.81 -10.59
C TYR A 683 1.71 -24.76 -12.04
N TYR A 684 2.53 -25.74 -12.43
CA TYR A 684 3.03 -25.72 -13.81
C TYR A 684 1.92 -25.93 -14.81
N ALA A 685 0.87 -26.69 -14.44
CA ALA A 685 -0.29 -26.80 -15.31
C ALA A 685 -0.93 -25.45 -15.53
N GLU A 686 -1.16 -24.70 -14.45
CA GLU A 686 -1.80 -23.39 -14.58
C GLU A 686 -0.89 -22.41 -15.32
N GLN A 687 0.41 -22.44 -15.02
CA GLN A 687 1.33 -21.54 -15.71
C GLN A 687 1.34 -21.84 -17.20
N THR A 688 1.23 -23.12 -17.56
CA THR A 688 1.12 -23.48 -18.97
C THR A 688 -0.13 -22.89 -19.59
N ARG A 689 -1.27 -23.06 -18.92
CA ARG A 689 -2.53 -22.55 -19.45
C ARG A 689 -2.48 -21.04 -19.60
N ARG A 690 -1.67 -20.37 -18.79
CA ARG A 690 -1.52 -18.93 -18.90
C ARG A 690 -0.58 -18.49 -20.02
N THR A 691 0.30 -19.36 -20.51
CA THR A 691 1.38 -18.84 -21.33
C THR A 691 1.61 -19.53 -22.67
N LEU A 692 1.66 -20.86 -22.70
CA LEU A 692 2.31 -21.53 -23.82
C LEU A 692 1.45 -21.56 -25.06
N GLY A 693 2.05 -21.20 -26.18
CA GLY A 693 1.40 -21.17 -27.46
C GLY A 693 2.28 -21.80 -28.51
N PRO A 694 1.84 -21.74 -29.77
CA PRO A 694 2.57 -22.46 -30.83
C PRO A 694 3.99 -21.97 -31.05
N GLY A 695 4.28 -20.70 -30.78
CA GLY A 695 5.61 -20.18 -30.98
C GLY A 695 6.60 -20.47 -29.88
N HIS A 696 6.17 -21.11 -28.79
CA HIS A 696 7.06 -21.45 -27.68
C HIS A 696 7.41 -22.93 -27.84
N GLY A 697 8.29 -23.19 -28.80
CA GLY A 697 8.61 -24.55 -29.15
C GLY A 697 9.45 -25.23 -28.08
N PRO A 698 9.24 -26.52 -27.89
CA PRO A 698 10.04 -27.25 -26.90
C PRO A 698 11.52 -27.28 -27.27
N LEU A 699 12.37 -27.44 -26.25
CA LEU A 699 13.78 -27.67 -26.49
C LEU A 699 14.01 -29.01 -27.17
N GLY A 700 13.31 -30.05 -26.71
CA GLY A 700 13.63 -31.40 -27.10
C GLY A 700 13.82 -32.26 -25.88
N PRO A 701 14.48 -33.41 -26.01
CA PRO A 701 14.66 -34.29 -24.85
C PRO A 701 15.37 -33.56 -23.72
N ILE A 702 14.78 -33.62 -22.52
CA ILE A 702 15.34 -32.98 -21.35
CA ILE A 702 15.32 -32.98 -21.34
C ILE A 702 15.71 -34.06 -20.35
N VAL A 703 16.93 -33.99 -19.83
CA VAL A 703 17.40 -34.90 -18.80
C VAL A 703 17.12 -34.26 -17.45
N CYS A 704 16.30 -34.92 -16.64
CA CYS A 704 15.95 -34.44 -15.32
C CYS A 704 16.66 -35.30 -14.29
N ILE A 705 17.59 -34.70 -13.55
CA ILE A 705 18.38 -35.37 -12.55
C ILE A 705 17.98 -34.80 -11.19
N SER A 706 17.52 -35.67 -10.29
CA SER A 706 16.89 -35.23 -9.07
C SER A 706 17.62 -35.79 -7.85
N PRO A 707 17.49 -35.12 -6.70
CA PRO A 707 18.23 -35.49 -5.50
C PRO A 707 17.45 -36.50 -4.65
N TRP A 708 18.14 -37.06 -3.66
CA TRP A 708 17.49 -38.04 -2.79
C TRP A 708 16.71 -37.38 -1.67
N ASN A 709 16.95 -36.10 -1.38
CA ASN A 709 16.39 -35.53 -0.16
C ASN A 709 14.97 -35.04 -0.35
N PHE A 710 14.55 -34.73 -1.57
CA PHE A 710 13.16 -34.48 -1.90
C PHE A 710 12.81 -35.42 -3.03
N PRO A 711 12.72 -36.72 -2.75
CA PRO A 711 12.71 -37.72 -3.82
C PRO A 711 11.41 -37.81 -4.59
N LEU A 712 10.33 -37.20 -4.12
CA LEU A 712 9.12 -37.08 -4.91
C LEU A 712 8.88 -35.65 -5.40
N ALA A 713 9.10 -34.67 -4.55
CA ALA A 713 8.68 -33.31 -4.90
C ALA A 713 9.57 -32.71 -5.98
N ILE A 714 10.88 -32.68 -5.76
CA ILE A 714 11.75 -32.09 -6.77
C ILE A 714 11.79 -32.96 -8.02
N PHE A 715 11.80 -34.28 -7.84
CA PHE A 715 11.64 -35.20 -8.96
C PHE A 715 10.42 -34.82 -9.81
N THR A 716 9.26 -34.69 -9.17
CA THR A 716 8.04 -34.39 -9.90
C THR A 716 8.10 -33.00 -10.52
N GLY A 717 8.60 -32.02 -9.76
CA GLY A 717 8.62 -30.65 -10.26
C GLY A 717 9.38 -30.52 -11.56
N GLN A 718 10.60 -31.06 -11.60
CA GLN A 718 11.43 -30.90 -12.80
C GLN A 718 10.77 -31.59 -13.98
N ILE A 719 10.34 -32.83 -13.78
CA ILE A 719 9.76 -33.61 -14.86
C ILE A 719 8.47 -32.97 -15.35
N ALA A 720 7.63 -32.52 -14.43
CA ALA A 720 6.34 -31.95 -14.81
C ALA A 720 6.54 -30.69 -15.63
N ALA A 721 7.43 -29.81 -15.18
CA ALA A 721 7.73 -28.60 -15.95
C ALA A 721 8.20 -28.95 -17.36
N ALA A 722 9.20 -29.84 -17.47
CA ALA A 722 9.74 -30.16 -18.78
C ALA A 722 8.67 -30.78 -19.67
N LEU A 723 7.89 -31.71 -19.12
CA LEU A 723 6.84 -32.36 -19.91
C LEU A 723 5.80 -31.36 -20.38
N VAL A 724 5.36 -30.48 -19.48
CA VAL A 724 4.24 -29.62 -19.85
C VAL A 724 4.70 -28.56 -20.83
N ALA A 725 5.99 -28.22 -20.85
CA ALA A 725 6.55 -27.34 -21.85
C ALA A 725 6.72 -28.03 -23.20
N GLY A 726 6.32 -29.30 -23.32
CA GLY A 726 6.36 -30.00 -24.60
C GLY A 726 7.59 -30.84 -24.84
N ASN A 727 8.40 -31.08 -23.83
CA ASN A 727 9.65 -31.83 -23.96
C ASN A 727 9.47 -33.25 -23.45
N PRO A 728 9.93 -34.24 -24.19
CA PRO A 728 10.02 -35.59 -23.62
C PRO A 728 11.15 -35.62 -22.60
N VAL A 729 10.97 -36.45 -21.58
CA VAL A 729 11.84 -36.42 -20.40
C VAL A 729 12.53 -37.76 -20.19
N LEU A 730 13.80 -37.68 -19.83
CA LEU A 730 14.56 -38.80 -19.30
C LEU A 730 14.75 -38.49 -17.82
N ALA A 731 14.10 -39.28 -16.97
CA ALA A 731 14.09 -39.02 -15.52
C ALA A 731 15.15 -39.90 -14.87
N LYS A 732 16.18 -39.27 -14.31
CA LYS A 732 17.23 -40.01 -13.62
C LYS A 732 17.13 -39.70 -12.13
N PRO A 733 16.48 -40.55 -11.34
CA PRO A 733 16.36 -40.28 -9.91
C PRO A 733 17.66 -40.59 -9.19
N ALA A 734 17.80 -39.99 -8.01
CA ALA A 734 18.92 -40.33 -7.14
C ALA A 734 19.02 -41.82 -6.93
N GLU A 735 20.26 -42.32 -6.92
CA GLU A 735 20.46 -43.75 -6.69
C GLU A 735 19.87 -44.21 -5.37
N GLU A 736 19.80 -43.31 -4.38
CA GLU A 736 19.31 -43.71 -3.07
C GLU A 736 17.80 -43.90 -3.02
N THR A 737 17.04 -43.21 -3.88
CA THR A 737 15.58 -43.15 -3.75
C THR A 737 14.86 -43.39 -5.07
N PRO A 738 15.08 -44.56 -5.71
CA PRO A 738 14.41 -44.81 -6.99
C PRO A 738 12.97 -45.26 -6.89
N LEU A 739 12.54 -45.80 -5.74
CA LEU A 739 11.21 -46.40 -5.66
C LEU A 739 10.11 -45.35 -5.76
N ILE A 740 10.24 -44.28 -4.98
CA ILE A 740 9.21 -43.24 -5.04
C ILE A 740 9.25 -42.55 -6.41
N ALA A 741 10.42 -42.50 -7.03
CA ALA A 741 10.51 -41.97 -8.38
C ALA A 741 9.75 -42.85 -9.36
N ALA A 742 9.92 -44.16 -9.26
CA ALA A 742 9.20 -45.07 -10.14
C ALA A 742 7.70 -44.93 -9.95
N GLU A 743 7.27 -44.72 -8.71
CA GLU A 743 5.85 -44.58 -8.44
C GLU A 743 5.34 -43.26 -9.00
N GLY A 744 6.16 -42.20 -8.93
CA GLY A 744 5.79 -40.94 -9.56
C GLY A 744 5.64 -41.07 -11.06
N VAL A 745 6.57 -41.78 -11.70
CA VAL A 745 6.47 -41.99 -13.15
C VAL A 745 5.24 -42.84 -13.48
N ARG A 746 4.98 -43.87 -12.68
CA ARG A 746 3.77 -44.66 -12.89
C ARG A 746 2.52 -43.79 -12.84
N ILE A 747 2.46 -42.88 -11.87
CA ILE A 747 1.32 -41.98 -11.73
C ILE A 747 1.22 -41.03 -12.92
N LEU A 748 2.35 -40.43 -13.32
CA LEU A 748 2.32 -39.53 -14.48
C LEU A 748 1.89 -40.25 -15.74
N ARG A 749 2.35 -41.49 -15.92
CA ARG A 749 1.91 -42.26 -17.07
C ARG A 749 0.44 -42.62 -16.96
N GLU A 750 -0.04 -42.96 -15.76
CA GLU A 750 -1.47 -43.22 -15.59
C GLU A 750 -2.27 -41.97 -15.94
N ALA A 751 -1.75 -40.80 -15.60
CA ALA A 751 -2.43 -39.54 -15.87
C ALA A 751 -2.44 -39.19 -17.35
N GLY A 752 -1.73 -39.96 -18.18
CA GLY A 752 -1.76 -39.75 -19.62
C GLY A 752 -0.44 -39.38 -20.25
N ILE A 753 0.64 -39.21 -19.51
CA ILE A 753 1.93 -38.95 -20.14
C ILE A 753 2.33 -40.21 -20.89
N PRO A 754 2.58 -40.13 -22.20
CA PRO A 754 2.96 -41.33 -22.94
C PRO A 754 4.30 -41.87 -22.47
N ALA A 755 4.46 -43.20 -22.58
CA ALA A 755 5.71 -43.84 -22.20
C ALA A 755 6.89 -43.26 -22.97
N SER A 756 6.68 -42.84 -24.21
CA SER A 756 7.78 -42.29 -24.97
C SER A 756 8.16 -40.89 -24.48
N ALA A 757 7.26 -40.20 -23.80
CA ALA A 757 7.53 -38.86 -23.30
C ALA A 757 8.14 -38.84 -21.91
N LEU A 758 8.05 -39.95 -21.18
CA LEU A 758 8.57 -40.01 -19.81
C LEU A 758 9.20 -41.37 -19.59
N GLN A 759 10.52 -41.41 -19.62
CA GLN A 759 11.28 -42.63 -19.39
C GLN A 759 12.04 -42.52 -18.08
N LEU A 760 12.00 -43.57 -17.29
CA LEU A 760 12.66 -43.61 -15.99
C LEU A 760 13.94 -44.42 -16.12
N LEU A 761 15.06 -43.84 -15.71
CA LEU A 761 16.37 -44.49 -15.82
C LEU A 761 17.04 -44.50 -14.44
N PRO A 762 16.73 -45.48 -13.61
CA PRO A 762 17.38 -45.55 -12.30
C PRO A 762 18.86 -45.87 -12.44
N GLY A 763 19.63 -45.42 -11.46
CA GLY A 763 21.05 -45.71 -11.42
C GLY A 763 21.81 -44.57 -10.78
N ASP A 764 23.13 -44.68 -10.82
CA ASP A 764 24.02 -43.75 -10.15
C ASP A 764 24.37 -42.59 -11.10
N GLY A 765 25.44 -41.86 -10.80
CA GLY A 765 25.85 -40.74 -11.62
C GLY A 765 26.32 -41.13 -13.02
N ARG A 766 26.70 -42.40 -13.21
CA ARG A 766 27.09 -42.86 -14.53
C ARG A 766 25.91 -42.82 -15.50
N VAL A 767 24.71 -43.18 -15.01
CA VAL A 767 23.51 -43.04 -15.83
C VAL A 767 23.24 -41.57 -16.11
N GLY A 768 23.36 -40.74 -15.08
CA GLY A 768 23.16 -39.32 -15.27
C GLY A 768 24.12 -38.74 -16.30
N ALA A 769 25.40 -39.10 -16.20
CA ALA A 769 26.40 -38.55 -17.11
C ALA A 769 26.17 -39.03 -18.54
N ALA A 770 25.82 -40.30 -18.71
CA ALA A 770 25.54 -40.81 -20.05
C ALA A 770 24.39 -40.05 -20.68
N LEU A 771 23.38 -39.71 -19.87
CA LEU A 771 22.25 -38.94 -20.37
C LEU A 771 22.67 -37.53 -20.76
N VAL A 772 23.45 -36.88 -19.88
CA VAL A 772 23.88 -35.51 -20.13
C VAL A 772 24.71 -35.44 -21.40
N ALA A 773 25.53 -36.45 -21.65
CA ALA A 773 26.43 -36.43 -22.79
C ALA A 773 25.78 -36.84 -24.11
N ALA A 774 24.57 -37.36 -24.07
CA ALA A 774 23.95 -37.88 -25.29
C ALA A 774 23.64 -36.74 -26.25
N ALA A 775 23.93 -36.95 -27.54
CA ALA A 775 23.89 -35.85 -28.49
C ALA A 775 22.50 -35.24 -28.62
N GLU A 776 21.45 -36.03 -28.41
CA GLU A 776 20.09 -35.51 -28.57
C GLU A 776 19.56 -34.83 -27.32
N THR A 777 20.31 -34.83 -26.23
CA THR A 777 19.88 -34.15 -25.02
C THR A 777 19.84 -32.65 -25.25
N ALA A 778 18.67 -32.05 -25.11
CA ALA A 778 18.44 -30.67 -25.49
C ALA A 778 18.43 -29.73 -24.31
N GLY A 779 18.47 -30.25 -23.10
CA GLY A 779 18.45 -29.44 -21.90
C GLY A 779 18.58 -30.34 -20.69
N VAL A 780 19.09 -29.80 -19.60
CA VAL A 780 19.31 -30.56 -18.38
C VAL A 780 18.73 -29.77 -17.22
N MET A 781 17.93 -30.45 -16.40
CA MET A 781 17.44 -29.91 -15.14
C MET A 781 18.11 -30.72 -14.04
N PHE A 782 18.96 -30.06 -13.27
CA PHE A 782 19.71 -30.72 -12.21
C PHE A 782 19.41 -30.06 -10.88
N THR A 783 19.14 -30.88 -9.89
CA THR A 783 19.10 -30.43 -8.50
C THR A 783 19.97 -31.38 -7.71
N GLY A 784 20.94 -30.83 -7.00
CA GLY A 784 21.93 -31.65 -6.32
C GLY A 784 23.10 -30.79 -5.86
N SER A 785 24.22 -31.45 -5.64
CA SER A 785 25.37 -30.74 -5.09
C SER A 785 26.00 -29.80 -6.13
N THR A 786 26.59 -28.71 -5.64
CA THR A 786 27.29 -27.78 -6.53
C THR A 786 28.42 -28.45 -7.29
N GLU A 787 29.11 -29.40 -6.64
CA GLU A 787 30.24 -30.08 -7.30
C GLU A 787 29.77 -30.92 -8.49
N VAL A 788 28.64 -31.60 -8.34
CA VAL A 788 28.16 -32.42 -9.46
C VAL A 788 27.61 -31.52 -10.56
N ALA A 789 26.92 -30.45 -10.19
CA ALA A 789 26.46 -29.49 -11.20
C ALA A 789 27.64 -28.96 -12.01
N ARG A 790 28.77 -28.72 -11.35
CA ARG A 790 29.92 -28.20 -12.07
C ARG A 790 30.45 -29.22 -13.07
N LEU A 791 30.38 -30.51 -12.72
CA LEU A 791 30.76 -31.55 -13.67
C LEU A 791 29.79 -31.60 -14.84
N ILE A 792 28.50 -31.44 -14.58
CA ILE A 792 27.54 -31.41 -15.69
C ILE A 792 27.78 -30.20 -16.58
N GLN A 793 28.00 -29.04 -15.96
CA GLN A 793 28.33 -27.82 -16.71
C GLN A 793 29.50 -28.04 -17.65
N ALA A 794 30.55 -28.69 -17.16
CA ALA A 794 31.72 -28.93 -18.01
C ALA A 794 31.38 -29.85 -19.18
N GLN A 795 30.57 -30.89 -18.92
CA GLN A 795 30.17 -31.78 -20.00
C GLN A 795 29.33 -31.04 -21.04
N LEU A 796 28.40 -30.20 -20.58
CA LEU A 796 27.52 -29.51 -21.53
C LEU A 796 28.27 -28.47 -22.35
N ALA A 797 29.36 -27.92 -21.82
CA ALA A 797 30.09 -26.90 -22.56
C ALA A 797 30.72 -27.46 -23.82
N ASP A 798 30.89 -28.79 -23.89
CA ASP A 798 31.36 -29.43 -25.10
C ASP A 798 30.35 -29.39 -26.23
N ARG A 799 29.08 -29.13 -25.92
CA ARG A 799 28.00 -29.38 -26.85
C ARG A 799 27.27 -28.10 -27.24
N LEU A 800 26.70 -28.13 -28.44
CA LEU A 800 25.79 -27.11 -28.92
C LEU A 800 24.54 -27.81 -29.43
N SER A 801 23.43 -27.08 -29.40
CA SER A 801 22.19 -27.53 -30.02
C SER A 801 22.38 -27.63 -31.53
N PRO A 802 21.47 -28.28 -32.27
CA PRO A 802 21.58 -28.27 -33.74
C PRO A 802 21.61 -26.87 -34.32
N ALA A 803 20.96 -25.91 -33.66
CA ALA A 803 21.05 -24.51 -34.05
C ALA A 803 22.37 -23.87 -33.67
N GLY A 804 23.22 -24.56 -32.92
CA GLY A 804 24.52 -24.01 -32.54
C GLY A 804 24.50 -23.10 -31.34
N ARG A 805 23.66 -23.39 -30.35
CA ARG A 805 23.53 -22.58 -29.15
C ARG A 805 23.72 -23.46 -27.92
N PRO A 806 24.06 -22.86 -26.76
CA PRO A 806 24.33 -23.68 -25.57
C PRO A 806 23.10 -24.46 -25.14
N ILE A 807 23.36 -25.66 -24.61
CA ILE A 807 22.31 -26.52 -24.07
C ILE A 807 21.90 -25.93 -22.72
N PRO A 808 20.65 -25.54 -22.54
CA PRO A 808 20.23 -24.92 -21.27
C PRO A 808 20.42 -25.88 -20.10
N LEU A 809 20.95 -25.35 -19.00
CA LEU A 809 21.11 -26.08 -17.76
C LEU A 809 20.44 -25.29 -16.63
N ILE A 810 19.49 -25.91 -15.96
CA ILE A 810 18.96 -25.37 -14.71
C ILE A 810 19.60 -26.19 -13.61
N ALA A 811 20.40 -25.54 -12.78
CA ALA A 811 21.20 -26.25 -11.78
C ALA A 811 20.93 -25.59 -10.43
N GLU A 812 20.20 -26.30 -9.59
CA GLU A 812 19.83 -25.77 -8.28
C GLU A 812 20.61 -26.56 -7.25
N THR A 813 21.47 -25.86 -6.51
CA THR A 813 22.53 -26.51 -5.76
C THR A 813 22.44 -26.07 -4.30
N GLY A 814 23.56 -26.19 -3.59
CA GLY A 814 23.50 -26.14 -2.14
C GLY A 814 23.37 -24.74 -1.58
N GLY A 815 23.36 -24.67 -0.25
CA GLY A 815 23.35 -23.39 0.42
C GLY A 815 24.20 -23.48 1.68
N GLN A 816 24.57 -22.30 2.17
CA GLN A 816 25.22 -22.16 3.46
C GLN A 816 24.37 -21.18 4.25
N ASN A 817 23.16 -21.62 4.56
CA ASN A 817 22.08 -20.70 4.88
C ASN A 817 22.22 -20.19 6.31
N ALA A 818 22.04 -18.89 6.47
CA ALA A 818 22.21 -18.23 7.74
C ALA A 818 20.88 -17.70 8.24
N MET A 819 20.80 -17.54 9.56
CA MET A 819 19.73 -16.78 10.19
C MET A 819 20.38 -15.80 11.14
N ILE A 820 19.96 -14.54 11.07
CA ILE A 820 20.44 -13.49 11.96
C ILE A 820 19.35 -13.17 12.95
N VAL A 821 19.71 -13.13 14.23
CA VAL A 821 18.77 -12.92 15.32
C VAL A 821 19.28 -11.76 16.14
N ASP A 822 18.46 -10.74 16.32
CA ASP A 822 18.91 -9.62 17.15
C ASP A 822 18.20 -9.66 18.49
N SER A 823 18.53 -8.70 19.35
CA SER A 823 18.03 -8.70 20.72
C SER A 823 16.56 -8.34 20.82
N SER A 824 15.90 -7.98 19.73
CA SER A 824 14.46 -7.71 19.77
C SER A 824 13.63 -8.95 19.50
N ALA A 825 14.24 -10.04 19.05
CA ALA A 825 13.49 -11.26 18.74
C ALA A 825 13.05 -11.96 20.02
N LEU A 826 11.94 -12.70 19.92
CA LEU A 826 11.44 -13.49 21.04
C LEU A 826 12.15 -14.83 21.06
N ALA A 827 12.90 -15.09 22.14
CA ALA A 827 13.78 -16.25 22.15
C ALA A 827 13.04 -17.54 21.89
N GLU A 828 11.86 -17.72 22.50
CA GLU A 828 11.09 -18.95 22.31
C GLU A 828 10.72 -19.16 20.84
N GLN A 829 10.31 -18.10 20.15
CA GLN A 829 10.02 -18.19 18.71
C GLN A 829 11.27 -18.55 17.94
N VAL A 830 12.37 -17.87 18.23
CA VAL A 830 13.64 -18.11 17.55
C VAL A 830 14.03 -19.57 17.70
N VAL A 831 13.99 -20.08 18.92
CA VAL A 831 14.48 -21.43 19.16
C VAL A 831 13.65 -22.45 18.38
N GLY A 832 12.33 -22.29 18.39
CA GLY A 832 11.51 -23.22 17.63
C GLY A 832 11.84 -23.17 16.15
N ASP A 833 12.03 -21.97 15.62
CA ASP A 833 12.32 -21.86 14.20
C ASP A 833 13.71 -22.38 13.87
N VAL A 834 14.66 -22.24 14.79
CA VAL A 834 16.02 -22.74 14.59
C VAL A 834 16.04 -24.27 14.65
N ILE A 835 15.41 -24.83 15.69
CA ILE A 835 15.37 -26.29 15.83
C ILE A 835 14.74 -26.92 14.59
N THR A 836 13.64 -26.33 14.12
CA THR A 836 13.00 -26.85 12.91
C THR A 836 13.90 -26.64 11.69
N SER A 837 14.41 -25.42 11.50
CA SER A 837 15.18 -25.14 10.28
C SER A 837 16.46 -25.96 10.21
N ALA A 838 17.10 -26.20 11.35
CA ALA A 838 18.40 -26.86 11.30
C ALA A 838 18.28 -28.38 11.28
N PHE A 839 17.30 -28.94 11.97
CA PHE A 839 17.29 -30.37 12.23
C PHE A 839 16.12 -31.12 11.62
N ASP A 840 15.11 -30.42 11.11
CA ASP A 840 14.06 -31.10 10.36
C ASP A 840 14.70 -31.89 9.24
N SER A 841 14.19 -33.10 9.00
CA SER A 841 14.72 -33.99 7.96
C SER A 841 16.21 -34.24 8.15
N ALA A 842 16.66 -34.19 9.41
CA ALA A 842 18.06 -34.37 9.75
C ALA A 842 18.95 -33.38 9.01
N GLY A 843 18.45 -32.16 8.82
CA GLY A 843 19.21 -31.14 8.12
C GLY A 843 19.44 -31.43 6.66
N GLN A 844 18.73 -32.40 6.10
CA GLN A 844 18.92 -32.76 4.70
C GLN A 844 17.91 -32.05 3.80
N ARG A 845 17.80 -30.75 4.02
CA ARG A 845 17.12 -29.85 3.11
C ARG A 845 18.15 -28.90 2.54
N CYS A 846 18.02 -28.54 1.27
CA CYS A 846 18.93 -27.54 0.75
C CYS A 846 18.76 -26.22 1.48
N SER A 847 17.56 -25.98 1.98
CA SER A 847 17.16 -24.77 2.69
C SER A 847 17.55 -24.76 4.15
N ALA A 848 18.09 -25.85 4.67
CA ALA A 848 18.29 -25.99 6.11
C ALA A 848 19.18 -24.90 6.66
N LEU A 849 18.90 -24.51 7.91
CA LEU A 849 19.72 -23.54 8.60
C LEU A 849 21.07 -24.14 8.98
N ARG A 850 22.14 -23.53 8.47
CA ARG A 850 23.49 -23.99 8.76
C ARG A 850 24.23 -23.11 9.73
N VAL A 851 23.96 -21.80 9.73
CA VAL A 851 24.70 -20.85 10.55
C VAL A 851 23.71 -19.93 11.22
N LEU A 852 23.60 -20.04 12.55
CA LEU A 852 22.78 -19.14 13.35
C LEU A 852 23.67 -18.03 13.88
N CYS A 853 23.26 -16.78 13.68
CA CYS A 853 24.04 -15.62 14.09
C CYS A 853 23.27 -14.87 15.16
N LEU A 854 23.80 -14.84 16.38
CA LEU A 854 23.11 -14.31 17.54
C LEU A 854 23.78 -13.02 17.97
N GLN A 855 22.99 -11.97 18.12
CA GLN A 855 23.53 -10.75 18.68
C GLN A 855 24.06 -11.03 20.08
N GLU A 856 25.24 -10.46 20.37
CA GLU A 856 26.01 -10.87 21.55
C GLU A 856 25.20 -10.77 22.84
N ASP A 857 24.39 -9.70 22.98
CA ASP A 857 23.69 -9.45 24.22
C ASP A 857 22.64 -10.51 24.55
N VAL A 858 22.14 -11.24 23.56
CA VAL A 858 21.15 -12.29 23.81
C VAL A 858 21.69 -13.67 23.50
N ALA A 859 22.95 -13.79 23.12
CA ALA A 859 23.46 -15.05 22.59
C ALA A 859 23.49 -16.14 23.65
N ASP A 860 23.93 -15.81 24.87
CA ASP A 860 24.00 -16.86 25.88
C ASP A 860 22.62 -17.37 26.25
N ARG A 861 21.63 -16.49 26.40
CA ARG A 861 20.30 -16.92 26.77
C ARG A 861 19.69 -17.80 25.68
N ILE A 862 19.82 -17.37 24.42
CA ILE A 862 19.25 -18.16 23.31
C ILE A 862 19.98 -19.48 23.15
N LEU A 863 21.30 -19.46 23.25
CA LEU A 863 22.07 -20.70 23.13
CA LEU A 863 22.07 -20.70 23.13
C LEU A 863 21.68 -21.70 24.21
N THR A 864 21.53 -21.23 25.46
CA THR A 864 21.06 -22.12 26.52
C THR A 864 19.72 -22.74 26.15
N MET A 865 18.78 -21.92 25.70
CA MET A 865 17.47 -22.43 25.33
C MET A 865 17.58 -23.39 24.14
N LEU A 866 18.44 -23.06 23.18
CA LEU A 866 18.62 -23.92 22.01
C LEU A 866 19.15 -25.30 22.40
N LYS A 867 20.16 -25.34 23.28
CA LYS A 867 20.69 -26.62 23.69
C LYS A 867 19.64 -27.43 24.45
N GLY A 868 18.86 -26.76 25.30
CA GLY A 868 17.81 -27.46 26.01
C GLY A 868 16.76 -28.01 25.07
N ALA A 869 16.43 -27.26 24.02
CA ALA A 869 15.45 -27.73 23.06
C ALA A 869 16.02 -28.88 22.23
N LEU A 870 17.30 -28.81 21.92
CA LEU A 870 17.96 -29.88 21.18
C LEU A 870 17.75 -31.22 21.87
N HIS A 871 17.88 -31.25 23.19
CA HIS A 871 17.82 -32.52 23.90
C HIS A 871 16.40 -33.06 24.04
N GLU A 872 15.39 -32.32 23.60
CA GLU A 872 14.01 -32.81 23.60
C GLU A 872 13.64 -33.50 22.30
N LEU A 873 14.56 -33.57 21.34
CA LEU A 873 14.28 -34.22 20.06
C LEU A 873 14.40 -35.74 20.18
N HIS A 874 13.49 -36.43 19.50
CA HIS A 874 13.49 -37.88 19.44
C HIS A 874 14.03 -38.30 18.08
N ILE A 875 15.13 -39.03 18.09
CA ILE A 875 15.79 -39.48 16.87
C ILE A 875 15.57 -40.98 16.74
N GLY A 876 15.13 -41.43 15.57
CA GLY A 876 14.96 -42.85 15.36
C GLY A 876 14.36 -43.14 14.01
N ARG A 877 14.09 -44.43 13.79
CA ARG A 877 13.37 -44.86 12.60
C ARG A 877 12.04 -44.13 12.50
N THR A 878 11.72 -43.63 11.31
CA THR A 878 10.69 -42.62 11.16
C THR A 878 9.29 -43.21 11.01
N ASP A 879 9.10 -44.50 11.22
CA ASP A 879 7.76 -45.06 11.18
C ASP A 879 7.05 -44.97 12.53
N ARG A 880 7.43 -44.00 13.38
CA ARG A 880 6.73 -43.65 14.60
C ARG A 880 6.47 -42.15 14.57
N LEU A 881 5.22 -41.76 14.88
CA LEU A 881 4.87 -40.34 14.92
C LEU A 881 5.73 -39.57 15.91
N SER A 882 6.21 -40.23 16.96
CA SER A 882 6.98 -39.54 17.98
C SER A 882 8.39 -39.20 17.54
N VAL A 883 8.83 -39.68 16.38
CA VAL A 883 10.18 -39.38 15.92
C VAL A 883 10.21 -38.00 15.28
N ASP A 884 11.14 -37.16 15.74
CA ASP A 884 11.34 -35.83 15.19
C ASP A 884 12.38 -35.80 14.09
N VAL A 885 13.45 -36.56 14.26
CA VAL A 885 14.59 -36.50 13.37
C VAL A 885 14.91 -37.93 12.98
N GLY A 886 14.93 -38.19 11.67
CA GLY A 886 15.25 -39.50 11.18
C GLY A 886 16.72 -39.66 10.83
N PRO A 887 17.01 -40.69 10.05
CA PRO A 887 18.40 -40.99 9.70
C PRO A 887 18.90 -40.08 8.59
N VAL A 888 20.21 -40.06 8.44
CA VAL A 888 20.77 -39.55 7.20
C VAL A 888 20.75 -40.65 6.15
N ILE A 889 20.86 -40.24 4.88
CA ILE A 889 20.45 -41.13 3.80
C ILE A 889 21.34 -42.35 3.66
N THR A 890 22.64 -42.22 3.90
CA THR A 890 23.58 -43.32 3.67
C THR A 890 24.68 -43.28 4.72
N SER A 891 25.40 -44.42 4.81
CA SER A 891 26.59 -44.48 5.65
CA SER A 891 26.57 -44.46 5.68
C SER A 891 27.63 -43.48 5.21
N GLU A 892 27.75 -43.26 3.90
CA GLU A 892 28.74 -42.30 3.40
C GLU A 892 28.37 -40.89 3.82
N ALA A 893 27.09 -40.55 3.74
CA ALA A 893 26.64 -39.26 4.25
C ALA A 893 26.95 -39.14 5.73
N LYS A 894 26.62 -40.17 6.51
CA LYS A 894 26.93 -40.18 7.92
C LYS A 894 28.42 -39.96 8.16
N ASP A 895 29.26 -40.69 7.43
CA ASP A 895 30.70 -40.55 7.65
C ASP A 895 31.18 -39.15 7.33
N ASN A 896 30.66 -38.55 6.26
CA ASN A 896 31.11 -37.23 5.87
C ASN A 896 30.73 -36.19 6.91
N ILE A 897 29.49 -36.27 7.41
CA ILE A 897 29.03 -35.33 8.43
C ILE A 897 29.84 -35.50 9.70
N GLU A 898 30.07 -36.74 10.12
CA GLU A 898 30.80 -37.01 11.36
C GLU A 898 32.22 -36.51 11.28
N LYS A 899 32.85 -36.66 10.12
CA LYS A 899 34.21 -36.14 9.95
C LYS A 899 34.25 -34.64 10.19
N HIS A 900 33.24 -33.93 9.71
CA HIS A 900 33.19 -32.49 9.94
C HIS A 900 33.06 -32.18 11.42
N ILE A 901 32.13 -32.86 12.09
CA ILE A 901 31.92 -32.62 13.53
C ILE A 901 33.21 -32.84 14.29
N GLU A 902 33.91 -33.95 13.99
CA GLU A 902 35.11 -34.25 14.77
C GLU A 902 36.25 -33.29 14.44
N ARG A 903 36.30 -32.79 13.20
CA ARG A 903 37.26 -31.73 12.88
C ARG A 903 36.99 -30.50 13.72
N MET A 904 35.73 -30.06 13.79
CA MET A 904 35.38 -28.92 14.64
CA MET A 904 35.39 -28.92 14.63
C MET A 904 35.73 -29.18 16.10
N ARG A 905 35.39 -30.38 16.59
CA ARG A 905 35.67 -30.71 17.97
C ARG A 905 37.17 -30.71 18.24
N GLY A 906 37.96 -31.21 17.29
CA GLY A 906 39.40 -31.22 17.42
C GLY A 906 40.03 -29.85 17.40
N LEU A 907 39.37 -28.87 16.78
CA LEU A 907 39.81 -27.47 16.83
C LEU A 907 39.42 -26.76 18.10
N GLY A 908 38.79 -27.46 19.05
CA GLY A 908 38.39 -26.88 20.30
C GLY A 908 37.07 -26.17 20.29
N ARG A 909 36.30 -26.27 19.20
CA ARG A 909 34.98 -25.66 19.18
C ARG A 909 34.02 -26.43 20.09
N LYS A 910 33.15 -25.71 20.79
CA LYS A 910 32.17 -26.35 21.64
C LYS A 910 31.13 -27.06 20.79
N VAL A 911 30.92 -28.34 21.08
CA VAL A 911 30.00 -29.20 20.32
C VAL A 911 28.98 -29.77 21.30
N GLU A 912 27.69 -29.52 21.02
CA GLU A 912 26.57 -30.08 21.75
C GLU A 912 25.92 -31.15 20.87
N GLN A 913 25.74 -32.36 21.41
CA GLN A 913 25.06 -33.41 20.65
C GLN A 913 24.08 -34.16 21.53
N ILE A 914 22.94 -34.53 20.96
CA ILE A 914 22.00 -35.37 21.67
C ILE A 914 22.52 -36.80 21.66
N GLY A 915 22.25 -37.55 22.72
CA GLY A 915 22.64 -38.94 22.76
C GLY A 915 21.62 -39.77 22.01
N LEU A 916 22.13 -40.70 21.20
CA LEU A 916 21.29 -41.55 20.37
C LEU A 916 20.96 -42.86 21.08
N ALA A 917 19.73 -43.33 20.86
CA ALA A 917 19.32 -44.63 21.40
C ALA A 917 20.04 -45.76 20.68
N SER A 918 20.17 -46.89 21.38
CA SER A 918 20.87 -48.04 20.83
C SER A 918 20.21 -48.54 19.56
N GLU A 919 18.89 -48.38 19.44
CA GLU A 919 18.16 -48.83 18.26
C GLU A 919 18.60 -48.14 16.98
N THR A 920 19.29 -47.00 17.09
CA THR A 920 19.75 -46.32 15.88
C THR A 920 20.89 -47.06 15.20
N GLY A 921 21.53 -48.01 15.88
CA GLY A 921 22.66 -48.71 15.29
C GLY A 921 22.35 -49.50 14.04
N VAL A 922 21.09 -49.92 13.85
CA VAL A 922 20.73 -50.67 12.64
C VAL A 922 20.57 -49.77 11.43
N GLY A 923 20.59 -48.45 11.62
CA GLY A 923 20.53 -47.54 10.50
C GLY A 923 21.69 -46.56 10.49
N THR A 924 21.58 -45.48 9.72
CA THR A 924 22.65 -44.50 9.60
C THR A 924 22.17 -43.17 10.15
N PHE A 925 22.47 -42.90 11.42
CA PHE A 925 21.99 -41.71 12.10
C PHE A 925 23.15 -40.81 12.52
N VAL A 926 22.92 -39.51 12.44
CA VAL A 926 23.80 -38.49 13.01
C VAL A 926 22.98 -37.72 14.03
N PRO A 927 23.42 -37.60 15.28
CA PRO A 927 22.65 -36.84 16.24
C PRO A 927 22.63 -35.37 15.87
N PRO A 928 21.50 -34.70 16.03
CA PRO A 928 21.49 -33.24 15.93
C PRO A 928 22.60 -32.63 16.77
N THR A 929 23.29 -31.66 16.19
CA THR A 929 24.56 -31.19 16.69
C THR A 929 24.58 -29.67 16.61
N ILE A 930 25.09 -29.02 17.65
CA ILE A 930 25.29 -27.57 17.66
C ILE A 930 26.78 -27.33 17.85
N ILE A 931 27.38 -26.56 16.95
CA ILE A 931 28.82 -26.28 16.98
C ILE A 931 28.98 -24.76 17.08
N GLU A 932 29.70 -24.30 18.09
CA GLU A 932 29.91 -22.87 18.27
C GLU A 932 31.18 -22.45 17.55
N LEU A 933 31.04 -21.58 16.57
CA LEU A 933 32.18 -21.10 15.80
C LEU A 933 32.61 -19.72 16.28
N GLU A 934 33.88 -19.41 16.04
CA GLU A 934 34.39 -18.07 16.31
C GLU A 934 33.99 -17.11 15.20
N LYS A 935 34.15 -17.53 13.95
CA LYS A 935 33.88 -16.69 12.80
C LYS A 935 33.18 -17.51 11.74
N LEU A 936 32.37 -16.83 10.93
CA LEU A 936 31.67 -17.51 9.84
C LEU A 936 32.65 -18.22 8.90
N SER A 937 33.85 -17.68 8.74
CA SER A 937 34.85 -18.28 7.86
C SER A 937 35.42 -19.58 8.40
N ASP A 938 35.12 -19.94 9.65
CA ASP A 938 35.48 -21.26 10.15
C ASP A 938 34.74 -22.36 9.40
N LEU A 939 33.63 -22.04 8.75
CA LEU A 939 32.84 -23.00 8.00
C LEU A 939 33.14 -22.82 6.53
N GLN A 940 33.62 -23.88 5.87
CA GLN A 940 34.17 -23.74 4.52
C GLN A 940 33.51 -24.66 3.50
N ARG A 941 32.43 -25.34 3.83
CA ARG A 941 31.76 -26.26 2.91
C ARG A 941 30.39 -26.59 3.47
N GLU A 942 29.42 -26.78 2.57
CA GLU A 942 28.08 -27.20 2.97
C GLU A 942 28.14 -28.58 3.61
N VAL A 943 27.68 -28.67 4.86
CA VAL A 943 27.62 -29.93 5.59
C VAL A 943 26.16 -30.35 5.62
N PHE A 944 25.82 -31.36 4.83
CA PHE A 944 24.43 -31.67 4.51
C PHE A 944 23.88 -32.67 5.54
N GLY A 945 23.71 -32.17 6.76
CA GLY A 945 23.32 -33.01 7.86
C GLY A 945 22.78 -32.16 8.99
N PRO A 946 22.50 -32.79 10.12
CA PRO A 946 21.83 -32.08 11.24
C PRO A 946 22.86 -31.36 12.11
N VAL A 947 23.52 -30.36 11.52
CA VAL A 947 24.64 -29.69 12.17
C VAL A 947 24.44 -28.20 12.07
N LEU A 948 24.13 -27.57 13.19
CA LEU A 948 23.94 -26.14 13.28
C LEU A 948 25.20 -25.50 13.81
N HIS A 949 25.68 -24.48 13.12
CA HIS A 949 26.80 -23.70 13.60
C HIS A 949 26.27 -22.39 14.15
N VAL A 950 26.86 -21.93 15.24
CA VAL A 950 26.38 -20.72 15.90
C VAL A 950 27.54 -19.73 15.99
N ILE A 951 27.30 -18.51 15.54
CA ILE A 951 28.27 -17.45 15.73
C ILE A 951 27.56 -16.30 16.44
N ARG A 952 28.36 -15.46 17.10
CA ARG A 952 27.86 -14.30 17.82
C ARG A 952 28.36 -13.04 17.13
N TYR A 953 27.57 -11.97 17.21
CA TYR A 953 27.99 -10.72 16.60
C TYR A 953 27.58 -9.53 17.45
N ARG A 954 28.40 -8.49 17.41
CA ARG A 954 28.09 -7.22 18.02
C ARG A 954 27.14 -6.42 17.14
N ARG A 955 26.18 -5.72 17.76
CA ARG A 955 25.14 -5.03 16.98
C ARG A 955 25.74 -4.12 15.91
N ASP A 956 26.79 -3.37 16.26
CA ASP A 956 27.39 -2.46 15.29
C ASP A 956 28.04 -3.20 14.13
N ASP A 957 28.32 -4.49 14.28
CA ASP A 957 28.93 -5.28 13.22
C ASP A 957 27.91 -6.01 12.37
N LEU A 958 26.63 -5.63 12.46
CA LEU A 958 25.61 -6.32 11.66
C LEU A 958 25.92 -6.25 10.17
N ASP A 959 26.30 -5.07 9.67
CA ASP A 959 26.53 -4.95 8.24
C ASP A 959 27.71 -5.81 7.82
N ARG A 960 28.78 -5.83 8.61
CA ARG A 960 29.90 -6.70 8.31
C ARG A 960 29.47 -8.16 8.32
N LEU A 961 28.58 -8.53 9.26
CA LEU A 961 28.10 -9.91 9.33
C LEU A 961 27.35 -10.28 8.05
N VAL A 962 26.48 -9.40 7.56
CA VAL A 962 25.82 -9.67 6.30
C VAL A 962 26.84 -9.86 5.18
N ASP A 963 27.89 -9.03 5.17
CA ASP A 963 28.99 -9.24 4.24
C ASP A 963 29.55 -10.64 4.37
N ASP A 964 29.79 -11.08 5.61
CA ASP A 964 30.35 -12.40 5.85
C ASP A 964 29.44 -13.51 5.35
N VAL A 965 28.13 -13.36 5.54
CA VAL A 965 27.20 -14.36 5.02
C VAL A 965 27.29 -14.40 3.50
N ASN A 966 27.26 -13.22 2.87
CA ASN A 966 27.36 -13.15 1.41
C ASN A 966 28.68 -13.71 0.92
N ALA A 967 29.72 -13.62 1.73
CA ALA A 967 31.07 -13.96 1.31
C ALA A 967 31.27 -15.45 1.09
N THR A 968 30.37 -16.31 1.57
CA THR A 968 30.49 -17.74 1.27
C THR A 968 30.31 -18.03 -0.21
N GLY A 969 29.70 -17.12 -0.96
CA GLY A 969 29.35 -17.35 -2.35
C GLY A 969 28.02 -18.03 -2.56
N TYR A 970 27.42 -18.59 -1.51
CA TYR A 970 26.09 -19.18 -1.59
C TYR A 970 25.03 -18.09 -1.49
N GLY A 971 23.79 -18.47 -1.72
CA GLY A 971 22.70 -17.50 -1.70
C GLY A 971 21.35 -18.14 -1.85
N LEU A 972 21.05 -19.11 -0.99
CA LEU A 972 19.81 -19.88 -1.14
C LEU A 972 18.76 -19.35 -0.17
N THR A 973 18.72 -19.84 1.06
CA THR A 973 17.76 -19.32 2.03
C THR A 973 18.48 -18.47 3.06
N PHE A 974 17.70 -17.60 3.70
CA PHE A 974 18.22 -16.68 4.70
C PHE A 974 17.08 -16.30 5.62
N GLY A 975 17.35 -16.29 6.91
CA GLY A 975 16.35 -15.91 7.90
C GLY A 975 16.77 -14.70 8.70
N LEU A 976 15.79 -13.91 9.09
CA LEU A 976 16.04 -12.79 9.98
C LEU A 976 14.93 -12.76 11.03
N HIS A 977 15.33 -12.73 12.30
CA HIS A 977 14.40 -12.56 13.40
C HIS A 977 14.67 -11.21 14.04
N THR A 978 13.75 -10.29 13.84
CA THR A 978 13.83 -8.97 14.43
C THR A 978 12.43 -8.39 14.39
N ARG A 979 12.16 -7.48 15.33
CA ARG A 979 10.94 -6.72 15.31
C ARG A 979 11.13 -5.35 14.67
N LEU A 980 12.35 -5.00 14.28
CA LEU A 980 12.71 -3.61 14.04
C LEU A 980 12.80 -3.35 12.54
N ASP A 981 11.96 -2.43 12.05
CA ASP A 981 11.90 -2.16 10.61
C ASP A 981 13.25 -1.70 10.06
N GLU A 982 14.00 -0.91 10.83
CA GLU A 982 15.29 -0.46 10.33
C GLU A 982 16.20 -1.65 10.06
N THR A 983 16.16 -2.64 10.94
CA THR A 983 17.01 -3.81 10.76
C THR A 983 16.53 -4.67 9.60
N ILE A 984 15.21 -4.81 9.44
CA ILE A 984 14.66 -5.55 8.30
C ILE A 984 15.10 -4.89 7.00
N ALA A 985 14.96 -3.56 6.93
CA ALA A 985 15.29 -2.85 5.70
C ALA A 985 16.77 -3.00 5.39
N HIS A 986 17.62 -2.79 6.40
CA HIS A 986 19.06 -2.93 6.23
C HIS A 986 19.43 -4.32 5.77
N VAL A 987 19.03 -5.33 6.54
CA VAL A 987 19.50 -6.68 6.27
C VAL A 987 18.95 -7.19 4.94
N THR A 988 17.66 -6.98 4.69
CA THR A 988 17.12 -7.52 3.43
C THR A 988 17.65 -6.77 2.22
N SER A 989 18.07 -5.52 2.38
CA SER A 989 18.64 -4.81 1.25
C SER A 989 20.06 -5.26 0.94
N ARG A 990 20.78 -5.79 1.93
CA ARG A 990 22.19 -6.11 1.75
C ARG A 990 22.46 -7.59 1.55
N ILE A 991 21.58 -8.46 2.09
CA ILE A 991 21.75 -9.90 1.89
C ILE A 991 21.51 -10.22 0.43
N LYS A 992 22.21 -11.23 -0.05
CA LYS A 992 22.11 -11.69 -1.43
C LYS A 992 21.73 -13.17 -1.41
N ALA A 993 20.44 -13.42 -1.25
CA ALA A 993 19.92 -14.78 -1.24
C ALA A 993 18.57 -14.80 -1.94
N GLY A 994 18.21 -15.97 -2.47
CA GLY A 994 17.02 -16.08 -3.27
C GLY A 994 15.74 -16.21 -2.47
N ASN A 995 15.81 -16.74 -1.25
CA ASN A 995 14.62 -16.98 -0.44
C ASN A 995 14.84 -16.42 0.94
N LEU A 996 14.15 -15.32 1.25
CA LEU A 996 14.29 -14.66 2.53
C LEU A 996 13.10 -14.97 3.40
N TYR A 997 13.34 -15.10 4.70
CA TYR A 997 12.29 -15.44 5.65
C TYR A 997 12.44 -14.54 6.85
N ILE A 998 11.37 -13.84 7.22
CA ILE A 998 11.41 -12.87 8.31
CA ILE A 998 11.41 -12.87 8.32
C ILE A 998 10.50 -13.36 9.43
N ASN A 999 11.09 -13.62 10.60
CA ASN A 999 10.35 -14.02 11.81
C ASN A 999 9.62 -15.34 11.64
N ARG A 1000 10.22 -16.27 10.92
CA ARG A 1000 9.69 -17.62 10.76
C ARG A 1000 10.86 -18.54 10.44
N ASN A 1001 10.58 -19.82 10.27
CA ASN A 1001 11.64 -20.72 9.87
C ASN A 1001 12.00 -20.46 8.41
N ILE A 1002 13.07 -21.11 7.93
CA ILE A 1002 13.58 -20.85 6.59
C ILE A 1002 13.40 -22.06 5.67
N ILE A 1003 12.54 -23.00 6.04
CA ILE A 1003 12.39 -24.24 5.28
C ILE A 1003 10.96 -24.39 4.78
N GLY A 1004 10.75 -25.39 3.94
CA GLY A 1004 9.43 -25.69 3.47
C GLY A 1004 8.85 -24.66 2.52
N ALA A 1005 9.66 -24.13 1.60
CA ALA A 1005 9.17 -23.22 0.59
C ALA A 1005 7.98 -23.84 -0.13
N VAL A 1006 6.97 -23.01 -0.37
CA VAL A 1006 5.70 -23.43 -0.94
C VAL A 1006 5.63 -23.00 -2.39
N VAL A 1007 5.33 -23.95 -3.28
CA VAL A 1007 5.21 -23.68 -4.70
C VAL A 1007 4.29 -22.51 -4.94
N GLY A 1008 4.73 -21.56 -5.77
CA GLY A 1008 3.89 -20.43 -6.17
C GLY A 1008 3.66 -19.41 -5.08
N VAL A 1009 4.19 -19.63 -3.89
CA VAL A 1009 4.05 -18.74 -2.76
C VAL A 1009 5.41 -18.22 -2.31
N GLN A 1010 6.37 -19.13 -2.10
CA GLN A 1010 7.79 -18.80 -2.06
C GLN A 1010 8.45 -19.56 -3.19
N PRO A 1011 8.36 -19.06 -4.41
CA PRO A 1011 9.16 -19.62 -5.51
C PRO A 1011 10.60 -19.78 -5.06
N PHE A 1012 11.16 -20.93 -5.34
CA PHE A 1012 12.34 -21.39 -4.59
C PHE A 1012 13.57 -21.45 -5.47
N GLY A 1013 14.65 -20.88 -5.00
CA GLY A 1013 15.91 -21.01 -5.71
C GLY A 1013 16.76 -19.80 -5.42
N GLY A 1014 18.07 -20.03 -5.46
CA GLY A 1014 19.02 -19.01 -5.08
C GLY A 1014 19.98 -18.63 -6.17
N ARG A 1015 21.07 -17.99 -5.75
CA ARG A 1015 22.02 -17.37 -6.65
C ARG A 1015 23.42 -17.81 -6.26
N GLY A 1016 24.40 -17.35 -7.03
CA GLY A 1016 25.77 -17.67 -6.72
C GLY A 1016 25.97 -19.17 -6.79
N LEU A 1017 26.66 -19.72 -5.78
CA LEU A 1017 26.89 -21.16 -5.72
C LEU A 1017 25.63 -21.96 -5.46
N SER A 1018 24.51 -21.30 -5.22
CA SER A 1018 23.26 -22.00 -4.93
C SER A 1018 22.39 -22.24 -6.16
N GLY A 1019 22.71 -21.66 -7.29
CA GLY A 1019 21.84 -21.94 -8.41
C GLY A 1019 22.01 -21.05 -9.61
N THR A 1020 21.53 -21.53 -10.75
CA THR A 1020 21.45 -20.74 -11.96
C THR A 1020 20.14 -19.98 -12.05
N GLY A 1021 19.10 -20.49 -11.38
CA GLY A 1021 17.75 -20.11 -11.69
C GLY A 1021 17.36 -20.60 -13.07
N PRO A 1022 16.14 -20.31 -13.50
CA PRO A 1022 15.08 -19.62 -12.75
C PRO A 1022 14.55 -20.47 -11.60
N LYS A 1023 13.76 -19.83 -10.74
CA LYS A 1023 13.24 -20.50 -9.55
C LYS A 1023 12.21 -21.57 -9.90
N ALA A 1024 12.34 -22.72 -9.26
CA ALA A 1024 11.28 -23.73 -9.30
C ALA A 1024 10.05 -23.21 -8.56
N GLY A 1025 8.88 -23.56 -9.06
CA GLY A 1025 7.66 -23.07 -8.44
C GLY A 1025 7.46 -21.59 -8.63
N GLY A 1026 8.09 -21.01 -9.64
CA GLY A 1026 7.95 -19.62 -9.97
C GLY A 1026 7.63 -19.44 -11.43
N PRO A 1027 7.30 -18.21 -11.82
CA PRO A 1027 6.71 -17.96 -13.14
C PRO A 1027 7.71 -17.90 -14.29
N LEU A 1028 9.01 -17.87 -14.01
CA LEU A 1028 10.00 -17.88 -15.08
C LEU A 1028 10.45 -19.28 -15.48
N TYR A 1029 9.98 -20.29 -14.75
CA TYR A 1029 10.57 -21.63 -14.88
C TYR A 1029 10.29 -22.24 -16.24
N LEU A 1030 9.01 -22.28 -16.63
CA LEU A 1030 8.68 -22.95 -17.88
C LEU A 1030 9.35 -22.29 -19.06
N GLY A 1031 9.55 -20.97 -19.00
CA GLY A 1031 10.12 -20.27 -20.13
C GLY A 1031 11.55 -20.67 -20.44
N ARG A 1032 12.24 -21.28 -19.50
CA ARG A 1032 13.58 -21.79 -19.73
C ARG A 1032 13.56 -23.11 -20.50
N LEU A 1033 12.41 -23.76 -20.59
CA LEU A 1033 12.27 -25.10 -21.15
C LEU A 1033 11.70 -25.08 -22.55
N VAL A 1034 11.64 -23.90 -23.17
CA VAL A 1034 11.20 -23.75 -24.54
C VAL A 1034 12.22 -22.87 -25.24
N THR A 1035 12.22 -22.94 -26.57
CA THR A 1035 13.25 -22.20 -27.31
C THR A 1035 12.95 -20.71 -27.38
N THR A 1036 11.69 -20.31 -27.26
CA THR A 1036 11.30 -18.91 -27.22
C THR A 1036 10.46 -18.70 -25.97
N ALA A 1037 10.97 -17.92 -25.03
CA ALA A 1037 10.31 -17.79 -23.74
C ALA A 1037 9.03 -16.97 -23.87
N PRO A 1038 7.93 -17.41 -23.27
CA PRO A 1038 6.71 -16.60 -23.26
C PRO A 1038 6.83 -15.50 -22.22
N VAL A 1039 5.84 -14.61 -22.23
CA VAL A 1039 5.71 -13.58 -21.22
C VAL A 1039 4.97 -14.17 -20.03
N PRO A 1040 5.62 -14.34 -18.87
CA PRO A 1040 4.94 -14.94 -17.73
C PRO A 1040 3.81 -14.05 -17.25
N PRO A 1041 2.83 -14.63 -16.56
CA PRO A 1041 1.80 -13.82 -15.90
C PRO A 1041 2.44 -12.79 -14.99
N GLN A 1042 1.87 -11.59 -15.01
CA GLN A 1042 2.24 -10.46 -14.16
C GLN A 1042 3.66 -9.99 -14.36
N HIS A 1043 4.33 -10.43 -15.42
CA HIS A 1043 5.76 -10.18 -15.60
C HIS A 1043 5.93 -8.90 -16.40
N SER A 1044 6.11 -7.79 -15.69
CA SER A 1044 6.38 -6.50 -16.32
C SER A 1044 6.84 -5.55 -15.24
N SER A 1045 7.34 -4.40 -15.67
CA SER A 1045 7.75 -3.37 -14.73
C SER A 1045 7.63 -2.02 -15.40
N VAL A 1046 7.08 -1.04 -14.66
CA VAL A 1046 7.01 0.31 -15.21
C VAL A 1046 8.29 1.09 -14.99
N HIS A 1047 9.27 0.49 -14.32
CA HIS A 1047 10.50 1.19 -14.01
CA HIS A 1047 10.53 1.16 -13.99
C HIS A 1047 11.54 0.94 -15.10
N THR A 1048 12.28 1.99 -15.42
CA THR A 1048 13.33 1.92 -16.43
C THR A 1048 14.67 2.20 -15.77
N ASP A 1049 15.63 1.33 -15.99
CA ASP A 1049 16.93 1.52 -15.39
C ASP A 1049 17.55 2.82 -15.90
N PRO A 1050 18.05 3.68 -15.02
CA PRO A 1050 18.49 5.01 -15.45
C PRO A 1050 19.82 4.96 -16.18
N VAL A 1051 20.62 3.94 -15.87
CA VAL A 1051 21.89 3.79 -16.57
C VAL A 1051 21.63 3.31 -17.99
N LEU A 1052 20.67 2.40 -18.15
CA LEU A 1052 20.21 2.06 -19.50
C LEU A 1052 19.81 3.32 -20.26
N LEU A 1053 19.00 4.19 -19.63
CA LEU A 1053 18.58 5.41 -20.31
C LEU A 1053 19.78 6.28 -20.68
N ASP A 1054 20.76 6.40 -19.77
CA ASP A 1054 21.95 7.18 -20.10
C ASP A 1054 22.71 6.53 -21.25
N PHE A 1055 22.78 5.21 -21.26
CA PHE A 1055 23.44 4.51 -22.36
C PHE A 1055 22.73 4.75 -23.68
N ALA A 1056 21.40 4.66 -23.68
CA ALA A 1056 20.66 4.92 -24.92
C ALA A 1056 20.89 6.34 -25.44
N LYS A 1057 20.97 7.33 -24.54
CA LYS A 1057 21.28 8.68 -24.99
C LYS A 1057 22.69 8.76 -25.55
N TRP A 1058 23.64 8.08 -24.91
CA TRP A 1058 25.01 8.06 -25.41
C TRP A 1058 25.07 7.44 -26.80
N LEU A 1059 24.36 6.33 -26.99
CA LEU A 1059 24.30 5.70 -28.32
C LEU A 1059 23.76 6.67 -29.35
N ASP A 1060 22.69 7.40 -29.02
CA ASP A 1060 22.15 8.37 -29.97
C ASP A 1060 23.16 9.46 -30.27
N GLY A 1061 23.94 9.86 -29.26
CA GLY A 1061 24.97 10.86 -29.48
C GLY A 1061 26.11 10.36 -30.35
N LYS A 1062 26.38 9.06 -30.32
CA LYS A 1062 27.39 8.45 -31.17
C LYS A 1062 26.90 8.15 -32.58
N GLY A 1063 25.62 8.37 -32.86
CA GLY A 1063 25.05 8.03 -34.15
C GLY A 1063 24.52 6.61 -34.27
N ALA A 1064 24.58 5.82 -33.20
CA ALA A 1064 24.13 4.42 -33.21
C ALA A 1064 22.62 4.37 -32.95
N ARG A 1065 21.88 4.87 -33.94
CA ARG A 1065 20.46 5.13 -33.76
C ARG A 1065 19.67 3.83 -33.61
N ALA A 1066 19.97 2.81 -34.41
CA ALA A 1066 19.25 1.55 -34.25
C ALA A 1066 19.53 0.93 -32.89
N GLU A 1067 20.79 0.98 -32.44
CA GLU A 1067 21.11 0.41 -31.13
C GLU A 1067 20.47 1.21 -30.01
N ALA A 1068 20.37 2.54 -30.18
CA ALA A 1068 19.71 3.36 -29.16
C ALA A 1068 18.24 2.98 -29.02
N GLU A 1069 17.58 2.76 -30.16
CA GLU A 1069 16.20 2.29 -30.14
C GLU A 1069 16.10 0.93 -29.46
N ALA A 1070 17.02 0.02 -29.79
CA ALA A 1070 17.02 -1.29 -29.16
C ALA A 1070 17.27 -1.17 -27.66
N ALA A 1071 18.12 -0.23 -27.27
CA ALA A 1071 18.38 -0.01 -25.85
C ALA A 1071 17.11 0.48 -25.16
N ARG A 1072 16.43 1.46 -25.76
CA ARG A 1072 15.19 1.94 -25.16
C ARG A 1072 14.17 0.82 -25.07
N ASN A 1073 14.09 -0.02 -26.11
CA ASN A 1073 13.16 -1.14 -26.08
C ASN A 1073 13.53 -2.12 -24.98
N ALA A 1074 14.83 -2.38 -24.78
CA ALA A 1074 15.26 -3.22 -23.68
C ALA A 1074 14.87 -2.62 -22.35
N GLY A 1075 15.02 -1.30 -22.21
CA GLY A 1075 14.63 -0.65 -20.97
C GLY A 1075 13.16 -0.88 -20.62
N SER A 1076 12.29 -0.80 -21.63
CA SER A 1076 10.86 -1.04 -21.43
C SER A 1076 10.55 -2.51 -21.22
N SER A 1077 11.19 -3.39 -21.99
CA SER A 1077 10.89 -4.81 -21.90
CA SER A 1077 10.93 -4.82 -21.91
C SER A 1077 11.40 -5.43 -20.60
N SER A 1078 12.41 -4.84 -19.99
CA SER A 1078 12.94 -5.37 -18.74
C SER A 1078 11.86 -5.40 -17.67
N ALA A 1079 11.83 -6.46 -16.88
CA ALA A 1079 10.93 -6.52 -15.75
C ALA A 1079 11.66 -6.25 -14.45
N LEU A 1080 12.89 -5.74 -14.52
CA LEU A 1080 13.58 -5.25 -13.35
C LEU A 1080 12.67 -4.31 -12.59
N GLY A 1081 12.52 -4.55 -11.29
CA GLY A 1081 11.66 -3.70 -10.49
C GLY A 1081 10.29 -4.30 -10.23
N LEU A 1082 9.94 -5.40 -10.89
CA LEU A 1082 8.72 -6.10 -10.56
CA LEU A 1082 8.71 -6.11 -10.55
C LEU A 1082 8.68 -6.38 -9.05
N ASP A 1083 7.52 -6.14 -8.45
CA ASP A 1083 7.41 -6.22 -6.99
C ASP A 1083 5.98 -6.66 -6.69
N LEU A 1084 5.80 -7.94 -6.42
CA LEU A 1084 4.47 -8.52 -6.30
C LEU A 1084 4.29 -9.15 -4.93
N GLU A 1085 3.03 -9.19 -4.50
CA GLU A 1085 2.65 -10.00 -3.36
C GLU A 1085 1.87 -11.19 -3.89
N LEU A 1086 2.30 -12.39 -3.53
CA LEU A 1086 1.68 -13.61 -4.00
C LEU A 1086 0.63 -14.08 -3.00
N PRO A 1087 -0.48 -14.61 -3.51
CA PRO A 1087 -1.52 -15.13 -2.63
C PRO A 1087 -0.99 -16.28 -1.78
N GLY A 1088 -1.40 -16.30 -0.52
CA GLY A 1088 -1.02 -17.36 0.37
C GLY A 1088 -1.85 -17.32 1.63
N PRO A 1089 -1.32 -17.90 2.69
CA PRO A 1089 -2.08 -17.97 3.94
C PRO A 1089 -2.15 -16.62 4.62
N VAL A 1090 -3.17 -16.48 5.47
CA VAL A 1090 -3.25 -15.30 6.31
C VAL A 1090 -2.06 -15.27 7.25
N GLY A 1091 -1.77 -14.09 7.78
CA GLY A 1091 -0.69 -14.00 8.75
C GLY A 1091 0.68 -14.09 8.16
N GLU A 1092 0.79 -13.96 6.84
CA GLU A 1092 2.07 -14.01 6.16
C GLU A 1092 1.95 -13.10 4.95
N ARG A 1093 3.04 -12.42 4.62
CA ARG A 1093 3.15 -11.65 3.39
C ARG A 1093 4.23 -12.29 2.55
N ASN A 1094 3.87 -12.73 1.36
CA ASN A 1094 4.81 -13.43 0.50
C ASN A 1094 5.08 -12.58 -0.72
N LEU A 1095 6.32 -12.12 -0.85
CA LEU A 1095 6.70 -11.13 -1.82
C LEU A 1095 7.63 -11.75 -2.85
N TYR A 1096 7.51 -11.25 -4.08
CA TYR A 1096 8.29 -11.77 -5.19
C TYR A 1096 8.78 -10.57 -5.95
N THR A 1097 10.09 -10.45 -6.12
CA THR A 1097 10.68 -9.25 -6.70
CA THR A 1097 10.68 -9.26 -6.68
C THR A 1097 11.77 -9.63 -7.69
N LEU A 1098 11.95 -8.80 -8.70
CA LEU A 1098 13.00 -8.99 -9.70
C LEU A 1098 14.06 -7.91 -9.55
N HIS A 1099 15.30 -8.34 -9.33
CA HIS A 1099 16.45 -7.49 -9.10
C HIS A 1099 17.48 -7.73 -10.20
N ALA A 1100 18.52 -6.89 -10.20
CA ALA A 1100 19.67 -7.19 -11.04
C ALA A 1100 20.32 -8.49 -10.59
N ARG A 1101 20.95 -9.19 -11.54
CA ARG A 1101 21.72 -10.38 -11.17
CA ARG A 1101 21.71 -10.37 -11.17
C ARG A 1101 23.05 -10.01 -10.54
N GLY A 1102 23.71 -8.98 -11.06
CA GLY A 1102 25.03 -8.64 -10.56
C GLY A 1102 25.90 -8.15 -11.68
N ARG A 1103 27.09 -8.73 -11.83
CA ARG A 1103 27.98 -8.35 -12.91
C ARG A 1103 27.88 -9.42 -13.99
N ILE A 1104 27.52 -9.01 -15.20
CA ILE A 1104 27.36 -9.94 -16.32
C ILE A 1104 28.63 -9.90 -17.15
N LEU A 1105 29.17 -11.08 -17.46
CA LEU A 1105 30.29 -11.19 -18.37
C LEU A 1105 29.80 -11.00 -19.80
N LEU A 1106 30.35 -10.01 -20.50
CA LEU A 1106 30.02 -9.77 -21.89
C LEU A 1106 31.16 -10.24 -22.76
N VAL A 1107 30.85 -11.11 -23.72
CA VAL A 1107 31.87 -11.56 -24.66
C VAL A 1107 31.38 -11.20 -26.05
N PRO A 1108 31.61 -9.97 -26.49
CA PRO A 1108 31.11 -9.54 -27.79
C PRO A 1108 32.09 -9.89 -28.90
N ALA A 1109 31.57 -9.85 -30.12
CA ALA A 1109 32.37 -10.00 -31.32
C ALA A 1109 32.36 -8.75 -32.21
N THR A 1110 31.26 -8.02 -32.26
CA THR A 1110 31.14 -6.81 -33.05
C THR A 1110 30.72 -5.65 -32.17
N GLU A 1111 30.95 -4.45 -32.67
CA GLU A 1111 30.53 -3.25 -31.96
C GLU A 1111 29.02 -3.25 -31.72
N SER A 1112 28.23 -3.55 -32.76
CA SER A 1112 26.78 -3.59 -32.59
C SER A 1112 26.39 -4.67 -31.60
N GLY A 1113 27.03 -5.83 -31.67
CA GLY A 1113 26.76 -6.87 -30.70
C GLY A 1113 27.03 -6.41 -29.28
N LEU A 1114 28.16 -5.73 -29.08
CA LEU A 1114 28.48 -5.19 -27.76
C LEU A 1114 27.39 -4.23 -27.29
N TYR A 1115 26.96 -3.31 -28.16
CA TYR A 1115 25.94 -2.36 -27.75
C TYR A 1115 24.64 -3.08 -27.37
N HIS A 1116 24.25 -4.09 -28.15
CA HIS A 1116 23.06 -4.86 -27.79
C HIS A 1116 23.26 -5.60 -26.48
N GLN A 1117 24.44 -6.19 -26.27
CA GLN A 1117 24.70 -6.88 -25.01
C GLN A 1117 24.64 -5.92 -23.85
N LEU A 1118 25.25 -4.76 -24.00
CA LEU A 1118 25.27 -3.78 -22.92
CA LEU A 1118 25.27 -3.76 -22.94
C LEU A 1118 23.86 -3.28 -22.64
N ALA A 1119 23.08 -3.03 -23.68
CA ALA A 1119 21.69 -2.60 -23.48
C ALA A 1119 20.92 -3.65 -22.68
N ALA A 1120 21.07 -4.93 -23.06
CA ALA A 1120 20.34 -5.98 -22.34
C ALA A 1120 20.75 -6.03 -20.88
N ALA A 1121 22.05 -5.94 -20.62
CA ALA A 1121 22.55 -6.04 -19.25
C ALA A 1121 22.17 -4.83 -18.43
N LEU A 1122 22.31 -3.63 -19.00
CA LEU A 1122 22.00 -2.42 -18.23
C LEU A 1122 20.50 -2.31 -18.00
N ALA A 1123 19.68 -2.70 -18.98
CA ALA A 1123 18.23 -2.61 -18.81
C ALA A 1123 17.75 -3.46 -17.65
N THR A 1124 18.49 -4.49 -17.29
CA THR A 1124 18.14 -5.39 -16.19
C THR A 1124 18.95 -5.08 -14.94
N GLY A 1125 19.57 -3.90 -14.89
CA GLY A 1125 20.15 -3.36 -13.67
C GLY A 1125 21.55 -3.82 -13.38
N ASN A 1126 22.17 -4.55 -14.29
CA ASN A 1126 23.45 -5.19 -14.04
C ASN A 1126 24.61 -4.27 -14.37
N SER A 1127 25.74 -4.58 -13.77
CA SER A 1127 27.02 -4.11 -14.27
C SER A 1127 27.57 -5.15 -15.22
N VAL A 1128 28.67 -4.81 -15.89
CA VAL A 1128 29.26 -5.74 -16.86
C VAL A 1128 30.77 -5.77 -16.71
N ALA A 1129 31.32 -6.91 -17.11
CA ALA A 1129 32.74 -7.05 -17.40
C ALA A 1129 32.82 -7.46 -18.85
N ILE A 1130 33.47 -6.63 -19.68
CA ILE A 1130 33.54 -6.87 -21.12
C ILE A 1130 34.87 -7.53 -21.43
N ASP A 1131 34.83 -8.61 -22.22
CA ASP A 1131 36.05 -9.27 -22.63
C ASP A 1131 36.99 -8.31 -23.34
N ALA A 1132 38.15 -8.05 -22.73
CA ALA A 1132 39.11 -7.16 -23.37
C ALA A 1132 39.71 -7.77 -24.62
N ALA A 1133 39.70 -9.11 -24.74
CA ALA A 1133 40.22 -9.74 -25.95
C ALA A 1133 39.33 -9.50 -27.17
N SER A 1134 38.15 -8.90 -26.99
CA SER A 1134 37.31 -8.57 -28.12
C SER A 1134 37.89 -7.46 -28.97
N GLY A 1135 38.82 -6.67 -28.41
CA GLY A 1135 39.38 -5.55 -29.14
C GLY A 1135 38.42 -4.40 -29.37
N LEU A 1136 37.29 -4.37 -28.67
CA LEU A 1136 36.26 -3.38 -28.92
C LEU A 1136 36.33 -2.18 -27.97
N GLN A 1137 37.47 -1.96 -27.33
CA GLN A 1137 37.59 -0.86 -26.37
C GLN A 1137 37.24 0.48 -27.00
N ALA A 1138 37.67 0.71 -28.24
CA ALA A 1138 37.41 1.99 -28.89
C ALA A 1138 35.93 2.23 -29.20
N SER A 1139 35.08 1.21 -29.05
CA SER A 1139 33.66 1.37 -29.30
C SER A 1139 32.92 1.99 -28.12
N LEU A 1140 33.55 2.11 -26.96
CA LEU A 1140 32.92 2.64 -25.76
C LEU A 1140 33.65 3.86 -25.23
N LYS A 1141 34.09 4.73 -26.14
CA LYS A 1141 34.80 5.93 -25.73
C LYS A 1141 33.83 6.98 -25.20
N ASN A 1142 34.25 7.67 -24.13
CA ASN A 1142 33.52 8.83 -23.61
C ASN A 1142 32.15 8.45 -23.08
N LEU A 1143 32.08 7.34 -22.34
CA LEU A 1143 30.81 6.96 -21.73
C LEU A 1143 30.42 7.97 -20.65
N PRO A 1144 29.11 8.19 -20.48
CA PRO A 1144 28.66 8.92 -19.29
C PRO A 1144 29.20 8.23 -18.04
N GLN A 1145 29.54 9.05 -17.04
CA GLN A 1145 30.07 8.50 -15.79
C GLN A 1145 29.15 7.42 -15.20
N THR A 1146 27.83 7.63 -15.30
CA THR A 1146 26.90 6.64 -14.75
C THR A 1146 27.05 5.28 -15.41
N VAL A 1147 27.29 5.28 -16.71
CA VAL A 1147 27.46 4.01 -17.42
C VAL A 1147 28.86 3.47 -17.16
N GLY A 1148 29.87 4.34 -17.20
CA GLY A 1148 31.22 3.90 -16.90
C GLY A 1148 31.34 3.22 -15.55
N LEU A 1149 30.56 3.70 -14.56
CA LEU A 1149 30.56 3.06 -13.24
C LEU A 1149 30.14 1.60 -13.33
N ARG A 1150 29.34 1.24 -14.33
CA ARG A 1150 28.84 -0.11 -14.48
C ARG A 1150 29.68 -0.96 -15.40
N VAL A 1151 30.73 -0.39 -16.03
CA VAL A 1151 31.47 -1.05 -17.08
C VAL A 1151 32.89 -1.30 -16.60
N SER A 1152 33.35 -2.54 -16.68
CA SER A 1152 34.75 -2.86 -16.53
C SER A 1152 35.16 -3.70 -17.73
N TRP A 1153 36.46 -3.69 -18.00
CA TRP A 1153 37.04 -4.53 -19.04
C TRP A 1153 37.87 -5.61 -18.38
N SER A 1154 37.77 -6.83 -18.91
CA SER A 1154 38.38 -7.99 -18.25
C SER A 1154 39.30 -8.67 -19.24
N LYS A 1155 40.58 -8.77 -18.89
CA LYS A 1155 41.50 -9.62 -19.64
C LYS A 1155 41.58 -11.02 -19.05
N ASP A 1156 41.35 -11.14 -17.75
CA ASP A 1156 41.44 -12.39 -17.02
C ASP A 1156 40.09 -12.59 -16.35
N TRP A 1157 39.18 -13.30 -17.04
CA TRP A 1157 37.81 -13.42 -16.55
C TRP A 1157 37.77 -14.06 -15.17
N ALA A 1158 38.64 -15.04 -14.92
CA ALA A 1158 38.59 -15.72 -13.63
C ALA A 1158 38.98 -14.78 -12.48
N ALA A 1159 39.82 -13.79 -12.76
CA ALA A 1159 40.24 -12.86 -11.71
C ALA A 1159 39.19 -11.80 -11.41
N ASP A 1160 38.27 -11.54 -12.34
CA ASP A 1160 37.34 -10.43 -12.20
C ASP A 1160 35.93 -10.87 -11.80
N GLY A 1161 35.74 -12.15 -11.52
CA GLY A 1161 34.45 -12.63 -11.07
C GLY A 1161 34.26 -12.41 -9.58
N PRO A 1162 33.22 -13.02 -9.00
CA PRO A 1162 32.22 -13.88 -9.65
C PRO A 1162 31.26 -13.09 -10.53
N PHE A 1163 30.90 -13.68 -11.66
CA PHE A 1163 29.85 -13.10 -12.49
C PHE A 1163 28.52 -13.74 -12.13
N ALA A 1164 27.45 -13.13 -12.62
CA ALA A 1164 26.11 -13.64 -12.37
C ALA A 1164 25.41 -14.06 -13.64
N GLY A 1165 26.13 -14.09 -14.75
CA GLY A 1165 25.60 -14.55 -16.02
C GLY A 1165 26.56 -14.11 -17.10
N ALA A 1166 26.26 -14.52 -18.33
CA ALA A 1166 27.12 -14.13 -19.45
C ALA A 1166 26.29 -13.95 -20.70
N LEU A 1167 26.73 -13.02 -21.54
CA LEU A 1167 26.20 -12.84 -22.89
C LEU A 1167 27.35 -13.01 -23.87
N VAL A 1168 27.13 -13.82 -24.90
CA VAL A 1168 28.18 -14.20 -25.84
C VAL A 1168 27.68 -13.95 -27.25
N GLU A 1169 28.55 -13.38 -28.08
CA GLU A 1169 28.29 -13.19 -29.49
C GLU A 1169 29.35 -13.94 -30.28
N GLY A 1170 28.92 -14.71 -31.27
CA GLY A 1170 29.88 -15.33 -32.15
C GLY A 1170 29.22 -16.38 -33.00
N ASP A 1171 30.03 -16.94 -33.91
CA ASP A 1171 29.55 -18.10 -34.63
C ASP A 1171 29.59 -19.32 -33.73
N ALA A 1172 29.17 -20.47 -34.26
CA ALA A 1172 28.96 -21.63 -33.42
C ALA A 1172 30.25 -22.05 -32.71
N GLU A 1173 31.36 -22.08 -33.43
CA GLU A 1173 32.59 -22.54 -32.77
C GLU A 1173 33.13 -21.49 -31.81
N ARG A 1174 32.88 -20.20 -32.06
CA ARG A 1174 33.25 -19.19 -31.08
C ARG A 1174 32.43 -19.35 -29.82
N ILE A 1175 31.13 -19.60 -29.97
CA ILE A 1175 30.25 -19.84 -28.82
C ILE A 1175 30.72 -21.04 -28.02
N ARG A 1176 31.02 -22.14 -28.71
CA ARG A 1176 31.49 -23.34 -28.02
C ARG A 1176 32.78 -23.05 -27.24
N ALA A 1177 33.72 -22.35 -27.85
CA ALA A 1177 34.98 -22.04 -27.18
C ALA A 1177 34.75 -21.16 -25.96
N VAL A 1178 33.93 -20.13 -26.12
CA VAL A 1178 33.63 -19.25 -24.99
C VAL A 1178 32.90 -20.02 -23.89
N ASN A 1179 31.94 -20.87 -24.26
CA ASN A 1179 31.19 -21.63 -23.27
C ASN A 1179 32.11 -22.51 -22.45
N LYS A 1180 33.14 -23.10 -23.10
CA LYS A 1180 34.12 -23.89 -22.36
C LYS A 1180 34.95 -23.02 -21.43
N ALA A 1181 35.39 -21.86 -21.90
CA ALA A 1181 36.14 -20.94 -21.05
C ALA A 1181 35.28 -20.49 -19.86
N ILE A 1182 34.00 -20.24 -20.08
CA ILE A 1182 33.15 -19.79 -18.98
C ILE A 1182 32.95 -20.91 -17.97
N ALA A 1183 32.76 -22.14 -18.46
CA ALA A 1183 32.60 -23.26 -17.54
C ALA A 1183 33.83 -23.42 -16.66
N ALA A 1184 35.00 -23.00 -17.14
CA ALA A 1184 36.24 -23.14 -16.38
C ALA A 1184 36.40 -22.07 -15.31
N LEU A 1185 35.55 -21.06 -15.29
CA LEU A 1185 35.68 -20.02 -14.28
C LEU A 1185 35.33 -20.59 -12.92
N PRO A 1186 36.11 -20.27 -11.88
CA PRO A 1186 35.79 -20.77 -10.55
C PRO A 1186 34.50 -20.16 -10.04
N GLY A 1187 33.86 -20.88 -9.14
CA GLY A 1187 32.70 -20.34 -8.46
C GLY A 1187 31.39 -20.73 -9.10
N PRO A 1188 30.50 -19.75 -9.25
CA PRO A 1188 29.12 -20.09 -9.61
C PRO A 1188 29.00 -20.54 -11.06
N LEU A 1189 28.03 -21.42 -11.28
CA LEU A 1189 27.64 -21.75 -12.64
C LEU A 1189 26.96 -20.53 -13.24
N LEU A 1190 27.41 -20.12 -14.42
CA LEU A 1190 26.86 -18.92 -15.04
C LEU A 1190 25.78 -19.32 -16.02
N LEU A 1191 24.65 -18.61 -15.97
CA LEU A 1191 23.63 -18.75 -17.01
C LEU A 1191 24.11 -17.97 -18.22
N VAL A 1192 24.46 -18.71 -19.27
CA VAL A 1192 25.06 -18.15 -20.48
C VAL A 1192 24.00 -18.07 -21.56
N GLN A 1193 23.92 -16.92 -22.23
CA GLN A 1193 23.12 -16.76 -23.42
C GLN A 1193 24.04 -16.38 -24.58
N ALA A 1194 23.89 -17.08 -25.70
CA ALA A 1194 24.72 -16.83 -26.85
C ALA A 1194 23.85 -16.51 -28.06
N ALA A 1195 24.43 -15.75 -28.98
CA ALA A 1195 23.76 -15.40 -30.23
C ALA A 1195 24.84 -15.09 -31.26
N SER A 1196 24.52 -15.37 -32.51
CA SER A 1196 25.37 -14.92 -33.59
C SER A 1196 25.13 -13.45 -33.87
N SER A 1197 26.06 -12.85 -34.60
CA SER A 1197 25.87 -11.45 -35.00
C SER A 1197 24.59 -11.29 -35.82
N GLY A 1198 24.32 -12.24 -36.72
CA GLY A 1198 23.11 -12.16 -37.52
C GLY A 1198 21.86 -12.30 -36.68
N GLU A 1199 21.90 -13.17 -35.68
CA GLU A 1199 20.77 -13.32 -34.77
C GLU A 1199 20.51 -12.03 -34.01
N ILE A 1200 21.57 -11.37 -33.56
CA ILE A 1200 21.40 -10.09 -32.88
C ILE A 1200 20.72 -9.08 -33.82
N ALA A 1201 21.09 -9.10 -35.10
CA ALA A 1201 20.49 -8.16 -36.04
C ALA A 1201 19.04 -8.53 -36.35
N ARG A 1202 18.73 -9.83 -36.39
CA ARG A 1202 17.40 -10.25 -36.81
C ARG A 1202 16.40 -10.29 -35.65
N ASN A 1203 16.85 -10.64 -34.46
CA ASN A 1203 15.93 -10.96 -33.37
C ASN A 1203 16.13 -9.99 -32.21
N PRO A 1204 15.18 -9.10 -31.95
CA PRO A 1204 15.31 -8.19 -30.81
C PRO A 1204 15.42 -8.91 -29.50
N ASP A 1205 14.94 -10.15 -29.41
CA ASP A 1205 15.04 -10.95 -28.20
C ASP A 1205 16.16 -11.99 -28.27
N ALA A 1206 17.17 -11.74 -29.10
CA ALA A 1206 18.30 -12.66 -29.20
C ALA A 1206 18.84 -13.00 -27.82
N TYR A 1207 18.96 -12.00 -26.96
CA TYR A 1207 19.24 -12.22 -25.55
C TYR A 1207 17.95 -12.00 -24.76
N CYS A 1208 17.54 -13.00 -24.01
CA CYS A 1208 16.28 -12.92 -23.30
C CYS A 1208 16.49 -12.25 -21.95
N LEU A 1209 15.70 -11.21 -21.67
CA LEU A 1209 15.88 -10.46 -20.43
C LEU A 1209 15.39 -11.21 -19.20
N ASN A 1210 14.60 -12.29 -19.36
CA ASN A 1210 14.20 -13.11 -18.22
C ASN A 1210 15.41 -13.59 -17.44
N TRP A 1211 16.50 -13.90 -18.13
CA TRP A 1211 17.62 -14.57 -17.48
C TRP A 1211 18.68 -13.60 -17.03
N LEU A 1212 18.43 -12.30 -17.18
CA LEU A 1212 19.34 -11.25 -16.75
C LEU A 1212 18.85 -10.54 -15.49
N VAL A 1213 17.73 -10.97 -14.92
CA VAL A 1213 17.28 -10.50 -13.62
C VAL A 1213 17.36 -11.66 -12.66
N GLU A 1214 17.35 -11.31 -11.39
CA GLU A 1214 17.42 -12.28 -10.31
C GLU A 1214 16.11 -12.23 -9.54
N GLU A 1215 15.49 -13.39 -9.34
CA GLU A 1215 14.27 -13.47 -8.57
C GLU A 1215 14.60 -13.54 -7.10
N VAL A 1216 13.82 -12.82 -6.30
CA VAL A 1216 13.95 -12.90 -4.84
C VAL A 1216 12.56 -13.10 -4.25
N SER A 1217 12.45 -14.10 -3.40
CA SER A 1217 11.23 -14.37 -2.66
C SER A 1217 11.47 -13.96 -1.23
N ALA A 1218 10.49 -13.30 -0.64
CA ALA A 1218 10.58 -12.95 0.78
C ALA A 1218 9.26 -13.32 1.44
N SER A 1219 9.34 -14.07 2.53
CA SER A 1219 8.17 -14.50 3.27
C SER A 1219 8.26 -13.91 4.67
N ILE A 1220 7.32 -13.04 5.02
CA ILE A 1220 7.31 -12.32 6.28
C ILE A 1220 6.16 -12.85 7.12
N ASN A 1221 6.49 -13.35 8.31
CA ASN A 1221 5.46 -13.79 9.27
C ASN A 1221 4.89 -12.54 9.93
N THR A 1222 3.68 -12.16 9.52
CA THR A 1222 3.08 -10.94 10.05
C THR A 1222 2.23 -11.21 11.28
N ALA A 1223 2.17 -12.45 11.72
CA ALA A 1223 1.55 -12.78 12.99
C ALA A 1223 2.56 -12.81 14.13
N ALA A 1224 3.83 -12.47 13.84
CA ALA A 1224 4.91 -12.75 14.80
C ALA A 1224 4.74 -11.98 16.09
N ALA A 1225 4.15 -10.78 16.05
CA ALA A 1225 3.98 -10.00 17.27
C ALA A 1225 2.97 -10.62 18.22
N GLY A 1226 2.23 -11.63 17.78
CA GLY A 1226 1.25 -12.28 18.63
C GLY A 1226 -0.16 -12.29 18.08
N GLY A 1227 -0.40 -11.62 16.96
CA GLY A 1227 -1.74 -11.60 16.38
C GLY A 1227 -1.70 -11.11 14.96
N ASN A 1228 -2.86 -11.18 14.30
CA ASN A 1228 -3.03 -10.85 12.89
C ASN A 1228 -3.85 -9.57 12.79
N ALA A 1229 -3.22 -8.47 12.36
CA ALA A 1229 -3.92 -7.19 12.30
C ALA A 1229 -5.03 -7.21 11.26
N SER A 1230 -4.77 -7.79 10.08
CA SER A 1230 -5.80 -7.87 9.05
C SER A 1230 -7.03 -8.62 9.52
N LEU A 1231 -6.84 -9.72 10.27
CA LEU A 1231 -7.98 -10.51 10.71
C LEU A 1231 -8.69 -9.90 11.91
N MET A 1232 -8.13 -8.85 12.54
CA MET A 1232 -8.89 -8.12 13.54
C MET A 1232 -10.11 -7.44 12.95
N ALA A 1233 -10.12 -7.21 11.63
CA ALA A 1233 -11.25 -6.61 10.93
C ALA A 1233 -12.20 -7.64 10.36
N ILE A 1234 -12.00 -8.92 10.67
CA ILE A 1234 -12.81 -10.01 10.12
C ILE A 1234 -13.62 -10.60 11.27
N GLY A 1235 -14.91 -10.37 11.24
CA GLY A 1235 -15.82 -10.92 12.24
C GLY A 1235 -17.11 -11.34 11.56
N ALA B 16 -13.50 57.27 -15.16
CA ALA B 16 -13.23 55.88 -14.84
C ALA B 16 -14.42 55.21 -14.18
N PRO B 17 -14.65 53.94 -14.50
CA PRO B 17 -15.73 53.20 -13.82
C PRO B 17 -15.40 53.05 -12.34
N ALA B 18 -16.43 53.25 -11.51
CA ALA B 18 -16.24 53.12 -10.07
C ALA B 18 -15.82 51.69 -9.73
N PRO B 19 -14.94 51.51 -8.76
CA PRO B 19 -14.50 50.14 -8.42
C PRO B 19 -15.68 49.26 -8.03
N PHE B 20 -15.74 48.09 -8.66
CA PHE B 20 -16.69 47.01 -8.37
C PHE B 20 -18.13 47.41 -8.67
N ALA B 21 -18.34 48.49 -9.40
CA ALA B 21 -19.69 48.92 -9.75
C ALA B 21 -20.43 47.88 -10.59
N ASP B 22 -19.71 47.04 -11.33
CA ASP B 22 -20.32 46.03 -12.19
C ASP B 22 -19.67 44.67 -11.93
N PHE B 23 -19.46 44.36 -10.66
CA PHE B 23 -18.65 43.20 -10.32
C PHE B 23 -19.32 41.90 -10.78
N ALA B 24 -20.55 41.66 -10.32
CA ALA B 24 -21.26 40.43 -10.67
C ALA B 24 -22.77 40.60 -10.57
N PRO B 25 -23.36 41.53 -11.32
CA PRO B 25 -24.81 41.72 -11.25
C PRO B 25 -25.51 40.46 -11.71
N PRO B 26 -26.57 40.04 -11.01
CA PRO B 26 -27.29 38.84 -11.42
C PRO B 26 -28.02 39.05 -12.74
N VAL B 27 -28.26 37.93 -13.44
CA VAL B 27 -29.02 37.99 -14.68
C VAL B 27 -30.37 38.65 -14.43
N ARG B 28 -31.00 38.37 -13.30
CA ARG B 28 -32.30 38.94 -12.99
C ARG B 28 -32.41 39.09 -11.48
N PRO B 29 -33.30 39.97 -11.00
CA PRO B 29 -33.55 40.02 -9.56
C PRO B 29 -34.06 38.67 -9.07
N GLN B 30 -33.54 38.24 -7.92
CA GLN B 30 -33.81 36.90 -7.42
C GLN B 30 -35.16 36.87 -6.73
N SER B 31 -36.09 36.06 -7.25
CA SER B 31 -37.39 35.90 -6.66
C SER B 31 -37.29 35.17 -5.32
N THR B 32 -38.41 35.16 -4.59
CA THR B 32 -38.48 34.39 -3.35
C THR B 32 -38.11 32.93 -3.60
N LEU B 33 -38.66 32.34 -4.67
CA LEU B 33 -38.36 30.95 -4.98
C LEU B 33 -36.91 30.74 -5.39
N ARG B 34 -36.35 31.68 -6.16
CA ARG B 34 -34.94 31.58 -6.52
C ARG B 34 -34.05 31.72 -5.28
N ARG B 35 -34.41 32.64 -4.38
CA ARG B 35 -33.63 32.77 -3.16
C ARG B 35 -33.69 31.52 -2.30
N ALA B 36 -34.83 30.82 -2.29
CA ALA B 36 -34.93 29.61 -1.49
C ALA B 36 -34.01 28.53 -2.03
N ILE B 37 -33.84 28.47 -3.34
CA ILE B 37 -32.86 27.57 -3.94
C ILE B 37 -31.46 27.90 -3.44
N THR B 38 -31.06 29.16 -3.59
CA THR B 38 -29.70 29.56 -3.23
C THR B 38 -29.42 29.31 -1.75
N ALA B 39 -30.41 29.56 -0.90
CA ALA B 39 -30.26 29.36 0.54
C ALA B 39 -29.93 27.92 0.90
N ALA B 40 -30.32 26.95 0.07
CA ALA B 40 -30.10 25.54 0.35
C ALA B 40 -28.79 25.02 -0.23
N TYR B 41 -28.04 25.85 -0.95
CA TYR B 41 -26.92 25.38 -1.78
C TYR B 41 -26.03 24.42 -1.00
N ARG B 42 -25.60 24.83 0.20
CA ARG B 42 -24.68 24.02 0.99
C ARG B 42 -25.23 23.80 2.38
N ARG B 43 -26.53 23.62 2.48
CA ARG B 43 -27.20 23.43 3.76
C ARG B 43 -26.66 22.16 4.43
N PRO B 44 -26.43 22.19 5.74
CA PRO B 44 -25.94 20.99 6.42
C PRO B 44 -26.85 19.80 6.14
N GLU B 45 -26.21 18.63 5.99
CA GLU B 45 -26.93 17.41 5.66
C GLU B 45 -27.97 17.07 6.71
N THR B 46 -27.65 17.33 8.00
CA THR B 46 -28.62 17.06 9.05
C THR B 46 -29.84 17.97 8.98
N GLU B 47 -29.72 19.15 8.36
CA GLU B 47 -30.91 19.98 8.17
C GLU B 47 -31.69 19.58 6.93
N CYS B 48 -31.00 19.05 5.89
CA CYS B 48 -31.69 18.71 4.66
C CYS B 48 -32.59 17.50 4.82
N LEU B 49 -32.15 16.52 5.59
CA LEU B 49 -32.80 15.22 5.53
C LEU B 49 -34.17 15.14 6.21
N PRO B 50 -34.40 15.77 7.35
CA PRO B 50 -35.70 15.54 8.04
C PRO B 50 -36.89 15.92 7.18
N PRO B 51 -36.89 17.07 6.48
CA PRO B 51 -38.06 17.35 5.62
C PRO B 51 -38.16 16.42 4.43
N LEU B 52 -37.04 15.87 3.94
CA LEU B 52 -37.12 14.88 2.87
C LEU B 52 -37.69 13.56 3.38
N VAL B 53 -37.27 13.14 4.57
CA VAL B 53 -37.84 11.93 5.18
C VAL B 53 -39.35 12.08 5.29
N GLU B 54 -39.81 13.24 5.74
CA GLU B 54 -41.24 13.46 5.92
C GLU B 54 -41.96 13.42 4.59
N ALA B 55 -41.41 14.07 3.57
CA ALA B 55 -42.03 14.04 2.25
C ALA B 55 -42.01 12.66 1.62
N ALA B 56 -40.99 11.86 1.90
CA ALA B 56 -40.83 10.55 1.30
C ALA B 56 -41.62 9.46 2.02
N THR B 57 -42.20 9.77 3.17
CA THR B 57 -42.88 8.76 3.98
C THR B 57 -44.13 8.26 3.28
N GLN B 58 -44.32 6.94 3.28
CA GLN B 58 -45.50 6.29 2.72
C GLN B 58 -46.10 5.35 3.76
N SER B 59 -47.37 5.01 3.55
CA SER B 59 -48.06 4.11 4.46
C SER B 59 -47.40 2.73 4.47
N LYS B 60 -47.68 1.96 5.52
CA LYS B 60 -47.16 0.59 5.57
C LYS B 60 -47.72 -0.25 4.43
N GLU B 61 -48.95 0.01 4.01
CA GLU B 61 -49.54 -0.75 2.91
C GLU B 61 -48.80 -0.47 1.61
N ILE B 62 -48.59 0.81 1.30
CA ILE B 62 -47.85 1.17 0.09
C ILE B 62 -46.40 0.69 0.20
N ARG B 63 -45.79 0.89 1.37
CA ARG B 63 -44.43 0.39 1.59
C ARG B 63 -44.34 -1.11 1.38
N ASP B 64 -45.30 -1.86 1.92
CA ASP B 64 -45.30 -3.30 1.69
C ASP B 64 -45.53 -3.62 0.22
N ALA B 65 -46.49 -2.93 -0.42
CA ALA B 65 -46.75 -3.16 -1.84
C ALA B 65 -45.53 -2.85 -2.69
N ALA B 66 -44.77 -1.80 -2.33
CA ALA B 66 -43.60 -1.44 -3.11
C ALA B 66 -42.46 -2.43 -2.93
N ALA B 67 -42.28 -2.93 -1.72
CA ALA B 67 -41.24 -3.92 -1.47
C ALA B 67 -41.53 -5.22 -2.21
N SER B 68 -42.81 -5.55 -2.38
CA SER B 68 -43.17 -6.70 -3.20
C SER B 68 -42.86 -6.42 -4.67
N THR B 69 -43.32 -5.27 -5.18
CA THR B 69 -43.04 -4.90 -6.56
C THR B 69 -41.55 -4.88 -6.85
N ALA B 70 -40.74 -4.34 -5.92
CA ALA B 70 -39.30 -4.31 -6.12
C ALA B 70 -38.72 -5.72 -6.14
N ARG B 71 -39.21 -6.60 -5.27
CA ARG B 71 -38.68 -7.95 -5.23
C ARG B 71 -38.95 -8.70 -6.53
N LYS B 72 -40.14 -8.53 -7.09
CA LYS B 72 -40.45 -9.14 -8.38
C LYS B 72 -39.55 -8.59 -9.48
N LEU B 73 -39.29 -7.27 -9.47
CA LEU B 73 -38.41 -6.69 -10.47
C LEU B 73 -36.98 -7.19 -10.32
N ILE B 74 -36.51 -7.33 -9.07
CA ILE B 74 -35.13 -7.76 -8.85
C ILE B 74 -34.97 -9.24 -9.17
N GLU B 75 -35.97 -10.04 -8.82
CA GLU B 75 -35.95 -11.46 -9.20
C GLU B 75 -35.88 -11.59 -10.71
N ALA B 76 -36.80 -10.94 -11.43
CA ALA B 76 -36.77 -10.94 -12.88
C ALA B 76 -35.41 -10.48 -13.40
N LEU B 77 -34.89 -9.39 -12.85
CA LEU B 77 -33.58 -8.89 -13.28
C LEU B 77 -32.51 -9.95 -13.09
N ARG B 78 -32.47 -10.58 -11.92
CA ARG B 78 -31.40 -11.53 -11.62
C ARG B 78 -31.64 -12.91 -12.23
N GLY B 79 -32.86 -13.20 -12.69
CA GLY B 79 -33.11 -14.47 -13.36
C GLY B 79 -32.54 -14.50 -14.76
N LYS B 80 -32.47 -13.36 -15.43
CA LYS B 80 -31.96 -13.25 -16.79
C LYS B 80 -30.47 -13.56 -16.86
N SER B 84 -22.68 -11.20 -19.77
CA SER B 84 -21.90 -10.25 -20.57
C SER B 84 -21.18 -10.96 -21.71
N GLY B 85 -21.06 -10.27 -22.85
CA GLY B 85 -20.22 -10.79 -23.91
C GLY B 85 -18.76 -10.80 -23.54
N VAL B 86 -18.31 -9.80 -22.78
CA VAL B 86 -16.91 -9.75 -22.38
C VAL B 86 -16.60 -10.83 -21.36
N GLU B 87 -17.55 -11.10 -20.45
CA GLU B 87 -17.36 -12.18 -19.48
C GLU B 87 -17.20 -13.53 -20.20
N GLY B 88 -18.02 -13.78 -21.22
CA GLY B 88 -17.90 -15.01 -21.96
C GLY B 88 -16.63 -15.09 -22.78
N LEU B 89 -16.15 -13.96 -23.27
CA LEU B 89 -14.89 -13.94 -24.00
C LEU B 89 -13.72 -14.25 -23.06
N VAL B 90 -13.73 -13.65 -21.87
CA VAL B 90 -12.71 -13.89 -20.87
C VAL B 90 -12.70 -15.37 -20.48
N GLN B 91 -13.87 -15.96 -20.28
CA GLN B 91 -13.92 -17.37 -19.91
C GLN B 91 -13.51 -18.27 -21.08
N GLU B 92 -13.91 -17.94 -22.30
CA GLU B 92 -13.62 -18.82 -23.43
C GLU B 92 -12.12 -18.90 -23.71
N TYR B 93 -11.40 -17.79 -23.55
CA TYR B 93 -9.97 -17.78 -23.82
C TYR B 93 -9.14 -17.72 -22.55
N SER B 94 -9.76 -17.92 -21.38
CA SER B 94 -9.05 -17.96 -20.10
C SER B 94 -8.19 -16.72 -19.91
N LEU B 95 -8.78 -15.57 -20.20
CA LEU B 95 -8.04 -14.32 -20.10
C LEU B 95 -7.96 -13.86 -18.66
N SER B 96 -6.81 -13.30 -18.30
CA SER B 96 -6.74 -12.51 -17.10
C SER B 96 -7.45 -11.17 -17.33
N SER B 97 -7.64 -10.42 -16.25
CA SER B 97 -8.24 -9.10 -16.38
C SER B 97 -7.40 -8.20 -17.28
N GLN B 98 -6.08 -8.16 -17.06
CA GLN B 98 -5.22 -7.30 -17.87
C GLN B 98 -5.24 -7.76 -19.32
N GLU B 99 -5.32 -9.07 -19.57
CA GLU B 99 -5.45 -9.54 -20.95
C GLU B 99 -6.77 -9.11 -21.55
N GLY B 100 -7.85 -9.17 -20.77
CA GLY B 100 -9.13 -8.71 -21.28
C GLY B 100 -9.09 -7.24 -21.63
N VAL B 101 -8.49 -6.43 -20.77
CA VAL B 101 -8.38 -5.00 -21.03
C VAL B 101 -7.51 -4.75 -22.26
N ALA B 102 -6.36 -5.43 -22.32
CA ALA B 102 -5.45 -5.25 -23.44
C ALA B 102 -6.11 -5.66 -24.76
N LEU B 103 -6.88 -6.75 -24.73
CA LEU B 103 -7.55 -7.20 -25.94
C LEU B 103 -8.56 -6.17 -26.42
N MET B 104 -9.31 -5.58 -25.49
CA MET B 104 -10.29 -4.57 -25.90
C MET B 104 -9.62 -3.32 -26.41
N CYS B 105 -8.46 -2.97 -25.87
CA CYS B 105 -7.69 -1.86 -26.44
C CYS B 105 -7.25 -2.17 -27.85
N LEU B 106 -6.71 -3.38 -28.06
CA LEU B 106 -6.35 -3.79 -29.41
C LEU B 106 -7.55 -3.74 -30.33
N ALA B 107 -8.70 -4.22 -29.86
CA ALA B 107 -9.90 -4.24 -30.69
C ALA B 107 -10.33 -2.82 -31.04
N GLU B 108 -10.32 -1.93 -30.05
CA GLU B 108 -10.62 -0.52 -30.32
C GLU B 108 -9.72 0.04 -31.41
N ALA B 109 -8.42 -0.25 -31.34
CA ALA B 109 -7.51 0.28 -32.34
C ALA B 109 -7.81 -0.31 -33.71
N LEU B 110 -8.07 -1.61 -33.76
CA LEU B 110 -8.36 -2.24 -35.06
C LEU B 110 -9.65 -1.71 -35.65
N LEU B 111 -10.60 -1.29 -34.82
CA LEU B 111 -11.86 -0.74 -35.33
C LEU B 111 -11.71 0.68 -35.85
N ARG B 112 -10.59 1.36 -35.55
CA ARG B 112 -10.30 2.62 -36.20
C ARG B 112 -9.90 2.43 -37.66
N ILE B 113 -9.63 1.20 -38.09
CA ILE B 113 -9.47 0.86 -39.50
C ILE B 113 -10.87 0.70 -40.09
N PRO B 114 -11.29 1.58 -41.00
CA PRO B 114 -12.70 1.56 -41.44
C PRO B 114 -13.03 0.40 -42.36
N ASP B 115 -12.10 -0.02 -43.20
CA ASP B 115 -12.36 -1.03 -44.22
C ASP B 115 -12.16 -2.42 -43.64
N THR B 116 -13.23 -3.22 -43.63
CA THR B 116 -13.19 -4.56 -43.04
C THR B 116 -12.07 -5.40 -43.63
N ALA B 117 -11.89 -5.35 -44.95
CA ALA B 117 -10.87 -6.19 -45.58
C ALA B 117 -9.46 -5.78 -45.16
N THR B 118 -9.23 -4.47 -45.03
CA THR B 118 -7.91 -4.01 -44.61
C THR B 118 -7.65 -4.38 -43.15
N ARG B 119 -8.68 -4.26 -42.32
CA ARG B 119 -8.56 -4.64 -40.90
C ARG B 119 -8.31 -6.14 -40.77
N ASP B 120 -9.14 -6.95 -41.42
CA ASP B 120 -9.01 -8.40 -41.35
C ASP B 120 -7.68 -8.87 -41.89
N ALA B 121 -7.13 -8.19 -42.90
CA ALA B 121 -5.84 -8.56 -43.44
C ALA B 121 -4.73 -8.28 -42.43
N LEU B 122 -4.78 -7.11 -41.80
CA LEU B 122 -3.77 -6.78 -40.79
C LEU B 122 -3.78 -7.79 -39.66
N ILE B 123 -4.98 -8.25 -39.28
CA ILE B 123 -5.11 -9.21 -38.18
C ILE B 123 -4.44 -10.53 -38.54
N ARG B 124 -4.75 -11.05 -39.73
CA ARG B 124 -4.24 -12.35 -40.13
C ARG B 124 -2.74 -12.30 -40.43
N ASP B 125 -2.28 -11.21 -41.05
CA ASP B 125 -0.93 -11.18 -41.59
C ASP B 125 0.07 -10.41 -40.73
N LYS B 126 -0.38 -9.65 -39.75
CA LYS B 126 0.60 -8.90 -38.96
C LYS B 126 0.35 -8.98 -37.46
N ILE B 127 -0.91 -8.89 -37.02
CA ILE B 127 -1.19 -8.85 -35.58
C ILE B 127 -1.09 -10.24 -34.99
N ALA B 128 -1.68 -11.24 -35.65
CA ALA B 128 -1.71 -12.59 -35.10
C ALA B 128 -0.32 -13.17 -34.94
N ASP B 129 0.68 -12.65 -35.66
CA ASP B 129 2.07 -13.03 -35.50
C ASP B 129 2.77 -12.22 -34.41
N GLY B 130 2.00 -11.63 -33.48
CA GLY B 130 2.57 -10.85 -32.40
C GLY B 130 3.14 -9.50 -32.77
N ASN B 131 3.33 -9.21 -34.07
CA ASN B 131 3.94 -7.96 -34.48
C ASN B 131 2.97 -6.79 -34.32
N TRP B 132 2.32 -6.71 -33.16
CA TRP B 132 1.30 -5.69 -32.95
C TRP B 132 1.90 -4.33 -32.61
N LYS B 133 3.04 -4.31 -31.91
CA LYS B 133 3.65 -3.04 -31.54
C LYS B 133 4.03 -2.23 -32.77
N SER B 134 4.49 -2.91 -33.81
CA SER B 134 4.96 -2.26 -35.05
C SER B 134 3.88 -2.27 -36.12
N HIS B 135 2.66 -1.87 -35.78
CA HIS B 135 1.57 -1.89 -36.76
C HIS B 135 0.36 -1.09 -36.29
N LEU B 136 0.33 -0.73 -35.01
CA LEU B 136 -0.77 0.07 -34.48
C LEU B 136 -0.28 1.08 -33.44
N ARG B 140 1.19 6.84 -30.72
CA ARG B 140 0.07 6.76 -29.78
C ARG B 140 -0.06 5.34 -29.21
N SER B 141 -0.07 5.26 -27.89
CA SER B 141 -0.17 3.97 -27.22
C SER B 141 -1.49 3.28 -27.59
N LEU B 142 -1.41 1.97 -27.78
CA LEU B 142 -2.62 1.18 -27.94
C LEU B 142 -3.53 1.31 -26.73
N PHE B 143 -2.99 1.69 -25.57
CA PHE B 143 -3.69 1.59 -24.30
C PHE B 143 -4.17 2.93 -23.77
N VAL B 144 -4.29 3.94 -24.64
CA VAL B 144 -4.73 5.27 -24.21
CA VAL B 144 -4.71 5.27 -24.19
C VAL B 144 -6.04 5.20 -23.45
N ASN B 145 -6.97 4.36 -23.91
CA ASN B 145 -8.29 4.27 -23.29
C ASN B 145 -8.43 3.05 -22.39
N ALA B 146 -7.33 2.53 -21.87
CA ALA B 146 -7.41 1.29 -21.09
C ALA B 146 -8.13 1.48 -19.76
N ALA B 147 -8.15 2.69 -19.21
CA ALA B 147 -8.92 2.89 -17.99
C ALA B 147 -10.40 2.63 -18.26
N THR B 148 -10.87 3.04 -19.43
CA THR B 148 -12.26 2.77 -19.78
C THR B 148 -12.52 1.28 -19.94
N TRP B 149 -11.67 0.58 -20.70
CA TRP B 149 -11.86 -0.85 -20.84
C TRP B 149 -11.62 -1.58 -19.53
N GLY B 150 -10.74 -1.04 -18.67
CA GLY B 150 -10.61 -1.59 -17.33
C GLY B 150 -11.92 -1.57 -16.58
N LEU B 151 -12.67 -0.47 -16.69
CA LEU B 151 -13.99 -0.41 -16.07
CA LEU B 151 -13.99 -0.41 -16.07
C LEU B 151 -14.92 -1.45 -16.68
N VAL B 152 -14.88 -1.60 -18.00
CA VAL B 152 -15.74 -2.57 -18.67
C VAL B 152 -15.42 -4.00 -18.21
N VAL B 153 -14.13 -4.32 -18.10
CA VAL B 153 -13.73 -5.71 -17.87
C VAL B 153 -13.79 -6.07 -16.40
N THR B 154 -13.32 -5.18 -15.53
CA THR B 154 -13.16 -5.49 -14.11
C THR B 154 -14.18 -4.79 -13.23
N GLY B 155 -14.85 -3.76 -13.71
CA GLY B 155 -15.71 -2.97 -12.87
C GLY B 155 -14.99 -1.97 -11.99
N LYS B 156 -13.66 -1.89 -12.07
CA LYS B 156 -12.88 -0.97 -11.28
C LYS B 156 -12.24 0.06 -12.20
N LEU B 157 -12.10 1.28 -11.68
CA LEU B 157 -11.51 2.38 -12.41
C LEU B 157 -10.12 2.67 -11.85
N THR B 158 -9.14 2.81 -12.74
CA THR B 158 -7.85 3.38 -12.40
C THR B 158 -7.68 4.68 -13.16
N SER B 159 -6.95 5.62 -12.60
CA SER B 159 -6.79 6.90 -13.26
C SER B 159 -5.75 6.84 -14.36
N THR B 160 -4.70 6.05 -14.17
CA THR B 160 -3.67 5.87 -15.17
C THR B 160 -3.53 4.38 -15.45
N VAL B 161 -2.79 4.09 -16.51
CA VAL B 161 -2.77 2.78 -17.14
C VAL B 161 -1.39 2.17 -16.96
N ASN B 162 -1.33 0.93 -16.51
CA ASN B 162 -0.03 0.25 -16.48
C ASN B 162 0.21 -0.31 -17.87
N ASP B 163 0.83 0.51 -18.72
CA ASP B 163 1.02 0.12 -20.11
C ASP B 163 2.06 -0.96 -20.27
N ARG B 164 2.98 -1.14 -19.32
CA ARG B 164 3.89 -2.28 -19.45
C ARG B 164 3.17 -3.59 -19.14
N SER B 165 2.28 -3.57 -18.14
CA SER B 165 1.49 -4.76 -17.82
C SER B 165 0.57 -5.10 -18.98
N LEU B 166 -0.05 -4.08 -19.58
CA LEU B 166 -0.95 -4.32 -20.71
C LEU B 166 -0.20 -4.81 -21.92
N ALA B 167 0.98 -4.24 -22.21
CA ALA B 167 1.77 -4.73 -23.33
C ALA B 167 2.15 -6.19 -23.13
N ALA B 168 2.58 -6.53 -21.91
CA ALA B 168 2.90 -7.91 -21.60
C ALA B 168 1.68 -8.80 -21.77
N ALA B 169 0.52 -8.35 -21.31
CA ALA B 169 -0.70 -9.14 -21.41
C ALA B 169 -1.12 -9.33 -22.85
N LEU B 170 -1.00 -8.30 -23.68
CA LEU B 170 -1.39 -8.44 -25.07
C LEU B 170 -0.45 -9.40 -25.81
N THR B 171 0.84 -9.26 -25.61
CA THR B 171 1.78 -10.21 -26.19
C THR B 171 1.45 -11.63 -25.74
N ARG B 172 1.18 -11.80 -24.45
CA ARG B 172 0.90 -13.13 -23.94
C ARG B 172 -0.35 -13.70 -24.59
N LEU B 173 -1.41 -12.91 -24.67
CA LEU B 173 -2.66 -13.49 -25.15
C LEU B 173 -2.59 -13.79 -26.65
N ILE B 174 -1.92 -12.94 -27.42
CA ILE B 174 -1.80 -13.21 -28.85
C ILE B 174 -0.91 -14.41 -29.10
N SER B 175 0.21 -14.51 -28.38
CA SER B 175 1.07 -15.67 -28.57
C SER B 175 0.40 -16.95 -28.10
N ARG B 176 -0.54 -16.86 -27.16
CA ARG B 176 -1.21 -18.06 -26.67
C ARG B 176 -2.39 -18.45 -27.55
N CYS B 177 -3.18 -17.47 -28.01
CA CYS B 177 -4.47 -17.75 -28.62
C CYS B 177 -4.56 -17.33 -30.07
N GLY B 178 -3.69 -16.45 -30.55
CA GLY B 178 -3.61 -16.17 -31.97
C GLY B 178 -4.80 -15.39 -32.51
N GLU B 179 -5.00 -15.54 -33.82
CA GLU B 179 -6.06 -14.79 -34.50
C GLU B 179 -7.44 -15.02 -33.92
N PRO B 180 -7.85 -16.24 -33.51
CA PRO B 180 -9.22 -16.41 -33.01
C PRO B 180 -9.59 -15.48 -31.86
N VAL B 181 -8.68 -15.19 -30.93
CA VAL B 181 -9.05 -14.30 -29.84
C VAL B 181 -9.11 -12.86 -30.32
N ILE B 182 -8.27 -12.50 -31.29
CA ILE B 182 -8.32 -11.15 -31.84
C ILE B 182 -9.65 -10.92 -32.54
N ARG B 183 -10.04 -11.89 -33.39
CA ARG B 183 -11.33 -11.81 -34.07
C ARG B 183 -12.48 -11.67 -33.08
N ARG B 184 -12.48 -12.49 -32.03
CA ARG B 184 -13.55 -12.40 -31.03
C ARG B 184 -13.55 -11.05 -30.32
N GLY B 185 -12.37 -10.52 -30.00
CA GLY B 185 -12.31 -9.23 -29.35
C GLY B 185 -12.78 -8.10 -30.24
N VAL B 186 -12.43 -8.15 -31.52
CA VAL B 186 -12.88 -7.13 -32.47
C VAL B 186 -14.40 -7.15 -32.58
N ASP B 187 -14.97 -8.35 -32.77
CA ASP B 187 -16.42 -8.46 -32.87
C ASP B 187 -17.10 -7.97 -31.60
N MET B 188 -16.52 -8.28 -30.44
CA MET B 188 -17.08 -7.87 -29.16
C MET B 188 -17.05 -6.35 -29.00
N ALA B 189 -15.91 -5.73 -29.31
CA ALA B 189 -15.81 -4.28 -29.19
C ALA B 189 -16.71 -3.59 -30.20
N MET B 190 -16.83 -4.16 -31.40
CA MET B 190 -17.71 -3.55 -32.41
C MET B 190 -19.15 -3.54 -31.92
N ARG B 191 -19.60 -4.63 -31.30
CA ARG B 191 -20.96 -4.67 -30.77
C ARG B 191 -21.13 -3.67 -29.63
N MET B 192 -20.20 -3.67 -28.67
CA MET B 192 -20.34 -2.80 -27.51
C MET B 192 -20.32 -1.34 -27.94
N MET B 193 -19.37 -0.97 -28.79
CA MET B 193 -19.23 0.43 -29.15
C MET B 193 -20.22 0.86 -30.23
N GLY B 194 -20.81 -0.09 -30.95
CA GLY B 194 -21.75 0.26 -32.00
C GLY B 194 -23.20 0.13 -31.60
N GLU B 195 -23.49 -0.70 -30.58
CA GLU B 195 -24.85 -1.08 -30.26
C GLU B 195 -25.21 -1.01 -28.79
N GLN B 196 -24.24 -1.08 -27.88
CA GLN B 196 -24.54 -1.07 -26.45
C GLN B 196 -24.22 0.29 -25.82
N PHE B 197 -23.02 0.81 -26.06
CA PHE B 197 -22.65 2.11 -25.52
C PHE B 197 -23.39 3.24 -26.24
N VAL B 198 -23.77 3.03 -27.49
CA VAL B 198 -24.58 3.98 -28.22
C VAL B 198 -25.73 3.21 -28.85
N THR B 199 -26.84 3.90 -29.07
CA THR B 199 -27.93 3.28 -29.80
C THR B 199 -27.58 3.15 -31.27
N GLY B 200 -26.81 4.10 -31.79
CA GLY B 200 -26.27 4.00 -33.13
C GLY B 200 -25.15 5.00 -33.29
N GLU B 201 -24.36 4.81 -34.34
CA GLU B 201 -23.26 5.73 -34.62
C GLU B 201 -23.79 7.06 -35.16
N THR B 202 -24.87 7.03 -35.94
CA THR B 202 -25.52 8.22 -36.47
C THR B 202 -26.97 8.25 -36.01
N ILE B 203 -27.61 9.41 -36.15
CA ILE B 203 -29.01 9.52 -35.76
C ILE B 203 -29.88 8.64 -36.65
N ARG B 204 -29.52 8.52 -37.93
CA ARG B 204 -30.25 7.64 -38.84
C ARG B 204 -30.25 6.21 -38.32
N GLU B 205 -29.08 5.72 -37.90
CA GLU B 205 -28.99 4.36 -37.38
C GLU B 205 -29.71 4.23 -36.05
N ALA B 206 -29.58 5.24 -35.19
CA ALA B 206 -30.27 5.21 -33.91
C ALA B 206 -31.78 5.19 -34.09
N LEU B 207 -32.29 6.01 -35.01
CA LEU B 207 -33.73 6.07 -35.23
C LEU B 207 -34.26 4.74 -35.77
N LYS B 208 -33.54 4.12 -36.70
CA LYS B 208 -33.98 2.83 -37.23
C LYS B 208 -33.98 1.76 -36.14
N ARG B 209 -32.97 1.75 -35.28
CA ARG B 209 -32.90 0.74 -34.24
C ARG B 209 -33.89 0.99 -33.11
N SER B 210 -34.52 2.16 -33.08
CA SER B 210 -35.45 2.49 -32.02
C SER B 210 -36.85 1.92 -32.24
N LYS B 211 -37.18 1.58 -33.48
CA LYS B 211 -38.53 1.14 -33.79
C LYS B 211 -38.92 -0.08 -32.96
N GLU B 212 -37.96 -0.98 -32.70
CA GLU B 212 -38.29 -2.25 -32.04
C GLU B 212 -38.87 -2.01 -30.65
N LEU B 213 -38.14 -1.30 -29.80
CA LEU B 213 -38.65 -1.08 -28.44
C LEU B 213 -39.79 -0.08 -28.43
N GLU B 214 -39.83 0.86 -29.40
CA GLU B 214 -40.97 1.75 -29.49
C GLU B 214 -42.27 0.96 -29.72
N GLU B 215 -42.21 -0.08 -30.56
CA GLU B 215 -43.39 -0.92 -30.79
C GLU B 215 -43.86 -1.63 -29.52
N LYS B 216 -42.95 -1.84 -28.56
CA LYS B 216 -43.31 -2.42 -27.27
C LYS B 216 -43.84 -1.38 -26.28
N GLY B 217 -43.69 -0.10 -26.57
CA GLY B 217 -44.18 0.96 -25.70
C GLY B 217 -43.10 1.83 -25.09
N PHE B 218 -41.83 1.60 -25.41
CA PHE B 218 -40.78 2.52 -25.00
C PHE B 218 -40.81 3.77 -25.86
N SER B 219 -40.18 4.84 -25.37
CA SER B 219 -39.92 6.02 -26.16
C SER B 219 -38.45 6.37 -26.04
N TYR B 220 -38.03 7.42 -26.75
CA TYR B 220 -36.62 7.72 -26.83
C TYR B 220 -36.35 9.19 -26.61
N SER B 221 -35.17 9.46 -26.05
CA SER B 221 -34.59 10.79 -26.03
C SER B 221 -33.13 10.62 -26.46
N TYR B 222 -32.77 11.23 -27.59
CA TYR B 222 -31.44 11.03 -28.15
C TYR B 222 -30.44 12.04 -27.59
N ASP B 223 -29.26 11.53 -27.29
CA ASP B 223 -28.15 12.27 -26.68
C ASP B 223 -27.02 12.25 -27.69
N MET B 224 -26.79 13.37 -28.36
CA MET B 224 -25.80 13.41 -29.43
C MET B 224 -24.37 13.52 -28.92
N LEU B 225 -24.14 13.28 -27.63
CA LEU B 225 -22.81 13.07 -27.06
C LEU B 225 -21.89 14.28 -27.25
N GLY B 226 -22.47 15.47 -27.13
CA GLY B 226 -21.70 16.72 -27.11
C GLY B 226 -21.73 17.31 -25.71
N GLU B 227 -20.57 17.80 -25.27
CA GLU B 227 -20.53 18.53 -24.00
C GLU B 227 -19.19 19.23 -23.89
N ALA B 228 -19.16 20.23 -23.02
CA ALA B 228 -17.94 20.92 -22.63
C ALA B 228 -17.17 21.41 -23.86
N ALA B 229 -17.84 22.23 -24.66
CA ALA B 229 -17.15 22.92 -25.75
C ALA B 229 -15.94 23.66 -25.21
N THR B 230 -14.81 23.49 -25.90
CA THR B 230 -13.58 24.19 -25.53
C THR B 230 -13.35 25.45 -26.36
N THR B 231 -13.82 25.45 -27.60
CA THR B 231 -13.62 26.57 -28.51
C THR B 231 -14.96 26.98 -29.10
N ALA B 232 -14.96 28.16 -29.71
CA ALA B 232 -16.14 28.60 -30.45
C ALA B 232 -16.51 27.61 -31.53
N ALA B 233 -15.52 27.05 -32.22
CA ALA B 233 -15.81 26.10 -33.30
C ALA B 233 -16.48 24.84 -32.76
N ASP B 234 -16.06 24.39 -31.57
CA ASP B 234 -16.70 23.25 -30.92
C ASP B 234 -18.18 23.53 -30.69
N ALA B 235 -18.48 24.68 -30.08
CA ALA B 235 -19.85 24.98 -29.72
C ALA B 235 -20.72 25.15 -30.95
N GLU B 236 -20.15 25.78 -31.99
CA GLU B 236 -20.91 25.93 -33.22
C GLU B 236 -21.19 24.58 -33.87
N ARG B 237 -20.22 23.66 -33.81
CA ARG B 237 -20.45 22.33 -34.36
C ARG B 237 -21.51 21.59 -33.56
N TYR B 238 -21.41 21.61 -32.24
CA TYR B 238 -22.42 20.94 -31.41
C TYR B 238 -23.81 21.50 -31.67
N TYR B 239 -23.90 22.83 -31.84
CA TYR B 239 -25.19 23.43 -32.19
C TYR B 239 -25.70 22.88 -33.51
N ARG B 240 -24.85 22.83 -34.53
CA ARG B 240 -25.30 22.36 -35.82
C ARG B 240 -25.66 20.87 -35.77
N ASP B 241 -24.95 20.10 -34.95
CA ASP B 241 -25.27 18.68 -34.80
C ASP B 241 -26.61 18.50 -34.10
N TYR B 242 -26.90 19.31 -33.08
CA TYR B 242 -28.22 19.26 -32.45
C TYR B 242 -29.31 19.65 -33.44
N GLU B 243 -29.08 20.71 -34.20
CA GLU B 243 -30.05 21.16 -35.19
C GLU B 243 -30.35 20.05 -36.18
N SER B 244 -29.30 19.41 -36.70
CA SER B 244 -29.49 18.35 -37.67
C SER B 244 -30.24 17.16 -37.05
N ALA B 245 -29.90 16.83 -35.80
CA ALA B 245 -30.59 15.73 -35.12
C ALA B 245 -32.06 16.06 -34.89
N ILE B 246 -32.37 17.30 -34.54
CA ILE B 246 -33.77 17.66 -34.32
C ILE B 246 -34.59 17.47 -35.59
N HIS B 247 -34.04 17.85 -36.75
CA HIS B 247 -34.75 17.61 -37.99
C HIS B 247 -34.98 16.13 -38.21
N ALA B 248 -33.99 15.29 -37.92
CA ALA B 248 -34.14 13.86 -38.13
C ALA B 248 -35.13 13.26 -37.13
N ILE B 249 -34.98 13.65 -35.86
CA ILE B 249 -35.88 13.14 -34.82
C ILE B 249 -37.28 13.65 -35.05
N GLY B 250 -37.42 14.92 -35.43
CA GLY B 250 -38.74 15.50 -35.64
C GLY B 250 -39.47 14.87 -36.81
N LYS B 251 -38.75 14.58 -37.90
CA LYS B 251 -39.40 13.91 -39.03
C LYS B 251 -39.77 12.48 -38.66
N ALA B 252 -38.89 11.79 -37.91
CA ALA B 252 -39.20 10.43 -37.47
C ALA B 252 -40.35 10.41 -36.49
N SER B 253 -40.47 11.43 -35.64
CA SER B 253 -41.61 11.51 -34.74
C SER B 253 -42.92 11.49 -35.50
N ALA B 254 -42.98 12.18 -36.63
CA ALA B 254 -44.13 12.16 -37.54
C ALA B 254 -45.43 12.46 -36.79
N GLY B 255 -45.39 13.46 -35.91
CA GLY B 255 -46.59 13.91 -35.25
C GLY B 255 -47.02 13.10 -34.05
N ARG B 256 -46.19 12.17 -33.58
CA ARG B 256 -46.56 11.34 -32.44
C ARG B 256 -46.63 12.11 -31.14
N GLY B 257 -46.12 13.35 -31.10
CA GLY B 257 -46.17 14.15 -29.90
C GLY B 257 -45.05 13.85 -28.93
N ILE B 258 -45.05 14.60 -27.83
CA ILE B 258 -43.90 14.59 -26.93
C ILE B 258 -43.87 13.39 -26.00
N TYR B 259 -44.98 12.66 -25.83
CA TYR B 259 -45.00 11.53 -24.92
C TYR B 259 -44.69 10.22 -25.62
N GLU B 260 -45.44 9.88 -26.68
CA GLU B 260 -45.14 8.68 -27.45
C GLU B 260 -43.92 8.88 -28.33
N GLY B 261 -43.76 10.07 -28.90
CA GLY B 261 -42.72 10.31 -29.86
C GLY B 261 -41.38 10.63 -29.23
N PRO B 262 -40.32 10.51 -30.03
CA PRO B 262 -38.97 10.70 -29.50
C PRO B 262 -38.67 12.16 -29.24
N GLY B 263 -37.65 12.38 -28.43
CA GLY B 263 -37.15 13.72 -28.17
C GLY B 263 -35.65 13.78 -28.24
N ILE B 264 -35.09 14.92 -27.87
CA ILE B 264 -33.64 15.13 -27.86
C ILE B 264 -33.25 15.71 -26.51
N SER B 265 -32.02 15.38 -26.09
CA SER B 265 -31.43 15.92 -24.88
C SER B 265 -30.20 16.71 -25.28
N ILE B 266 -29.98 17.84 -24.63
CA ILE B 266 -28.83 18.69 -24.91
C ILE B 266 -28.14 19.04 -23.61
N LYS B 267 -26.89 19.45 -23.73
CA LYS B 267 -26.12 19.96 -22.61
C LYS B 267 -25.73 21.40 -22.94
N LEU B 268 -26.04 22.32 -22.01
CA LEU B 268 -25.71 23.71 -22.28
C LEU B 268 -24.21 23.91 -22.42
N SER B 269 -23.39 23.12 -21.72
CA SER B 269 -21.94 23.26 -21.87
C SER B 269 -21.47 22.93 -23.28
N ALA B 270 -22.26 22.19 -24.05
CA ALA B 270 -21.90 21.94 -25.45
C ALA B 270 -22.07 23.17 -26.30
N LEU B 271 -22.88 24.13 -25.86
CA LEU B 271 -23.33 25.20 -26.74
C LEU B 271 -22.55 26.49 -26.55
N HIS B 272 -21.61 26.52 -25.61
CA HIS B 272 -20.80 27.71 -25.44
C HIS B 272 -19.52 27.31 -24.72
N PRO B 273 -18.37 27.85 -25.12
CA PRO B 273 -17.13 27.49 -24.44
C PRO B 273 -16.97 28.13 -23.06
N ARG B 274 -17.78 29.13 -22.71
CA ARG B 274 -17.67 29.77 -21.41
C ARG B 274 -19.00 29.70 -20.67
N TYR B 275 -19.54 28.50 -20.53
CA TYR B 275 -20.81 28.32 -19.85
C TYR B 275 -20.56 28.30 -18.35
N SER B 276 -20.66 29.48 -17.73
CA SER B 276 -20.41 29.60 -16.29
C SER B 276 -21.02 30.87 -15.75
N ARG B 277 -21.27 30.88 -14.44
CA ARG B 277 -21.82 32.07 -13.80
C ARG B 277 -20.91 33.28 -14.01
N ALA B 278 -19.59 33.08 -14.02
CA ALA B 278 -18.70 34.21 -14.20
C ALA B 278 -18.89 34.88 -15.55
N GLN B 279 -19.38 34.13 -16.53
CA GLN B 279 -19.64 34.67 -17.87
C GLN B 279 -21.14 34.73 -18.15
N ALA B 280 -21.94 35.04 -17.13
CA ALA B 280 -23.39 34.99 -17.28
C ALA B 280 -23.86 35.88 -18.43
N ALA B 281 -23.23 37.04 -18.62
CA ALA B 281 -23.70 37.94 -19.68
C ALA B 281 -23.50 37.31 -21.06
N ARG B 282 -22.36 36.66 -21.28
CA ARG B 282 -22.15 35.97 -22.55
C ARG B 282 -23.08 34.77 -22.68
N VAL B 283 -23.35 34.08 -21.57
CA VAL B 283 -24.27 32.95 -21.62
C VAL B 283 -25.65 33.40 -22.07
N MET B 284 -26.18 34.46 -21.45
CA MET B 284 -27.50 34.93 -21.83
C MET B 284 -27.50 35.55 -23.22
N GLY B 285 -26.39 36.17 -23.62
CA GLY B 285 -26.35 36.85 -24.91
C GLY B 285 -26.05 35.93 -26.08
N GLU B 286 -25.32 34.85 -25.86
CA GLU B 286 -24.79 34.02 -26.92
C GLU B 286 -25.28 32.58 -26.86
N LEU B 287 -25.32 31.99 -25.67
CA LEU B 287 -25.78 30.62 -25.51
C LEU B 287 -27.30 30.54 -25.60
N LEU B 288 -28.00 31.38 -24.82
CA LEU B 288 -29.46 31.33 -24.82
C LEU B 288 -30.07 31.41 -26.22
N PRO B 289 -29.65 32.32 -27.12
CA PRO B 289 -30.27 32.33 -28.45
C PRO B 289 -30.08 31.02 -29.22
N ARG B 290 -28.99 30.29 -28.97
CA ARG B 290 -28.85 29.00 -29.62
C ARG B 290 -29.85 27.99 -29.07
N VAL B 291 -30.05 27.98 -27.75
CA VAL B 291 -31.04 27.07 -27.18
C VAL B 291 -32.42 27.42 -27.69
N LYS B 292 -32.73 28.71 -27.76
CA LYS B 292 -34.06 29.09 -28.25
C LYS B 292 -34.25 28.61 -29.67
N ALA B 293 -33.21 28.73 -30.50
CA ALA B 293 -33.33 28.27 -31.88
C ALA B 293 -33.64 26.78 -31.94
N LEU B 294 -32.96 26.00 -31.11
CA LEU B 294 -33.20 24.55 -31.10
C LEU B 294 -34.58 24.24 -30.55
N ALA B 295 -34.99 24.95 -29.51
CA ALA B 295 -36.30 24.71 -28.94
C ALA B 295 -37.41 25.06 -29.93
N LEU B 296 -37.20 26.11 -30.72
CA LEU B 296 -38.17 26.46 -31.76
C LEU B 296 -38.31 25.35 -32.78
N LEU B 297 -37.19 24.77 -33.22
CA LEU B 297 -37.27 23.61 -34.10
C LEU B 297 -37.97 22.44 -33.44
N ALA B 298 -37.64 22.15 -32.18
CA ALA B 298 -38.34 21.09 -31.47
C ALA B 298 -39.83 21.37 -31.38
N LYS B 299 -40.19 22.63 -31.12
CA LYS B 299 -41.61 23.00 -31.10
C LYS B 299 -42.26 22.73 -32.45
N ASN B 300 -41.61 23.13 -33.54
CA ASN B 300 -42.21 22.98 -34.85
C ASN B 300 -42.51 21.51 -35.16
N TYR B 301 -41.68 20.61 -34.66
CA TYR B 301 -41.90 19.17 -34.85
C TYR B 301 -42.71 18.55 -33.73
N ASP B 302 -43.01 19.32 -32.68
CA ASP B 302 -43.65 18.85 -31.45
C ASP B 302 -42.93 17.62 -30.88
N ILE B 303 -41.63 17.79 -30.64
CA ILE B 303 -40.84 16.81 -29.90
C ILE B 303 -40.36 17.46 -28.62
N GLY B 304 -39.93 16.61 -27.68
CA GLY B 304 -39.35 17.10 -26.45
C GLY B 304 -37.89 17.52 -26.65
N LEU B 305 -37.51 18.59 -25.96
CA LEU B 305 -36.12 19.02 -25.93
C LEU B 305 -35.75 19.18 -24.47
N ASN B 306 -34.84 18.34 -23.98
CA ASN B 306 -34.48 18.28 -22.58
C ASN B 306 -33.12 18.89 -22.34
N ILE B 307 -33.01 19.70 -21.30
CA ILE B 307 -31.74 20.27 -20.88
C ILE B 307 -31.17 19.38 -19.78
N ASP B 308 -30.09 18.67 -20.10
CA ASP B 308 -29.41 17.85 -19.12
C ASP B 308 -28.83 18.71 -18.01
N ALA B 309 -28.71 18.14 -16.83
CA ALA B 309 -28.14 18.84 -15.68
C ALA B 309 -26.68 18.44 -15.53
N GLU B 310 -25.84 19.44 -15.25
CA GLU B 310 -24.40 19.21 -15.22
C GLU B 310 -23.87 19.51 -13.83
N GLU B 311 -22.77 20.25 -13.72
CA GLU B 311 -22.14 20.47 -12.42
C GLU B 311 -23.02 21.37 -11.55
N ALA B 312 -22.80 21.26 -10.23
CA ALA B 312 -23.62 21.99 -9.29
C ALA B 312 -23.53 23.50 -9.49
N ASP B 313 -22.38 24.02 -9.93
CA ASP B 313 -22.24 25.47 -10.10
C ASP B 313 -22.85 25.96 -11.40
N ARG B 314 -23.49 25.10 -12.17
CA ARG B 314 -24.25 25.52 -13.34
C ARG B 314 -25.75 25.41 -13.14
N LEU B 315 -26.22 24.87 -12.01
CA LEU B 315 -27.64 24.64 -11.81
C LEU B 315 -28.42 25.94 -11.89
N GLU B 316 -28.07 26.90 -11.04
CA GLU B 316 -28.91 28.10 -10.97
C GLU B 316 -28.79 28.94 -12.24
N LEU B 317 -27.60 28.97 -12.83
CA LEU B 317 -27.46 29.64 -14.13
C LEU B 317 -28.42 29.04 -15.15
N SER B 318 -28.54 27.71 -15.19
CA SER B 318 -29.41 27.10 -16.18
C SER B 318 -30.88 27.51 -15.97
N LEU B 319 -31.27 27.81 -14.73
CA LEU B 319 -32.64 28.25 -14.48
C LEU B 319 -32.94 29.59 -15.14
N ASP B 320 -31.94 30.46 -15.27
CA ASP B 320 -32.19 31.72 -15.96
C ASP B 320 -32.50 31.50 -17.42
N LEU B 321 -31.93 30.48 -18.05
CA LEU B 321 -32.30 30.15 -19.42
C LEU B 321 -33.68 29.52 -19.46
N LEU B 322 -33.97 28.60 -18.54
CA LEU B 322 -35.29 27.98 -18.49
C LEU B 322 -36.39 29.02 -18.36
N GLU B 323 -36.15 30.04 -17.52
CA GLU B 323 -37.12 31.11 -17.31
C GLU B 323 -37.45 31.80 -18.62
N VAL B 324 -36.42 32.20 -19.38
CA VAL B 324 -36.66 32.91 -20.63
C VAL B 324 -37.40 32.03 -21.62
N LEU B 325 -36.99 30.77 -21.74
CA LEU B 325 -37.61 29.87 -22.72
C LEU B 325 -39.08 29.63 -22.40
N CYS B 326 -39.42 29.48 -21.12
CA CYS B 326 -40.82 29.23 -20.79
C CYS B 326 -41.70 30.45 -20.98
N LEU B 327 -41.13 31.66 -20.98
CA LEU B 327 -41.88 32.88 -21.22
C LEU B 327 -41.80 33.36 -22.66
N ASP B 328 -41.04 32.67 -23.50
CA ASP B 328 -40.88 33.07 -24.89
C ASP B 328 -42.13 32.70 -25.69
N GLY B 329 -42.87 33.71 -26.14
CA GLY B 329 -44.08 33.46 -26.90
C GLY B 329 -43.88 32.70 -28.18
N ASP B 330 -42.67 32.74 -28.76
CA ASP B 330 -42.42 31.93 -29.94
C ASP B 330 -42.60 30.44 -29.67
N LEU B 331 -42.50 30.01 -28.41
CA LEU B 331 -42.67 28.62 -28.03
C LEU B 331 -44.05 28.34 -27.48
N SER B 332 -45.01 29.23 -27.74
CA SER B 332 -46.36 29.14 -27.20
C SER B 332 -46.98 27.76 -27.40
N GLY B 333 -47.53 27.20 -26.32
CA GLY B 333 -48.26 25.96 -26.39
C GLY B 333 -47.43 24.70 -26.49
N TRP B 334 -46.11 24.82 -26.59
CA TRP B 334 -45.23 23.67 -26.68
C TRP B 334 -44.93 23.16 -25.28
N ASN B 335 -45.30 21.92 -25.00
CA ASN B 335 -45.06 21.33 -23.69
C ASN B 335 -43.83 20.43 -23.68
N GLY B 336 -42.99 20.54 -24.70
CA GLY B 336 -41.85 19.66 -24.80
C GLY B 336 -40.59 20.14 -24.15
N MET B 337 -40.59 21.33 -23.54
CA MET B 337 -39.40 21.79 -22.83
CA MET B 337 -39.42 21.81 -22.83
C MET B 337 -39.13 20.90 -21.64
N GLY B 338 -37.96 20.29 -21.61
CA GLY B 338 -37.56 19.37 -20.57
C GLY B 338 -36.38 19.91 -19.78
N PHE B 339 -36.32 19.54 -18.50
CA PHE B 339 -35.29 20.06 -17.62
C PHE B 339 -34.99 19.02 -16.55
N VAL B 340 -33.71 18.71 -16.39
CA VAL B 340 -33.27 17.72 -15.42
C VAL B 340 -33.04 18.39 -14.08
N VAL B 341 -33.47 17.72 -13.02
CA VAL B 341 -33.11 18.10 -11.65
C VAL B 341 -32.48 16.89 -10.98
N GLN B 342 -31.41 17.14 -10.24
CA GLN B 342 -30.56 16.11 -9.65
C GLN B 342 -30.90 15.96 -8.17
N ALA B 343 -31.43 14.80 -7.81
CA ALA B 343 -31.86 14.56 -6.43
C ALA B 343 -30.68 14.38 -5.48
N TYR B 344 -29.47 14.11 -5.97
CA TYR B 344 -28.36 14.13 -5.02
C TYR B 344 -28.01 15.55 -4.59
N GLY B 345 -28.65 16.55 -5.16
CA GLY B 345 -28.35 17.94 -4.83
C GLY B 345 -29.27 18.45 -3.73
N LYS B 346 -28.68 19.24 -2.83
CA LYS B 346 -29.44 19.75 -1.70
C LYS B 346 -30.52 20.73 -2.12
N ARG B 347 -30.39 21.36 -3.29
CA ARG B 347 -31.37 22.34 -3.71
C ARG B 347 -32.55 21.71 -4.44
N CYS B 348 -32.52 20.40 -4.68
CA CYS B 348 -33.47 19.76 -5.58
C CYS B 348 -34.94 20.05 -5.26
N PRO B 349 -35.44 19.89 -4.03
CA PRO B 349 -36.87 20.19 -3.81
C PRO B 349 -37.20 21.65 -4.06
N PHE B 350 -36.26 22.56 -3.79
CA PHE B 350 -36.49 23.98 -3.97
C PHE B 350 -36.45 24.35 -5.43
N VAL B 351 -35.56 23.71 -6.19
CA VAL B 351 -35.56 23.85 -7.64
C VAL B 351 -36.89 23.37 -8.23
N LEU B 352 -37.42 22.26 -7.72
CA LEU B 352 -38.70 21.75 -8.20
C LEU B 352 -39.83 22.73 -7.91
N ASP B 353 -39.81 23.34 -6.71
CA ASP B 353 -40.77 24.39 -6.40
C ASP B 353 -40.68 25.52 -7.41
N PHE B 354 -39.47 25.94 -7.75
CA PHE B 354 -39.30 27.01 -8.75
C PHE B 354 -39.85 26.58 -10.10
N ILE B 355 -39.52 25.36 -10.54
CA ILE B 355 -39.96 24.89 -11.85
C ILE B 355 -41.47 24.72 -11.91
N ILE B 356 -42.05 24.14 -10.85
CA ILE B 356 -43.51 23.96 -10.82
C ILE B 356 -44.21 25.31 -10.86
N ASP B 357 -43.69 26.28 -10.12
CA ASP B 357 -44.24 27.62 -10.17
C ASP B 357 -44.08 28.24 -11.56
N LEU B 358 -42.90 28.07 -12.16
CA LEU B 358 -42.67 28.59 -13.51
C LEU B 358 -43.66 27.99 -14.49
N ALA B 359 -43.91 26.69 -14.40
CA ALA B 359 -44.85 26.04 -15.30
C ALA B 359 -46.25 26.57 -15.08
N ARG B 360 -46.65 26.72 -13.82
CA ARG B 360 -47.97 27.26 -13.51
C ARG B 360 -48.17 28.64 -14.12
N ARG B 361 -47.19 29.54 -13.93
CA ARG B 361 -47.41 30.90 -14.36
C ARG B 361 -47.13 31.12 -15.84
N SER B 362 -46.40 30.22 -16.50
CA SER B 362 -46.09 30.38 -17.92
C SER B 362 -47.04 29.63 -18.84
N GLY B 363 -47.91 28.78 -18.30
CA GLY B 363 -48.79 28.02 -19.17
C GLY B 363 -48.07 26.97 -19.97
N ARG B 364 -46.95 26.49 -19.46
CA ARG B 364 -46.16 25.43 -20.08
C ARG B 364 -46.18 24.23 -19.14
N ARG B 365 -46.49 23.06 -19.67
CA ARG B 365 -46.22 21.85 -18.91
C ARG B 365 -44.77 21.49 -19.13
N ILE B 366 -43.95 21.68 -18.11
CA ILE B 366 -42.52 21.42 -18.22
C ILE B 366 -42.27 19.94 -17.95
N MET B 367 -41.49 19.30 -18.81
CA MET B 367 -41.06 17.94 -18.60
C MET B 367 -39.89 17.97 -17.63
N VAL B 368 -40.00 17.28 -16.50
CA VAL B 368 -38.99 17.35 -15.46
C VAL B 368 -38.41 15.96 -15.29
N ARG B 369 -37.15 15.80 -15.68
CA ARG B 369 -36.47 14.53 -15.50
C ARG B 369 -35.81 14.55 -14.13
N LEU B 370 -36.31 13.73 -13.22
CA LEU B 370 -35.69 13.57 -11.92
C LEU B 370 -34.63 12.48 -12.02
N VAL B 371 -33.39 12.86 -11.77
CA VAL B 371 -32.26 11.93 -11.75
C VAL B 371 -31.67 11.99 -10.36
N LYS B 372 -30.76 11.06 -10.08
CA LYS B 372 -29.98 11.23 -8.87
C LYS B 372 -28.81 12.17 -9.11
N GLY B 373 -27.91 11.85 -10.05
CA GLY B 373 -26.89 12.80 -10.43
C GLY B 373 -25.59 12.12 -10.84
N ALA B 374 -24.92 12.64 -11.87
CA ALA B 374 -23.81 11.94 -12.50
C ALA B 374 -22.42 12.44 -12.09
N TYR B 375 -22.32 13.47 -11.23
CA TYR B 375 -21.03 14.12 -11.00
C TYR B 375 -20.61 14.05 -9.55
N TRP B 376 -21.04 13.01 -8.84
CA TRP B 376 -20.92 13.00 -7.38
C TRP B 376 -19.46 13.12 -6.92
N ASP B 377 -18.56 12.25 -7.42
CA ASP B 377 -17.15 12.30 -6.99
CA ASP B 377 -17.21 12.34 -6.87
C ASP B 377 -16.54 13.66 -7.25
N ALA B 378 -16.88 14.24 -8.40
CA ALA B 378 -16.30 15.52 -8.79
C ALA B 378 -16.81 16.63 -7.88
N GLU B 379 -18.07 16.53 -7.45
CA GLU B 379 -18.61 17.56 -6.57
C GLU B 379 -17.96 17.50 -5.20
N ILE B 380 -17.67 16.30 -4.70
CA ILE B 380 -16.97 16.18 -3.42
C ILE B 380 -15.59 16.82 -3.53
N LYS B 381 -14.83 16.43 -4.55
CA LYS B 381 -13.48 16.97 -4.72
C LYS B 381 -13.50 18.48 -4.85
N ARG B 382 -14.43 19.02 -5.66
CA ARG B 382 -14.46 20.45 -5.92
C ARG B 382 -14.72 21.25 -4.65
N ALA B 383 -15.69 20.81 -3.85
CA ALA B 383 -16.02 21.52 -2.62
C ALA B 383 -14.86 21.49 -1.65
N GLN B 384 -14.16 20.35 -1.60
CA GLN B 384 -12.98 20.25 -0.75
C GLN B 384 -11.88 21.18 -1.25
N LEU B 385 -11.60 21.15 -2.56
CA LEU B 385 -10.57 22.02 -3.12
C LEU B 385 -10.87 23.48 -2.83
N ASP B 386 -12.14 23.87 -2.92
CA ASP B 386 -12.49 25.27 -2.81
C ASP B 386 -12.74 25.71 -1.37
N GLY B 387 -12.63 24.79 -0.41
CA GLY B 387 -12.79 25.16 0.98
C GLY B 387 -14.16 25.69 1.31
N LEU B 388 -15.21 25.16 0.68
CA LEU B 388 -16.51 25.76 0.87
C LEU B 388 -17.22 25.17 2.08
N ALA B 389 -18.35 25.79 2.45
CA ALA B 389 -18.94 25.50 3.75
C ALA B 389 -19.36 24.05 3.87
N ASP B 390 -19.84 23.48 2.77
CA ASP B 390 -20.34 22.11 2.78
C ASP B 390 -20.40 21.68 1.33
N PHE B 391 -20.85 20.47 1.12
CA PHE B 391 -21.05 19.98 -0.23
C PHE B 391 -22.39 20.45 -0.78
N PRO B 392 -22.51 20.58 -2.10
CA PRO B 392 -23.80 20.85 -2.71
C PRO B 392 -24.60 19.59 -3.01
N VAL B 393 -24.04 18.44 -2.67
CA VAL B 393 -24.67 17.14 -2.85
C VAL B 393 -24.62 16.43 -1.50
N PHE B 394 -25.46 15.41 -1.37
CA PHE B 394 -25.40 14.55 -0.20
C PHE B 394 -24.13 13.71 -0.22
N THR B 395 -23.74 13.22 0.95
CA THR B 395 -22.54 12.41 1.08
C THR B 395 -22.83 10.96 1.43
N ARG B 396 -24.06 10.61 1.81
CA ARG B 396 -24.47 9.23 1.94
C ARG B 396 -25.43 8.90 0.80
N LYS B 397 -25.20 7.75 0.16
CA LYS B 397 -26.01 7.40 -1.00
C LYS B 397 -27.48 7.24 -0.62
N ILE B 398 -27.75 6.72 0.57
CA ILE B 398 -29.13 6.57 1.03
C ILE B 398 -29.83 7.93 1.14
N HIS B 399 -29.06 9.00 1.38
CA HIS B 399 -29.68 10.32 1.44
C HIS B 399 -30.18 10.76 0.08
N THR B 400 -29.39 10.49 -0.96
CA THR B 400 -29.85 10.77 -2.32
C THR B 400 -31.10 9.98 -2.65
N ASP B 401 -31.17 8.73 -2.19
CA ASP B 401 -32.35 7.92 -2.44
C ASP B 401 -33.59 8.50 -1.76
N VAL B 402 -33.45 8.93 -0.50
CA VAL B 402 -34.57 9.58 0.18
C VAL B 402 -34.95 10.87 -0.53
N SER B 403 -33.94 11.67 -0.91
CA SER B 403 -34.19 12.91 -1.62
C SER B 403 -34.97 12.67 -2.91
N TYR B 404 -34.57 11.64 -3.67
CA TYR B 404 -35.25 11.29 -4.90
C TYR B 404 -36.72 10.96 -4.63
N ILE B 405 -36.97 10.13 -3.63
CA ILE B 405 -38.35 9.71 -3.35
C ILE B 405 -39.19 10.89 -2.87
N ALA B 406 -38.61 11.75 -2.01
CA ALA B 406 -39.30 12.95 -1.58
C ALA B 406 -39.60 13.88 -2.75
N CYS B 407 -38.65 14.04 -3.66
CA CYS B 407 -38.89 14.90 -4.82
C CYS B 407 -39.86 14.25 -5.79
N ALA B 408 -39.86 12.93 -5.87
CA ALA B 408 -40.89 12.23 -6.64
C ALA B 408 -42.28 12.54 -6.09
N ALA B 409 -42.43 12.60 -4.76
CA ALA B 409 -43.74 12.90 -4.20
C ALA B 409 -44.19 14.31 -4.57
N LYS B 410 -43.25 15.26 -4.58
CA LYS B 410 -43.59 16.62 -4.95
C LYS B 410 -44.02 16.71 -6.41
N LEU B 411 -43.32 16.00 -7.29
CA LEU B 411 -43.67 16.04 -8.71
C LEU B 411 -45.02 15.40 -8.97
N LEU B 412 -45.30 14.27 -8.32
CA LEU B 412 -46.56 13.57 -8.55
C LEU B 412 -47.77 14.39 -8.12
N ALA B 413 -47.58 15.43 -7.32
CA ALA B 413 -48.68 16.29 -6.90
C ALA B 413 -48.88 17.49 -7.81
N ALA B 414 -48.01 17.67 -8.82
CA ALA B 414 -48.10 18.81 -9.72
C ALA B 414 -48.19 18.38 -11.18
N THR B 415 -48.75 17.20 -11.44
CA THR B 415 -48.76 16.66 -12.80
C THR B 415 -49.60 17.47 -13.78
N ASP B 416 -50.46 18.37 -13.31
CA ASP B 416 -51.12 19.27 -14.25
C ASP B 416 -50.18 20.36 -14.72
N VAL B 417 -49.13 20.65 -13.95
CA VAL B 417 -48.19 21.71 -14.24
C VAL B 417 -46.94 21.13 -14.90
N VAL B 418 -46.57 19.90 -14.55
CA VAL B 418 -45.30 19.32 -15.00
C VAL B 418 -45.49 17.85 -15.37
N PHE B 419 -44.58 17.36 -16.22
CA PHE B 419 -44.55 15.97 -16.62
C PHE B 419 -43.37 15.27 -15.96
N PRO B 420 -43.59 14.56 -14.85
CA PRO B 420 -42.46 13.93 -14.15
C PRO B 420 -41.89 12.76 -14.95
N GLN B 421 -40.57 12.72 -15.05
CA GLN B 421 -39.86 11.66 -15.76
C GLN B 421 -38.86 11.08 -14.78
N PHE B 422 -39.12 9.87 -14.30
CA PHE B 422 -38.33 9.31 -13.21
C PHE B 422 -37.23 8.43 -13.80
N ALA B 423 -36.04 9.02 -13.94
CA ALA B 423 -34.88 8.34 -14.49
C ALA B 423 -34.15 7.60 -13.39
N THR B 424 -34.18 6.28 -13.43
CA THR B 424 -33.46 5.47 -12.45
C THR B 424 -33.38 4.04 -12.93
N HIS B 425 -32.27 3.39 -12.59
CA HIS B 425 -32.10 1.97 -12.81
C HIS B 425 -32.31 1.16 -11.54
N ASN B 426 -32.76 1.82 -10.47
CA ASN B 426 -32.89 1.20 -9.16
C ASN B 426 -34.32 0.70 -8.99
N ALA B 427 -34.48 -0.63 -8.97
CA ALA B 427 -35.82 -1.22 -8.87
C ALA B 427 -36.53 -0.84 -7.57
N GLN B 428 -35.79 -0.69 -6.49
CA GLN B 428 -36.40 -0.22 -5.24
C GLN B 428 -36.93 1.19 -5.41
N THR B 429 -36.11 2.09 -5.96
CA THR B 429 -36.59 3.44 -6.24
C THR B 429 -37.81 3.40 -7.16
N LEU B 430 -37.73 2.63 -8.24
CA LEU B 430 -38.84 2.53 -9.19
C LEU B 430 -40.12 2.07 -8.49
N ALA B 431 -40.03 1.00 -7.71
CA ALA B 431 -41.22 0.45 -7.06
C ALA B 431 -41.86 1.47 -6.13
N ALA B 432 -41.05 2.22 -5.38
CA ALA B 432 -41.58 3.20 -4.44
C ALA B 432 -42.42 4.25 -5.18
N ILE B 433 -41.93 4.73 -6.33
CA ILE B 433 -42.66 5.75 -7.07
C ILE B 433 -43.86 5.13 -7.78
N TYR B 434 -43.69 3.92 -8.30
CA TYR B 434 -44.80 3.26 -8.99
C TYR B 434 -46.03 3.17 -8.09
N HIS B 435 -45.83 2.85 -6.81
CA HIS B 435 -46.95 2.75 -5.90
C HIS B 435 -47.37 4.10 -5.33
N MET B 436 -46.41 5.01 -5.12
CA MET B 436 -46.75 6.36 -4.70
C MET B 436 -47.66 7.06 -5.70
N ALA B 437 -47.54 6.73 -6.99
CA ALA B 437 -48.31 7.44 -8.02
C ALA B 437 -49.78 7.07 -8.01
N GLY B 438 -50.14 5.91 -7.47
CA GLY B 438 -51.52 5.51 -7.44
C GLY B 438 -51.93 4.75 -8.67
N LYS B 439 -53.25 4.60 -8.84
CA LYS B 439 -53.81 3.80 -9.93
C LYS B 439 -54.35 4.62 -11.09
N ASP B 440 -54.60 5.91 -10.90
CA ASP B 440 -55.11 6.75 -11.99
C ASP B 440 -53.95 7.12 -12.88
N PHE B 441 -53.80 6.42 -14.01
CA PHE B 441 -52.68 6.65 -14.92
C PHE B 441 -53.17 6.74 -16.36
N HIS B 442 -52.73 7.80 -17.04
CA HIS B 442 -52.81 7.95 -18.48
C HIS B 442 -51.41 8.24 -19.00
N VAL B 443 -51.08 7.74 -20.18
CA VAL B 443 -49.82 8.17 -20.80
C VAL B 443 -49.86 9.67 -20.92
N GLY B 444 -48.78 10.32 -20.50
CA GLY B 444 -48.77 11.75 -20.34
C GLY B 444 -48.85 12.21 -18.89
N LYS B 445 -49.19 11.31 -17.96
CA LYS B 445 -49.21 11.65 -16.54
C LYS B 445 -47.80 11.74 -15.99
N TYR B 446 -47.06 10.65 -16.10
CA TYR B 446 -45.63 10.61 -15.80
C TYR B 446 -45.03 9.48 -16.60
N GLU B 447 -43.71 9.41 -16.61
CA GLU B 447 -43.04 8.29 -17.25
C GLU B 447 -41.79 7.93 -16.45
N PHE B 448 -41.26 6.76 -16.74
CA PHE B 448 -39.92 6.42 -16.28
C PHE B 448 -38.92 6.63 -17.41
N GLN B 449 -37.64 6.65 -17.04
CA GLN B 449 -36.58 6.80 -18.02
C GLN B 449 -35.40 5.92 -17.63
N CYS B 450 -34.64 5.51 -18.64
CA CYS B 450 -33.47 4.68 -18.39
C CYS B 450 -32.45 4.95 -19.48
N LEU B 451 -31.25 4.45 -19.27
CA LEU B 451 -30.16 4.57 -20.22
C LEU B 451 -30.18 3.40 -21.19
N HIS B 452 -29.97 3.71 -22.46
CA HIS B 452 -29.85 2.67 -23.48
C HIS B 452 -28.81 1.64 -23.07
N GLY B 453 -29.15 0.36 -23.27
CA GLY B 453 -28.19 -0.70 -23.04
C GLY B 453 -27.78 -0.87 -21.59
N MET B 454 -28.60 -0.38 -20.67
CA MET B 454 -28.35 -0.56 -19.24
C MET B 454 -29.68 -0.75 -18.54
N GLY B 455 -30.66 0.09 -18.91
CA GLY B 455 -31.96 0.07 -18.28
C GLY B 455 -32.99 -0.85 -18.87
N GLU B 456 -32.72 -1.42 -20.04
CA GLU B 456 -33.72 -2.28 -20.69
C GLU B 456 -34.05 -3.54 -19.87
N PRO B 457 -33.10 -4.27 -19.29
CA PRO B 457 -33.49 -5.44 -18.48
C PRO B 457 -34.50 -5.11 -17.39
N LEU B 458 -34.37 -3.97 -16.72
CA LEU B 458 -35.34 -3.60 -15.70
C LEU B 458 -36.66 -3.18 -16.33
N TYR B 459 -36.61 -2.28 -17.31
CA TYR B 459 -37.84 -1.71 -17.81
C TYR B 459 -38.59 -2.61 -18.78
N GLU B 460 -37.96 -3.67 -19.25
CA GLU B 460 -38.72 -4.76 -19.86
C GLU B 460 -39.83 -5.24 -18.94
N GLU B 461 -39.62 -5.11 -17.63
CA GLU B 461 -40.55 -5.55 -16.59
C GLU B 461 -41.49 -4.44 -16.15
N VAL B 462 -41.50 -3.30 -16.85
CA VAL B 462 -42.33 -2.15 -16.49
C VAL B 462 -43.18 -1.78 -17.68
N VAL B 463 -42.61 -1.90 -18.87
CA VAL B 463 -43.33 -1.59 -20.10
C VAL B 463 -44.07 -2.84 -20.55
N GLY B 464 -45.32 -2.67 -20.92
CA GLY B 464 -46.13 -3.77 -21.42
C GLY B 464 -47.26 -4.10 -20.46
N ARG B 465 -48.40 -4.53 -21.03
CA ARG B 465 -49.53 -4.91 -20.19
C ARG B 465 -49.20 -6.12 -19.31
N GLY B 466 -48.29 -6.98 -19.78
CA GLY B 466 -47.86 -8.13 -19.01
C GLY B 466 -46.98 -7.81 -17.82
N LYS B 467 -46.74 -6.53 -17.55
CA LYS B 467 -45.96 -6.08 -16.40
C LYS B 467 -46.72 -5.01 -15.64
N LEU B 468 -46.00 -4.01 -15.14
CA LEU B 468 -46.62 -2.74 -14.82
C LEU B 468 -47.03 -2.09 -16.14
N ASP B 469 -47.93 -1.13 -16.09
CA ASP B 469 -48.26 -0.58 -17.40
C ASP B 469 -47.77 0.85 -17.49
N ARG B 470 -46.44 1.02 -17.45
CA ARG B 470 -45.82 2.31 -17.30
C ARG B 470 -44.80 2.52 -18.41
N PRO B 471 -44.81 3.66 -19.08
CA PRO B 471 -43.88 3.90 -20.17
C PRO B 471 -42.49 4.20 -19.65
N CYS B 472 -41.51 3.97 -20.51
CA CYS B 472 -40.12 4.28 -20.21
C CYS B 472 -39.51 4.96 -21.42
N ARG B 473 -38.87 6.10 -21.20
CA ARG B 473 -38.11 6.78 -22.24
C ARG B 473 -36.65 6.39 -22.13
N ILE B 474 -36.08 5.92 -23.23
CA ILE B 474 -34.70 5.48 -23.26
C ILE B 474 -33.83 6.66 -23.68
N TYR B 475 -32.88 7.02 -22.82
CA TYR B 475 -31.84 8.01 -23.12
C TYR B 475 -30.81 7.32 -24.00
N ALA B 476 -30.75 7.74 -25.26
CA ALA B 476 -30.07 6.98 -26.30
C ALA B 476 -28.87 7.75 -26.80
N PRO B 477 -27.65 7.40 -26.40
CA PRO B 477 -26.47 8.08 -26.92
C PRO B 477 -26.30 7.78 -28.40
N VAL B 478 -25.83 8.78 -29.13
CA VAL B 478 -25.61 8.66 -30.55
C VAL B 478 -24.27 9.28 -30.86
N GLY B 479 -23.37 8.51 -31.46
CA GLY B 479 -22.09 9.08 -31.79
C GLY B 479 -21.08 8.00 -32.14
N THR B 480 -19.92 8.48 -32.56
CA THR B 480 -18.82 7.64 -33.00
C THR B 480 -18.12 7.02 -31.80
N HIS B 481 -17.18 6.12 -32.09
CA HIS B 481 -16.38 5.51 -31.02
C HIS B 481 -15.61 6.56 -30.24
N GLU B 482 -14.98 7.50 -30.94
CA GLU B 482 -14.23 8.54 -30.25
C GLU B 482 -15.15 9.39 -29.37
N THR B 483 -16.30 9.80 -29.92
CA THR B 483 -17.23 10.62 -29.14
C THR B 483 -17.72 9.88 -27.90
N LEU B 484 -18.03 8.58 -28.03
CA LEU B 484 -18.62 7.86 -26.89
C LEU B 484 -17.58 7.60 -25.81
N LEU B 485 -16.35 7.24 -26.20
CA LEU B 485 -15.34 6.91 -25.21
C LEU B 485 -14.96 8.11 -24.34
N ALA B 486 -15.25 9.33 -24.80
CA ALA B 486 -14.77 10.54 -24.14
C ALA B 486 -15.39 10.76 -22.76
N TYR B 487 -16.57 10.19 -22.49
CA TYR B 487 -17.17 10.33 -21.18
C TYR B 487 -17.82 9.03 -20.72
N LEU B 488 -17.48 7.91 -21.36
CA LEU B 488 -18.02 6.62 -20.92
C LEU B 488 -17.64 6.30 -19.49
N VAL B 489 -16.49 6.80 -19.03
CA VAL B 489 -16.10 6.57 -17.63
C VAL B 489 -17.19 7.03 -16.69
N ARG B 490 -17.62 8.29 -16.84
CA ARG B 490 -18.67 8.83 -15.97
C ARG B 490 -19.96 8.02 -16.11
N ARG B 491 -20.25 7.53 -17.32
CA ARG B 491 -21.48 6.76 -17.54
C ARG B 491 -21.40 5.41 -16.84
N LEU B 492 -20.22 4.79 -16.84
CA LEU B 492 -20.08 3.46 -16.25
C LEU B 492 -20.11 3.50 -14.73
N LEU B 493 -19.53 4.56 -14.13
CA LEU B 493 -19.57 4.68 -12.68
C LEU B 493 -21.00 4.80 -12.17
N GLU B 494 -21.91 5.30 -13.01
CA GLU B 494 -23.31 5.53 -12.62
C GLU B 494 -23.99 4.28 -12.10
N ALA B 497 -20.10 1.68 -9.40
CA ALA B 497 -19.59 1.86 -8.04
C ALA B 497 -20.24 0.86 -7.10
N ASN B 498 -19.56 0.57 -5.99
CA ASN B 498 -20.06 -0.45 -5.07
C ASN B 498 -21.45 -0.11 -4.56
N SER B 499 -21.70 1.16 -4.29
CA SER B 499 -23.01 1.58 -3.79
C SER B 499 -24.08 1.61 -4.88
N SER B 500 -23.71 1.45 -6.15
CA SER B 500 -24.67 1.61 -7.23
C SER B 500 -25.50 0.34 -7.39
N PHE B 501 -26.81 0.53 -7.65
CA PHE B 501 -27.72 -0.60 -7.82
C PHE B 501 -27.28 -1.51 -8.95
N VAL B 502 -26.68 -0.95 -10.00
CA VAL B 502 -26.23 -1.77 -11.13
C VAL B 502 -25.20 -2.78 -10.65
N HIS B 503 -24.13 -2.30 -10.00
CA HIS B 503 -23.11 -3.20 -9.46
C HIS B 503 -23.67 -4.12 -8.40
N ARG B 504 -24.61 -3.64 -7.58
CA ARG B 504 -25.12 -4.44 -6.47
C ARG B 504 -25.99 -5.58 -6.96
N ILE B 505 -26.76 -5.36 -8.03
CA ILE B 505 -27.62 -6.40 -8.58
C ILE B 505 -26.81 -7.59 -9.08
N ASN B 506 -25.53 -7.38 -9.40
CA ASN B 506 -24.66 -8.45 -9.88
C ASN B 506 -23.64 -8.88 -8.83
N ASP B 507 -23.84 -8.50 -7.56
CA ASP B 507 -22.99 -9.00 -6.49
C ASP B 507 -23.75 -10.09 -5.75
N PRO B 508 -23.32 -11.36 -5.83
CA PRO B 508 -24.06 -12.43 -5.15
C PRO B 508 -24.09 -12.28 -3.64
N LYS B 509 -23.25 -11.42 -3.07
CA LYS B 509 -23.24 -11.21 -1.62
C LYS B 509 -24.43 -10.40 -1.16
N VAL B 510 -25.02 -9.58 -2.03
CA VAL B 510 -26.15 -8.73 -1.68
C VAL B 510 -27.45 -9.50 -1.94
N SER B 511 -28.35 -9.48 -0.99
CA SER B 511 -29.61 -10.20 -1.09
C SER B 511 -30.69 -9.29 -1.65
N ILE B 512 -31.78 -9.92 -2.12
CA ILE B 512 -32.95 -9.16 -2.54
C ILE B 512 -33.47 -8.33 -1.38
N ASP B 513 -33.38 -8.86 -0.16
CA ASP B 513 -33.81 -8.12 1.03
C ASP B 513 -33.03 -6.82 1.18
N GLU B 514 -31.69 -6.90 1.04
CA GLU B 514 -30.87 -5.69 1.11
C GLU B 514 -31.23 -4.70 0.00
N LEU B 515 -31.53 -5.22 -1.20
CA LEU B 515 -31.80 -4.32 -2.32
C LEU B 515 -33.16 -3.65 -2.21
N ILE B 516 -34.11 -4.28 -1.51
CA ILE B 516 -35.45 -3.71 -1.33
C ILE B 516 -35.58 -3.00 0.01
N ALA B 517 -34.49 -2.86 0.76
CA ALA B 517 -34.50 -2.05 1.96
C ALA B 517 -34.99 -0.64 1.63
N ASP B 518 -35.93 -0.15 2.43
CA ASP B 518 -36.51 1.17 2.23
C ASP B 518 -35.52 2.20 2.75
N PRO B 519 -34.92 3.01 1.88
CA PRO B 519 -33.99 4.03 2.35
C PRO B 519 -34.63 5.02 3.31
N VAL B 520 -35.91 5.30 3.13
CA VAL B 520 -36.61 6.25 3.98
C VAL B 520 -36.63 5.77 5.42
N GLU B 521 -36.95 4.49 5.63
CA GLU B 521 -37.03 3.97 6.99
C GLU B 521 -35.66 3.73 7.60
N VAL B 522 -34.66 3.40 6.78
CA VAL B 522 -33.31 3.27 7.30
C VAL B 522 -32.79 4.62 7.78
N VAL B 523 -33.01 5.67 6.98
CA VAL B 523 -32.60 7.00 7.41
C VAL B 523 -33.37 7.42 8.66
N ARG B 524 -34.68 7.18 8.69
CA ARG B 524 -35.48 7.58 9.84
C ARG B 524 -34.98 6.96 11.15
N ALA B 525 -34.42 5.76 11.08
CA ALA B 525 -34.00 5.05 12.28
C ALA B 525 -32.57 5.37 12.69
N MET B 526 -31.83 6.14 11.90
CA MET B 526 -30.48 6.50 12.28
CA MET B 526 -30.48 6.51 12.28
C MET B 526 -30.50 7.37 13.55
N PRO B 527 -29.49 7.24 14.42
CA PRO B 527 -29.48 8.05 15.64
C PRO B 527 -29.43 9.54 15.35
N VAL B 528 -28.72 9.94 14.30
CA VAL B 528 -28.66 11.32 13.87
C VAL B 528 -29.12 11.34 12.42
N VAL B 529 -30.36 11.77 12.18
CA VAL B 529 -30.90 11.75 10.83
C VAL B 529 -30.11 12.71 9.96
N GLY B 530 -29.59 12.19 8.84
CA GLY B 530 -28.88 13.04 7.90
C GLY B 530 -27.44 13.33 8.23
N ALA B 531 -26.82 12.59 9.14
CA ALA B 531 -25.40 12.78 9.42
C ALA B 531 -24.57 12.56 8.16
N LYS B 532 -23.60 13.45 7.94
CA LYS B 532 -22.63 13.33 6.86
C LYS B 532 -21.96 11.95 6.91
N HIS B 533 -21.55 11.47 5.74
CA HIS B 533 -20.76 10.25 5.67
C HIS B 533 -19.55 10.35 6.60
N ASP B 534 -19.32 9.28 7.37
CA ASP B 534 -18.22 9.28 8.34
C ASP B 534 -16.86 9.38 7.69
N ARG B 535 -16.74 8.95 6.43
CA ARG B 535 -15.44 8.83 5.77
C ARG B 535 -15.22 9.90 4.72
N ILE B 536 -16.03 10.95 4.73
CA ILE B 536 -15.88 12.08 3.82
C ILE B 536 -15.74 13.34 4.67
N ALA B 537 -14.60 14.00 4.54
CA ALA B 537 -14.33 15.19 5.34
C ALA B 537 -15.05 16.39 4.76
N LEU B 538 -15.73 17.16 5.62
CA LEU B 538 -16.10 18.50 5.22
C LEU B 538 -14.84 19.26 4.79
N PRO B 539 -14.96 20.21 3.87
CA PRO B 539 -13.76 20.95 3.44
C PRO B 539 -13.00 21.55 4.61
N ALA B 540 -13.69 22.07 5.61
CA ALA B 540 -13.00 22.65 6.76
C ALA B 540 -12.19 21.62 7.52
N GLU B 541 -12.52 20.34 7.38
CA GLU B 541 -11.95 19.30 8.23
C GLU B 541 -10.97 18.42 7.48
N LEU B 542 -10.46 18.90 6.34
CA LEU B 542 -9.56 18.09 5.52
C LEU B 542 -8.33 17.62 6.29
N PHE B 543 -7.89 18.40 7.27
CA PHE B 543 -6.66 18.09 8.00
C PHE B 543 -6.94 17.57 9.39
N GLY B 544 -8.21 17.29 9.70
CA GLY B 544 -8.54 16.64 10.95
C GLY B 544 -8.15 17.50 12.14
N ASP B 545 -7.57 16.85 13.14
CA ASP B 545 -7.23 17.53 14.38
C ASP B 545 -6.03 18.45 14.24
N ALA B 546 -5.26 18.36 13.15
CA ALA B 546 -4.04 19.15 13.03
C ALA B 546 -4.34 20.63 12.93
N ARG B 547 -5.32 21.00 12.12
CA ARG B 547 -5.63 22.40 11.92
C ARG B 547 -6.91 22.50 11.12
N THR B 548 -7.50 23.67 11.16
CA THR B 548 -8.71 23.96 10.39
C THR B 548 -8.32 24.47 9.02
N ASN B 549 -8.89 23.86 7.98
CA ASN B 549 -8.64 24.31 6.63
C ASN B 549 -9.20 25.72 6.44
N SER B 550 -8.48 26.54 5.68
CA SER B 550 -9.03 27.83 5.29
C SER B 550 -10.31 27.63 4.49
N ALA B 551 -11.20 28.61 4.58
CA ALA B 551 -12.44 28.57 3.82
C ALA B 551 -12.37 29.56 2.67
N GLY B 552 -12.95 29.18 1.54
CA GLY B 552 -13.07 30.06 0.41
C GLY B 552 -14.43 30.71 0.35
N LEU B 553 -14.78 31.20 -0.82
CA LEU B 553 -16.05 31.85 -1.07
C LEU B 553 -16.57 31.28 -2.38
N ASP B 554 -17.89 31.06 -2.44
CA ASP B 554 -18.50 30.42 -3.60
C ASP B 554 -18.99 31.51 -4.56
N LEU B 555 -18.23 31.73 -5.62
CA LEU B 555 -18.55 32.77 -6.60
C LEU B 555 -19.63 32.32 -7.58
N SER B 556 -20.26 31.16 -7.35
CA SER B 556 -21.49 30.81 -8.05
C SER B 556 -22.72 31.00 -7.19
N ASN B 557 -22.56 31.42 -5.93
CA ASN B 557 -23.67 31.62 -5.01
C ASN B 557 -24.11 33.08 -5.09
N GLU B 558 -25.36 33.31 -5.49
CA GLU B 558 -25.83 34.68 -5.66
C GLU B 558 -25.83 35.46 -4.36
N GLU B 559 -26.12 34.82 -3.23
CA GLU B 559 -26.03 35.52 -1.95
C GLU B 559 -24.60 35.97 -1.72
N THR B 560 -23.65 35.07 -1.97
CA THR B 560 -22.25 35.42 -1.80
C THR B 560 -21.84 36.55 -2.73
N LEU B 561 -22.28 36.49 -4.00
CA LEU B 561 -21.88 37.54 -4.92
C LEU B 561 -22.47 38.88 -4.50
N ALA B 562 -23.71 38.87 -4.03
CA ALA B 562 -24.34 40.12 -3.61
C ALA B 562 -23.63 40.70 -2.40
N SER B 563 -23.31 39.87 -1.41
CA SER B 563 -22.64 40.38 -0.22
C SER B 563 -21.20 40.78 -0.53
N LEU B 564 -20.52 40.00 -1.38
CA LEU B 564 -19.16 40.33 -1.77
CA LEU B 564 -19.15 40.33 -1.78
C LEU B 564 -19.12 41.64 -2.54
N THR B 565 -20.05 41.83 -3.47
CA THR B 565 -20.16 43.10 -4.19
C THR B 565 -20.14 44.28 -3.21
N GLU B 566 -20.96 44.22 -2.17
CA GLU B 566 -21.03 45.34 -1.24
C GLU B 566 -19.74 45.47 -0.45
N ALA B 567 -19.18 44.34 0.01
CA ALA B 567 -17.93 44.39 0.74
C ALA B 567 -16.80 44.91 -0.13
N LEU B 568 -16.81 44.57 -1.42
CA LEU B 568 -15.75 45.03 -2.29
C LEU B 568 -15.88 46.53 -2.55
N ARG B 569 -17.11 46.99 -2.81
CA ARG B 569 -17.35 48.42 -2.96
C ARG B 569 -16.91 49.17 -1.71
N GLU B 570 -17.28 48.65 -0.53
CA GLU B 570 -16.89 49.32 0.70
C GLU B 570 -15.40 49.35 0.88
N SER B 571 -14.69 48.30 0.43
CA SER B 571 -13.25 48.26 0.56
C SER B 571 -12.60 49.36 -0.24
N ALA B 572 -13.18 49.69 -1.40
CA ALA B 572 -12.62 50.74 -2.23
C ALA B 572 -12.83 52.13 -1.63
N ALA B 573 -13.76 52.27 -0.67
CA ALA B 573 -13.98 53.56 -0.05
C ALA B 573 -13.12 53.80 1.18
N MET B 574 -12.36 52.79 1.61
CA MET B 574 -11.52 52.94 2.79
C MET B 574 -10.22 53.63 2.43
N LYS B 575 -9.67 54.36 3.40
CA LYS B 575 -8.34 54.96 3.20
C LYS B 575 -7.28 53.90 3.52
N TRP B 576 -6.63 53.39 2.48
CA TRP B 576 -5.58 52.38 2.62
C TRP B 576 -4.22 53.07 2.64
N THR B 577 -3.46 52.80 3.69
CA THR B 577 -2.13 53.36 3.82
C THR B 577 -1.15 52.26 4.18
N ALA B 578 0.12 52.54 3.95
CA ALA B 578 1.21 51.68 4.38
C ALA B 578 2.32 52.62 4.83
N LEU B 579 2.78 52.45 6.06
CA LEU B 579 3.74 53.33 6.69
C LEU B 579 4.91 52.52 7.21
N PRO B 580 6.07 53.17 7.44
CA PRO B 580 7.13 52.53 8.21
C PRO B 580 6.65 52.39 9.64
N GLN B 581 6.16 51.20 9.99
CA GLN B 581 5.63 50.94 11.32
C GLN B 581 6.75 50.37 12.16
N LEU B 582 7.44 51.24 12.86
CA LEU B 582 8.48 50.83 13.79
C LEU B 582 7.85 50.52 15.14
N ALA B 583 8.64 49.94 16.04
CA ALA B 583 8.12 49.55 17.34
C ALA B 583 7.58 50.75 18.09
N THR B 584 8.18 51.92 17.88
CA THR B 584 7.79 53.12 18.59
C THR B 584 6.69 53.91 17.87
N GLY B 585 6.17 53.39 16.77
CA GLY B 585 5.12 54.06 16.04
C GLY B 585 5.54 54.30 14.61
N PRO B 586 4.62 54.81 13.80
CA PRO B 586 4.94 55.06 12.39
C PRO B 586 5.92 56.22 12.23
N ALA B 587 6.86 56.03 11.32
CA ALA B 587 7.90 57.01 11.03
C ALA B 587 7.52 57.79 9.78
N ALA B 588 8.02 59.02 9.73
CA ALA B 588 7.86 59.83 8.54
C ALA B 588 8.72 59.29 7.40
N GLY B 589 8.34 59.65 6.18
CA GLY B 589 9.12 59.24 5.03
C GLY B 589 8.52 59.83 3.77
N GLU B 590 9.06 59.41 2.63
CA GLU B 590 8.59 59.89 1.34
C GLU B 590 7.31 59.14 0.97
N THR B 591 6.27 59.89 0.63
CA THR B 591 4.95 59.32 0.39
C THR B 591 4.57 59.42 -1.08
N ARG B 592 3.99 58.34 -1.61
CA ARG B 592 3.46 58.34 -2.96
C ARG B 592 2.19 57.51 -3.02
N THR B 593 1.45 57.69 -4.11
CA THR B 593 0.23 56.95 -4.32
C THR B 593 0.50 55.55 -4.86
N VAL B 594 -0.42 54.65 -4.55
CA VAL B 594 -0.42 53.30 -5.07
C VAL B 594 -1.58 53.21 -6.05
N LEU B 595 -1.29 52.85 -7.29
CA LEU B 595 -2.26 52.88 -8.36
C LEU B 595 -2.64 51.46 -8.78
N ASN B 596 -3.88 51.31 -9.20
CA ASN B 596 -4.35 50.04 -9.73
C ASN B 596 -3.59 49.71 -11.02
N PRO B 597 -2.88 48.58 -11.11
CA PRO B 597 -2.15 48.29 -12.35
C PRO B 597 -3.06 48.13 -13.55
N GLY B 598 -4.33 47.79 -13.33
CA GLY B 598 -5.27 47.65 -14.43
C GLY B 598 -5.88 48.95 -14.87
N ASP B 599 -5.65 50.02 -14.12
CA ASP B 599 -6.22 51.32 -14.44
C ASP B 599 -5.57 52.34 -13.54
N HIS B 600 -4.56 53.05 -14.04
CA HIS B 600 -3.82 53.97 -13.18
C HIS B 600 -4.65 55.15 -12.71
N ARG B 601 -5.86 55.34 -13.24
CA ARG B 601 -6.75 56.37 -12.72
C ARG B 601 -7.33 55.99 -11.37
N ASP B 602 -7.31 54.70 -11.02
CA ASP B 602 -7.88 54.20 -9.78
C ASP B 602 -6.78 54.22 -8.73
N VAL B 603 -6.83 55.22 -7.85
CA VAL B 603 -5.86 55.34 -6.76
C VAL B 603 -6.29 54.41 -5.64
N VAL B 604 -5.45 53.44 -5.32
CA VAL B 604 -5.84 52.47 -4.30
C VAL B 604 -5.49 52.98 -2.91
N GLY B 605 -4.39 53.69 -2.77
CA GLY B 605 -3.96 54.11 -1.47
C GLY B 605 -2.65 54.84 -1.54
N SER B 606 -1.99 54.94 -0.39
CA SER B 606 -0.80 55.77 -0.27
C SER B 606 0.21 55.00 0.55
N VAL B 607 1.48 55.03 0.13
CA VAL B 607 2.54 54.37 0.86
C VAL B 607 3.57 55.41 1.27
N THR B 608 4.01 55.34 2.52
CA THR B 608 5.12 56.13 3.01
C THR B 608 6.30 55.20 3.15
N GLU B 609 7.39 55.52 2.46
CA GLU B 609 8.46 54.55 2.37
C GLU B 609 9.55 54.87 3.40
N THR B 610 10.30 53.83 3.74
CA THR B 610 11.19 53.85 4.89
C THR B 610 12.55 54.42 4.51
N SER B 611 13.05 55.35 5.30
CA SER B 611 14.43 55.78 5.11
C SER B 611 15.38 54.67 5.52
N GLU B 612 16.58 54.68 4.94
CA GLU B 612 17.57 53.67 5.32
C GLU B 612 17.95 53.81 6.79
N GLU B 613 18.00 55.04 7.30
CA GLU B 613 18.24 55.24 8.72
C GLU B 613 17.16 54.58 9.56
N ASP B 614 15.89 54.70 9.16
CA ASP B 614 14.83 54.09 9.95
C ASP B 614 14.82 52.58 9.79
N ALA B 615 15.26 52.08 8.64
CA ALA B 615 15.40 50.64 8.50
C ALA B 615 16.40 50.10 9.52
N ARG B 616 17.55 50.77 9.65
CA ARG B 616 18.54 50.36 10.64
C ARG B 616 17.98 50.50 12.05
N ARG B 617 17.27 51.58 12.33
CA ARG B 617 16.67 51.75 13.65
C ARG B 617 15.69 50.63 13.95
N ALA B 618 14.90 50.22 12.96
CA ALA B 618 13.97 49.11 13.18
C ALA B 618 14.71 47.85 13.60
N VAL B 619 15.84 47.56 12.97
CA VAL B 619 16.56 46.34 13.32
C VAL B 619 17.07 46.44 14.75
N ARG B 620 17.55 47.62 15.15
CA ARG B 620 17.99 47.77 16.54
C ARG B 620 16.81 47.59 17.50
N LEU B 621 15.65 48.13 17.16
CA LEU B 621 14.47 47.95 18.01
C LEU B 621 14.07 46.49 18.08
N ALA B 622 14.18 45.77 16.95
CA ALA B 622 13.88 44.34 16.96
C ALA B 622 14.86 43.60 17.86
N ALA B 623 16.14 43.98 17.80
CA ALA B 623 17.15 43.30 18.61
C ALA B 623 16.90 43.54 20.09
N ASP B 624 16.53 44.77 20.46
CA ASP B 624 16.26 45.05 21.88
C ASP B 624 15.09 44.21 22.38
N ALA B 625 14.09 43.99 21.56
CA ALA B 625 12.90 43.25 21.95
C ALA B 625 13.02 41.75 21.71
N ALA B 626 14.12 41.29 21.12
CA ALA B 626 14.20 39.87 20.79
C ALA B 626 14.03 38.96 22.00
N PRO B 627 14.66 39.21 23.16
CA PRO B 627 14.47 38.29 24.29
C PRO B 627 13.03 38.21 24.78
N ASP B 628 12.30 39.33 24.75
CA ASP B 628 10.93 39.33 25.25
C ASP B 628 10.02 38.48 24.36
N TRP B 629 10.25 38.52 23.05
CA TRP B 629 9.42 37.71 22.17
C TRP B 629 9.84 36.25 22.23
N ALA B 630 11.14 35.99 22.33
CA ALA B 630 11.59 34.62 22.48
C ALA B 630 10.99 33.98 23.72
N ALA B 631 10.70 34.78 24.75
CA ALA B 631 10.20 34.27 26.01
C ALA B 631 8.70 34.00 25.99
N VAL B 632 8.00 34.41 24.95
CA VAL B 632 6.60 34.05 24.80
C VAL B 632 6.58 32.57 24.43
N PRO B 633 5.88 31.72 25.17
CA PRO B 633 5.92 30.28 24.91
C PRO B 633 5.52 29.98 23.47
N PRO B 634 6.14 28.98 22.86
CA PRO B 634 5.78 28.63 21.48
C PRO B 634 4.29 28.44 21.27
N SER B 635 3.59 27.80 22.21
CA SER B 635 2.16 27.59 22.03
C SER B 635 1.40 28.91 22.01
N GLU B 636 1.86 29.90 22.78
CA GLU B 636 1.21 31.20 22.78
C GLU B 636 1.56 31.99 21.52
N ARG B 637 2.81 31.85 21.04
CA ARG B 637 3.13 32.46 19.75
C ARG B 637 2.26 31.85 18.66
N ALA B 638 2.09 30.53 18.70
CA ALA B 638 1.22 29.87 17.74
C ALA B 638 -0.22 30.35 17.87
N ALA B 639 -0.69 30.62 19.08
CA ALA B 639 -2.06 31.10 19.25
C ALA B 639 -2.26 32.47 18.60
N CYS B 640 -1.21 33.30 18.58
CA CYS B 640 -1.26 34.56 17.82
C CYS B 640 -1.48 34.30 16.35
N LEU B 641 -0.72 33.36 15.78
CA LEU B 641 -0.93 33.03 14.37
C LEU B 641 -2.35 32.54 14.13
N ASP B 642 -2.86 31.68 15.02
CA ASP B 642 -4.21 31.17 14.82
C ASP B 642 -5.24 32.28 14.93
N ARG B 643 -5.02 33.23 15.85
CA ARG B 643 -5.94 34.37 15.92
C ARG B 643 -5.86 35.22 14.67
N ALA B 644 -4.66 35.43 14.13
CA ALA B 644 -4.54 36.19 12.89
C ALA B 644 -5.28 35.49 11.76
N ALA B 645 -5.20 34.16 11.71
CA ALA B 645 -5.90 33.42 10.67
C ALA B 645 -7.41 33.63 10.77
N GLU B 646 -7.93 33.64 12.00
CA GLU B 646 -9.37 33.87 12.19
C GLU B 646 -9.75 35.25 11.70
N LEU B 647 -8.90 36.26 11.95
CA LEU B 647 -9.20 37.60 11.49
C LEU B 647 -9.15 37.69 9.97
N MET B 648 -8.16 37.06 9.34
CA MET B 648 -8.09 37.10 7.89
C MET B 648 -9.26 36.36 7.27
N GLN B 649 -9.70 35.26 7.90
CA GLN B 649 -10.87 34.55 7.38
C GLN B 649 -12.10 35.43 7.44
N ALA B 650 -12.32 36.09 8.57
CA ALA B 650 -13.52 36.91 8.77
C ALA B 650 -13.50 38.13 7.87
N ARG B 651 -12.31 38.66 7.60
CA ARG B 651 -12.15 39.86 6.80
C ARG B 651 -11.79 39.57 5.37
N MET B 652 -11.86 38.30 4.94
CA MET B 652 -11.51 37.97 3.57
C MET B 652 -12.17 38.85 2.51
N PRO B 653 -13.46 39.20 2.59
CA PRO B 653 -14.03 40.02 1.51
C PRO B 653 -13.34 41.36 1.35
N THR B 654 -13.01 42.02 2.46
CA THR B 654 -12.31 43.29 2.39
C THR B 654 -10.89 43.12 1.87
N LEU B 655 -10.19 42.10 2.35
CA LEU B 655 -8.84 41.81 1.84
C LEU B 655 -8.87 41.54 0.34
N LEU B 656 -9.88 40.81 -0.13
CA LEU B 656 -10.03 40.57 -1.57
C LEU B 656 -10.06 41.86 -2.35
N GLY B 657 -10.86 42.82 -1.88
CA GLY B 657 -10.99 44.06 -2.60
C GLY B 657 -9.66 44.75 -2.75
N LEU B 658 -8.84 44.71 -1.70
CA LEU B 658 -7.55 45.37 -1.78
C LEU B 658 -6.60 44.62 -2.70
N ILE B 659 -6.60 43.28 -2.63
CA ILE B 659 -5.70 42.51 -3.47
C ILE B 659 -6.08 42.64 -4.93
N ILE B 660 -7.38 42.66 -5.22
CA ILE B 660 -7.81 42.82 -6.60
C ILE B 660 -7.29 44.11 -7.18
N ARG B 661 -7.41 45.20 -6.43
CA ARG B 661 -7.10 46.52 -6.98
C ARG B 661 -5.63 46.85 -6.87
N GLU B 662 -4.94 46.39 -5.83
CA GLU B 662 -3.53 46.73 -5.70
C GLU B 662 -2.65 45.83 -6.55
N ALA B 663 -2.99 44.55 -6.65
CA ALA B 663 -2.07 43.60 -7.25
C ALA B 663 -2.54 43.06 -8.60
N GLY B 664 -3.66 43.56 -9.12
CA GLY B 664 -4.13 43.07 -10.40
C GLY B 664 -4.71 41.68 -10.41
N LYS B 665 -5.18 41.19 -9.27
CA LYS B 665 -5.67 39.83 -9.18
CA LYS B 665 -5.67 39.83 -9.17
C LYS B 665 -7.16 39.77 -9.45
N SER B 666 -7.59 38.63 -9.99
CA SER B 666 -9.01 38.36 -10.10
C SER B 666 -9.55 37.98 -8.73
N ALA B 667 -10.87 38.02 -8.59
CA ALA B 667 -11.48 37.62 -7.33
C ALA B 667 -11.12 36.19 -6.95
N LEU B 668 -11.17 35.26 -7.91
CA LEU B 668 -10.80 33.88 -7.61
CA LEU B 668 -10.80 33.88 -7.62
C LEU B 668 -9.37 33.78 -7.12
N ASN B 669 -8.45 34.48 -7.78
CA ASN B 669 -7.06 34.44 -7.35
C ASN B 669 -6.89 35.11 -6.00
N ALA B 670 -7.63 36.19 -5.75
CA ALA B 670 -7.51 36.86 -4.47
C ALA B 670 -8.02 35.99 -3.33
N ILE B 671 -9.11 35.25 -3.57
CA ILE B 671 -9.59 34.32 -2.55
C ILE B 671 -8.51 33.31 -2.20
N ALA B 672 -7.91 32.69 -3.23
CA ALA B 672 -6.87 31.70 -3.01
C ALA B 672 -5.68 32.32 -2.29
N GLU B 673 -5.38 33.58 -2.59
CA GLU B 673 -4.29 34.28 -1.92
C GLU B 673 -4.54 34.39 -0.42
N VAL B 674 -5.72 34.87 -0.04
CA VAL B 674 -6.06 34.99 1.36
C VAL B 674 -6.12 33.61 2.02
N ARG B 675 -6.69 32.63 1.33
CA ARG B 675 -6.69 31.28 1.90
C ARG B 675 -5.28 30.81 2.19
N GLU B 676 -4.36 31.06 1.27
CA GLU B 676 -2.99 30.58 1.46
C GLU B 676 -2.37 31.26 2.67
N ALA B 677 -2.65 32.55 2.87
CA ALA B 677 -2.14 33.23 4.05
C ALA B 677 -2.70 32.62 5.34
N ILE B 678 -4.01 32.35 5.35
CA ILE B 678 -4.65 31.68 6.49
C ILE B 678 -4.01 30.32 6.73
N ASP B 679 -3.75 29.58 5.65
CA ASP B 679 -3.20 28.25 5.80
C ASP B 679 -1.76 28.29 6.30
N PHE B 680 -0.95 29.24 5.80
CA PHE B 680 0.39 29.42 6.36
C PHE B 680 0.33 29.67 7.85
N LEU B 681 -0.53 30.59 8.26
CA LEU B 681 -0.67 30.87 9.69
C LEU B 681 -0.99 29.62 10.48
N ARG B 682 -2.04 28.90 10.06
CA ARG B 682 -2.47 27.74 10.82
C ARG B 682 -1.49 26.59 10.71
N TYR B 683 -0.84 26.44 9.56
CA TYR B 683 0.14 25.37 9.40
C TYR B 683 1.36 25.61 10.28
N TYR B 684 1.93 26.82 10.24
CA TYR B 684 3.11 27.05 11.06
C TYR B 684 2.74 27.04 12.55
N ALA B 685 1.52 27.42 12.89
CA ALA B 685 1.07 27.31 14.27
C ALA B 685 1.06 25.86 14.71
N GLU B 686 0.48 24.98 13.89
CA GLU B 686 0.47 23.57 14.26
C GLU B 686 1.87 22.98 14.27
N GLN B 687 2.69 23.30 13.26
CA GLN B 687 4.05 22.76 13.26
C GLN B 687 4.80 23.18 14.51
N THR B 688 4.57 24.41 14.96
CA THR B 688 5.18 24.87 16.21
C THR B 688 4.70 24.04 17.39
N ARG B 689 3.39 23.82 17.49
CA ARG B 689 2.85 23.04 18.60
C ARG B 689 3.38 21.61 18.59
N ARG B 690 3.76 21.11 17.42
CA ARG B 690 4.32 19.76 17.31
C ARG B 690 5.81 19.69 17.63
N THR B 691 6.52 20.81 17.62
CA THR B 691 7.98 20.69 17.63
C THR B 691 8.72 21.56 18.64
N LEU B 692 8.37 22.84 18.78
CA LEU B 692 9.31 23.76 19.40
C LEU B 692 9.31 23.67 20.93
N GLY B 693 10.50 23.53 21.49
CA GLY B 693 10.71 23.45 22.91
C GLY B 693 11.82 24.38 23.32
N PRO B 694 12.19 24.32 24.60
CA PRO B 694 13.13 25.32 25.15
C PRO B 694 14.47 25.35 24.45
N GLY B 695 14.94 24.20 23.96
CA GLY B 695 16.24 24.09 23.32
C GLY B 695 16.30 24.56 21.89
N HIS B 696 15.17 24.95 21.32
CA HIS B 696 15.15 25.44 19.94
C HIS B 696 15.10 26.95 19.97
N GLY B 697 16.27 27.55 20.21
CA GLY B 697 16.35 28.97 20.41
C GLY B 697 16.20 29.73 19.11
N PRO B 698 15.64 30.94 19.19
CA PRO B 698 15.48 31.73 17.96
C PRO B 698 16.80 32.26 17.45
N LEU B 699 16.79 32.62 16.17
CA LEU B 699 17.97 33.26 15.60
C LEU B 699 18.12 34.68 16.09
N GLY B 700 17.01 35.40 16.23
CA GLY B 700 17.05 36.82 16.48
C GLY B 700 16.27 37.54 15.40
N PRO B 701 16.50 38.84 15.22
CA PRO B 701 15.80 39.59 14.18
C PRO B 701 15.93 38.96 12.80
N ILE B 702 14.80 38.72 12.16
CA ILE B 702 14.76 38.15 10.83
CA ILE B 702 14.74 38.14 10.83
C ILE B 702 14.17 39.17 9.89
N VAL B 703 14.85 39.40 8.79
CA VAL B 703 14.38 40.29 7.73
C VAL B 703 13.60 39.45 6.73
N CYS B 704 12.34 39.78 6.51
CA CYS B 704 11.48 39.05 5.60
C CYS B 704 11.22 39.94 4.40
N ILE B 705 11.71 39.52 3.23
CA ILE B 705 11.59 40.29 2.01
C ILE B 705 10.69 39.49 1.07
N SER B 706 9.61 40.11 0.63
CA SER B 706 8.55 39.38 -0.06
C SER B 706 8.30 39.96 -1.45
N PRO B 707 7.77 39.15 -2.36
CA PRO B 707 7.54 39.60 -3.72
C PRO B 707 6.16 40.25 -3.86
N TRP B 708 5.97 40.91 -5.01
CA TRP B 708 4.68 41.54 -5.23
C TRP B 708 3.63 40.57 -5.72
N ASN B 709 4.01 39.39 -6.23
CA ASN B 709 3.02 38.63 -6.98
C ASN B 709 2.12 37.79 -6.09
N PHE B 710 2.55 37.46 -4.88
CA PHE B 710 1.70 36.87 -3.85
C PHE B 710 1.83 37.80 -2.65
N PRO B 711 1.23 38.99 -2.73
CA PRO B 711 1.58 40.09 -1.81
C PRO B 711 1.01 39.93 -0.41
N LEU B 712 0.08 38.99 -0.20
CA LEU B 712 -0.32 38.63 1.16
C LEU B 712 0.14 37.24 1.55
N ALA B 713 0.09 36.27 0.63
CA ALA B 713 0.33 34.90 1.03
C ALA B 713 1.79 34.66 1.38
N ILE B 714 2.71 35.02 0.49
CA ILE B 714 4.12 34.77 0.80
C ILE B 714 4.60 35.75 1.86
N PHE B 715 4.12 36.99 1.79
CA PHE B 715 4.35 37.97 2.84
C PHE B 715 4.02 37.36 4.21
N THR B 716 2.79 36.85 4.34
CA THR B 716 2.34 36.32 5.63
C THR B 716 3.10 35.05 6.00
N GLY B 717 3.33 34.17 5.03
CA GLY B 717 4.00 32.92 5.33
C GLY B 717 5.38 33.12 5.93
N GLN B 718 6.20 33.95 5.30
CA GLN B 718 7.55 34.15 5.82
C GLN B 718 7.51 34.74 7.21
N ILE B 719 6.69 35.77 7.39
CA ILE B 719 6.64 36.48 8.66
C ILE B 719 6.11 35.58 9.75
N ALA B 720 5.06 34.81 9.44
CA ALA B 720 4.45 33.95 10.43
C ALA B 720 5.44 32.92 10.92
N ALA B 721 6.20 32.34 9.99
CA ALA B 721 7.15 31.31 10.36
C ALA B 721 8.25 31.90 11.24
N ALA B 722 8.79 33.04 10.83
CA ALA B 722 9.84 33.67 11.63
C ALA B 722 9.34 34.01 13.03
N LEU B 723 8.14 34.61 13.10
CA LEU B 723 7.58 35.00 14.39
C LEU B 723 7.35 33.79 15.29
N VAL B 724 6.70 32.76 14.74
CA VAL B 724 6.30 31.68 15.61
C VAL B 724 7.52 30.88 16.05
N ALA B 725 8.61 30.94 15.28
CA ALA B 725 9.85 30.34 15.74
C ALA B 725 10.55 31.18 16.80
N GLY B 726 9.97 32.32 17.17
CA GLY B 726 10.49 33.11 18.27
C GLY B 726 11.36 34.28 17.87
N ASN B 727 11.30 34.71 16.61
CA ASN B 727 12.12 35.76 16.06
C ASN B 727 11.30 37.01 15.84
N PRO B 728 11.76 38.18 16.27
CA PRO B 728 11.12 39.40 15.82
C PRO B 728 11.42 39.61 14.34
N VAL B 729 10.49 40.27 13.65
CA VAL B 729 10.53 40.36 12.20
C VAL B 729 10.56 41.81 11.74
N LEU B 730 11.43 42.05 10.76
CA LEU B 730 11.39 43.25 9.94
C LEU B 730 10.80 42.84 8.60
N ALA B 731 9.61 43.34 8.31
CA ALA B 731 8.87 42.93 7.11
C ALA B 731 9.03 44.00 6.05
N LYS B 732 9.71 43.66 4.95
CA LYS B 732 9.94 44.57 3.84
C LYS B 732 9.15 44.07 2.65
N PRO B 733 7.95 44.59 2.41
CA PRO B 733 7.14 44.14 1.27
C PRO B 733 7.67 44.75 -0.01
N ALA B 734 7.27 44.09 -1.10
CA ALA B 734 7.59 44.62 -2.42
C ALA B 734 7.11 46.05 -2.57
N GLU B 735 7.86 46.85 -3.32
CA GLU B 735 7.49 48.25 -3.50
C GLU B 735 6.16 48.38 -4.23
N GLU B 736 5.79 47.39 -5.03
CA GLU B 736 4.56 47.47 -5.80
C GLU B 736 3.31 47.26 -4.96
N THR B 737 3.41 46.51 -3.85
CA THR B 737 2.22 46.05 -3.14
C THR B 737 2.33 46.25 -1.64
N PRO B 738 2.59 47.47 -1.19
CA PRO B 738 2.73 47.70 0.26
C PRO B 738 1.41 47.70 1.01
N LEU B 739 0.28 47.98 0.36
CA LEU B 739 -0.95 48.20 1.11
C LEU B 739 -1.47 46.91 1.73
N ILE B 740 -1.50 45.81 0.95
CA ILE B 740 -1.97 44.56 1.52
C ILE B 740 -1.00 44.07 2.57
N ALA B 741 0.30 44.38 2.41
CA ALA B 741 1.28 44.01 3.42
C ALA B 741 1.00 44.75 4.72
N ALA B 742 0.75 46.06 4.63
CA ALA B 742 0.39 46.83 5.83
C ALA B 742 -0.81 46.22 6.51
N GLU B 743 -1.78 45.78 5.73
CA GLU B 743 -2.98 45.19 6.32
C GLU B 743 -2.65 43.88 7.00
N GLY B 744 -1.78 43.06 6.39
CA GLY B 744 -1.31 41.86 7.06
C GLY B 744 -0.68 42.16 8.40
N VAL B 745 0.16 43.19 8.48
CA VAL B 745 0.79 43.53 9.74
C VAL B 745 -0.23 44.02 10.75
N ARG B 746 -1.22 44.81 10.30
CA ARG B 746 -2.29 45.23 11.21
C ARG B 746 -2.97 44.03 11.84
N ILE B 747 -3.25 43.02 11.03
CA ILE B 747 -3.97 41.85 11.52
C ILE B 747 -3.10 41.05 12.48
N LEU B 748 -1.82 40.86 12.13
CA LEU B 748 -0.95 40.10 13.04
C LEU B 748 -0.76 40.84 14.37
N ARG B 749 -0.62 42.17 14.32
CA ARG B 749 -0.54 42.91 15.57
C ARG B 749 -1.83 42.81 16.36
N GLU B 750 -2.97 42.91 15.68
CA GLU B 750 -4.26 42.81 16.36
C GLU B 750 -4.41 41.45 17.03
N ALA B 751 -3.84 40.41 16.40
CA ALA B 751 -3.89 39.05 16.90
C ALA B 751 -2.95 38.80 18.05
N GLY B 752 -2.08 39.74 18.39
CA GLY B 752 -1.24 39.55 19.56
C GLY B 752 0.24 39.73 19.32
N ILE B 753 0.66 39.87 18.07
CA ILE B 753 2.10 40.05 17.85
C ILE B 753 2.51 41.45 18.32
N PRO B 754 3.44 41.58 19.27
CA PRO B 754 3.83 42.91 19.76
C PRO B 754 4.42 43.76 18.66
N ALA B 755 4.25 45.08 18.81
CA ALA B 755 4.76 46.00 17.80
C ALA B 755 6.27 45.86 17.63
N SER B 756 6.99 45.60 18.73
CA SER B 756 8.43 45.43 18.63
C SER B 756 8.80 44.13 17.94
N ALA B 757 7.89 43.15 17.90
CA ALA B 757 8.16 41.89 17.23
C ALA B 757 7.84 41.90 15.75
N LEU B 758 7.09 42.90 15.26
CA LEU B 758 6.69 42.91 13.86
C LEU B 758 6.64 44.35 13.40
N GLN B 759 7.65 44.76 12.66
CA GLN B 759 7.74 46.10 12.11
C GLN B 759 7.64 46.01 10.60
N LEU B 760 6.93 46.95 10.01
CA LEU B 760 6.74 47.02 8.56
C LEU B 760 7.59 48.14 7.99
N LEU B 761 8.41 47.83 6.97
CA LEU B 761 9.31 48.82 6.37
C LEU B 761 9.04 48.85 4.87
N PRO B 762 8.05 49.63 4.44
CA PRO B 762 7.79 49.73 3.00
C PRO B 762 8.94 50.41 2.29
N GLY B 763 9.12 50.05 1.03
CA GLY B 763 10.08 50.74 0.20
C GLY B 763 10.64 49.80 -0.84
N ASP B 764 11.67 50.27 -1.53
CA ASP B 764 12.21 49.52 -2.66
C ASP B 764 13.38 48.66 -2.18
N GLY B 765 14.20 48.18 -3.11
CA GLY B 765 15.26 47.28 -2.73
C GLY B 765 16.33 47.90 -1.87
N ARG B 766 16.47 49.22 -1.89
CA ARG B 766 17.42 49.88 -1.00
C ARG B 766 17.03 49.69 0.46
N VAL B 767 15.71 49.67 0.73
CA VAL B 767 15.25 49.39 2.08
C VAL B 767 15.58 47.96 2.45
N GLY B 768 15.30 47.02 1.53
CA GLY B 768 15.66 45.65 1.79
C GLY B 768 17.15 45.49 2.04
N ALA B 769 17.97 46.15 1.22
CA ALA B 769 19.42 46.02 1.37
C ALA B 769 19.88 46.58 2.71
N ALA B 770 19.32 47.72 3.13
CA ALA B 770 19.69 48.28 4.43
C ALA B 770 19.31 47.34 5.57
N LEU B 771 18.18 46.67 5.46
CA LEU B 771 17.79 45.73 6.50
C LEU B 771 18.74 44.54 6.55
N VAL B 772 19.04 43.97 5.38
CA VAL B 772 19.91 42.80 5.29
C VAL B 772 21.30 43.10 5.86
N ALA B 773 21.81 44.31 5.60
CA ALA B 773 23.16 44.69 6.01
C ALA B 773 23.24 45.10 7.48
N ALA B 774 22.11 45.30 8.15
CA ALA B 774 22.14 45.77 9.53
C ALA B 774 22.82 44.75 10.45
N ALA B 775 23.53 45.27 11.44
CA ALA B 775 24.41 44.43 12.25
C ALA B 775 23.64 43.37 13.05
N GLU B 776 22.44 43.69 13.51
CA GLU B 776 21.70 42.77 14.35
C GLU B 776 20.85 41.79 13.57
N THR B 777 20.82 41.88 12.24
CA THR B 777 20.04 40.93 11.47
C THR B 777 20.60 39.53 11.61
N ALA B 778 19.75 38.60 12.01
CA ALA B 778 20.15 37.24 12.35
C ALA B 778 19.71 36.21 11.33
N GLY B 779 18.94 36.62 10.33
CA GLY B 779 18.49 35.70 9.30
C GLY B 779 17.66 36.48 8.30
N VAL B 780 17.59 35.95 7.08
CA VAL B 780 16.86 36.61 6.02
C VAL B 780 15.99 35.58 5.32
N MET B 781 14.73 35.94 5.13
CA MET B 781 13.80 35.13 4.35
C MET B 781 13.44 35.95 3.12
N PHE B 782 13.83 35.46 1.96
CA PHE B 782 13.69 36.19 0.72
C PHE B 782 12.94 35.33 -0.28
N THR B 783 11.95 35.93 -0.91
CA THR B 783 11.29 35.34 -2.06
C THR B 783 11.25 36.39 -3.16
N GLY B 784 11.80 36.05 -4.32
CA GLY B 784 11.96 37.04 -5.37
C GLY B 784 12.90 36.51 -6.44
N SER B 785 13.51 37.44 -7.16
CA SER B 785 14.36 37.03 -8.29
C SER B 785 15.68 36.43 -7.81
N THR B 786 16.21 35.51 -8.62
CA THR B 786 17.53 34.93 -8.35
C THR B 786 18.60 36.01 -8.26
N GLU B 787 18.57 37.00 -9.16
CA GLU B 787 19.57 38.06 -9.15
C GLU B 787 19.60 38.79 -7.81
N VAL B 788 18.43 39.11 -7.24
CA VAL B 788 18.41 39.84 -5.99
C VAL B 788 18.86 38.93 -4.84
N ALA B 789 18.44 37.67 -4.88
CA ALA B 789 18.87 36.72 -3.86
C ALA B 789 20.39 36.62 -3.80
N ARG B 790 21.05 36.65 -4.96
CA ARG B 790 22.51 36.60 -4.98
C ARG B 790 23.13 37.80 -4.27
N LEU B 791 22.55 38.97 -4.47
CA LEU B 791 23.07 40.16 -3.81
C LEU B 791 22.92 40.05 -2.29
N ILE B 792 21.78 39.55 -1.84
CA ILE B 792 21.55 39.35 -0.42
C ILE B 792 22.55 38.34 0.14
N GLN B 793 22.72 37.23 -0.56
CA GLN B 793 23.67 36.22 -0.15
C GLN B 793 25.06 36.80 0.02
N ALA B 794 25.47 37.66 -0.92
CA ALA B 794 26.79 38.29 -0.81
C ALA B 794 26.88 39.19 0.40
N GLN B 795 25.84 40.00 0.66
CA GLN B 795 25.88 40.85 1.83
CA GLN B 795 25.81 40.85 1.84
C GLN B 795 26.00 40.03 3.11
N LEU B 796 25.24 38.93 3.21
CA LEU B 796 25.21 38.16 4.44
C LEU B 796 26.54 37.45 4.69
N ALA B 797 27.23 37.03 3.63
CA ALA B 797 28.46 36.28 3.79
C ALA B 797 29.58 37.14 4.35
N ASP B 798 29.42 38.46 4.34
CA ASP B 798 30.40 39.32 5.00
C ASP B 798 30.33 39.22 6.52
N ARG B 799 29.20 38.73 7.05
CA ARG B 799 28.93 38.78 8.48
C ARG B 799 28.81 37.37 9.05
N LEU B 800 28.92 37.29 10.37
CA LEU B 800 28.64 36.08 11.11
C LEU B 800 27.68 36.42 12.24
N SER B 801 26.95 35.41 12.70
CA SER B 801 26.08 35.57 13.85
C SER B 801 26.92 35.90 15.07
N PRO B 802 26.30 36.33 16.18
CA PRO B 802 27.07 36.45 17.43
C PRO B 802 27.79 35.17 17.82
N ALA B 803 27.21 34.02 17.50
CA ALA B 803 27.81 32.72 17.78
C ALA B 803 28.87 32.32 16.76
N GLY B 804 29.19 33.18 15.79
CA GLY B 804 30.24 32.88 14.84
C GLY B 804 29.84 31.95 13.72
N ARG B 805 28.57 31.96 13.31
CA ARG B 805 28.06 31.04 12.33
C ARG B 805 27.40 31.83 11.20
N PRO B 806 27.28 31.23 10.02
CA PRO B 806 26.66 31.96 8.91
C PRO B 806 25.24 32.38 9.25
N ILE B 807 24.88 33.57 8.77
CA ILE B 807 23.51 34.07 8.88
C ILE B 807 22.63 33.27 7.92
N PRO B 808 21.56 32.63 8.41
CA PRO B 808 20.75 31.79 7.51
C PRO B 808 20.01 32.63 6.48
N LEU B 809 19.96 32.11 5.26
CA LEU B 809 19.18 32.73 4.20
C LEU B 809 18.27 31.67 3.62
N ILE B 810 16.97 31.93 3.63
CA ILE B 810 16.03 31.13 2.86
C ILE B 810 15.70 31.96 1.64
N ALA B 811 16.05 31.46 0.46
CA ALA B 811 15.88 32.23 -0.76
C ALA B 811 15.12 31.36 -1.74
N GLU B 812 13.87 31.71 -1.99
CA GLU B 812 13.03 31.00 -2.93
C GLU B 812 12.87 31.88 -4.16
N THR B 813 13.33 31.40 -5.30
CA THR B 813 13.60 32.26 -6.43
C THR B 813 12.82 31.70 -7.63
N GLY B 814 13.28 32.00 -8.82
CA GLY B 814 12.44 31.82 -9.99
C GLY B 814 12.26 30.37 -10.42
N GLY B 815 11.51 30.22 -11.51
CA GLY B 815 11.40 28.94 -12.18
C GLY B 815 11.44 29.13 -13.67
N GLN B 816 11.63 28.04 -14.38
CA GLN B 816 11.49 27.99 -15.84
C GLN B 816 10.66 26.73 -16.12
N ASN B 817 9.39 26.80 -15.76
CA ASN B 817 8.63 25.58 -15.47
C ASN B 817 8.05 25.00 -16.74
N ALA B 818 8.21 23.69 -16.90
CA ALA B 818 7.77 22.99 -18.10
C ALA B 818 6.61 22.08 -17.77
N MET B 819 5.82 21.80 -18.80
CA MET B 819 4.84 20.73 -18.76
C MET B 819 5.07 19.86 -19.98
N ILE B 820 5.20 18.56 -19.77
CA ILE B 820 5.35 17.61 -20.85
C ILE B 820 4.02 16.91 -21.06
N VAL B 821 3.56 16.87 -22.31
CA VAL B 821 2.29 16.27 -22.70
C VAL B 821 2.59 15.21 -23.75
N ASP B 822 2.15 13.98 -23.52
CA ASP B 822 2.34 12.97 -24.55
C ASP B 822 1.03 12.73 -25.28
N SER B 823 1.05 11.79 -26.23
CA SER B 823 -0.13 11.56 -27.07
C SER B 823 -1.25 10.84 -26.36
N SER B 824 -1.05 10.38 -25.14
CA SER B 824 -2.14 9.73 -24.41
C SER B 824 -2.97 10.71 -23.62
N ALA B 825 -2.48 11.93 -23.42
CA ALA B 825 -3.20 12.90 -22.61
C ALA B 825 -4.49 13.34 -23.29
N LEU B 826 -5.48 13.70 -22.48
CA LEU B 826 -6.73 14.22 -23.01
C LEU B 826 -6.57 15.69 -23.36
N ALA B 827 -6.73 16.03 -24.64
CA ALA B 827 -6.43 17.39 -25.10
C ALA B 827 -7.21 18.43 -24.30
N GLU B 828 -8.50 18.20 -24.07
CA GLU B 828 -9.32 19.17 -23.36
C GLU B 828 -8.78 19.44 -21.96
N GLN B 829 -8.34 18.39 -21.27
CA GLN B 829 -7.77 18.55 -19.94
C GLN B 829 -6.45 19.31 -20.00
N VAL B 830 -5.59 18.95 -20.95
CA VAL B 830 -4.33 19.67 -21.14
C VAL B 830 -4.61 21.15 -21.35
N VAL B 831 -5.52 21.46 -22.27
CA VAL B 831 -5.72 22.86 -22.62
C VAL B 831 -6.20 23.65 -21.40
N GLY B 832 -7.16 23.10 -20.65
CA GLY B 832 -7.61 23.78 -19.45
C GLY B 832 -6.49 24.00 -18.45
N ASP B 833 -5.64 23.00 -18.26
CA ASP B 833 -4.55 23.14 -17.31
C ASP B 833 -3.45 24.04 -17.84
N VAL B 834 -3.28 24.10 -19.16
CA VAL B 834 -2.29 25.03 -19.71
C VAL B 834 -2.78 26.46 -19.58
N ILE B 835 -4.05 26.70 -19.91
CA ILE B 835 -4.58 28.06 -19.84
C ILE B 835 -4.46 28.60 -18.44
N THR B 836 -4.79 27.78 -17.45
CA THR B 836 -4.62 28.19 -16.05
CA THR B 836 -4.62 28.23 -16.07
C THR B 836 -3.15 28.38 -15.71
N SER B 837 -2.34 27.35 -15.95
CA SER B 837 -0.96 27.41 -15.48
C SER B 837 -0.18 28.54 -16.12
N ALA B 838 -0.42 28.80 -17.41
CA ALA B 838 0.39 29.77 -18.12
C ALA B 838 -0.12 31.21 -17.95
N PHE B 839 -1.43 31.40 -17.85
CA PHE B 839 -1.98 32.74 -18.00
C PHE B 839 -2.79 33.23 -16.81
N ASP B 840 -3.15 32.35 -15.88
CA ASP B 840 -3.69 32.81 -14.60
C ASP B 840 -2.76 33.84 -14.00
N SER B 841 -3.35 34.92 -13.48
CA SER B 841 -2.60 36.02 -12.90
C SER B 841 -1.60 36.59 -13.90
N ALA B 842 -1.97 36.55 -15.18
CA ALA B 842 -1.12 37.00 -16.27
C ALA B 842 0.27 36.38 -16.17
N GLY B 843 0.30 35.11 -15.77
CA GLY B 843 1.55 34.37 -15.67
C GLY B 843 2.50 34.90 -14.63
N GLN B 844 2.01 35.71 -13.71
CA GLN B 844 2.85 36.27 -12.64
C GLN B 844 2.80 35.40 -11.39
N ARG B 845 3.04 34.12 -11.60
CA ARG B 845 3.24 33.14 -10.55
C ARG B 845 4.64 32.57 -10.76
N CYS B 846 5.38 32.39 -9.67
CA CYS B 846 6.66 31.71 -9.82
C CYS B 846 6.47 30.31 -10.39
N SER B 847 5.33 29.70 -10.09
CA SER B 847 4.94 28.36 -10.52
C SER B 847 4.42 28.31 -11.95
N ALA B 848 4.26 29.46 -12.61
CA ALA B 848 3.55 29.51 -13.89
C ALA B 848 4.22 28.63 -14.93
N LEU B 849 3.41 28.05 -15.80
CA LEU B 849 3.92 27.28 -16.93
C LEU B 849 4.60 28.18 -17.95
N ARG B 850 5.88 27.94 -18.21
CA ARG B 850 6.65 28.73 -19.16
C ARG B 850 6.93 27.99 -20.47
N VAL B 851 7.07 26.67 -20.43
CA VAL B 851 7.43 25.89 -21.60
C VAL B 851 6.50 24.70 -21.68
N LEU B 852 5.62 24.68 -22.69
CA LEU B 852 4.74 23.56 -22.94
C LEU B 852 5.40 22.67 -23.97
N CYS B 853 5.62 21.40 -23.63
CA CYS B 853 6.30 20.44 -24.50
C CYS B 853 5.28 19.43 -24.98
N LEU B 854 5.01 19.44 -26.28
CA LEU B 854 3.94 18.65 -26.85
C LEU B 854 4.52 17.56 -27.75
N GLN B 855 4.10 16.32 -27.52
CA GLN B 855 4.50 15.25 -28.43
C GLN B 855 4.08 15.61 -29.85
N GLU B 856 4.99 15.39 -30.79
CA GLU B 856 4.83 15.91 -32.15
C GLU B 856 3.48 15.51 -32.74
N ASP B 857 3.04 14.28 -32.47
CA ASP B 857 1.85 13.73 -33.12
C ASP B 857 0.57 14.44 -32.69
N VAL B 858 0.54 15.05 -31.50
CA VAL B 858 -0.65 15.73 -31.03
C VAL B 858 -0.48 17.23 -30.95
N ALA B 859 0.69 17.77 -31.33
CA ALA B 859 0.97 19.18 -31.06
C ALA B 859 0.01 20.10 -31.82
N ASP B 860 -0.22 19.82 -33.10
CA ASP B 860 -1.08 20.71 -33.88
C ASP B 860 -2.51 20.74 -33.31
N ARG B 861 -3.05 19.58 -32.97
CA ARG B 861 -4.43 19.57 -32.49
C ARG B 861 -4.54 20.27 -31.14
N ILE B 862 -3.58 20.04 -30.24
CA ILE B 862 -3.61 20.73 -28.96
C ILE B 862 -3.43 22.24 -29.15
N LEU B 863 -2.54 22.65 -30.05
CA LEU B 863 -2.32 24.08 -30.24
C LEU B 863 -3.55 24.76 -30.81
N THR B 864 -4.24 24.12 -31.76
CA THR B 864 -5.47 24.69 -32.27
C THR B 864 -6.51 24.86 -31.16
N MET B 865 -6.65 23.84 -30.30
CA MET B 865 -7.61 23.93 -29.21
C MET B 865 -7.18 24.99 -28.21
N LEU B 866 -5.90 25.04 -27.90
CA LEU B 866 -5.40 26.04 -26.96
C LEU B 866 -5.65 27.45 -27.47
N LYS B 867 -5.40 27.68 -28.76
CA LYS B 867 -5.63 29.00 -29.32
C LYS B 867 -7.11 29.34 -29.31
N GLY B 868 -7.97 28.36 -29.60
CA GLY B 868 -9.41 28.62 -29.53
C GLY B 868 -9.87 28.93 -28.12
N ALA B 869 -9.32 28.24 -27.14
CA ALA B 869 -9.63 28.52 -25.75
C ALA B 869 -9.13 29.90 -25.34
N LEU B 870 -7.94 30.28 -25.81
CA LEU B 870 -7.40 31.59 -25.45
C LEU B 870 -8.28 32.72 -25.96
N HIS B 871 -8.93 32.53 -27.10
CA HIS B 871 -9.75 33.60 -27.65
C HIS B 871 -11.03 33.82 -26.85
N GLU B 872 -11.35 32.93 -25.92
CA GLU B 872 -12.51 33.11 -25.06
C GLU B 872 -12.18 33.79 -23.74
N LEU B 873 -10.92 34.15 -23.53
CA LEU B 873 -10.54 34.80 -22.27
C LEU B 873 -10.86 36.28 -22.33
N HIS B 874 -11.23 36.83 -21.16
CA HIS B 874 -11.52 38.24 -21.01
C HIS B 874 -10.36 38.86 -20.22
N ILE B 875 -9.66 39.79 -20.85
CA ILE B 875 -8.53 40.49 -20.24
C ILE B 875 -8.98 41.90 -19.89
N GLY B 876 -8.79 42.30 -18.64
CA GLY B 876 -9.15 43.66 -18.28
C GLY B 876 -8.96 43.92 -16.81
N ARG B 877 -9.46 45.08 -16.38
CA ARG B 877 -9.40 45.44 -14.97
C ARG B 877 -10.18 44.42 -14.14
N THR B 878 -9.58 43.97 -13.04
CA THR B 878 -10.02 42.74 -12.38
C THR B 878 -11.16 42.93 -11.39
N ASP B 879 -11.80 44.10 -11.34
CA ASP B 879 -12.94 44.27 -10.46
C ASP B 879 -14.26 43.89 -11.13
N ARG B 880 -14.19 42.97 -12.08
CA ARG B 880 -15.36 42.35 -12.69
C ARG B 880 -15.16 40.84 -12.64
N LEU B 881 -16.19 40.13 -12.18
CA LEU B 881 -16.12 38.67 -12.10
C LEU B 881 -15.83 38.04 -13.47
N SER B 882 -16.27 38.69 -14.56
CA SER B 882 -16.08 38.15 -15.90
C SER B 882 -14.66 38.23 -16.40
N VAL B 883 -13.75 38.89 -15.68
CA VAL B 883 -12.37 39.04 -16.14
C VAL B 883 -11.58 37.81 -15.75
N ASP B 884 -10.88 37.24 -16.73
CA ASP B 884 -10.06 36.06 -16.56
C ASP B 884 -8.61 36.38 -16.30
N VAL B 885 -8.07 37.39 -16.98
CA VAL B 885 -6.65 37.72 -16.95
C VAL B 885 -6.54 39.21 -16.69
N GLY B 886 -5.82 39.57 -15.64
CA GLY B 886 -5.65 40.96 -15.29
C GLY B 886 -4.36 41.52 -15.85
N PRO B 887 -3.97 42.67 -15.32
CA PRO B 887 -2.78 43.35 -15.82
C PRO B 887 -1.48 42.76 -15.29
N VAL B 888 -0.39 43.13 -15.95
CA VAL B 888 0.91 42.94 -15.34
C VAL B 888 1.17 44.09 -14.36
N ILE B 889 2.11 43.87 -13.45
CA ILE B 889 2.10 44.71 -12.24
C ILE B 889 2.54 46.15 -12.52
N THR B 890 3.46 46.38 -13.47
CA THR B 890 4.02 47.70 -13.71
C THR B 890 4.31 47.86 -15.20
N SER B 891 4.54 49.11 -15.59
CA SER B 891 5.00 49.40 -16.95
CA SER B 891 4.99 49.39 -16.95
C SER B 891 6.37 48.80 -17.18
N GLU B 892 7.23 48.80 -16.16
CA GLU B 892 8.56 48.21 -16.30
C GLU B 892 8.45 46.72 -16.59
N ALA B 893 7.59 46.02 -15.86
CA ALA B 893 7.39 44.60 -16.13
C ALA B 893 6.86 44.39 -17.54
N LYS B 894 5.88 45.20 -17.93
CA LYS B 894 5.32 45.09 -19.27
C LYS B 894 6.41 45.27 -20.32
N ASP B 895 7.28 46.27 -20.13
CA ASP B 895 8.36 46.50 -21.10
C ASP B 895 9.32 45.32 -21.15
N ASN B 896 9.63 44.75 -19.99
CA ASN B 896 10.53 43.61 -19.90
C ASN B 896 9.97 42.42 -20.65
N ILE B 897 8.69 42.12 -20.42
CA ILE B 897 8.03 41.03 -21.11
C ILE B 897 8.00 41.29 -22.61
N GLU B 898 7.60 42.49 -23.00
CA GLU B 898 7.50 42.81 -24.43
C GLU B 898 8.86 42.80 -25.10
N LYS B 899 9.93 43.17 -24.38
CA LYS B 899 11.27 43.10 -24.98
C LYS B 899 11.61 41.67 -25.35
N HIS B 900 11.24 40.72 -24.49
CA HIS B 900 11.46 39.31 -24.80
C HIS B 900 10.62 38.89 -25.99
N ILE B 901 9.34 39.27 -25.99
CA ILE B 901 8.45 38.87 -27.08
C ILE B 901 9.00 39.38 -28.40
N GLU B 902 9.45 40.64 -28.42
CA GLU B 902 9.96 41.21 -29.66
C GLU B 902 11.30 40.63 -30.06
N ARG B 903 12.11 40.18 -29.09
CA ARG B 903 13.37 39.53 -29.44
C ARG B 903 13.11 38.18 -30.07
N MET B 904 12.15 37.43 -29.52
CA MET B 904 11.76 36.17 -30.15
C MET B 904 11.22 36.40 -31.54
N ARG B 905 10.38 37.43 -31.69
CA ARG B 905 9.86 37.76 -33.02
C ARG B 905 11.00 38.13 -33.97
N GLY B 906 11.94 38.96 -33.52
CA GLY B 906 13.03 39.38 -34.40
C GLY B 906 13.94 38.24 -34.80
N LEU B 907 14.03 37.22 -33.97
CA LEU B 907 14.80 36.02 -34.28
C LEU B 907 14.04 35.06 -35.19
N GLY B 908 12.85 35.45 -35.64
CA GLY B 908 12.08 34.64 -36.56
C GLY B 908 11.17 33.60 -35.94
N ARG B 909 11.13 33.50 -34.61
CA ARG B 909 10.23 32.56 -33.96
C ARG B 909 8.79 32.97 -34.18
N LYS B 910 7.92 31.97 -34.27
CA LYS B 910 6.49 32.23 -34.41
C LYS B 910 5.92 32.75 -33.10
N VAL B 911 5.33 33.93 -33.14
CA VAL B 911 4.74 34.58 -31.97
C VAL B 911 3.28 34.87 -32.28
N GLU B 912 2.39 34.45 -31.38
CA GLU B 912 0.96 34.69 -31.51
C GLU B 912 0.40 35.29 -30.23
N GLN B 913 -0.45 36.31 -30.37
CA GLN B 913 -1.07 36.97 -29.22
C GLN B 913 -2.55 37.19 -29.44
N ILE B 914 -3.30 37.16 -28.34
CA ILE B 914 -4.72 37.50 -28.35
C ILE B 914 -4.89 39.03 -28.34
N GLY B 915 -6.11 39.49 -28.63
CA GLY B 915 -6.36 40.93 -28.75
C GLY B 915 -6.82 41.54 -27.44
N LEU B 916 -6.38 42.77 -27.19
CA LEU B 916 -6.71 43.50 -25.98
C LEU B 916 -7.72 44.59 -26.30
N ALA B 917 -8.75 44.70 -25.44
CA ALA B 917 -9.75 45.75 -25.59
C ALA B 917 -9.14 47.12 -25.30
N SER B 918 -9.77 48.16 -25.85
CA SER B 918 -9.23 49.51 -25.71
C SER B 918 -9.19 49.96 -24.26
N GLU B 919 -10.05 49.41 -23.40
CA GLU B 919 -10.07 49.81 -22.00
C GLU B 919 -8.78 49.45 -21.28
N THR B 920 -7.99 48.52 -21.83
CA THR B 920 -6.74 48.15 -21.20
C THR B 920 -5.68 49.25 -21.27
N GLY B 921 -5.86 50.26 -22.12
CA GLY B 921 -4.84 51.29 -22.29
C GLY B 921 -4.56 52.12 -21.04
N VAL B 922 -5.54 52.22 -20.13
CA VAL B 922 -5.31 52.95 -18.89
C VAL B 922 -4.50 52.17 -17.88
N GLY B 923 -4.28 50.88 -18.12
CA GLY B 923 -3.46 50.09 -17.22
C GLY B 923 -2.29 49.48 -17.96
N THR B 924 -1.62 48.51 -17.35
CA THR B 924 -0.46 47.85 -17.97
C THR B 924 -0.80 46.39 -18.24
N PHE B 925 -1.17 46.08 -19.47
CA PHE B 925 -1.57 44.73 -19.84
C PHE B 925 -0.65 44.16 -20.91
N VAL B 926 -0.41 42.86 -20.80
CA VAL B 926 0.20 42.07 -21.86
C VAL B 926 -0.78 40.96 -22.19
N PRO B 927 -1.14 40.76 -23.46
CA PRO B 927 -2.07 39.69 -23.77
C PRO B 927 -1.39 38.34 -23.65
N PRO B 928 -2.14 37.29 -23.35
CA PRO B 928 -1.60 35.94 -23.46
C PRO B 928 -0.87 35.72 -24.78
N THR B 929 0.33 35.19 -24.69
CA THR B 929 1.24 35.10 -25.82
C THR B 929 1.79 33.68 -25.92
N ILE B 930 1.89 33.16 -27.14
CA ILE B 930 2.44 31.84 -27.42
C ILE B 930 3.59 32.01 -28.39
N ILE B 931 4.76 31.50 -28.01
CA ILE B 931 5.97 31.59 -28.82
C ILE B 931 6.46 30.17 -29.08
N GLU B 932 6.65 29.83 -30.35
CA GLU B 932 7.16 28.51 -30.68
C GLU B 932 8.67 28.54 -30.71
N LEU B 933 9.29 27.63 -29.98
CA LEU B 933 10.74 27.54 -29.94
C LEU B 933 11.20 26.30 -30.69
N GLU B 934 12.42 26.36 -31.18
CA GLU B 934 13.05 25.18 -31.75
C GLU B 934 13.70 24.32 -30.68
N LYS B 935 14.19 24.93 -29.62
CA LYS B 935 14.85 24.21 -28.55
C LYS B 935 14.64 24.99 -27.26
N LEU B 936 14.60 24.26 -26.14
CA LEU B 936 14.43 24.93 -24.86
C LEU B 936 15.56 25.93 -24.60
N SER B 937 16.76 25.64 -25.09
CA SER B 937 17.89 26.55 -24.94
C SER B 937 17.66 27.90 -25.61
N ASP B 938 16.66 28.02 -26.50
CA ASP B 938 16.29 29.32 -27.05
C ASP B 938 15.80 30.28 -25.96
N LEU B 939 15.38 29.75 -24.82
CA LEU B 939 14.84 30.54 -23.72
C LEU B 939 15.91 30.70 -22.66
N GLN B 940 16.36 31.93 -22.43
CA GLN B 940 17.55 32.19 -21.61
C GLN B 940 17.25 32.81 -20.25
N ARG B 941 16.01 33.21 -19.98
CA ARG B 941 15.73 33.89 -18.72
C ARG B 941 14.26 33.65 -18.39
N GLU B 942 13.94 33.72 -17.10
CA GLU B 942 12.55 33.67 -16.67
C GLU B 942 11.86 34.94 -17.15
N VAL B 943 10.82 34.79 -17.96
CA VAL B 943 10.00 35.89 -18.43
C VAL B 943 8.71 35.85 -17.63
N PHE B 944 8.57 36.82 -16.72
CA PHE B 944 7.55 36.76 -15.67
C PHE B 944 6.27 37.45 -16.16
N GLY B 945 5.58 36.77 -17.06
CA GLY B 945 4.43 37.36 -17.70
C GLY B 945 3.65 36.29 -18.40
N PRO B 946 2.61 36.68 -19.14
CA PRO B 946 1.72 35.68 -19.75
C PRO B 946 2.26 35.21 -21.09
N VAL B 947 3.44 34.58 -21.05
CA VAL B 947 4.15 34.20 -22.26
C VAL B 947 4.45 32.72 -22.18
N LEU B 948 3.75 31.92 -22.99
CA LEU B 948 3.92 30.48 -23.02
C LEU B 948 4.79 30.12 -24.22
N HIS B 949 5.85 29.37 -23.97
CA HIS B 949 6.71 28.88 -25.03
C HIS B 949 6.31 27.45 -25.34
N VAL B 950 6.36 27.08 -26.62
CA VAL B 950 5.93 25.76 -27.04
C VAL B 950 7.06 25.05 -27.75
N ILE B 951 7.34 23.82 -27.34
CA ILE B 951 8.32 22.93 -27.93
C ILE B 951 7.59 21.67 -28.37
N ARG B 952 7.95 21.15 -29.53
CA ARG B 952 7.45 19.86 -29.98
C ARG B 952 8.57 18.84 -29.82
N TYR B 953 8.19 17.61 -29.44
CA TYR B 953 9.23 16.59 -29.27
C TYR B 953 8.75 15.26 -29.83
N ARG B 954 9.71 14.48 -30.33
CA ARG B 954 9.46 13.10 -30.70
C ARG B 954 9.51 12.23 -29.46
N ARG B 955 8.60 11.25 -29.38
CA ARG B 955 8.52 10.43 -28.17
C ARG B 955 9.85 9.73 -27.86
N ASP B 956 10.61 9.36 -28.90
CA ASP B 956 11.91 8.75 -28.68
C ASP B 956 12.88 9.68 -27.98
N ASP B 957 12.61 10.99 -28.03
CA ASP B 957 13.51 11.99 -27.46
C ASP B 957 13.06 12.44 -26.09
N LEU B 958 12.10 11.73 -25.47
CA LEU B 958 11.57 12.17 -24.18
C LEU B 958 12.68 12.32 -23.15
N ASP B 959 13.59 11.35 -23.07
CA ASP B 959 14.62 11.44 -22.04
C ASP B 959 15.51 12.66 -22.26
N ARG B 960 15.87 12.93 -23.52
CA ARG B 960 16.65 14.12 -23.84
C ARG B 960 15.86 15.39 -23.53
N LEU B 961 14.54 15.35 -23.75
CA LEU B 961 13.73 16.51 -23.42
C LEU B 961 13.76 16.79 -21.92
N VAL B 962 13.68 15.74 -21.11
CA VAL B 962 13.79 15.94 -19.67
C VAL B 962 15.13 16.58 -19.32
N ASP B 963 16.22 16.14 -19.97
CA ASP B 963 17.52 16.80 -19.80
C ASP B 963 17.43 18.27 -20.15
N ASP B 964 16.77 18.58 -21.26
CA ASP B 964 16.63 19.98 -21.69
C ASP B 964 15.91 20.80 -20.64
N VAL B 965 14.86 20.24 -20.03
CA VAL B 965 14.15 20.96 -18.98
C VAL B 965 15.07 21.19 -17.79
N ASN B 966 15.79 20.14 -17.38
CA ASN B 966 16.69 20.29 -16.22
C ASN B 966 17.83 21.24 -16.52
N ALA B 967 18.21 21.38 -17.79
CA ALA B 967 19.43 22.10 -18.17
C ALA B 967 19.32 23.60 -17.96
N THR B 968 18.11 24.15 -17.77
CA THR B 968 17.97 25.57 -17.46
C THR B 968 18.62 25.92 -16.14
N GLY B 969 18.81 24.94 -15.26
CA GLY B 969 19.30 25.17 -13.92
C GLY B 969 18.23 25.46 -12.90
N TYR B 970 17.00 25.70 -13.34
CA TYR B 970 15.87 25.87 -12.44
C TYR B 970 15.27 24.52 -12.09
N GLY B 971 14.38 24.54 -11.11
CA GLY B 971 13.72 23.31 -10.75
C GLY B 971 12.60 23.57 -9.76
N LEU B 972 11.63 24.38 -10.19
CA LEU B 972 10.55 24.76 -9.28
C LEU B 972 9.33 23.86 -9.51
N THR B 973 8.46 24.22 -10.46
CA THR B 973 7.34 23.36 -10.75
C THR B 973 7.52 22.65 -12.09
N PHE B 974 6.78 21.54 -12.23
CA PHE B 974 6.84 20.72 -13.43
C PHE B 974 5.53 19.96 -13.55
N GLY B 975 5.00 19.90 -14.77
CA GLY B 975 3.78 19.17 -15.04
C GLY B 975 3.99 18.07 -16.06
N LEU B 976 3.23 16.98 -15.91
CA LEU B 976 3.23 15.89 -16.86
C LEU B 976 1.80 15.47 -17.07
N HIS B 977 1.37 15.46 -18.33
CA HIS B 977 0.06 14.94 -18.71
C HIS B 977 0.27 13.69 -19.53
N THR B 978 -0.13 12.56 -18.95
CA THR B 978 -0.02 11.26 -19.59
C THR B 978 -0.93 10.30 -18.85
N ARG B 979 -1.45 9.33 -19.56
CA ARG B 979 -2.19 8.28 -18.90
C ARG B 979 -1.34 7.04 -18.62
N LEU B 980 -0.06 7.07 -18.98
CA LEU B 980 0.76 5.86 -19.03
C LEU B 980 1.72 5.81 -17.85
N ASP B 981 1.60 4.73 -17.06
CA ASP B 981 2.42 4.61 -15.86
C ASP B 981 3.91 4.57 -16.17
N GLU B 982 4.30 3.93 -17.29
CA GLU B 982 5.72 3.89 -17.61
C GLU B 982 6.26 5.28 -17.86
N THR B 983 5.47 6.13 -18.53
CA THR B 983 5.92 7.49 -18.77
C THR B 983 5.97 8.29 -17.47
N ILE B 984 4.98 8.08 -16.58
CA ILE B 984 5.01 8.74 -15.29
C ILE B 984 6.26 8.36 -14.52
N ALA B 985 6.56 7.07 -14.47
CA ALA B 985 7.73 6.63 -13.72
C ALA B 985 9.01 7.17 -14.34
N HIS B 986 9.11 7.12 -15.67
CA HIS B 986 10.30 7.61 -16.34
C HIS B 986 10.49 9.10 -16.06
N VAL B 987 9.47 9.90 -16.36
CA VAL B 987 9.64 11.34 -16.28
C VAL B 987 9.85 11.79 -14.83
N THR B 988 9.06 11.25 -13.90
CA THR B 988 9.22 11.73 -12.53
C THR B 988 10.54 11.24 -11.92
N SER B 989 11.10 10.14 -12.41
CA SER B 989 12.41 9.71 -11.92
C SER B 989 13.56 10.55 -12.45
N ARG B 990 13.38 11.26 -13.55
CA ARG B 990 14.48 11.98 -14.20
C ARG B 990 14.39 13.49 -14.09
N ILE B 991 13.19 14.04 -13.94
CA ILE B 991 13.04 15.47 -13.78
C ILE B 991 13.59 15.88 -12.42
N LYS B 992 14.11 17.10 -12.35
CA LYS B 992 14.72 17.60 -11.12
C LYS B 992 14.01 18.89 -10.74
N ALA B 993 12.81 18.75 -10.18
CA ALA B 993 12.02 19.91 -9.75
C ALA B 993 11.39 19.59 -8.41
N GLY B 994 11.12 20.66 -7.65
CA GLY B 994 10.63 20.48 -6.29
C GLY B 994 9.15 20.20 -6.19
N ASN B 995 8.36 20.61 -7.18
CA ASN B 995 6.91 20.45 -7.14
C ASN B 995 6.47 19.85 -8.46
N LEU B 996 6.07 18.60 -8.41
CA LEU B 996 5.63 17.84 -9.59
C LEU B 996 4.13 17.76 -9.57
N TYR B 997 3.53 17.81 -10.76
CA TYR B 997 2.08 17.78 -10.90
C TYR B 997 1.73 16.86 -12.06
N ILE B 998 0.89 15.88 -11.79
CA ILE B 998 0.56 14.85 -12.77
C ILE B 998 -0.91 15.00 -13.13
N ASN B 999 -1.17 15.29 -14.40
CA ASN B 999 -2.54 15.33 -14.94
C ASN B 999 -3.38 16.42 -14.27
N ARG B 1000 -2.73 17.52 -13.93
CA ARG B 1000 -3.42 18.69 -13.39
C ARG B 1000 -2.60 19.92 -13.73
N ASN B 1001 -3.09 21.09 -13.31
CA ASN B 1001 -2.29 22.28 -13.52
C ASN B 1001 -1.10 22.29 -12.56
N ILE B 1002 -0.20 23.23 -12.76
CA ILE B 1002 1.04 23.24 -12.00
C ILE B 1002 1.10 24.43 -11.03
N ILE B 1003 -0.02 25.07 -10.75
CA ILE B 1003 -0.04 26.29 -9.95
C ILE B 1003 -0.92 26.10 -8.72
N GLY B 1004 -0.86 27.10 -7.83
CA GLY B 1004 -1.72 27.09 -6.66
C GLY B 1004 -1.34 26.05 -5.64
N ALA B 1005 -0.03 25.85 -5.40
CA ALA B 1005 0.42 24.93 -4.37
C ALA B 1005 -0.24 25.26 -3.04
N VAL B 1006 -0.65 24.22 -2.33
CA VAL B 1006 -1.46 24.34 -1.12
C VAL B 1006 -0.58 24.01 0.07
N VAL B 1007 -0.57 24.92 1.04
CA VAL B 1007 0.23 24.75 2.26
C VAL B 1007 -0.01 23.38 2.88
N GLY B 1008 1.08 22.69 3.18
CA GLY B 1008 1.02 21.41 3.86
C GLY B 1008 0.46 20.27 3.05
N VAL B 1009 0.07 20.52 1.82
CA VAL B 1009 -0.43 19.50 0.91
C VAL B 1009 0.52 19.33 -0.27
N GLN B 1010 0.91 20.44 -0.89
CA GLN B 1010 2.09 20.52 -1.74
C GLN B 1010 3.05 21.54 -1.13
N PRO B 1011 3.80 21.14 -0.10
CA PRO B 1011 4.94 21.97 0.34
C PRO B 1011 5.71 22.48 -0.86
N PHE B 1012 5.98 23.78 -0.88
CA PHE B 1012 6.35 24.44 -2.11
C PHE B 1012 7.79 24.91 -2.08
N GLY B 1013 8.53 24.61 -3.12
CA GLY B 1013 9.86 25.16 -3.26
C GLY B 1013 10.68 24.21 -4.08
N GLY B 1014 11.69 24.76 -4.72
CA GLY B 1014 12.51 23.95 -5.60
C GLY B 1014 13.99 24.01 -5.27
N ARG B 1015 14.77 23.62 -6.26
CA ARG B 1015 16.20 23.39 -6.11
C ARG B 1015 16.91 24.16 -7.21
N GLY B 1016 18.23 24.07 -7.24
CA GLY B 1016 18.97 24.77 -8.27
C GLY B 1016 18.78 26.27 -8.15
N LEU B 1017 18.59 26.92 -9.30
CA LEU B 1017 18.32 28.35 -9.34
C LEU B 1017 16.98 28.72 -8.74
N SER B 1018 16.15 27.75 -8.38
CA SER B 1018 14.83 28.03 -7.85
C SER B 1018 14.80 28.16 -6.34
N GLY B 1019 15.86 27.78 -5.64
CA GLY B 1019 15.74 27.97 -4.22
C GLY B 1019 16.81 27.30 -3.40
N THR B 1020 16.95 27.76 -2.16
CA THR B 1020 17.76 27.08 -1.17
C THR B 1020 16.99 26.00 -0.44
N GLY B 1021 15.67 26.13 -0.39
CA GLY B 1021 14.91 25.39 0.57
C GLY B 1021 15.21 25.91 1.97
N PRO B 1022 14.55 25.36 2.97
CA PRO B 1022 13.55 24.30 2.88
C PRO B 1022 12.24 24.84 2.32
N LYS B 1023 11.34 23.93 1.96
CA LYS B 1023 10.08 24.31 1.35
C LYS B 1023 9.19 25.08 2.31
N ALA B 1024 8.63 26.18 1.82
CA ALA B 1024 7.55 26.86 2.51
C ALA B 1024 6.32 25.95 2.59
N GLY B 1025 5.59 26.04 3.69
CA GLY B 1025 4.43 25.20 3.82
C GLY B 1025 4.76 23.74 3.97
N GLY B 1026 5.98 23.44 4.43
CA GLY B 1026 6.41 22.08 4.66
C GLY B 1026 7.06 21.97 6.01
N PRO B 1027 7.38 20.74 6.41
CA PRO B 1027 7.74 20.49 7.82
C PRO B 1027 9.17 20.81 8.17
N LEU B 1028 10.02 21.09 7.21
CA LEU B 1028 11.40 21.47 7.53
C LEU B 1028 11.56 22.96 7.74
N TYR B 1029 10.55 23.74 7.44
CA TYR B 1029 10.73 25.19 7.31
C TYR B 1029 11.10 25.84 8.64
N LEU B 1030 10.31 25.56 9.68
CA LEU B 1030 10.54 26.26 10.95
C LEU B 1030 11.92 25.95 11.50
N GLY B 1031 12.44 24.75 11.25
CA GLY B 1031 13.73 24.38 11.79
C GLY B 1031 14.89 25.23 11.29
N ARG B 1032 14.72 25.92 10.16
CA ARG B 1032 15.73 26.81 9.65
C ARG B 1032 15.77 28.13 10.41
N LEU B 1033 14.74 28.39 11.22
CA LEU B 1033 14.56 29.69 11.84
C LEU B 1033 14.85 29.64 13.33
N VAL B 1034 15.50 28.57 13.79
CA VAL B 1034 15.97 28.42 15.16
C VAL B 1034 17.42 27.95 15.07
N THR B 1035 18.15 28.12 16.18
CA THR B 1035 19.57 27.78 16.13
C THR B 1035 19.81 26.28 16.25
N THR B 1036 18.86 25.54 16.78
CA THR B 1036 18.91 24.09 16.82
C THR B 1036 17.61 23.56 16.24
N ALA B 1037 17.70 22.82 15.13
CA ALA B 1037 16.49 22.39 14.46
C ALA B 1037 15.82 21.26 15.24
N PRO B 1038 14.50 21.29 15.37
CA PRO B 1038 13.77 20.16 15.95
C PRO B 1038 13.63 19.02 14.94
N VAL B 1039 13.15 17.90 15.44
CA VAL B 1039 12.78 16.77 14.58
C VAL B 1039 11.37 17.05 14.08
N PRO B 1040 11.15 17.28 12.80
CA PRO B 1040 9.81 17.58 12.32
C PRO B 1040 8.89 16.38 12.48
N PRO B 1041 7.58 16.62 12.52
CA PRO B 1041 6.61 15.52 12.49
C PRO B 1041 6.88 14.60 11.31
N GLN B 1042 6.81 13.29 11.56
CA GLN B 1042 6.91 12.25 10.54
C GLN B 1042 8.28 12.18 9.87
N HIS B 1043 9.27 12.86 10.40
CA HIS B 1043 10.56 13.01 9.72
C HIS B 1043 11.49 11.89 10.16
N SER B 1044 11.46 10.79 9.42
CA SER B 1044 12.31 9.65 9.71
C SER B 1044 12.28 8.75 8.48
N SER B 1045 13.18 7.80 8.45
CA SER B 1045 13.24 6.84 7.36
C SER B 1045 13.83 5.54 7.87
N VAL B 1046 13.29 4.40 7.43
CA VAL B 1046 13.88 3.11 7.84
C VAL B 1046 15.05 2.72 6.96
N HIS B 1047 15.32 3.50 5.93
CA HIS B 1047 16.39 3.16 5.01
CA HIS B 1047 16.37 3.22 4.96
C HIS B 1047 17.71 3.74 5.47
N THR B 1048 18.76 2.96 5.26
CA THR B 1048 20.11 3.39 5.58
C THR B 1048 20.91 3.42 4.29
N ASP B 1049 21.56 4.54 4.03
CA ASP B 1049 22.36 4.64 2.82
C ASP B 1049 23.45 3.57 2.83
N PRO B 1050 23.58 2.79 1.75
CA PRO B 1050 24.56 1.69 1.78
C PRO B 1050 25.99 2.19 1.72
N VAL B 1051 26.23 3.36 1.13
CA VAL B 1051 27.58 3.89 1.09
C VAL B 1051 27.97 4.43 2.46
N LEU B 1052 27.02 5.04 3.17
CA LEU B 1052 27.23 5.36 4.57
C LEU B 1052 27.66 4.11 5.35
N LEU B 1053 26.96 3.00 5.15
CA LEU B 1053 27.32 1.78 5.87
C LEU B 1053 28.73 1.34 5.55
N ASP B 1054 29.12 1.38 4.28
CA ASP B 1054 30.48 1.00 3.91
C ASP B 1054 31.50 1.93 4.52
N PHE B 1055 31.17 3.22 4.60
CA PHE B 1055 32.07 4.18 5.22
C PHE B 1055 32.22 3.91 6.70
N ALA B 1056 31.13 3.59 7.39
CA ALA B 1056 31.22 3.26 8.80
C ALA B 1056 32.12 2.05 9.04
N LYS B 1057 32.01 1.03 8.18
CA LYS B 1057 32.86 -0.14 8.36
C LYS B 1057 34.32 0.19 8.15
N TRP B 1058 34.60 1.01 7.14
CA TRP B 1058 35.96 1.48 6.88
C TRP B 1058 36.51 2.24 8.09
N LEU B 1059 35.69 3.11 8.69
CA LEU B 1059 36.12 3.82 9.90
C LEU B 1059 36.40 2.84 11.04
N ASP B 1060 35.52 1.84 11.22
CA ASP B 1060 35.76 0.78 12.21
C ASP B 1060 37.13 0.14 12.01
N GLY B 1061 37.45 -0.23 10.78
CA GLY B 1061 38.73 -0.88 10.51
C GLY B 1061 39.92 -0.01 10.83
N LYS B 1062 39.76 1.30 10.75
CA LYS B 1062 40.81 2.26 11.09
C LYS B 1062 40.89 2.55 12.58
N GLY B 1063 39.96 2.01 13.38
CA GLY B 1063 39.94 2.37 14.77
C GLY B 1063 39.36 3.74 15.06
N ALA B 1064 38.79 4.41 14.06
CA ALA B 1064 38.17 5.72 14.27
C ALA B 1064 36.79 5.50 14.89
N ARG B 1065 36.82 5.12 16.18
CA ARG B 1065 35.61 4.61 16.83
C ARG B 1065 34.56 5.69 17.01
N ALA B 1066 34.97 6.89 17.46
CA ALA B 1066 34.01 7.97 17.61
C ALA B 1066 33.38 8.34 16.28
N GLU B 1067 34.18 8.38 15.21
CA GLU B 1067 33.66 8.76 13.91
C GLU B 1067 32.74 7.69 13.34
N ALA B 1068 33.11 6.42 13.52
CA ALA B 1068 32.26 5.32 13.06
C ALA B 1068 30.90 5.34 13.77
N GLU B 1069 30.90 5.66 15.06
CA GLU B 1069 29.65 5.79 15.79
C GLU B 1069 28.83 6.96 15.26
N ALA B 1070 29.49 8.11 15.05
CA ALA B 1070 28.78 9.24 14.47
C ALA B 1070 28.23 8.89 13.10
N ALA B 1071 28.97 8.09 12.32
CA ALA B 1071 28.48 7.70 11.00
C ALA B 1071 27.23 6.83 11.13
N ARG B 1072 27.26 5.81 12.00
CA ARG B 1072 26.09 4.98 12.19
CA ARG B 1072 26.08 4.99 12.20
C ARG B 1072 24.90 5.80 12.68
N ASN B 1073 25.14 6.74 13.59
CA ASN B 1073 24.06 7.58 14.08
C ASN B 1073 23.49 8.46 12.98
N ALA B 1074 24.37 8.99 12.11
CA ALA B 1074 23.89 9.75 10.96
C ALA B 1074 23.07 8.86 10.04
N GLY B 1075 23.56 7.65 9.78
CA GLY B 1075 22.80 6.74 8.92
C GLY B 1075 21.40 6.49 9.45
N SER B 1076 21.26 6.41 10.77
CA SER B 1076 19.95 6.14 11.35
C SER B 1076 19.07 7.38 11.37
N SER B 1077 19.62 8.53 11.73
CA SER B 1077 18.75 9.70 11.91
C SER B 1077 18.44 10.38 10.58
N SER B 1078 19.21 10.10 9.54
CA SER B 1078 18.88 10.59 8.21
C SER B 1078 17.46 10.20 7.85
N ALA B 1079 16.73 11.13 7.25
CA ALA B 1079 15.39 10.81 6.77
C ALA B 1079 15.38 10.59 5.28
N LEU B 1080 16.55 10.42 4.67
CA LEU B 1080 16.61 10.05 3.26
C LEU B 1080 15.75 8.83 3.02
N GLY B 1081 14.86 8.92 2.02
CA GLY B 1081 13.97 7.82 1.72
C GLY B 1081 12.57 7.96 2.28
N LEU B 1082 12.35 8.99 3.09
CA LEU B 1082 11.01 9.30 3.56
CA LEU B 1082 11.00 9.29 3.56
C LEU B 1082 10.07 9.42 2.37
N ASP B 1083 8.88 8.83 2.50
CA ASP B 1083 7.96 8.74 1.37
C ASP B 1083 6.55 8.72 1.94
N LEU B 1084 5.91 9.87 2.00
CA LEU B 1084 4.67 10.06 2.73
C LEU B 1084 3.56 10.44 1.77
N GLU B 1085 2.33 10.06 2.10
CA GLU B 1085 1.17 10.66 1.48
C GLU B 1085 0.59 11.66 2.46
N LEU B 1086 0.39 12.88 2.01
CA LEU B 1086 -0.10 13.96 2.87
C LEU B 1086 -1.62 14.07 2.75
N PRO B 1087 -2.29 14.39 3.85
CA PRO B 1087 -3.74 14.55 3.81
C PRO B 1087 -4.13 15.72 2.92
N GLY B 1088 -5.20 15.52 2.16
CA GLY B 1088 -5.66 16.52 1.22
C GLY B 1088 -7.00 16.13 0.67
N PRO B 1089 -7.38 16.74 -0.45
CA PRO B 1089 -8.70 16.48 -1.03
C PRO B 1089 -8.78 15.09 -1.65
N VAL B 1090 -10.02 14.59 -1.74
CA VAL B 1090 -10.23 13.37 -2.50
C VAL B 1090 -9.90 13.60 -3.98
N GLY B 1091 -9.64 12.51 -4.69
CA GLY B 1091 -9.35 12.63 -6.10
C GLY B 1091 -7.96 13.12 -6.40
N GLU B 1092 -7.09 13.17 -5.40
CA GLU B 1092 -5.74 13.62 -5.57
C GLU B 1092 -4.87 12.82 -4.60
N ARG B 1093 -3.67 12.48 -5.03
CA ARG B 1093 -2.67 11.88 -4.14
C ARG B 1093 -1.53 12.87 -4.04
N ASN B 1094 -1.23 13.29 -2.83
CA ASN B 1094 -0.26 14.35 -2.61
C ASN B 1094 0.89 13.73 -1.82
N LEU B 1095 2.04 13.61 -2.48
CA LEU B 1095 3.16 12.85 -1.98
C LEU B 1095 4.31 13.77 -1.61
N TYR B 1096 5.06 13.35 -0.59
CA TYR B 1096 6.17 14.14 -0.08
C TYR B 1096 7.31 13.18 0.17
N THR B 1097 8.45 13.44 -0.44
CA THR B 1097 9.55 12.48 -0.41
C THR B 1097 10.86 13.22 -0.19
N LEU B 1098 11.79 12.55 0.47
CA LEU B 1098 13.10 13.14 0.73
C LEU B 1098 14.15 12.36 -0.03
N HIS B 1099 14.91 13.08 -0.86
CA HIS B 1099 15.93 12.54 -1.74
C HIS B 1099 17.26 13.12 -1.34
N ALA B 1100 18.33 12.58 -1.93
CA ALA B 1100 19.63 13.22 -1.77
C ALA B 1100 19.60 14.61 -2.39
N ARG B 1101 20.38 15.53 -1.80
CA ARG B 1101 20.51 16.86 -2.39
C ARG B 1101 21.30 16.83 -3.69
N GLY B 1102 22.34 16.00 -3.75
CA GLY B 1102 23.22 15.98 -4.90
C GLY B 1102 24.67 15.87 -4.45
N ARG B 1103 25.53 16.79 -4.90
CA ARG B 1103 26.93 16.78 -4.48
C ARG B 1103 27.16 17.91 -3.49
N ILE B 1104 27.68 17.57 -2.32
CA ILE B 1104 27.87 18.53 -1.24
C ILE B 1104 29.34 18.94 -1.24
N LEU B 1105 29.58 20.25 -1.20
CA LEU B 1105 30.93 20.76 -1.04
C LEU B 1105 31.37 20.59 0.42
N LEU B 1106 32.46 19.90 0.63
CA LEU B 1106 33.01 19.68 1.97
C LEU B 1106 34.24 20.56 2.10
N VAL B 1107 34.25 21.40 3.12
CA VAL B 1107 35.41 22.24 3.39
C VAL B 1107 35.89 21.88 4.79
N PRO B 1108 36.63 20.79 4.95
CA PRO B 1108 37.09 20.41 6.27
C PRO B 1108 38.35 21.16 6.67
N ALA B 1109 38.63 21.10 7.97
CA ALA B 1109 39.90 21.56 8.52
C ALA B 1109 40.74 20.43 9.07
N THR B 1110 40.10 19.42 9.65
CA THR B 1110 40.78 18.32 10.32
C THR B 1110 40.29 17.00 9.77
N GLU B 1111 41.10 15.96 9.98
CA GLU B 1111 40.72 14.63 9.55
C GLU B 1111 39.40 14.20 10.19
N SER B 1112 39.27 14.38 11.51
CA SER B 1112 38.03 13.99 12.16
C SER B 1112 36.86 14.80 11.64
N GLY B 1113 37.08 16.10 11.41
CA GLY B 1113 36.03 16.92 10.84
C GLY B 1113 35.60 16.41 9.47
N LEU B 1114 36.57 16.03 8.64
CA LEU B 1114 36.23 15.48 7.33
C LEU B 1114 35.41 14.19 7.46
N TYR B 1115 35.79 13.31 8.39
CA TYR B 1115 35.04 12.07 8.56
C TYR B 1115 33.61 12.37 8.99
N HIS B 1116 33.42 13.33 9.91
CA HIS B 1116 32.07 13.71 10.32
C HIS B 1116 31.30 14.34 9.16
N GLN B 1117 31.95 15.20 8.37
CA GLN B 1117 31.28 15.79 7.22
C GLN B 1117 30.87 14.72 6.23
N LEU B 1118 31.79 13.80 5.93
CA LEU B 1118 31.49 12.70 5.03
C LEU B 1118 30.32 11.88 5.55
N ALA B 1119 30.32 11.58 6.85
CA ALA B 1119 29.23 10.78 7.42
C ALA B 1119 27.89 11.47 7.17
N ALA B 1120 27.83 12.78 7.45
CA ALA B 1120 26.58 13.52 7.27
C ALA B 1120 26.13 13.48 5.82
N ALA B 1121 27.06 13.72 4.90
CA ALA B 1121 26.71 13.78 3.48
C ALA B 1121 26.32 12.42 2.94
N LEU B 1122 27.09 11.38 3.29
CA LEU B 1122 26.80 10.04 2.77
C LEU B 1122 25.50 9.52 3.35
N ALA B 1123 25.23 9.81 4.63
CA ALA B 1123 24.03 9.31 5.29
C ALA B 1123 22.77 9.85 4.62
N THR B 1124 22.88 11.01 3.96
CA THR B 1124 21.76 11.63 3.27
C THR B 1124 21.82 11.40 1.76
N GLY B 1125 22.63 10.44 1.33
CA GLY B 1125 22.60 9.96 -0.05
C GLY B 1125 23.44 10.75 -1.02
N ASN B 1126 24.23 11.71 -0.52
CA ASN B 1126 24.93 12.65 -1.38
C ASN B 1126 26.31 12.13 -1.77
N SER B 1127 26.79 12.64 -2.90
CA SER B 1127 28.21 12.60 -3.20
C SER B 1127 28.85 13.87 -2.63
N VAL B 1128 30.17 13.92 -2.68
CA VAL B 1128 30.87 15.07 -2.12
C VAL B 1128 31.98 15.52 -3.05
N ALA B 1129 32.30 16.79 -2.96
CA ALA B 1129 33.54 17.36 -3.48
C ALA B 1129 34.27 17.94 -2.28
N ILE B 1130 35.45 17.40 -1.98
CA ILE B 1130 36.22 17.82 -0.82
C ILE B 1130 37.23 18.86 -1.27
N ASP B 1131 37.28 19.97 -0.52
CA ASP B 1131 38.26 21.01 -0.79
C ASP B 1131 39.68 20.47 -0.76
N ALA B 1132 40.35 20.48 -1.92
CA ALA B 1132 41.72 19.97 -1.96
C ALA B 1132 42.68 20.81 -1.13
N ALA B 1133 42.37 22.09 -0.93
CA ALA B 1133 43.27 22.92 -0.14
C ALA B 1133 43.32 22.51 1.32
N SER B 1134 42.40 21.65 1.77
CA SER B 1134 42.45 21.14 3.13
C SER B 1134 43.69 20.30 3.38
N GLY B 1135 44.29 19.74 2.33
CA GLY B 1135 45.45 18.89 2.48
C GLY B 1135 45.20 17.58 3.17
N LEU B 1136 43.95 17.12 3.21
CA LEU B 1136 43.58 15.92 3.94
C LEU B 1136 43.48 14.68 3.06
N GLN B 1137 44.07 14.72 1.85
CA GLN B 1137 43.93 13.62 0.91
C GLN B 1137 44.38 12.30 1.52
N ALA B 1138 45.43 12.32 2.34
CA ALA B 1138 45.95 11.08 2.89
C ALA B 1138 45.00 10.44 3.89
N SER B 1139 43.99 11.17 4.34
CA SER B 1139 43.05 10.66 5.33
C SER B 1139 42.05 9.69 4.74
N LEU B 1140 41.91 9.66 3.42
CA LEU B 1140 40.99 8.75 2.73
C LEU B 1140 41.76 7.66 1.99
N LYS B 1141 42.92 7.28 2.51
CA LYS B 1141 43.66 6.19 1.91
C LYS B 1141 42.92 4.87 2.10
N ASN B 1142 42.84 4.08 1.03
CA ASN B 1142 42.23 2.75 1.06
C ASN B 1142 40.72 2.82 1.31
N LEU B 1143 40.06 3.88 0.84
CA LEU B 1143 38.62 3.94 0.92
C LEU B 1143 38.01 2.79 0.12
N PRO B 1144 36.91 2.20 0.60
CA PRO B 1144 36.16 1.27 -0.26
C PRO B 1144 35.75 1.96 -1.55
N GLN B 1145 35.80 1.21 -2.66
CA GLN B 1145 35.41 1.78 -3.94
C GLN B 1145 33.99 2.33 -3.90
N THR B 1146 33.10 1.71 -3.12
CA THR B 1146 31.74 2.22 -3.02
C THR B 1146 31.73 3.65 -2.51
N VAL B 1147 32.56 3.93 -1.51
CA VAL B 1147 32.64 5.29 -0.99
C VAL B 1147 33.42 6.18 -1.94
N GLY B 1148 34.54 5.67 -2.47
CA GLY B 1148 35.34 6.47 -3.38
C GLY B 1148 34.57 6.98 -4.57
N LEU B 1149 33.62 6.18 -5.08
CA LEU B 1149 32.81 6.60 -6.21
C LEU B 1149 32.02 7.86 -5.91
N ARG B 1150 31.76 8.14 -4.64
CA ARG B 1150 30.99 9.30 -4.22
C ARG B 1150 31.86 10.48 -3.84
N VAL B 1151 33.17 10.32 -3.90
CA VAL B 1151 34.12 11.29 -3.36
C VAL B 1151 34.94 11.86 -4.50
N SER B 1152 34.96 13.17 -4.62
CA SER B 1152 35.92 13.82 -5.49
CA SER B 1152 35.88 13.87 -5.50
C SER B 1152 36.63 14.90 -4.68
N TRP B 1153 37.77 15.33 -5.19
CA TRP B 1153 38.55 16.38 -4.56
C TRP B 1153 38.51 17.57 -5.50
N SER B 1154 38.28 18.76 -4.98
CA SER B 1154 38.12 19.93 -5.81
C SER B 1154 39.20 20.94 -5.51
N LYS B 1155 39.97 21.31 -6.54
CA LYS B 1155 40.87 22.43 -6.48
C LYS B 1155 40.26 23.67 -7.12
N ASP B 1156 38.97 23.62 -7.45
CA ASP B 1156 38.33 24.70 -8.20
C ASP B 1156 36.82 24.55 -7.95
N TRP B 1157 36.34 25.17 -6.87
CA TRP B 1157 34.96 24.96 -6.46
C TRP B 1157 33.99 25.44 -7.52
N ALA B 1158 34.29 26.58 -8.13
CA ALA B 1158 33.33 27.12 -9.09
C ALA B 1158 33.26 26.28 -10.33
N ALA B 1159 34.37 25.68 -10.76
CA ALA B 1159 34.35 24.86 -11.96
C ALA B 1159 33.74 23.50 -11.71
N ASP B 1160 33.79 23.01 -10.48
CA ASP B 1160 33.42 21.63 -10.17
C ASP B 1160 31.98 21.51 -9.69
N GLY B 1161 31.28 22.62 -9.54
CA GLY B 1161 29.87 22.59 -9.20
C GLY B 1161 29.02 22.27 -10.41
N PRO B 1162 27.70 22.46 -10.28
CA PRO B 1162 27.01 23.02 -9.12
C PRO B 1162 26.92 22.04 -7.98
N PHE B 1163 27.05 22.55 -6.78
CA PHE B 1163 26.81 21.77 -5.59
C PHE B 1163 25.39 22.01 -5.11
N ALA B 1164 24.98 21.25 -4.10
CA ALA B 1164 23.65 21.38 -3.54
C ALA B 1164 23.69 21.67 -2.05
N GLY B 1165 24.85 22.06 -1.52
CA GLY B 1165 25.00 22.36 -0.12
C GLY B 1165 26.47 22.38 0.21
N ALA B 1166 26.78 22.82 1.43
CA ALA B 1166 28.18 22.88 1.82
C ALA B 1166 28.28 22.66 3.31
N LEU B 1167 29.30 21.91 3.71
CA LEU B 1167 29.65 21.71 5.11
C LEU B 1167 31.02 22.31 5.32
N VAL B 1168 31.18 23.13 6.35
CA VAL B 1168 32.40 23.88 6.57
C VAL B 1168 32.86 23.65 8.00
N GLU B 1169 34.15 23.41 8.18
CA GLU B 1169 34.77 23.28 9.49
C GLU B 1169 35.83 24.35 9.64
N GLY B 1170 35.83 25.06 10.75
CA GLY B 1170 36.88 26.03 11.00
C GLY B 1170 36.49 26.99 12.10
N ASP B 1171 37.44 27.90 12.41
CA ASP B 1171 37.13 28.94 13.36
C ASP B 1171 36.34 30.05 12.67
N ALA B 1172 35.97 31.08 13.43
CA ALA B 1172 35.08 32.10 12.90
C ALA B 1172 35.66 32.76 11.64
N GLU B 1173 36.95 33.10 11.67
CA GLU B 1173 37.55 33.74 10.51
C GLU B 1173 37.54 32.82 9.30
N ARG B 1174 37.87 31.54 9.52
CA ARG B 1174 37.82 30.57 8.43
C ARG B 1174 36.41 30.43 7.88
N ILE B 1175 35.42 30.33 8.76
CA ILE B 1175 34.03 30.20 8.31
C ILE B 1175 33.63 31.41 7.47
N ARG B 1176 33.96 32.62 7.93
CA ARG B 1176 33.59 33.82 7.16
C ARG B 1176 34.24 33.80 5.79
N ALA B 1177 35.52 33.45 5.71
CA ALA B 1177 36.20 33.43 4.43
C ALA B 1177 35.60 32.39 3.49
N VAL B 1178 35.28 31.21 4.02
CA VAL B 1178 34.70 30.16 3.19
C VAL B 1178 33.31 30.57 2.76
N ASN B 1179 32.53 31.13 3.68
CA ASN B 1179 31.17 31.56 3.36
C ASN B 1179 31.19 32.61 2.26
N LYS B 1180 32.13 33.56 2.32
CA LYS B 1180 32.27 34.56 1.27
C LYS B 1180 32.60 33.90 -0.07
N ALA B 1181 33.52 32.92 -0.06
CA ALA B 1181 33.87 32.25 -1.31
C ALA B 1181 32.68 31.48 -1.86
N ILE B 1182 31.91 30.84 -0.98
CA ILE B 1182 30.75 30.08 -1.44
C ILE B 1182 29.68 31.01 -2.01
N ALA B 1183 29.47 32.17 -1.38
CA ALA B 1183 28.49 33.11 -1.91
C ALA B 1183 28.87 33.61 -3.29
N ALA B 1184 30.16 33.59 -3.64
CA ALA B 1184 30.62 34.02 -4.94
C ALA B 1184 30.57 32.91 -5.99
N LEU B 1185 30.18 31.70 -5.62
CA LEU B 1185 30.12 30.64 -6.62
C LEU B 1185 28.97 30.90 -7.58
N PRO B 1186 29.14 30.61 -8.86
CA PRO B 1186 28.03 30.74 -9.80
C PRO B 1186 27.00 29.67 -9.55
N GLY B 1187 25.82 29.90 -10.11
CA GLY B 1187 24.77 28.91 -10.07
C GLY B 1187 23.94 29.00 -8.80
N PRO B 1188 23.55 27.85 -8.27
CA PRO B 1188 22.59 27.84 -7.15
C PRO B 1188 23.18 28.47 -5.90
N LEU B 1189 22.30 29.03 -5.09
CA LEU B 1189 22.70 29.53 -3.77
C LEU B 1189 22.81 28.36 -2.83
N LEU B 1190 24.00 28.14 -2.28
CA LEU B 1190 24.24 26.95 -1.47
C LEU B 1190 23.80 27.17 -0.03
N LEU B 1191 23.12 26.18 0.52
CA LEU B 1191 22.82 26.13 1.94
C LEU B 1191 24.08 25.68 2.67
N VAL B 1192 24.69 26.61 3.40
CA VAL B 1192 25.96 26.40 4.06
C VAL B 1192 25.71 26.08 5.53
N GLN B 1193 26.39 25.04 6.02
CA GLN B 1193 26.43 24.72 7.43
C GLN B 1193 27.86 24.74 7.90
N ALA B 1194 28.12 25.42 9.00
CA ALA B 1194 29.48 25.55 9.50
C ALA B 1194 29.53 25.13 10.96
N ALA B 1195 30.71 24.64 11.36
CA ALA B 1195 30.93 24.26 12.74
C ALA B 1195 32.42 24.37 13.02
N SER B 1196 32.74 24.61 14.28
CA SER B 1196 34.13 24.54 14.70
C SER B 1196 34.52 23.08 14.92
N SER B 1197 35.84 22.84 14.90
CA SER B 1197 36.35 21.51 15.25
C SER B 1197 35.84 21.08 16.62
N GLY B 1198 35.83 22.00 17.57
CA GLY B 1198 35.34 21.68 18.90
C GLY B 1198 33.86 21.36 18.89
N GLU B 1199 33.07 22.10 18.11
CA GLU B 1199 31.64 21.83 18.02
C GLU B 1199 31.39 20.46 17.43
N ILE B 1200 32.15 20.08 16.41
CA ILE B 1200 32.01 18.76 15.81
C ILE B 1200 32.27 17.67 16.84
N ALA B 1201 33.27 17.87 17.71
CA ALA B 1201 33.61 16.85 18.70
C ALA B 1201 32.58 16.79 19.82
N ARG B 1202 32.04 17.95 20.21
CA ARG B 1202 31.09 18.05 21.33
C ARG B 1202 29.66 17.75 20.92
N ASN B 1203 29.23 18.22 19.75
CA ASN B 1203 27.81 18.24 19.39
C ASN B 1203 27.54 17.25 18.27
N PRO B 1204 26.88 16.11 18.55
CA PRO B 1204 26.58 15.16 17.47
C PRO B 1204 25.69 15.73 16.39
N ASP B 1205 24.98 16.83 16.65
CA ASP B 1205 24.16 17.49 15.65
C ASP B 1205 24.81 18.76 15.12
N ALA B 1206 26.14 18.84 15.17
CA ALA B 1206 26.83 20.02 14.66
C ALA B 1206 26.43 20.33 13.22
N TYR B 1207 26.29 19.29 12.40
CA TYR B 1207 25.72 19.42 11.07
C TYR B 1207 24.35 18.78 11.07
N CYS B 1208 23.37 19.51 10.57
CA CYS B 1208 21.98 19.10 10.59
C CYS B 1208 21.63 18.36 9.30
N LEU B 1209 21.15 17.12 9.43
CA LEU B 1209 20.83 16.34 8.24
C LEU B 1209 19.56 16.82 7.55
N ASN B 1210 18.75 17.63 8.23
CA ASN B 1210 17.56 18.17 7.60
C ASN B 1210 17.89 18.90 6.30
N TRP B 1211 19.05 19.55 6.25
CA TRP B 1211 19.40 20.41 5.13
C TRP B 1211 20.17 19.68 4.05
N LEU B 1212 20.46 18.40 4.25
CA LEU B 1212 21.25 17.62 3.31
C LEU B 1212 20.40 16.67 2.49
N VAL B 1213 19.08 16.76 2.62
CA VAL B 1213 18.15 16.06 1.74
C VAL B 1213 17.40 17.10 0.94
N GLU B 1214 16.85 16.66 -0.19
CA GLU B 1214 16.00 17.50 -1.01
C GLU B 1214 14.55 17.04 -0.87
N GLU B 1215 13.67 17.99 -0.60
CA GLU B 1215 12.26 17.70 -0.55
C GLU B 1215 11.67 17.71 -1.95
N VAL B 1216 10.83 16.72 -2.25
CA VAL B 1216 10.07 16.73 -3.49
C VAL B 1216 8.60 16.49 -3.18
N SER B 1217 7.76 17.36 -3.71
CA SER B 1217 6.32 17.23 -3.60
C SER B 1217 5.77 16.79 -4.95
N ALA B 1218 4.85 15.83 -4.93
CA ALA B 1218 4.20 15.40 -6.16
C ALA B 1218 2.70 15.35 -5.93
N SER B 1219 1.95 16.01 -6.80
CA SER B 1219 0.49 16.03 -6.70
C SER B 1219 -0.07 15.34 -7.93
N ILE B 1220 -0.75 14.22 -7.73
CA ILE B 1220 -1.28 13.42 -8.82
C ILE B 1220 -2.80 13.53 -8.78
N ASN B 1221 -3.39 14.00 -9.88
CA ASN B 1221 -4.84 14.02 -10.01
C ASN B 1221 -5.32 12.60 -10.32
N THR B 1222 -5.96 11.95 -9.34
CA THR B 1222 -6.41 10.58 -9.52
C THR B 1222 -7.85 10.50 -10.01
N ALA B 1223 -8.46 11.65 -10.30
CA ALA B 1223 -9.75 11.69 -10.95
C ALA B 1223 -9.64 11.94 -12.45
N ALA B 1224 -8.40 11.98 -12.98
CA ALA B 1224 -8.19 12.47 -14.34
C ALA B 1224 -8.84 11.59 -15.40
N ALA B 1225 -9.06 10.29 -15.11
CA ALA B 1225 -9.74 9.41 -16.06
C ALA B 1225 -11.24 9.63 -16.10
N GLY B 1226 -11.78 10.51 -15.27
CA GLY B 1226 -13.20 10.80 -15.29
C GLY B 1226 -13.98 10.35 -14.07
N GLY B 1227 -13.30 9.87 -13.03
CA GLY B 1227 -13.98 9.41 -11.83
C GLY B 1227 -12.98 9.10 -10.75
N ASN B 1228 -13.50 8.87 -9.55
CA ASN B 1228 -12.69 8.63 -8.35
C ASN B 1228 -12.87 7.19 -7.91
N ALA B 1229 -11.79 6.40 -8.06
CA ALA B 1229 -11.83 4.99 -7.66
C ALA B 1229 -12.17 4.84 -6.18
N SER B 1230 -11.43 5.55 -5.31
CA SER B 1230 -11.62 5.41 -3.87
C SER B 1230 -13.05 5.77 -3.47
N LEU B 1231 -13.66 6.73 -4.15
CA LEU B 1231 -15.03 7.14 -3.85
C LEU B 1231 -16.03 6.38 -4.73
PA FAD C . -16.37 -10.99 22.73
PA FAD C . -16.40 -10.99 22.67
O1A FAD C . -16.06 -9.65 22.00
O1A FAD C . -16.09 -9.63 21.99
O2A FAD C . -17.76 -11.36 22.91
O2A FAD C . -17.79 -11.36 22.87
O5B FAD C . -15.87 -12.21 22.08
O5B FAD C . -15.91 -12.19 21.98
C5B FAD C . -14.67 -12.15 21.34
C5B FAD C . -14.66 -12.14 21.31
C4B FAD C . -14.29 -13.54 20.85
C4B FAD C . -14.28 -13.54 20.83
O4B FAD C . -15.00 -13.88 19.70
O4B FAD C . -15.00 -13.88 19.69
C3B FAD C . -12.86 -13.71 20.47
C3B FAD C . -12.85 -13.71 20.44
O3B FAD C . -11.96 -13.82 21.52
O3B FAD C . -11.95 -13.81 21.49
C2B FAD C . -12.92 -14.97 19.67
C2B FAD C . -12.93 -14.97 19.67
O2B FAD C . -12.96 -16.10 20.45
O2B FAD C . -12.97 -16.10 20.46
C1B FAD C . -14.24 -14.82 18.99
C1B FAD C . -14.23 -14.83 18.98
N9A FAD C . -14.14 -14.39 17.62
N9A FAD C . -14.13 -14.40 17.63
C8A FAD C . -13.67 -13.17 17.18
C8A FAD C . -13.67 -13.17 17.18
N7A FAD C . -13.74 -13.14 15.84
N7A FAD C . -13.74 -13.14 15.84
C5A FAD C . -14.24 -14.34 15.37
C5A FAD C . -14.24 -14.34 15.37
C6A FAD C . -14.53 -14.85 14.12
C6A FAD C . -14.53 -14.85 14.11
N6A FAD C . -14.28 -14.07 12.93
N6A FAD C . -14.28 -14.07 12.92
N1A FAD C . -15.02 -16.09 14.00
N1A FAD C . -15.02 -16.10 14.01
C2A FAD C . -15.26 -16.87 15.10
C2A FAD C . -15.27 -16.86 15.09
N3A FAD C . -15.00 -16.39 16.34
N3A FAD C . -15.00 -16.39 16.34
C4A FAD C . -14.50 -15.15 16.50
C4A FAD C . -14.51 -15.16 16.49
N1 FAD C . -9.07 -18.07 26.08
N1 FAD C . -9.55 -18.46 25.96
C2 FAD C . -8.67 -19.40 25.74
C2 FAD C . -8.77 -19.63 25.68
O2 FAD C . -8.50 -19.72 24.45
O2 FAD C . -8.61 -20.02 24.42
N3 FAD C . -8.35 -20.33 26.70
N3 FAD C . -8.19 -20.34 26.70
C4 FAD C . -8.52 -20.01 28.03
C4 FAD C . -8.35 -19.95 28.01
O4 FAD C . -8.21 -20.95 28.96
O4 FAD C . -7.77 -20.68 29.01
C4X FAD C . -9.18 -18.73 28.42
C4X FAD C . -9.18 -18.76 28.36
N5 FAD C . -9.59 -18.44 29.72
N5 FAD C . -9.40 -18.34 29.68
C5X FAD C . -10.24 -17.22 29.99
C5X FAD C . -10.21 -17.23 29.91
C6 FAD C . -10.65 -16.92 31.29
C6 FAD C . -10.47 -16.79 31.22
C7 FAD C . -11.29 -15.72 31.57
C7 FAD C . -11.29 -15.67 31.42
C7M FAD C . -11.73 -15.44 32.97
C7M FAD C . -11.59 -15.19 32.81
C8 FAD C . -11.53 -14.81 30.56
C8 FAD C . -11.84 -14.99 30.36
C8M FAD C . -12.22 -13.51 30.85
C8M FAD C . -12.72 -13.79 30.60
C9 FAD C . -11.13 -15.09 29.26
C9 FAD C . -11.60 -15.42 29.06
C9A FAD C . -10.48 -16.29 28.98
C9A FAD C . -10.80 -16.53 28.85
N10 FAD C . -10.08 -16.57 27.66
N10 FAD C . -10.55 -16.94 27.51
C10 FAD C . -9.44 -17.78 27.37
C10 FAD C . -9.76 -18.06 27.25
C1' FAD C . -10.32 -15.57 26.58
C1' FAD C . -11.20 -16.23 26.38
C2' FAD C . -11.67 -15.73 25.91
C2' FAD C . -10.33 -15.28 25.59
O2' FAD C . -11.72 -16.93 25.28
O2' FAD C . -9.16 -14.92 26.24
C3' FAD C . -11.94 -14.58 24.93
C3' FAD C . -11.15 -14.02 25.31
O3' FAD C . -10.93 -14.50 24.00
O3' FAD C . -11.14 -13.24 26.44
C4' FAD C . -12.10 -13.20 25.57
C4' FAD C . -12.60 -14.29 24.93
O4' FAD C . -12.47 -13.31 26.89
O4' FAD C . -12.64 -15.16 23.86
C5' FAD C . -13.09 -12.31 24.82
C5' FAD C . -13.32 -12.99 24.62
O5' FAD C . -14.34 -12.97 24.70
O5' FAD C . -14.69 -13.26 24.40
P FAD C . -15.71 -12.29 25.19
P FAD C . -15.84 -12.38 25.07
O1P FAD C . -16.93 -13.26 25.43
O1P FAD C . -17.20 -13.08 25.46
O2P FAD C . -15.15 -11.45 26.39
O2P FAD C . -15.02 -11.67 26.20
O3P FAD C . -15.91 -11.05 24.16
O3P FAD C . -15.90 -11.11 24.07
C1 PEG D . 13.01 -4.18 -6.57
O1 PEG D . 11.81 -3.77 -5.95
C2 PEG D . 13.42 -3.20 -7.62
O2 PEG D . 14.67 -3.57 -8.12
C3 PEG D . 15.16 -2.59 -9.01
C4 PEG D . 15.11 -1.23 -8.38
O4 PEG D . 14.34 -0.36 -9.18
C01 53E E . 9.43 -30.25 -0.55
C02 53E E . 9.32 -29.26 0.59
O03 53E E . 10.54 -28.67 0.90
C04 53E E . 11.16 -28.09 -0.24
C05 53E E . 12.03 -27.00 -0.09
C06 53E E . 12.62 -26.42 -1.22
C07 53E E . 12.33 -26.94 -2.48
C08 53E E . 11.45 -28.00 -2.63
C09 53E E . 10.87 -28.59 -1.50
O10 53E E . 9.98 -29.70 -1.70
C11 53E E . 12.39 -26.40 1.25
O12 53E E . 12.67 -27.12 2.25
O13 53E E . 12.41 -25.14 1.36
C FMT F . -8.25 -32.63 8.39
O1 FMT F . -8.43 -32.19 7.25
O2 FMT F . -8.97 -33.37 9.09
C1 PEG G . 5.92 -34.83 40.04
O1 PEG G . 6.78 -35.83 39.53
C2 PEG G . 6.70 -33.62 40.49
O2 PEG G . 7.39 -33.04 39.39
C3 PEG G . 8.24 -31.97 39.75
C4 PEG G . 8.41 -31.08 38.55
O4 PEG G . 9.34 -31.61 37.64
C FMT H . -17.90 -45.93 25.17
O1 FMT H . -17.72 -46.32 24.00
O2 FMT H . -18.79 -46.26 25.96
C1 PEG I . 9.17 -56.69 2.62
O1 PEG I . 9.86 -55.80 3.46
C2 PEG I . 8.47 -55.92 1.52
O2 PEG I . 9.06 -56.20 0.28
C3 PEG I . 10.35 -55.67 0.15
C4 PEG I . 11.30 -56.70 -0.43
O4 PEG I . 11.34 -56.57 -1.84
PA NAD J . 23.95 -35.00 -5.64
O1A NAD J . 24.80 -33.98 -6.42
O2A NAD J . 24.62 -36.00 -4.83
O5B NAD J . 23.03 -35.89 -6.40
C5B NAD J . 21.97 -35.36 -7.19
C4B NAD J . 21.84 -36.12 -8.50
O4B NAD J . 22.99 -35.96 -9.33
C3B NAD J . 21.57 -37.58 -8.36
O3B NAD J . 20.49 -37.98 -9.11
C2B NAD J . 22.82 -38.21 -8.83
O2B NAD J . 22.59 -39.46 -9.37
C1B NAD J . 23.28 -37.24 -9.83
N9A NAD J . 24.67 -37.30 -10.24
C8A NAD J . 25.77 -37.56 -9.46
N7A NAD J . 26.88 -37.50 -10.21
C5A NAD J . 26.53 -37.17 -11.51
C6A NAD J . 27.24 -36.97 -12.68
N6A NAD J . 28.66 -37.09 -12.67
N1A NAD J . 26.58 -36.65 -13.80
C2A NAD J . 25.24 -36.53 -13.85
N3A NAD J . 24.51 -36.72 -12.72
C4A NAD J . 25.12 -37.04 -11.56
O3 NAD J . 23.08 -34.44 -4.57
PN NAD J . 22.09 -35.18 -3.58
O1N NAD J . 22.90 -35.75 -2.45
O2N NAD J . 21.22 -36.18 -4.26
O5D NAD J . 21.22 -34.01 -2.97
C5D NAD J . 21.79 -33.19 -2.00
C4D NAD J . 22.16 -31.85 -2.62
O4D NAD J . 21.08 -31.34 -3.34
C3D NAD J . 22.55 -30.86 -1.58
O3D NAD J . 23.72 -30.25 -1.91
C2D NAD J . 21.42 -29.92 -1.61
O2D NAD J . 21.70 -28.65 -1.12
C1D NAD J . 21.05 -29.97 -3.04
N1N NAD J . 19.69 -29.55 -3.23
C2N NAD J . 19.40 -28.29 -3.79
C3N NAD J . 18.06 -27.96 -3.95
C7N NAD J . 17.67 -26.65 -4.53
O7N NAD J . 16.52 -26.50 -4.89
N7N NAD J . 18.64 -25.60 -4.62
C4N NAD J . 17.04 -28.86 -3.55
C5N NAD J . 17.35 -30.11 -2.98
C6N NAD J . 18.69 -30.45 -2.83
S SO4 K . -1.61 -10.82 -16.01
O1 SO4 K . -0.59 -9.76 -15.74
O2 SO4 K . -2.68 -10.78 -14.97
O3 SO4 K . -2.24 -10.61 -17.36
O4 SO4 K . -0.91 -12.13 -15.98
S SO4 L . 25.77 -6.06 21.61
O1 SO4 L . 25.14 -4.77 22.05
O2 SO4 L . 26.81 -6.47 22.60
O3 SO4 L . 24.71 -7.11 21.56
O4 SO4 L . 26.39 -5.84 20.26
S SO4 M . 34.18 7.59 -31.29
O1 SO4 M . 34.66 9.00 -31.18
O2 SO4 M . 33.60 7.17 -29.98
O3 SO4 M . 33.12 7.50 -32.35
O4 SO4 M . 35.32 6.68 -31.65
S SO4 N . 23.93 -16.22 -38.73
O1 SO4 N . 23.69 -14.96 -39.50
O2 SO4 N . 22.86 -16.40 -37.71
O3 SO4 N . 23.92 -17.39 -39.66
O4 SO4 N . 25.27 -16.16 -38.05
S SO4 O . -29.19 3.34 21.65
O1 SO4 O . -27.73 3.48 21.95
O2 SO4 O . -29.97 3.49 22.91
O3 SO4 O . -29.57 4.41 20.66
O4 SO4 O . -29.49 2.01 21.03
MG MG P . 25.44 -37.98 -4.11
PA FAD Q . -28.38 4.10 -7.99
PA FAD Q . -28.41 4.13 -8.05
O1A FAD Q . -27.31 3.03 -7.70
O1A FAD Q . -27.34 3.09 -7.67
O2A FAD Q . -29.67 4.05 -7.33
O2A FAD Q . -29.70 4.12 -7.39
O5B FAD Q . -28.00 5.49 -7.61
O5B FAD Q . -28.08 5.55 -7.81
C5B FAD Q . -26.64 5.85 -7.79
C5B FAD Q . -26.70 5.91 -7.83
C4B FAD Q . -26.47 7.35 -7.55
C4B FAD Q . -26.54 7.40 -7.57
O4B FAD Q . -26.37 7.59 -6.18
O4B FAD Q . -26.47 7.66 -6.21
C3B FAD Q . -25.21 7.92 -8.11
C3B FAD Q . -25.28 7.95 -8.14
O3B FAD Q . -25.23 8.14 -9.48
O3B FAD Q . -25.37 8.24 -9.50
C2B FAD Q . -25.12 9.19 -7.35
C2B FAD Q . -25.11 9.20 -7.36
O2B FAD Q . -25.96 10.16 -7.82
O2B FAD Q . -25.86 10.23 -7.87
C1B FAD Q . -25.63 8.76 -6.02
C1B FAD Q . -25.67 8.81 -6.03
N9A FAD Q . -24.62 8.50 -5.03
N9A FAD Q . -24.67 8.53 -5.04
C8A FAD Q . -23.66 7.51 -5.05
C8A FAD Q . -23.73 7.52 -5.08
N7A FAD Q . -22.92 7.56 -3.94
N7A FAD Q . -22.98 7.56 -3.97
C5A FAD Q . -23.39 8.59 -3.13
C5A FAD Q . -23.41 8.60 -3.16
C6A FAD Q . -23.03 9.10 -1.90
C6A FAD Q . -23.03 9.11 -1.93
N6A FAD Q . -21.94 8.52 -1.17
N6A FAD Q . -21.93 8.50 -1.21
N1A FAD Q . -23.72 10.15 -1.39
N1A FAD Q . -23.69 10.16 -1.41
C2A FAD Q . -24.76 10.72 -2.05
C2A FAD Q . -24.73 10.75 -2.05
N3A FAD Q . -25.14 10.23 -3.26
N3A FAD Q . -25.12 10.28 -3.26
C4A FAD Q . -24.47 9.20 -3.81
C4A FAD Q . -24.49 9.23 -3.83
N1 FAD Q . -27.49 12.73 -14.04
N1 FAD Q . -27.12 12.62 -14.35
C2 FAD Q . -27.11 14.10 -14.18
C2 FAD Q . -26.96 14.04 -14.29
O2 FAD Q . -26.30 14.63 -13.24
O2 FAD Q . -26.10 14.55 -13.39
N3 FAD Q . -27.55 14.85 -15.25
N3 FAD Q . -27.60 14.87 -15.20
C4 FAD Q . -28.36 14.32 -16.22
C4 FAD Q . -28.47 14.36 -16.14
O4 FAD Q . -28.78 15.10 -17.25
O4 FAD Q . -29.11 15.21 -17.00
C4X FAD Q . -28.80 12.90 -16.12
C4X FAD Q . -28.78 12.90 -16.11
N5 FAD Q . -29.65 12.32 -17.07
N5 FAD Q . -29.77 12.34 -16.95
C5X FAD Q . -30.03 10.99 -16.87
C5X FAD Q . -30.04 10.98 -16.88
C6 FAD Q . -30.90 10.40 -17.81
C6 FAD Q . -31.02 10.45 -17.72
C7 FAD Q . -31.27 9.08 -17.63
C7 FAD Q . -31.30 9.08 -17.67
C7M FAD Q . -32.19 8.40 -18.60
C7M FAD Q . -32.36 8.53 -18.57
C8 FAD Q . -30.83 8.35 -16.55
C8 FAD Q . -30.63 8.26 -16.78
C8M FAD Q . -31.25 6.92 -16.37
C8M FAD Q . -30.92 6.79 -16.73
C9 FAD Q . -29.97 8.93 -15.61
C9 FAD Q . -29.64 8.78 -15.95
C9A FAD Q . -29.59 10.24 -15.78
C9A FAD Q . -29.35 10.14 -15.99
N10 FAD Q . -28.72 10.83 -14.83
N10 FAD Q . -28.35 10.69 -15.13
C10 FAD Q . -28.34 12.16 -14.99
C10 FAD Q . -28.07 12.06 -15.19
C1' FAD Q . -28.28 10.07 -13.63
C1' FAD Q . -27.62 9.81 -14.18
C2' FAD Q . -26.87 9.52 -13.62
C2' FAD Q . -28.43 9.71 -12.89
O2' FAD Q . -26.33 9.46 -14.89
O2' FAD Q . -28.43 10.93 -12.26
C3' FAD Q . -26.89 8.13 -12.98
C3' FAD Q . -27.96 8.64 -11.89
O3' FAD Q . -27.35 7.23 -13.92
O3' FAD Q . -26.90 9.15 -11.15
C4' FAD Q . -27.79 8.03 -11.76
C4' FAD Q . -27.57 7.29 -12.47
O4' FAD Q . -27.36 8.89 -10.78
O4' FAD Q . -28.41 6.95 -13.49
C5' FAD Q . -27.87 6.60 -11.23
C5' FAD Q . -27.58 6.20 -11.40
O5' FAD Q . -28.96 6.56 -10.35
O5' FAD Q . -28.66 6.40 -10.51
P FAD Q . -29.86 5.24 -10.09
P FAD Q . -29.75 5.27 -10.19
O1P FAD Q . -31.27 5.44 -9.46
O1P FAD Q . -31.15 5.74 -9.64
O2P FAD Q . -29.77 4.60 -11.53
O2P FAD Q . -29.71 4.53 -11.58
O3P FAD Q . -28.80 4.22 -9.42
O3P FAD Q . -28.90 4.13 -9.44
C1 PGE R . 16.26 3.62 -1.46
O1 PGE R . 15.09 3.34 -0.74
C2 PGE R . 16.78 5.00 -1.12
O2 PGE R . 16.01 5.98 -1.76
C3 PGE R . 16.28 7.31 -1.37
C4 PGE R . 15.27 8.31 -1.91
O4 PGE R . 11.34 6.99 -2.35
C6 PGE R . 11.64 8.18 -1.67
C5 PGE R . 12.97 8.70 -2.15
O3 PGE R . 13.98 7.78 -1.78
C1 PEG S . -6.07 24.25 16.80
O1 PEG S . -5.45 23.33 17.67
C2 PEG S . -6.39 23.57 15.50
O2 PEG S . -7.33 22.54 15.71
C3 PEG S . -8.37 22.56 14.77
C4 PEG S . -8.72 21.15 14.37
O4 PEG S . -9.80 20.69 15.16
C01 53E T . -0.75 31.83 -3.17
C02 53E T . -1.21 30.71 -4.07
O03 53E T . -0.28 30.39 -5.05
C04 53E T . 1.00 30.16 -4.48
C05 53E T . 1.93 29.37 -5.17
C06 53E T . 3.18 29.12 -4.61
C07 53E T . 3.52 29.66 -3.38
C08 53E T . 2.60 30.44 -2.68
C09 53E T . 1.34 30.70 -3.24
O10 53E T . 0.44 31.52 -2.50
C11 53E T . 1.62 28.74 -6.52
O12 53E T . 1.96 27.54 -6.69
O13 53E T . 1.07 29.41 -7.44
C1 PEG U . -5.83 28.10 -1.42
O1 PEG U . -4.79 28.97 -1.77
C2 PEG U . -6.42 27.53 -2.68
O2 PEG U . -7.81 27.67 -2.57
C3 PEG U . -8.40 28.19 -3.72
C4 PEG U . -9.85 28.45 -3.46
O4 PEG U . -10.05 29.81 -3.22
C FMT V . -19.83 28.51 0.50
O1 FMT V . -20.97 29.01 0.38
O2 FMT V . -19.23 28.25 1.55
C1 PEG W . 36.98 25.42 19.21
O1 PEG W . 37.00 24.57 18.08
C2 PEG W . 35.86 25.04 20.17
O2 PEG W . 34.74 25.87 19.98
C3 PEG W . 35.05 27.24 20.06
C4 PEG W . 33.82 28.08 19.82
O4 PEG W . 33.19 27.69 18.64
C FMT X . 5.57 11.24 -32.46
O1 FMT X . 4.61 11.75 -31.84
O2 FMT X . 6.71 11.00 -32.04
O1 PG4 Y . 18.66 44.24 -23.80
C1 PG4 Y . 19.67 43.37 -24.26
C2 PG4 Y . 19.99 42.35 -23.19
O2 PG4 Y . 18.92 42.22 -22.30
C3 PG4 Y . 18.62 40.88 -22.03
C4 PG4 Y . 18.19 40.70 -20.59
O3 PG4 Y . 16.91 41.22 -20.40
C5 PG4 Y . 16.55 41.27 -19.04
C6 PG4 Y . 15.55 42.37 -18.81
O4 PG4 Y . 16.14 43.62 -19.06
C7 PG4 Y . 15.35 44.67 -18.57
C8 PG4 Y . 15.94 46.01 -18.94
O5 PG4 Y . 15.47 46.40 -20.21
PA NAD Z . 12.14 40.80 -6.88
O1A NAD Z . 13.50 40.08 -6.77
O2A NAD Z . 12.00 41.84 -7.90
O5B NAD Z . 11.74 41.55 -5.66
C5B NAD Z . 11.46 40.80 -4.49
C4B NAD Z . 11.78 41.60 -3.22
O4B NAD Z . 13.16 41.85 -3.06
C3B NAD Z . 11.07 42.91 -3.14
O3B NAD Z . 10.58 43.12 -1.86
C2B NAD Z . 12.13 43.88 -3.48
O2B NAD Z . 11.93 45.17 -3.00
C1B NAD Z . 13.31 43.24 -2.84
N9A NAD Z . 14.60 43.70 -3.32
C8A NAD Z . 14.91 44.19 -4.58
N7A NAD Z . 16.23 44.47 -4.64
C5A NAD Z . 16.81 44.19 -3.40
C6A NAD Z . 18.08 44.28 -2.86
N6A NAD Z . 19.16 44.77 -3.68
N1A NAD Z . 18.32 43.89 -1.61
C2A NAD Z . 17.34 43.43 -0.80
N3A NAD Z . 16.07 43.32 -1.29
C4A NAD Z . 15.78 43.69 -2.55
O3 NAD Z . 10.95 39.96 -7.16
PN NAD Z . 9.42 40.26 -7.49
O1N NAD Z . 9.29 40.92 -8.83
O2N NAD Z . 8.82 41.08 -6.37
O5D NAD Z . 8.77 38.81 -7.57
C5D NAD Z . 8.89 38.03 -8.72
C4D NAD Z . 9.95 36.98 -8.53
O4D NAD Z . 9.65 36.25 -7.37
C3D NAD Z . 10.01 36.01 -9.66
O3D NAD Z . 11.31 35.75 -10.03
C2D NAD Z . 9.36 34.82 -9.08
O2D NAD Z . 9.65 33.61 -9.70
C1D NAD Z . 9.83 34.91 -7.68
N1N NAD Z . 9.01 34.14 -6.80
C2N NAD Z . 9.47 32.92 -6.22
C3N NAD Z . 8.60 32.23 -5.37
C7N NAD Z . 9.00 30.95 -4.73
O7N NAD Z . 8.34 30.50 -3.80
N7N NAD Z . 10.14 30.21 -5.21
C4N NAD Z . 7.32 32.76 -5.09
C5N NAD Z . 6.87 33.97 -5.67
C6N NAD Z . 7.74 34.67 -6.52
S SO4 AA . 4.85 11.73 14.28
O1 SO4 AA . 4.95 13.17 13.90
O2 SO4 AA . 5.22 11.53 15.71
O3 SO4 AA . 3.44 11.29 14.07
O4 SO4 AA . 5.76 10.97 13.41
S SO4 BA . -14.13 41.13 13.04
O1 SO4 BA . -14.98 42.36 13.19
O2 SO4 BA . -13.07 41.17 14.09
O3 SO4 BA . -14.99 39.92 13.23
O4 SO4 BA . -13.53 41.08 11.67
MG MG CA . 11.61 43.77 -8.56
#